data_8UB3
#
_entry.id   8UB3
#
_entity_poly.entity_id   1
_entity_poly.type   'polypeptide(L)'
_entity_poly.pdbx_seq_one_letter_code
;MGSEVEILKALLELKKSTAELKRATASLRAITEELKKNPSEDALVEHNRAIVEHNAIIVENNRIIAAVLMLIVVAVGMTQ
EIKKALEELVASTAELKRATASLRAITEELKKNPSEDALVEHNRAIVEHNAIIVENNRIIAAVLELIVRALNLTDAEVIK
ALIELRLSTLELVAATASLREITEELKKNPSEDALVEHNRAIVEHNAIIVENNRIIAAVLELIVGGSGGSGGSGGSSLEH
HHHHH
;
_entity_poly.pdbx_strand_id   A,B,C,D,E,F,G,H,J,K,L,M,Q,U,c,k,s,w,4,Z
#
# COMPACT_ATOMS: atom_id res chain seq x y z
N GLY A 2 -36.07 -19.06 50.47
CA GLY A 2 -36.26 -17.66 50.01
C GLY A 2 -36.09 -17.50 48.52
N SER A 3 -34.88 -17.12 48.11
CA SER A 3 -34.60 -16.86 46.70
C SER A 3 -34.67 -18.12 45.87
N GLU A 4 -34.58 -19.29 46.49
CA GLU A 4 -34.62 -20.55 45.75
C GLU A 4 -35.91 -20.68 44.96
N VAL A 5 -37.03 -20.20 45.52
CA VAL A 5 -38.31 -20.34 44.83
C VAL A 5 -38.59 -19.12 43.98
N GLU A 6 -38.31 -17.92 44.49
CA GLU A 6 -38.55 -16.72 43.72
C GLU A 6 -37.85 -16.79 42.37
N ILE A 7 -36.62 -17.30 42.36
CA ILE A 7 -35.88 -17.41 41.10
C ILE A 7 -36.49 -18.47 40.21
N LEU A 8 -36.99 -19.57 40.79
CA LEU A 8 -37.64 -20.59 39.96
C LEU A 8 -38.87 -20.00 39.30
N LYS A 9 -39.57 -19.13 40.01
CA LYS A 9 -40.75 -18.48 39.45
C LYS A 9 -40.34 -17.52 38.35
N ALA A 10 -39.24 -16.80 38.54
CA ALA A 10 -38.77 -15.91 37.47
C ALA A 10 -38.45 -16.71 36.22
N LEU A 11 -37.87 -17.91 36.38
CA LEU A 11 -37.58 -18.73 35.21
C LEU A 11 -38.86 -19.19 34.55
N LEU A 12 -39.87 -19.53 35.35
CA LEU A 12 -41.15 -19.92 34.78
C LEU A 12 -41.75 -18.77 34.00
N GLU A 13 -41.64 -17.55 34.55
CA GLU A 13 -42.13 -16.38 33.86
C GLU A 13 -41.43 -16.20 32.53
N LEU A 14 -40.11 -16.40 32.50
CA LEU A 14 -39.41 -16.22 31.22
C LEU A 14 -39.91 -17.24 30.21
N LYS A 15 -40.15 -18.48 30.68
CA LYS A 15 -40.67 -19.51 29.78
C LYS A 15 -42.03 -19.11 29.22
N LYS A 16 -42.90 -18.56 30.07
CA LYS A 16 -44.24 -18.23 29.61
C LYS A 16 -44.24 -17.00 28.73
N SER A 17 -43.41 -16.00 29.04
CA SER A 17 -43.43 -14.83 28.17
C SER A 17 -42.80 -15.17 26.84
N THR A 18 -41.87 -16.14 26.82
CA THR A 18 -41.29 -16.56 25.56
C THR A 18 -42.35 -17.27 24.72
N ALA A 19 -43.11 -18.17 25.34
CA ALA A 19 -44.16 -18.86 24.59
C ALA A 19 -45.18 -17.85 24.07
N GLU A 20 -45.51 -16.85 24.88
CA GLU A 20 -46.41 -15.80 24.44
C GLU A 20 -45.85 -15.07 23.24
N LEU A 21 -44.56 -14.74 23.28
CA LEU A 21 -43.96 -14.00 22.18
C LEU A 21 -44.05 -14.81 20.91
N LYS A 22 -43.75 -16.11 21.00
CA LYS A 22 -43.78 -16.95 19.83
C LYS A 22 -45.18 -17.02 19.25
N ARG A 23 -46.20 -17.14 20.12
CA ARG A 23 -47.57 -17.20 19.63
C ARG A 23 -48.05 -15.86 19.09
N ALA A 24 -47.67 -14.77 19.74
CA ALA A 24 -48.08 -13.45 19.25
C ALA A 24 -47.47 -13.21 17.88
N THR A 25 -46.24 -13.67 17.69
CA THR A 25 -45.58 -13.50 16.41
C THR A 25 -46.29 -14.33 15.35
N ALA A 26 -46.67 -15.55 15.71
CA ALA A 26 -47.39 -16.39 14.77
C ALA A 26 -48.69 -15.75 14.34
N SER A 27 -49.41 -15.12 15.28
CA SER A 27 -50.63 -14.48 14.82
C SER A 27 -50.30 -13.24 14.01
N LEU A 28 -49.21 -12.55 14.33
CA LEU A 28 -48.84 -11.35 13.56
C LEU A 28 -48.77 -11.71 12.09
N ARG A 29 -48.08 -12.83 11.81
CA ARG A 29 -47.88 -13.26 10.43
C ARG A 29 -49.15 -13.84 9.83
N ALA A 30 -49.90 -14.62 10.60
CA ALA A 30 -51.12 -15.18 10.04
C ALA A 30 -52.03 -14.05 9.64
N ILE A 31 -52.01 -12.96 10.41
CA ILE A 31 -52.84 -11.80 10.14
C ILE A 31 -52.40 -11.14 8.84
N THR A 32 -51.11 -10.88 8.70
CA THR A 32 -50.66 -10.21 7.49
C THR A 32 -51.03 -11.00 6.24
N GLU A 33 -50.74 -12.31 6.25
CA GLU A 33 -51.02 -13.16 5.10
C GLU A 33 -52.50 -13.35 4.82
N GLU A 34 -53.33 -13.51 5.86
CA GLU A 34 -54.74 -13.75 5.56
C GLU A 34 -55.47 -12.46 5.26
N LEU A 35 -55.13 -11.37 5.94
CA LEU A 35 -55.90 -10.16 5.73
C LEU A 35 -55.51 -9.49 4.42
N LYS A 36 -54.25 -9.61 3.96
CA LYS A 36 -53.95 -8.92 2.71
C LYS A 36 -54.77 -9.51 1.57
N LYS A 37 -55.31 -10.71 1.75
CA LYS A 37 -56.14 -11.34 0.73
C LYS A 37 -57.40 -10.54 0.46
N ASN A 38 -57.93 -9.85 1.48
CA ASN A 38 -59.15 -9.06 1.32
C ASN A 38 -59.11 -7.92 2.34
N PRO A 39 -58.49 -6.79 1.97
CA PRO A 39 -58.40 -5.65 2.91
C PRO A 39 -59.75 -5.09 3.35
N SER A 40 -60.87 -5.48 2.73
CA SER A 40 -62.15 -4.95 3.15
C SER A 40 -62.58 -5.45 4.52
N GLU A 41 -61.93 -6.50 5.04
CA GLU A 41 -62.22 -7.00 6.38
C GLU A 41 -61.42 -6.16 7.37
N ASP A 42 -61.86 -4.91 7.52
CA ASP A 42 -61.09 -3.91 8.26
C ASP A 42 -61.08 -4.20 9.74
N ALA A 43 -62.23 -4.55 10.30
CA ALA A 43 -62.31 -4.78 11.75
C ALA A 43 -61.40 -5.91 12.18
N LEU A 44 -61.35 -6.98 11.38
CA LEU A 44 -60.54 -8.13 11.77
C LEU A 44 -59.05 -7.79 11.75
N VAL A 45 -58.59 -7.08 10.72
CA VAL A 45 -57.17 -6.80 10.63
C VAL A 45 -56.77 -5.75 11.67
N GLU A 46 -57.63 -4.77 11.90
CA GLU A 46 -57.26 -3.73 12.85
C GLU A 46 -57.29 -4.27 14.28
N HIS A 47 -58.25 -5.14 14.57
CA HIS A 47 -58.32 -5.68 15.92
C HIS A 47 -57.13 -6.59 16.16
N ASN A 48 -56.77 -7.41 15.18
CA ASN A 48 -55.67 -8.32 15.42
C ASN A 48 -54.35 -7.56 15.48
N ARG A 49 -54.21 -6.47 14.73
CA ARG A 49 -52.96 -5.72 14.85
C ARG A 49 -52.85 -5.08 16.23
N ALA A 50 -53.97 -4.59 16.76
CA ALA A 50 -53.91 -4.03 18.10
C ALA A 50 -53.53 -5.12 19.10
N ILE A 51 -54.05 -6.31 18.89
CA ILE A 51 -53.76 -7.43 19.79
C ILE A 51 -52.28 -7.72 19.78
N VAL A 52 -51.69 -7.74 18.58
CA VAL A 52 -50.26 -8.00 18.44
C VAL A 52 -49.43 -6.94 19.14
N GLU A 53 -49.78 -5.66 18.95
CA GLU A 53 -48.99 -4.63 19.63
C GLU A 53 -49.10 -4.76 21.14
N HIS A 54 -50.31 -5.10 21.63
CA HIS A 54 -50.48 -5.21 23.06
C HIS A 54 -49.62 -6.34 23.61
N ASN A 55 -49.57 -7.46 22.89
CA ASN A 55 -48.77 -8.58 23.37
C ASN A 55 -47.29 -8.24 23.31
N ALA A 56 -46.85 -7.54 22.26
CA ALA A 56 -45.44 -7.20 22.18
C ALA A 56 -45.02 -6.33 23.36
N ILE A 57 -45.90 -5.41 23.75
CA ILE A 57 -45.60 -4.55 24.89
C ILE A 57 -45.55 -5.37 26.15
N ILE A 58 -46.50 -6.29 26.32
CA ILE A 58 -46.53 -7.10 27.54
C ILE A 58 -45.26 -7.94 27.64
N VAL A 59 -44.81 -8.51 26.52
CA VAL A 59 -43.58 -9.31 26.54
C VAL A 59 -42.39 -8.45 26.93
N GLU A 60 -42.30 -7.24 26.40
CA GLU A 60 -41.18 -6.37 26.76
C GLU A 60 -41.23 -6.00 28.23
N ASN A 61 -42.44 -5.74 28.74
CA ASN A 61 -42.57 -5.40 30.16
C ASN A 61 -42.17 -6.57 31.03
N ASN A 62 -42.55 -7.80 30.64
CA ASN A 62 -42.20 -8.94 31.46
C ASN A 62 -40.68 -9.09 31.51
N ARG A 63 -40.02 -8.83 30.38
CA ARG A 63 -38.57 -8.92 30.37
C ARG A 63 -37.95 -7.92 31.34
N ILE A 64 -38.45 -6.68 31.33
CA ILE A 64 -37.87 -5.66 32.19
C ILE A 64 -38.14 -5.99 33.66
N ILE A 65 -39.36 -6.42 33.96
CA ILE A 65 -39.70 -6.73 35.34
C ILE A 65 -38.81 -7.84 35.85
N ALA A 66 -38.62 -8.89 35.05
CA ALA A 66 -37.74 -9.96 35.48
C ALA A 66 -36.33 -9.44 35.69
N ALA A 67 -35.88 -8.54 34.82
CA ALA A 67 -34.53 -7.99 34.96
C ALA A 67 -34.35 -7.25 36.28
N VAL A 68 -35.39 -6.54 36.75
CA VAL A 68 -35.29 -5.82 38.02
C VAL A 68 -35.38 -6.80 39.18
N LEU A 69 -36.31 -7.74 39.10
CA LEU A 69 -36.46 -8.66 40.20
C LEU A 69 -35.21 -9.51 40.36
N MET A 70 -34.47 -9.77 39.29
CA MET A 70 -33.22 -10.49 39.47
C MET A 70 -32.24 -9.72 40.34
N LEU A 71 -32.36 -8.39 40.37
CA LEU A 71 -31.45 -7.63 41.22
C LEU A 71 -31.91 -7.73 42.66
N ILE A 72 -33.22 -7.80 42.85
CA ILE A 72 -33.69 -7.98 44.22
C ILE A 72 -33.29 -9.37 44.70
N VAL A 73 -33.43 -10.38 43.83
CA VAL A 73 -33.10 -11.75 44.17
C VAL A 73 -31.63 -11.88 44.52
N VAL A 74 -30.75 -11.22 43.75
CA VAL A 74 -29.33 -11.34 44.07
C VAL A 74 -29.05 -10.70 45.42
N ALA A 75 -29.73 -9.59 45.73
CA ALA A 75 -29.52 -9.01 47.06
C ALA A 75 -29.99 -9.98 48.15
N VAL A 76 -31.11 -10.65 47.90
CA VAL A 76 -31.68 -11.59 48.87
C VAL A 76 -30.76 -12.78 49.12
N GLY A 77 -30.15 -13.30 48.06
CA GLY A 77 -29.30 -14.47 48.17
C GLY A 77 -28.08 -14.33 49.06
N MET A 78 -27.74 -13.12 49.46
CA MET A 78 -26.59 -12.88 50.32
C MET A 78 -26.96 -12.84 51.79
N THR A 79 -28.20 -13.19 52.14
CA THR A 79 -28.67 -13.13 53.51
C THR A 79 -27.75 -13.86 54.48
N GLN A 80 -27.31 -15.07 54.14
CA GLN A 80 -26.48 -15.80 55.09
C GLN A 80 -25.07 -15.22 55.18
N GLU A 81 -24.56 -14.67 54.08
CA GLU A 81 -23.23 -14.08 54.12
C GLU A 81 -23.25 -12.84 54.99
N ILE A 82 -24.33 -12.08 54.88
CA ILE A 82 -24.47 -10.87 55.68
C ILE A 82 -24.66 -11.25 57.14
N LYS A 83 -25.52 -12.23 57.41
CA LYS A 83 -25.73 -12.65 58.78
C LYS A 83 -24.41 -13.05 59.43
N LYS A 84 -23.56 -13.80 58.72
CA LYS A 84 -22.30 -14.20 59.33
C LYS A 84 -21.38 -13.00 59.51
N ALA A 85 -21.37 -12.07 58.55
CA ALA A 85 -20.56 -10.87 58.72
C ALA A 85 -21.02 -10.08 59.94
N LEU A 86 -22.33 -10.01 60.15
CA LEU A 86 -22.85 -9.31 61.32
C LEU A 86 -22.47 -10.02 62.60
N GLU A 87 -22.54 -11.35 62.62
CA GLU A 87 -22.18 -12.04 63.85
C GLU A 87 -20.73 -11.71 64.20
N GLU A 88 -19.87 -11.66 63.18
CA GLU A 88 -18.47 -11.31 63.44
C GLU A 88 -18.34 -9.89 63.93
N LEU A 89 -19.13 -8.97 63.35
CA LEU A 89 -19.04 -7.57 63.75
C LEU A 89 -19.52 -7.40 65.18
N VAL A 90 -20.56 -8.13 65.56
CA VAL A 90 -21.08 -8.05 66.92
C VAL A 90 -20.06 -8.58 67.90
N ALA A 91 -19.45 -9.73 67.60
CA ALA A 91 -18.43 -10.25 68.50
C ALA A 91 -17.28 -9.28 68.62
N SER A 92 -16.89 -8.66 67.51
CA SER A 92 -15.81 -7.68 67.54
C SER A 92 -16.17 -6.48 68.41
N THR A 93 -17.39 -5.97 68.26
CA THR A 93 -17.83 -4.83 69.06
C THR A 93 -17.78 -5.17 70.54
N ALA A 94 -18.28 -6.36 70.90
CA ALA A 94 -18.26 -6.75 72.30
C ALA A 94 -16.83 -6.87 72.81
N GLU A 95 -15.91 -7.38 71.98
CA GLU A 95 -14.53 -7.50 72.43
C GLU A 95 -13.92 -6.13 72.60
N LEU A 96 -14.27 -5.20 71.72
CA LEU A 96 -13.73 -3.85 71.81
C LEU A 96 -14.22 -3.22 73.09
N LYS A 97 -15.48 -3.44 73.44
CA LYS A 97 -16.02 -2.92 74.69
C LYS A 97 -15.25 -3.49 75.88
N ARG A 98 -14.98 -4.79 75.87
CA ARG A 98 -14.23 -5.37 76.99
C ARG A 98 -12.85 -4.75 77.08
N ALA A 99 -12.18 -4.55 75.94
CA ALA A 99 -10.87 -3.95 75.97
C ALA A 99 -10.94 -2.52 76.50
N THR A 100 -11.99 -1.78 76.13
CA THR A 100 -12.12 -0.41 76.60
C THR A 100 -12.34 -0.37 78.10
N ALA A 101 -13.21 -1.24 78.63
CA ALA A 101 -13.43 -1.26 80.06
C ALA A 101 -12.15 -1.64 80.79
N SER A 102 -11.39 -2.59 80.24
CA SER A 102 -10.14 -2.98 80.87
C SER A 102 -9.19 -1.81 80.88
N LEU A 103 -9.09 -1.09 79.76
CA LEU A 103 -8.17 0.04 79.70
C LEU A 103 -8.58 1.12 80.69
N ARG A 104 -9.89 1.38 80.82
CA ARG A 104 -10.34 2.39 81.78
C ARG A 104 -9.92 1.99 83.18
N ALA A 105 -10.14 0.73 83.55
CA ALA A 105 -9.76 0.28 84.88
C ALA A 105 -8.26 0.39 85.08
N ILE A 106 -7.50 0.08 84.04
CA ILE A 106 -6.04 0.20 84.15
C ILE A 106 -5.66 1.66 84.34
N THR A 107 -6.29 2.55 83.60
CA THR A 107 -5.98 3.97 83.74
C THR A 107 -6.21 4.43 85.17
N GLU A 108 -7.34 4.03 85.75
CA GLU A 108 -7.61 4.42 87.13
C GLU A 108 -6.58 3.83 88.09
N GLU A 109 -6.18 2.58 87.88
CA GLU A 109 -5.21 1.94 88.76
C GLU A 109 -3.84 2.58 88.61
N LEU A 110 -3.47 2.90 87.37
CA LEU A 110 -2.17 3.50 87.08
C LEU A 110 -2.08 4.90 87.67
N LYS A 111 -3.14 5.68 87.57
CA LYS A 111 -3.08 7.02 88.15
C LYS A 111 -3.10 6.95 89.67
N LYS A 112 -3.93 6.07 90.24
CA LYS A 112 -4.02 5.99 91.70
C LYS A 112 -2.74 5.40 92.30
N ASN A 113 -2.13 4.42 91.63
CA ASN A 113 -0.93 3.75 92.13
C ASN A 113 0.03 3.51 90.98
N PRO A 114 0.86 4.50 90.62
CA PRO A 114 1.60 4.42 89.35
C PRO A 114 2.80 3.46 89.41
N SER A 115 2.49 2.19 89.67
CA SER A 115 3.49 1.13 89.66
C SER A 115 3.95 0.84 88.24
N GLU A 116 5.21 0.45 88.10
CA GLU A 116 5.73 0.12 86.77
C GLU A 116 4.88 -0.96 86.13
N ASP A 117 4.41 -1.91 86.93
CA ASP A 117 3.58 -2.98 86.40
C ASP A 117 2.33 -2.41 85.76
N ALA A 118 1.81 -1.31 86.31
CA ALA A 118 0.62 -0.70 85.73
C ALA A 118 0.94 -0.09 84.37
N LEU A 119 2.16 0.43 84.20
CA LEU A 119 2.52 0.98 82.89
C LEU A 119 2.64 -0.15 81.88
N VAL A 120 3.17 -1.29 82.33
CA VAL A 120 3.30 -2.44 81.43
C VAL A 120 1.90 -2.88 81.02
N GLU A 121 0.99 -2.94 81.99
CA GLU A 121 -0.38 -3.34 81.69
C GLU A 121 -1.04 -2.34 80.74
N HIS A 122 -0.72 -1.05 80.90
CA HIS A 122 -1.25 -0.05 79.98
C HIS A 122 -0.81 -0.35 78.55
N ASN A 123 0.48 -0.59 78.34
CA ASN A 123 0.92 -0.84 76.97
C ASN A 123 0.34 -2.15 76.44
N ARG A 124 0.16 -3.14 77.30
CA ARG A 124 -0.44 -4.39 76.83
C ARG A 124 -1.86 -4.13 76.38
N ALA A 125 -2.62 -3.37 77.18
CA ALA A 125 -4.00 -3.05 76.85
C ALA A 125 -4.08 -2.27 75.55
N ILE A 126 -3.12 -1.36 75.31
CA ILE A 126 -3.13 -0.59 74.08
C ILE A 126 -2.92 -1.53 72.90
N VAL A 127 -1.99 -2.48 73.03
CA VAL A 127 -1.75 -3.40 71.92
C VAL A 127 -2.99 -4.25 71.66
N GLU A 128 -3.66 -4.73 72.72
CA GLU A 128 -4.87 -5.51 72.50
C GLU A 128 -5.92 -4.66 71.82
N HIS A 129 -6.02 -3.40 72.20
CA HIS A 129 -7.01 -2.52 71.59
C HIS A 129 -6.74 -2.36 70.11
N ASN A 130 -5.48 -2.15 69.74
CA ASN A 130 -5.18 -2.00 68.32
C ASN A 130 -5.46 -3.28 67.57
N ALA A 131 -5.18 -4.44 68.17
CA ALA A 131 -5.51 -5.69 67.49
C ALA A 131 -7.00 -5.80 67.27
N ILE A 132 -7.79 -5.33 68.22
CA ILE A 132 -9.23 -5.36 68.08
C ILE A 132 -9.68 -4.42 66.98
N ILE A 133 -9.09 -3.22 66.91
CA ILE A 133 -9.48 -2.31 65.84
C ILE A 133 -9.18 -2.95 64.49
N VAL A 134 -8.04 -3.62 64.37
CA VAL A 134 -7.68 -4.22 63.10
C VAL A 134 -8.69 -5.28 62.71
N GLU A 135 -9.11 -6.11 63.67
CA GLU A 135 -10.11 -7.11 63.34
C GLU A 135 -11.44 -6.45 62.98
N ASN A 136 -11.80 -5.39 63.71
CA ASN A 136 -13.04 -4.69 63.43
C ASN A 136 -13.04 -4.13 62.01
N ASN A 137 -11.93 -3.51 61.60
CA ASN A 137 -11.90 -2.92 60.27
C ASN A 137 -11.84 -4.00 59.19
N ARG A 138 -11.21 -5.14 59.47
CA ARG A 138 -11.26 -6.21 58.49
C ARG A 138 -12.69 -6.66 58.27
N ILE A 139 -13.43 -6.84 59.37
CA ILE A 139 -14.82 -7.28 59.28
C ILE A 139 -15.67 -6.24 58.56
N ILE A 140 -15.47 -4.96 58.88
CA ILE A 140 -16.24 -3.93 58.19
C ILE A 140 -15.91 -3.92 56.71
N ALA A 141 -14.63 -4.02 56.35
CA ALA A 141 -14.31 -4.02 54.93
C ALA A 141 -15.02 -5.18 54.23
N ALA A 142 -15.07 -6.34 54.89
CA ALA A 142 -15.76 -7.48 54.30
C ALA A 142 -17.25 -7.22 54.17
N VAL A 143 -17.85 -6.59 55.17
CA VAL A 143 -19.29 -6.33 55.07
C VAL A 143 -19.54 -5.27 54.02
N LEU A 144 -18.63 -4.31 53.86
CA LEU A 144 -18.82 -3.31 52.82
C LEU A 144 -18.78 -3.96 51.47
N GLU A 145 -17.87 -4.91 51.27
CA GLU A 145 -17.85 -5.60 49.99
C GLU A 145 -19.15 -6.36 49.78
N LEU A 146 -19.68 -6.95 50.85
CA LEU A 146 -20.94 -7.68 50.75
C LEU A 146 -22.09 -6.74 50.41
N ILE A 147 -22.08 -5.54 50.97
CA ILE A 147 -23.12 -4.55 50.70
C ILE A 147 -23.02 -4.08 49.26
N VAL A 148 -21.81 -3.76 48.81
CA VAL A 148 -21.63 -3.25 47.46
C VAL A 148 -22.06 -4.30 46.45
N ARG A 149 -21.72 -5.56 46.71
CA ARG A 149 -22.15 -6.63 45.82
C ARG A 149 -23.65 -6.82 45.89
N ALA A 150 -24.22 -6.83 47.11
CA ALA A 150 -25.65 -7.02 47.28
C ALA A 150 -26.46 -5.92 46.61
N LEU A 151 -25.95 -4.70 46.58
CA LEU A 151 -26.67 -3.60 45.97
C LEU A 151 -26.35 -3.44 44.49
N ASN A 152 -25.48 -4.28 43.94
CA ASN A 152 -25.11 -4.21 42.54
C ASN A 152 -24.63 -2.81 42.14
N LEU A 153 -23.76 -2.23 42.95
CA LEU A 153 -23.28 -0.89 42.61
C LEU A 153 -22.21 -0.95 41.55
N THR A 154 -22.26 0.00 40.62
CA THR A 154 -21.26 0.15 39.57
C THR A 154 -20.52 1.47 39.61
N ASP A 155 -20.83 2.34 40.56
CA ASP A 155 -20.23 3.67 40.58
C ASP A 155 -18.72 3.57 40.64
N ALA A 156 -18.05 4.20 39.67
CA ALA A 156 -16.59 4.10 39.64
C ALA A 156 -16.00 4.60 40.93
N GLU A 157 -16.64 5.58 41.58
CA GLU A 157 -16.09 6.11 42.82
C GLU A 157 -16.13 5.08 43.93
N VAL A 158 -17.15 4.22 43.96
CA VAL A 158 -17.22 3.26 45.05
C VAL A 158 -16.22 2.15 44.79
N ILE A 159 -16.02 1.78 43.53
CA ILE A 159 -15.07 0.73 43.21
C ILE A 159 -13.67 1.19 43.59
N LYS A 160 -13.34 2.44 43.24
CA LYS A 160 -12.04 2.97 43.60
C LYS A 160 -11.88 3.04 45.10
N ALA A 161 -12.94 3.45 45.81
CA ALA A 161 -12.84 3.54 47.26
C ALA A 161 -12.60 2.17 47.85
N LEU A 162 -13.23 1.13 47.30
CA LEU A 162 -13.01 -0.21 47.82
C LEU A 162 -11.59 -0.67 47.56
N ILE A 163 -11.02 -0.29 46.41
CA ILE A 163 -9.63 -0.66 46.15
C ILE A 163 -8.72 0.03 47.16
N GLU A 164 -8.97 1.32 47.41
CA GLU A 164 -8.16 2.03 48.38
C GLU A 164 -8.30 1.39 49.75
N LEU A 165 -9.51 0.93 50.07
CA LEU A 165 -9.74 0.30 51.35
C LEU A 165 -8.93 -0.97 51.46
N ARG A 166 -8.94 -1.80 50.40
CA ARG A 166 -8.19 -3.05 50.45
C ARG A 166 -6.71 -2.77 50.67
N LEU A 167 -6.18 -1.75 49.98
CA LEU A 167 -4.77 -1.44 50.14
C LEU A 167 -4.49 -0.91 51.55
N SER A 168 -5.39 -0.11 52.10
CA SER A 168 -5.16 0.41 53.43
C SER A 168 -5.29 -0.69 54.46
N THR A 169 -6.09 -1.73 54.19
CA THR A 169 -6.16 -2.81 55.15
C THR A 169 -4.88 -3.62 55.09
N LEU A 170 -4.23 -3.68 53.93
CA LEU A 170 -2.95 -4.39 53.88
C LEU A 170 -1.92 -3.62 54.69
N GLU A 171 -1.94 -2.30 54.55
CA GLU A 171 -0.98 -1.49 55.29
C GLU A 171 -1.25 -1.60 56.78
N LEU A 172 -2.52 -1.63 57.16
CA LEU A 172 -2.90 -1.71 58.56
C LEU A 172 -2.47 -3.04 59.17
N VAL A 173 -2.66 -4.15 58.45
CA VAL A 173 -2.26 -5.43 59.00
C VAL A 173 -0.74 -5.49 59.16
N ALA A 174 0.00 -5.02 58.15
CA ALA A 174 1.45 -5.07 58.30
C ALA A 174 1.92 -4.18 59.44
N ALA A 175 1.32 -3.00 59.58
CA ALA A 175 1.72 -2.13 60.68
C ALA A 175 1.38 -2.75 62.02
N THR A 176 0.25 -3.47 62.09
CA THR A 176 -0.14 -4.08 63.34
C THR A 176 0.87 -5.15 63.74
N ALA A 177 1.27 -5.98 62.78
CA ALA A 177 2.25 -7.01 63.09
C ALA A 177 3.55 -6.38 63.56
N SER A 178 3.94 -5.27 62.93
CA SER A 178 5.16 -4.60 63.35
C SER A 178 5.03 -4.06 64.76
N LEU A 179 3.86 -3.50 65.08
CA LEU A 179 3.64 -2.95 66.42
C LEU A 179 3.70 -4.06 67.46
N ARG A 180 3.11 -5.22 67.16
CA ARG A 180 3.15 -6.31 68.13
C ARG A 180 4.58 -6.75 68.36
N GLU A 181 5.38 -6.82 67.28
CA GLU A 181 6.76 -7.25 67.45
C GLU A 181 7.54 -6.22 68.28
N ILE A 182 7.28 -4.94 68.05
CA ILE A 182 7.99 -3.92 68.80
C ILE A 182 7.62 -4.01 70.28
N THR A 183 6.32 -4.23 70.55
CA THR A 183 5.88 -4.35 71.94
C THR A 183 6.56 -5.52 72.62
N GLU A 184 6.66 -6.66 71.91
CA GLU A 184 7.32 -7.82 72.52
C GLU A 184 8.79 -7.52 72.79
N GLU A 185 9.44 -6.79 71.88
CA GLU A 185 10.84 -6.46 72.12
C GLU A 185 10.97 -5.52 73.31
N LEU A 186 10.04 -4.60 73.47
CA LEU A 186 10.06 -3.71 74.62
C LEU A 186 9.90 -4.50 75.90
N LYS A 187 8.94 -5.43 75.91
CA LYS A 187 8.69 -6.25 77.09
C LYS A 187 9.93 -7.05 77.48
N LYS A 188 10.61 -7.64 76.50
CA LYS A 188 11.79 -8.44 76.82
C LYS A 188 12.93 -7.59 77.37
N ASN A 189 13.16 -6.40 76.81
CA ASN A 189 14.27 -5.54 77.22
C ASN A 189 13.79 -4.11 77.45
N PRO A 190 13.00 -3.88 78.50
CA PRO A 190 12.44 -2.54 78.71
C PRO A 190 13.54 -1.52 78.99
N SER A 191 13.37 -0.33 78.42
CA SER A 191 14.33 0.76 78.59
C SER A 191 13.65 2.05 78.17
N GLU A 192 14.31 3.17 78.50
CA GLU A 192 13.77 4.47 78.09
C GLU A 192 13.80 4.62 76.58
N ASP A 193 14.86 4.14 75.93
CA ASP A 193 14.96 4.30 74.48
C ASP A 193 13.99 3.37 73.79
N ALA A 194 13.85 2.15 74.30
CA ALA A 194 12.91 1.22 73.70
C ALA A 194 11.49 1.72 73.91
N LEU A 195 11.24 2.32 75.07
CA LEU A 195 9.89 2.81 75.36
C LEU A 195 9.54 3.99 74.46
N VAL A 196 10.49 4.89 74.21
CA VAL A 196 10.15 6.01 73.34
C VAL A 196 10.00 5.53 71.90
N GLU A 197 10.78 4.52 71.50
CA GLU A 197 10.62 3.99 70.15
C GLU A 197 9.26 3.32 70.01
N HIS A 198 8.83 2.63 71.07
CA HIS A 198 7.52 1.98 71.07
C HIS A 198 6.42 3.02 70.99
N ASN A 199 6.54 4.11 71.74
CA ASN A 199 5.51 5.15 71.69
C ASN A 199 5.45 5.77 70.30
N ARG A 200 6.60 5.91 69.64
CA ARG A 200 6.57 6.42 68.27
C ARG A 200 5.88 5.42 67.36
N ALA A 201 6.15 4.13 67.55
CA ALA A 201 5.50 3.11 66.74
C ALA A 201 4.00 3.20 66.90
N ILE A 202 3.55 3.47 68.13
CA ILE A 202 2.13 3.63 68.41
C ILE A 202 1.57 4.84 67.69
N VAL A 203 2.28 5.95 67.70
CA VAL A 203 1.76 7.13 67.01
C VAL A 203 1.62 6.84 65.53
N GLU A 204 2.61 6.19 64.92
CA GLU A 204 2.52 5.89 63.50
C GLU A 204 1.36 4.93 63.23
N HIS A 205 1.16 3.96 64.12
CA HIS A 205 0.06 3.02 63.97
C HIS A 205 -1.27 3.73 64.06
N ASN A 206 -1.41 4.64 65.01
CA ASN A 206 -2.67 5.36 65.12
C ASN A 206 -2.93 6.19 63.88
N ALA A 207 -1.86 6.78 63.30
CA ALA A 207 -2.05 7.54 62.08
C ALA A 207 -2.57 6.64 60.96
N ILE A 208 -2.07 5.40 60.91
CA ILE A 208 -2.54 4.47 59.91
C ILE A 208 -3.99 4.11 60.16
N ILE A 209 -4.37 3.89 61.42
CA ILE A 209 -5.75 3.58 61.74
C ILE A 209 -6.65 4.73 61.31
N VAL A 210 -6.21 5.96 61.55
CA VAL A 210 -7.01 7.11 61.17
C VAL A 210 -7.23 7.12 59.66
N GLU A 211 -6.18 6.82 58.88
CA GLU A 211 -6.36 6.78 57.44
C GLU A 211 -7.30 5.66 57.01
N ASN A 212 -7.19 4.49 57.66
CA ASN A 212 -8.08 3.38 57.33
C ASN A 212 -9.52 3.74 57.64
N ASN A 213 -9.76 4.43 58.75
CA ASN A 213 -11.11 4.82 59.09
C ASN A 213 -11.61 5.89 58.13
N ARG A 214 -10.72 6.76 57.66
CA ARG A 214 -11.14 7.76 56.70
C ARG A 214 -11.66 7.08 55.44
N ILE A 215 -10.93 6.06 54.99
CA ILE A 215 -11.36 5.37 53.77
C ILE A 215 -12.68 4.65 54.01
N ILE A 216 -12.82 3.99 55.17
CA ILE A 216 -14.07 3.31 55.46
C ILE A 216 -15.22 4.31 55.46
N ALA A 217 -15.00 5.48 56.06
CA ALA A 217 -16.04 6.50 56.07
C ALA A 217 -16.39 6.93 54.66
N ALA A 218 -15.39 7.07 53.79
CA ALA A 218 -15.67 7.45 52.41
C ALA A 218 -16.53 6.40 51.71
N VAL A 219 -16.25 5.13 51.97
CA VAL A 219 -17.03 4.07 51.33
C VAL A 219 -18.46 4.11 51.82
N LEU A 220 -18.64 4.28 53.13
CA LEU A 220 -20.01 4.34 53.66
C LEU A 220 -20.73 5.56 53.11
N GLU A 221 -20.04 6.69 53.00
CA GLU A 221 -20.66 7.88 52.45
C GLU A 221 -21.14 7.62 51.03
N LEU A 222 -20.33 6.93 50.23
CA LEU A 222 -20.72 6.64 48.86
C LEU A 222 -21.90 5.68 48.81
N ILE A 223 -21.95 4.71 49.72
CA ILE A 223 -23.10 3.79 49.73
C ILE A 223 -24.37 4.52 50.14
N VAL A 224 -24.30 5.33 51.19
CA VAL A 224 -25.51 5.99 51.69
C VAL A 224 -25.95 7.08 50.71
N GLY A 225 -25.02 7.88 50.22
CA GLY A 225 -25.35 8.99 49.34
C GLY A 225 -25.26 8.61 47.87
N GLY B 2 -35.18 -16.23 56.91
CA GLY B 2 -34.30 -15.23 56.23
C GLY B 2 -34.10 -13.98 57.06
N SER B 3 -34.90 -12.95 56.78
CA SER B 3 -34.76 -11.67 57.44
C SER B 3 -35.08 -11.74 58.93
N GLU B 4 -35.79 -12.79 59.36
CA GLU B 4 -36.14 -12.94 60.76
C GLU B 4 -34.90 -12.98 61.65
N VAL B 5 -33.82 -13.60 61.17
CA VAL B 5 -32.62 -13.74 61.96
C VAL B 5 -31.68 -12.57 61.70
N GLU B 6 -31.54 -12.19 60.43
CA GLU B 6 -30.65 -11.08 60.08
C GLU B 6 -31.03 -9.83 60.87
N ILE B 7 -32.32 -9.58 61.02
CA ILE B 7 -32.77 -8.40 61.75
C ILE B 7 -32.48 -8.56 63.24
N LEU B 8 -32.62 -9.78 63.78
CA LEU B 8 -32.30 -9.97 65.19
C LEU B 8 -30.82 -9.70 65.42
N LYS B 9 -29.98 -10.07 64.45
CA LYS B 9 -28.57 -9.81 64.59
C LYS B 9 -28.29 -8.31 64.52
N ALA B 10 -29.00 -7.60 63.65
CA ALA B 10 -28.82 -6.14 63.59
C ALA B 10 -29.19 -5.51 64.94
N LEU B 11 -30.25 -6.03 65.58
CA LEU B 11 -30.62 -5.49 66.89
C LEU B 11 -29.55 -5.81 67.92
N LEU B 12 -28.96 -7.00 67.84
CA LEU B 12 -27.90 -7.34 68.76
C LEU B 12 -26.70 -6.42 68.55
N GLU B 13 -26.39 -6.11 67.29
CA GLU B 13 -25.32 -5.17 66.99
C GLU B 13 -25.59 -3.83 67.62
N LEU B 14 -26.83 -3.34 67.51
CA LEU B 14 -27.11 -2.03 68.08
C LEU B 14 -26.92 -2.06 69.60
N LYS B 15 -27.33 -3.15 70.24
CA LYS B 15 -27.13 -3.28 71.67
C LYS B 15 -25.66 -3.26 72.03
N LYS B 16 -24.83 -3.96 71.26
CA LYS B 16 -23.42 -4.04 71.59
C LYS B 16 -22.70 -2.74 71.27
N SER B 17 -23.07 -2.06 70.19
CA SER B 17 -22.39 -0.82 69.88
C SER B 17 -22.80 0.24 70.88
N THR B 18 -24.02 0.12 71.41
CA THR B 18 -24.47 1.06 72.43
C THR B 18 -23.66 0.85 73.70
N ALA B 19 -23.47 -0.41 74.10
CA ALA B 19 -22.68 -0.66 75.30
C ALA B 19 -21.26 -0.16 75.11
N GLU B 20 -20.71 -0.34 73.89
CA GLU B 20 -19.38 0.18 73.61
C GLU B 20 -19.36 1.69 73.76
N LEU B 21 -20.38 2.37 73.25
CA LEU B 21 -20.42 3.83 73.32
C LEU B 21 -20.43 4.27 74.76
N LYS B 22 -21.23 3.60 75.59
CA LYS B 22 -21.32 3.98 76.99
C LYS B 22 -19.98 3.81 77.67
N ARG B 23 -19.27 2.73 77.38
CA ARG B 23 -17.99 2.51 78.02
C ARG B 23 -16.93 3.47 77.47
N ALA B 24 -16.96 3.77 76.17
CA ALA B 24 -15.99 4.71 75.63
C ALA B 24 -16.20 6.07 76.25
N THR B 25 -17.46 6.44 76.48
CA THR B 25 -17.74 7.74 77.09
C THR B 25 -17.24 7.76 78.52
N ALA B 26 -17.46 6.66 79.25
CA ALA B 26 -16.98 6.61 80.62
C ALA B 26 -15.48 6.76 80.66
N SER B 27 -14.76 6.13 79.72
CA SER B 27 -13.32 6.32 79.79
C SER B 27 -12.94 7.72 79.32
N LEU B 28 -13.69 8.31 78.39
CA LEU B 28 -13.37 9.66 77.94
C LEU B 28 -13.32 10.60 79.13
N ARG B 29 -14.34 10.50 79.98
CA ARG B 29 -14.44 11.38 81.14
C ARG B 29 -13.44 10.99 82.23
N ALA B 30 -13.27 9.70 82.48
CA ALA B 30 -12.33 9.32 83.52
C ALA B 30 -10.94 9.81 83.14
N ILE B 31 -10.63 9.77 81.85
CA ILE B 31 -9.33 10.19 81.37
C ILE B 31 -9.16 11.69 81.58
N THR B 32 -10.13 12.48 81.13
CA THR B 32 -9.96 13.93 81.26
C THR B 32 -9.78 14.34 82.72
N GLU B 33 -10.67 13.84 83.59
CA GLU B 33 -10.64 14.21 85.00
C GLU B 33 -9.40 13.69 85.73
N GLU B 34 -8.95 12.47 85.43
CA GLU B 34 -7.80 11.94 86.16
C GLU B 34 -6.49 12.45 85.61
N LEU B 35 -6.39 12.63 84.29
CA LEU B 35 -5.12 13.02 83.72
C LEU B 35 -4.87 14.50 83.97
N LYS B 36 -5.91 15.34 84.09
CA LYS B 36 -5.61 16.74 84.31
C LYS B 36 -4.88 16.94 85.63
N LYS B 37 -4.94 15.95 86.53
CA LYS B 37 -4.24 16.02 87.80
C LYS B 37 -2.74 16.10 87.62
N ASN B 38 -2.21 15.47 86.57
CA ASN B 38 -0.76 15.46 86.32
C ASN B 38 -0.52 15.32 84.82
N PRO B 39 -0.49 16.44 84.09
CA PRO B 39 -0.29 16.38 82.63
C PRO B 39 1.04 15.76 82.21
N SER B 40 1.99 15.53 83.11
CA SER B 40 3.27 14.95 82.70
C SER B 40 3.15 13.50 82.26
N GLU B 41 2.03 12.83 82.55
CA GLU B 41 1.82 11.45 82.09
C GLU B 41 1.27 11.54 80.66
N ASP B 42 2.17 11.92 79.74
CA ASP B 42 1.76 12.25 78.39
C ASP B 42 1.33 11.02 77.61
N ALA B 43 2.11 9.94 77.73
CA ALA B 43 1.79 8.73 76.97
C ALA B 43 0.43 8.19 77.35
N LEU B 44 0.09 8.23 78.63
CA LEU B 44 -1.19 7.67 79.06
C LEU B 44 -2.36 8.48 78.53
N VAL B 45 -2.27 9.81 78.60
CA VAL B 45 -3.40 10.62 78.16
C VAL B 45 -3.50 10.59 76.64
N GLU B 46 -2.38 10.61 75.94
CA GLU B 46 -2.46 10.63 74.49
C GLU B 46 -2.94 9.28 73.95
N HIS B 47 -2.51 8.19 74.57
CA HIS B 47 -2.94 6.89 74.09
C HIS B 47 -4.42 6.72 74.36
N ASN B 48 -4.88 7.13 75.54
CA ASN B 48 -6.29 6.94 75.84
C ASN B 48 -7.16 7.85 75.00
N ARG B 49 -6.68 9.05 74.66
CA ARG B 49 -7.49 9.90 73.80
C ARG B 49 -7.60 9.28 72.41
N ALA B 50 -6.51 8.68 71.93
CA ALA B 50 -6.60 8.02 70.63
C ALA B 50 -7.59 6.88 70.70
N ILE B 51 -7.61 6.17 71.84
CA ILE B 51 -8.52 5.05 72.02
C ILE B 51 -9.96 5.53 71.94
N VAL B 52 -10.23 6.66 72.58
CA VAL B 52 -11.57 7.23 72.57
C VAL B 52 -11.98 7.64 71.15
N GLU B 53 -11.07 8.27 70.41
CA GLU B 53 -11.43 8.64 69.05
C GLU B 53 -11.72 7.41 68.20
N HIS B 54 -10.93 6.34 68.40
CA HIS B 54 -11.14 5.15 67.59
C HIS B 54 -12.50 4.55 67.89
N ASN B 55 -12.88 4.53 69.17
CA ASN B 55 -14.17 3.95 69.50
C ASN B 55 -15.30 4.81 68.96
N ALA B 56 -15.17 6.14 69.04
CA ALA B 56 -16.24 7.00 68.55
C ALA B 56 -16.46 6.77 67.07
N ILE B 57 -15.36 6.59 66.32
CA ILE B 57 -15.49 6.35 64.89
C ILE B 57 -16.15 5.01 64.65
N ILE B 58 -15.74 3.98 65.39
CA ILE B 58 -16.32 2.67 65.19
C ILE B 58 -17.82 2.69 65.47
N VAL B 59 -18.23 3.39 66.52
CA VAL B 59 -19.66 3.47 66.84
C VAL B 59 -20.43 4.15 65.71
N GLU B 60 -19.88 5.24 65.16
CA GLU B 60 -20.60 5.90 64.07
C GLU B 60 -20.67 5.00 62.84
N ASN B 61 -19.59 4.26 62.56
CA ASN B 61 -19.62 3.36 61.42
C ASN B 61 -20.62 2.23 61.64
N ASN B 62 -20.72 1.72 62.86
CA ASN B 62 -21.67 0.64 63.09
C ASN B 62 -23.08 1.14 62.87
N ARG B 63 -23.34 2.38 63.28
CA ARG B 63 -24.68 2.94 63.05
C ARG B 63 -24.99 3.03 61.57
N ILE B 64 -24.02 3.49 60.77
CA ILE B 64 -24.26 3.64 59.34
C ILE B 64 -24.45 2.29 58.68
N ILE B 65 -23.61 1.32 59.05
CA ILE B 65 -23.71 0.00 58.44
C ILE B 65 -25.07 -0.59 58.75
N ALA B 66 -25.51 -0.49 60.00
CA ALA B 66 -26.81 -1.02 60.35
C ALA B 66 -27.90 -0.31 59.55
N ALA B 67 -27.76 1.00 59.35
CA ALA B 67 -28.76 1.73 58.59
C ALA B 67 -28.87 1.21 57.16
N VAL B 68 -27.76 0.81 56.56
CA VAL B 68 -27.81 0.27 55.19
C VAL B 68 -28.37 -1.14 55.20
N LEU B 69 -27.91 -1.96 56.14
CA LEU B 69 -28.38 -3.32 56.18
C LEU B 69 -29.88 -3.37 56.44
N MET B 70 -30.43 -2.40 57.17
CA MET B 70 -31.88 -2.40 57.35
C MET B 70 -32.59 -2.25 56.02
N LEU B 71 -31.96 -1.64 55.03
CA LEU B 71 -32.60 -1.49 53.73
C LEU B 71 -32.53 -2.82 52.99
N ILE B 72 -31.44 -3.54 53.19
CA ILE B 72 -31.36 -4.85 52.56
C ILE B 72 -32.38 -5.78 53.21
N VAL B 73 -32.49 -5.72 54.54
CA VAL B 73 -33.43 -6.56 55.28
C VAL B 73 -34.86 -6.28 54.84
N VAL B 74 -35.22 -5.01 54.66
CA VAL B 74 -36.59 -4.72 54.25
C VAL B 74 -36.82 -5.26 52.85
N ALA B 75 -35.82 -5.18 51.97
CA ALA B 75 -36.02 -5.76 50.64
C ALA B 75 -36.20 -7.27 50.73
N VAL B 76 -35.45 -7.92 51.62
CA VAL B 76 -35.54 -9.37 51.79
C VAL B 76 -36.91 -9.79 52.30
N GLY B 77 -37.45 -9.03 53.25
CA GLY B 77 -38.74 -9.39 53.85
C GLY B 77 -39.91 -9.42 52.89
N MET B 78 -39.76 -8.89 51.69
CA MET B 78 -40.84 -8.87 50.70
C MET B 78 -40.78 -10.06 49.75
N THR B 79 -39.90 -11.03 50.02
CA THR B 79 -39.74 -12.18 49.15
C THR B 79 -41.06 -12.87 48.83
N GLN B 80 -41.91 -13.10 49.84
CA GLN B 80 -43.15 -13.81 49.56
C GLN B 80 -44.15 -12.95 48.80
N GLU B 81 -44.13 -11.64 49.02
CA GLU B 81 -45.05 -10.78 48.30
C GLU B 81 -44.67 -10.72 46.83
N ILE B 82 -43.37 -10.70 46.57
CA ILE B 82 -42.88 -10.67 45.20
C ILE B 82 -43.17 -12.02 44.54
N LYS B 83 -42.87 -13.11 45.24
CA LYS B 83 -43.15 -14.44 44.70
C LYS B 83 -44.61 -14.59 44.31
N LYS B 84 -45.53 -14.12 45.16
CA LYS B 84 -46.94 -14.23 44.80
C LYS B 84 -47.28 -13.34 43.62
N ALA B 85 -46.70 -12.14 43.56
CA ALA B 85 -46.96 -11.29 42.40
C ALA B 85 -46.48 -11.97 41.13
N LEU B 86 -45.33 -12.64 41.19
CA LEU B 86 -44.83 -13.36 40.03
C LEU B 86 -45.73 -14.52 39.66
N GLU B 87 -46.22 -15.26 40.65
CA GLU B 87 -47.10 -16.37 40.31
C GLU B 87 -48.32 -15.87 39.56
N GLU B 88 -48.85 -14.71 40.00
CA GLU B 88 -50.01 -14.14 39.32
C GLU B 88 -49.64 -13.70 37.92
N LEU B 89 -48.46 -13.10 37.76
CA LEU B 89 -48.05 -12.61 36.45
C LEU B 89 -47.84 -13.76 35.49
N VAL B 90 -47.29 -14.88 35.99
CA VAL B 90 -47.08 -16.04 35.14
C VAL B 90 -48.40 -16.62 34.70
N ALA B 91 -49.36 -16.75 35.63
CA ALA B 91 -50.66 -17.28 35.24
C ALA B 91 -51.32 -16.36 34.23
N SER B 92 -51.16 -15.04 34.41
CA SER B 92 -51.74 -14.09 33.47
C SER B 92 -51.12 -14.23 32.10
N THR B 93 -49.79 -14.38 32.05
CA THR B 93 -49.10 -14.55 30.78
C THR B 93 -49.59 -15.79 30.06
N ALA B 94 -49.72 -16.90 30.79
CA ALA B 94 -50.18 -18.12 30.17
C ALA B 94 -51.60 -17.97 29.64
N GLU B 95 -52.45 -17.25 30.37
CA GLU B 95 -53.82 -17.08 29.89
C GLU B 95 -53.81 -16.21 28.65
N LEU B 96 -52.93 -15.21 28.61
CA LEU B 96 -52.86 -14.32 27.46
C LEU B 96 -52.42 -15.12 26.24
N LYS B 97 -51.44 -16.02 26.43
CA LYS B 97 -50.99 -16.87 25.34
C LYS B 97 -52.13 -17.73 24.81
N ARG B 98 -52.91 -18.32 25.72
CA ARG B 98 -54.02 -19.15 25.26
C ARG B 98 -55.02 -18.32 24.46
N ALA B 99 -55.30 -17.10 24.93
CA ALA B 99 -56.23 -16.25 24.21
C ALA B 99 -55.68 -15.89 22.84
N THR B 100 -54.36 -15.66 22.75
CA THR B 100 -53.76 -15.32 21.46
C THR B 100 -53.84 -16.49 20.50
N ALA B 101 -53.54 -17.70 20.97
CA ALA B 101 -53.61 -18.86 20.09
C ALA B 101 -55.04 -19.07 19.65
N SER B 102 -55.99 -18.87 20.55
CA SER B 102 -57.40 -19.03 20.19
C SER B 102 -57.77 -18.02 19.13
N LEU B 103 -57.33 -16.77 19.29
CA LEU B 103 -57.67 -15.75 18.32
C LEU B 103 -57.07 -16.08 16.97
N ARG B 104 -55.83 -16.58 16.95
CA ARG B 104 -55.21 -16.94 15.67
C ARG B 104 -56.03 -18.03 14.97
N ALA B 105 -56.43 -19.05 15.71
CA ALA B 105 -57.22 -20.12 15.11
C ALA B 105 -58.55 -19.58 14.59
N ILE B 106 -59.15 -18.65 15.34
CA ILE B 106 -60.42 -18.06 14.89
C ILE B 106 -60.18 -17.27 13.61
N THR B 107 -59.10 -16.50 13.57
CA THR B 107 -58.81 -15.71 12.38
C THR B 107 -58.68 -16.60 11.15
N GLU B 108 -57.97 -17.72 11.29
CA GLU B 108 -57.82 -18.64 10.16
C GLU B 108 -59.16 -19.22 9.75
N GLU B 109 -60.00 -19.57 10.73
CA GLU B 109 -61.30 -20.15 10.41
C GLU B 109 -62.22 -19.12 9.77
N LEU B 110 -62.19 -17.89 10.27
CA LEU B 110 -63.04 -16.83 9.76
C LEU B 110 -62.66 -16.47 8.33
N LYS B 111 -61.36 -16.40 8.04
CA LYS B 111 -60.97 -16.08 6.67
C LYS B 111 -61.26 -17.25 5.74
N LYS B 112 -60.99 -18.48 6.18
CA LYS B 112 -61.22 -19.64 5.33
C LYS B 112 -62.71 -19.88 5.11
N ASN B 113 -63.53 -19.68 6.14
CA ASN B 113 -64.97 -19.92 6.08
C ASN B 113 -65.70 -18.81 6.81
N PRO B 114 -65.95 -17.67 6.15
CA PRO B 114 -66.41 -16.47 6.89
C PRO B 114 -67.87 -16.55 7.33
N SER B 115 -68.16 -17.55 8.15
CA SER B 115 -69.48 -17.71 8.74
C SER B 115 -69.73 -16.63 9.79
N GLU B 116 -70.98 -16.21 9.92
CA GLU B 116 -71.32 -15.20 10.92
C GLU B 116 -70.88 -15.65 12.31
N ASP B 117 -71.01 -16.96 12.58
CA ASP B 117 -70.61 -17.47 13.89
C ASP B 117 -69.13 -17.22 14.13
N ALA B 118 -68.31 -17.26 13.07
CA ALA B 118 -66.89 -16.99 13.25
C ALA B 118 -66.66 -15.54 13.59
N LEU B 119 -67.48 -14.62 13.06
CA LEU B 119 -67.32 -13.22 13.43
C LEU B 119 -67.71 -13.02 14.89
N VAL B 120 -68.74 -13.73 15.33
CA VAL B 120 -69.16 -13.61 16.72
C VAL B 120 -68.04 -14.13 17.62
N GLU B 121 -67.44 -15.25 17.25
CA GLU B 121 -66.33 -15.80 18.01
C GLU B 121 -65.15 -14.84 18.01
N HIS B 122 -64.91 -14.16 16.88
CA HIS B 122 -63.85 -13.17 16.82
C HIS B 122 -64.07 -12.08 17.85
N ASN B 123 -65.27 -11.51 17.90
CA ASN B 123 -65.49 -10.43 18.85
C ASN B 123 -65.43 -10.95 20.28
N ARG B 124 -65.87 -12.19 20.51
CA ARG B 124 -65.77 -12.76 21.84
C ARG B 124 -64.32 -12.90 22.26
N ALA B 125 -63.48 -13.39 21.35
CA ALA B 125 -62.06 -13.56 21.65
C ALA B 125 -61.41 -12.22 21.92
N ILE B 126 -61.82 -11.18 21.19
CA ILE B 126 -61.24 -9.86 21.43
C ILE B 126 -61.61 -9.37 22.82
N VAL B 127 -62.86 -9.58 23.23
CA VAL B 127 -63.25 -9.14 24.57
C VAL B 127 -62.47 -9.91 25.63
N GLU B 128 -62.32 -11.23 25.45
CA GLU B 128 -61.54 -11.98 26.42
C GLU B 128 -60.10 -11.49 26.47
N HIS B 129 -59.55 -11.16 25.31
CA HIS B 129 -58.18 -10.67 25.25
C HIS B 129 -58.05 -9.38 26.04
N ASN B 130 -58.99 -8.46 25.86
CA ASN B 130 -58.89 -7.21 26.60
C ASN B 130 -59.03 -7.45 28.10
N ALA B 131 -59.90 -8.39 28.50
CA ALA B 131 -60.00 -8.69 29.92
C ALA B 131 -58.69 -9.21 30.45
N ILE B 132 -57.99 -10.00 29.64
CA ILE B 132 -56.71 -10.54 30.07
C ILE B 132 -55.69 -9.42 30.18
N ILE B 133 -55.68 -8.49 29.22
CA ILE B 133 -54.74 -7.38 29.32
C ILE B 133 -54.99 -6.61 30.60
N VAL B 134 -56.26 -6.40 30.93
CA VAL B 134 -56.56 -5.62 32.13
C VAL B 134 -56.04 -6.32 33.37
N GLU B 135 -56.22 -7.64 33.45
CA GLU B 135 -55.68 -8.35 34.61
C GLU B 135 -54.16 -8.29 34.62
N ASN B 136 -53.54 -8.42 33.44
CA ASN B 136 -52.09 -8.37 33.36
C ASN B 136 -51.57 -7.03 33.85
N ASN B 137 -52.19 -5.94 33.43
CA ASN B 137 -51.70 -4.62 33.85
C ASN B 137 -51.98 -4.37 35.31
N ARG B 138 -53.07 -4.91 35.85
CA ARG B 138 -53.29 -4.79 37.28
C ARG B 138 -52.16 -5.47 38.04
N ILE B 139 -51.79 -6.68 37.60
CA ILE B 139 -50.73 -7.43 38.26
C ILE B 139 -49.41 -6.70 38.13
N ILE B 140 -49.12 -6.17 36.94
CA ILE B 140 -47.87 -5.44 36.77
C ILE B 140 -47.84 -4.21 37.67
N ALA B 141 -48.95 -3.46 37.75
CA ALA B 141 -48.94 -2.30 38.62
C ALA B 141 -48.65 -2.71 40.05
N ALA B 142 -49.22 -3.85 40.48
CA ALA B 142 -48.96 -4.33 41.83
C ALA B 142 -47.49 -4.72 42.02
N VAL B 143 -46.89 -5.36 41.02
CA VAL B 143 -45.50 -5.76 41.18
C VAL B 143 -44.63 -4.51 41.15
N LEU B 144 -45.01 -3.50 40.37
CA LEU B 144 -44.22 -2.26 40.37
C LEU B 144 -44.26 -1.63 41.74
N GLU B 145 -45.43 -1.64 42.38
CA GLU B 145 -45.50 -1.07 43.73
C GLU B 145 -44.61 -1.87 44.66
N LEU B 146 -44.59 -3.19 44.51
CA LEU B 146 -43.73 -4.02 45.34
C LEU B 146 -42.26 -3.73 45.09
N ILE B 147 -41.89 -3.49 43.83
CA ILE B 147 -40.50 -3.19 43.51
C ILE B 147 -40.10 -1.85 44.10
N VAL B 148 -40.96 -0.84 43.93
CA VAL B 148 -40.64 0.49 44.43
C VAL B 148 -40.50 0.46 45.94
N ARG B 149 -41.38 -0.27 46.63
CA ARG B 149 -41.26 -0.38 48.07
C ARG B 149 -40.02 -1.17 48.47
N ALA B 150 -39.77 -2.30 47.78
CA ALA B 150 -38.62 -3.14 48.10
C ALA B 150 -37.30 -2.42 47.91
N LEU B 151 -37.21 -1.53 46.93
CA LEU B 151 -35.97 -0.80 46.68
C LEU B 151 -35.89 0.49 47.48
N ASN B 152 -36.92 0.79 48.28
CA ASN B 152 -36.96 2.00 49.09
C ASN B 152 -36.70 3.26 48.25
N LEU B 153 -37.37 3.37 47.11
CA LEU B 153 -37.16 4.54 46.28
C LEU B 153 -37.95 5.72 46.81
N THR B 154 -37.34 6.90 46.75
CA THR B 154 -37.98 8.14 47.15
C THR B 154 -38.08 9.14 46.01
N ASP B 155 -37.63 8.79 44.82
CA ASP B 155 -37.58 9.74 43.71
C ASP B 155 -38.98 10.28 43.44
N ALA B 156 -39.13 11.60 43.47
CA ALA B 156 -40.44 12.20 43.25
C ALA B 156 -41.02 11.76 41.91
N GLU B 157 -40.17 11.55 40.91
CA GLU B 157 -40.68 11.18 39.60
C GLU B 157 -41.32 9.79 39.62
N VAL B 158 -40.78 8.87 40.44
CA VAL B 158 -41.37 7.53 40.44
C VAL B 158 -42.67 7.56 41.21
N ILE B 159 -42.74 8.38 42.26
CA ILE B 159 -43.96 8.47 43.04
C ILE B 159 -45.08 9.04 42.18
N LYS B 160 -44.77 10.10 41.42
CA LYS B 160 -45.76 10.68 40.54
C LYS B 160 -46.17 9.69 39.47
N ALA B 161 -45.22 8.95 38.92
CA ALA B 161 -45.55 7.98 37.89
C ALA B 161 -46.48 6.92 38.44
N LEU B 162 -46.26 6.49 39.69
CA LEU B 162 -47.14 5.50 40.30
C LEU B 162 -48.53 6.08 40.50
N ILE B 163 -48.62 7.36 40.85
CA ILE B 163 -49.94 7.96 41.02
C ILE B 163 -50.66 7.98 39.68
N GLU B 164 -49.95 8.36 38.61
CA GLU B 164 -50.56 8.40 37.30
C GLU B 164 -50.99 6.99 36.90
N LEU B 165 -50.20 6.00 37.27
CA LEU B 165 -50.53 4.62 36.93
C LEU B 165 -51.82 4.22 37.63
N ARG B 166 -51.94 4.53 38.92
CA ARG B 166 -53.14 4.14 39.65
C ARG B 166 -54.37 4.77 39.01
N LEU B 167 -54.26 6.04 38.62
CA LEU B 167 -55.41 6.70 38.00
C LEU B 167 -55.72 6.07 36.65
N SER B 168 -54.70 5.72 35.88
CA SER B 168 -54.95 5.13 34.59
C SER B 168 -55.50 3.72 34.73
N THR B 169 -55.17 3.02 35.82
CA THR B 169 -55.74 1.69 35.99
C THR B 169 -57.20 1.81 36.36
N LEU B 170 -57.57 2.90 37.03
CA LEU B 170 -58.99 3.09 37.33
C LEU B 170 -59.74 3.35 36.04
N GLU B 171 -59.14 4.15 35.15
CA GLU B 171 -59.78 4.43 33.87
C GLU B 171 -59.89 3.16 33.06
N LEU B 172 -58.84 2.34 33.08
CA LEU B 172 -58.84 1.10 32.30
C LEU B 172 -59.91 0.14 32.81
N VAL B 173 -60.05 0.00 34.13
CA VAL B 173 -61.06 -0.91 34.64
C VAL B 173 -62.46 -0.43 34.27
N ALA B 174 -62.73 0.87 34.44
CA ALA B 174 -64.06 1.35 34.09
C ALA B 174 -64.34 1.17 32.60
N ALA B 175 -63.34 1.45 31.76
CA ALA B 175 -63.54 1.27 30.32
C ALA B 175 -63.77 -0.19 29.99
N THR B 176 -63.09 -1.08 30.70
CA THR B 176 -63.24 -2.51 30.44
C THR B 176 -64.66 -2.95 30.75
N ALA B 177 -65.19 -2.50 31.88
CA ALA B 177 -66.55 -2.87 32.24
C ALA B 177 -67.52 -2.33 31.20
N SER B 178 -67.27 -1.12 30.71
CA SER B 178 -68.15 -0.55 29.69
C SER B 178 -68.08 -1.37 28.41
N LEU B 179 -66.89 -1.81 28.04
CA LEU B 179 -66.74 -2.61 26.83
C LEU B 179 -67.48 -3.94 26.97
N ARG B 180 -67.38 -4.57 28.14
CA ARG B 180 -68.09 -5.83 28.33
C ARG B 180 -69.59 -5.63 28.22
N GLU B 181 -70.10 -4.54 28.80
CA GLU B 181 -71.54 -4.32 28.71
C GLU B 181 -71.95 -4.08 27.26
N ILE B 182 -71.14 -3.35 26.51
CA ILE B 182 -71.48 -3.09 25.11
C ILE B 182 -71.47 -4.40 24.34
N THR B 183 -70.49 -5.26 24.60
CA THR B 183 -70.42 -6.53 23.91
C THR B 183 -71.65 -7.37 24.20
N GLU B 184 -72.09 -7.40 25.46
CA GLU B 184 -73.29 -8.17 25.78
C GLU B 184 -74.51 -7.61 25.07
N GLU B 185 -74.60 -6.27 24.98
CA GLU B 185 -75.75 -5.69 24.29
C GLU B 185 -75.70 -6.00 22.80
N LEU B 186 -74.50 -6.01 22.22
CA LEU B 186 -74.37 -6.37 20.81
C LEU B 186 -74.81 -7.80 20.59
N LYS B 187 -74.35 -8.70 21.45
CA LYS B 187 -74.70 -10.12 21.34
C LYS B 187 -76.21 -10.31 21.42
N LYS B 188 -76.87 -9.63 22.34
CA LYS B 188 -78.31 -9.79 22.48
C LYS B 188 -79.07 -9.24 21.27
N ASN B 189 -78.65 -8.10 20.72
CA ASN B 189 -79.34 -7.47 19.60
C ASN B 189 -78.35 -7.06 18.51
N PRO B 190 -77.77 -8.04 17.81
CA PRO B 190 -76.76 -7.70 16.80
C PRO B 190 -77.35 -6.89 15.66
N SER B 191 -76.59 -5.89 15.21
CA SER B 191 -77.03 -5.03 14.11
C SER B 191 -75.82 -4.30 13.56
N GLU B 192 -76.02 -3.67 12.39
CA GLU B 192 -74.94 -2.88 11.81
C GLU B 192 -74.60 -1.67 12.67
N ASP B 193 -75.60 -1.03 13.26
CA ASP B 193 -75.33 0.16 14.05
C ASP B 193 -74.69 -0.24 15.36
N ALA B 194 -75.16 -1.34 15.95
CA ALA B 194 -74.59 -1.81 17.19
C ALA B 194 -73.16 -2.27 16.94
N LEU B 195 -72.93 -2.89 15.77
CA LEU B 195 -71.60 -3.39 15.46
C LEU B 195 -70.62 -2.23 15.27
N VAL B 196 -71.04 -1.16 14.61
CA VAL B 196 -70.12 -0.04 14.43
C VAL B 196 -69.88 0.64 15.77
N GLU B 197 -70.90 0.69 16.63
CA GLU B 197 -70.68 1.29 17.95
C GLU B 197 -69.72 0.45 18.76
N HIS B 198 -69.83 -0.87 18.63
CA HIS B 198 -68.94 -1.79 19.33
C HIS B 198 -67.50 -1.60 18.83
N ASN B 199 -67.33 -1.46 17.52
CA ASN B 199 -65.99 -1.26 16.98
C ASN B 199 -65.41 0.05 17.49
N ARG B 200 -66.24 1.08 17.62
CA ARG B 200 -65.74 2.33 18.19
C ARG B 200 -65.34 2.14 19.64
N ALA B 201 -66.16 1.39 20.39
CA ALA B 201 -65.83 1.14 21.78
C ALA B 201 -64.49 0.43 21.90
N ILE B 202 -64.22 -0.49 20.97
CA ILE B 202 -62.94 -1.19 20.94
C ILE B 202 -61.81 -0.22 20.65
N VAL B 203 -61.99 0.68 19.69
CA VAL B 203 -60.91 1.61 19.40
C VAL B 203 -60.60 2.46 20.63
N GLU B 204 -61.64 2.94 21.30
CA GLU B 204 -61.42 3.76 22.49
C GLU B 204 -60.72 2.95 23.58
N HIS B 205 -61.13 1.69 23.73
CA HIS B 205 -60.53 0.82 24.73
C HIS B 205 -59.06 0.60 24.43
N ASN B 206 -58.73 0.35 23.17
CA ASN B 206 -57.34 0.13 22.82
C ASN B 206 -56.53 1.40 23.09
N ALA B 207 -57.12 2.57 22.83
CA ALA B 207 -56.40 3.80 23.12
C ALA B 207 -56.11 3.91 24.62
N ILE B 208 -57.05 3.46 25.45
CA ILE B 208 -56.83 3.49 26.89
C ILE B 208 -55.73 2.51 27.27
N ILE B 209 -55.75 1.32 26.67
CA ILE B 209 -54.71 0.34 26.96
C ILE B 209 -53.35 0.91 26.59
N VAL B 210 -53.27 1.59 25.44
CA VAL B 210 -52.01 2.18 25.01
C VAL B 210 -51.52 3.20 26.02
N GLU B 211 -52.42 4.03 26.55
CA GLU B 211 -52.00 5.00 27.56
C GLU B 211 -51.53 4.30 28.84
N ASN B 212 -52.22 3.24 29.23
CA ASN B 212 -51.82 2.52 30.43
C ASN B 212 -50.43 1.91 30.26
N ASN B 213 -50.17 1.38 29.06
CA ASN B 213 -48.85 0.79 28.81
C ASN B 213 -47.80 1.88 28.76
N ARG B 214 -48.15 3.07 28.27
CA ARG B 214 -47.17 4.16 28.26
C ARG B 214 -46.76 4.48 29.68
N ILE B 215 -47.74 4.55 30.59
CA ILE B 215 -47.42 4.88 31.97
C ILE B 215 -46.58 3.77 32.59
N ILE B 216 -46.94 2.51 32.34
CA ILE B 216 -46.15 1.42 32.90
C ILE B 216 -44.72 1.51 32.39
N ALA B 217 -44.55 1.79 31.10
CA ALA B 217 -43.21 1.92 30.55
C ALA B 217 -42.45 3.05 31.22
N ALA B 218 -43.12 4.17 31.50
CA ALA B 218 -42.45 5.28 32.17
C ALA B 218 -42.00 4.86 33.56
N VAL B 219 -42.83 4.09 34.26
CA VAL B 219 -42.47 3.65 35.59
C VAL B 219 -41.26 2.73 35.52
N LEU B 220 -41.26 1.80 34.57
CA LEU B 220 -40.11 0.90 34.45
C LEU B 220 -38.86 1.68 34.09
N GLU B 221 -38.98 2.67 33.21
CA GLU B 221 -37.82 3.47 32.86
C GLU B 221 -37.24 4.15 34.10
N LEU B 222 -38.12 4.68 34.95
CA LEU B 222 -37.65 5.35 36.16
C LEU B 222 -37.03 4.35 37.14
N ILE B 223 -37.57 3.15 37.23
CA ILE B 223 -37.00 2.15 38.13
C ILE B 223 -35.63 1.69 37.64
N VAL B 224 -35.50 1.42 36.34
CA VAL B 224 -34.25 0.90 35.82
C VAL B 224 -33.19 1.99 35.81
N GLY B 225 -33.55 3.19 35.38
CA GLY B 225 -32.61 4.28 35.27
C GLY B 225 -32.60 5.16 36.53
N GLY C 2 -27.20 40.07 -16.59
CA GLY C 2 -26.59 39.68 -15.29
C GLY C 2 -25.19 39.11 -15.45
N SER C 3 -25.11 37.78 -15.49
CA SER C 3 -23.82 37.10 -15.56
C SER C 3 -23.11 37.36 -16.87
N GLU C 4 -23.83 37.81 -17.89
CA GLU C 4 -23.21 38.06 -19.19
C GLU C 4 -22.11 39.10 -19.08
N VAL C 5 -22.28 40.10 -18.22
CA VAL C 5 -21.28 41.15 -18.08
C VAL C 5 -20.29 40.80 -16.98
N GLU C 6 -20.80 40.27 -15.86
CA GLU C 6 -19.92 39.92 -14.76
C GLU C 6 -18.82 38.97 -15.21
N ILE C 7 -19.17 38.01 -16.06
CA ILE C 7 -18.18 37.06 -16.55
C ILE C 7 -17.21 37.75 -17.49
N LEU C 8 -17.68 38.70 -18.30
CA LEU C 8 -16.77 39.43 -19.17
C LEU C 8 -15.76 40.21 -18.34
N LYS C 9 -16.20 40.73 -17.20
CA LYS C 9 -15.29 41.46 -16.33
C LYS C 9 -14.30 40.51 -15.69
N ALA C 10 -14.75 39.31 -15.32
CA ALA C 10 -13.80 38.34 -14.78
C ALA C 10 -12.74 37.99 -15.81
N LEU C 11 -13.14 37.88 -17.08
CA LEU C 11 -12.16 37.58 -18.13
C LEU C 11 -11.19 38.74 -18.30
N LEU C 12 -11.71 39.97 -18.19
CA LEU C 12 -10.83 41.12 -18.28
C LEU C 12 -9.83 41.10 -17.13
N GLU C 13 -10.31 40.74 -15.94
CA GLU C 13 -9.42 40.63 -14.80
C GLU C 13 -8.32 39.61 -15.05
N LEU C 14 -8.67 38.46 -15.63
CA LEU C 14 -7.63 37.47 -15.86
C LEU C 14 -6.61 38.00 -16.85
N LYS C 15 -7.07 38.73 -17.88
CA LYS C 15 -6.14 39.32 -18.83
C LYS C 15 -5.20 40.31 -18.15
N LYS C 16 -5.74 41.13 -17.25
CA LYS C 16 -4.90 42.15 -16.62
C LYS C 16 -3.97 41.53 -15.58
N SER C 17 -4.41 40.51 -14.85
CA SER C 17 -3.50 39.94 -13.87
C SER C 17 -2.43 39.14 -14.58
N THR C 18 -2.73 38.62 -15.76
CA THR C 18 -1.72 37.91 -16.54
C THR C 18 -0.67 38.90 -17.02
N ALA C 19 -1.11 40.05 -17.54
CA ALA C 19 -0.15 41.04 -17.99
C ALA C 19 0.71 41.51 -16.82
N GLU C 20 0.09 41.66 -15.65
CA GLU C 20 0.85 42.04 -14.46
C GLU C 20 1.88 40.98 -14.14
N LEU C 21 1.50 39.70 -14.20
CA LEU C 21 2.44 38.65 -13.87
C LEU C 21 3.62 38.69 -14.80
N LYS C 22 3.37 38.86 -16.09
CA LYS C 22 4.45 38.86 -17.06
C LYS C 22 5.40 40.04 -16.78
N ARG C 23 4.85 41.21 -16.46
CA ARG C 23 5.71 42.35 -16.19
C ARG C 23 6.44 42.21 -14.86
N ALA C 24 5.77 41.67 -13.84
CA ALA C 24 6.43 41.49 -12.55
C ALA C 24 7.57 40.51 -12.68
N THR C 25 7.38 39.48 -13.50
CA THR C 25 8.43 38.50 -13.70
C THR C 25 9.61 39.14 -14.41
N ALA C 26 9.30 39.98 -15.42
CA ALA C 26 10.37 40.66 -16.12
C ALA C 26 11.16 41.55 -15.19
N SER C 27 10.50 42.23 -14.24
CA SER C 27 11.30 43.02 -13.34
C SER C 27 12.06 42.13 -12.38
N LEU C 28 11.51 40.98 -12.02
CA LEU C 28 12.22 40.08 -11.12
C LEU C 28 13.59 39.79 -11.69
N ARG C 29 13.61 39.46 -12.98
CA ARG C 29 14.85 39.08 -13.64
C ARG C 29 15.75 40.29 -13.89
N ALA C 30 15.17 41.42 -14.30
CA ALA C 30 16.00 42.58 -14.55
C ALA C 30 16.70 42.96 -13.26
N ILE C 31 16.01 42.76 -12.14
CA ILE C 31 16.57 43.09 -10.84
C ILE C 31 17.74 42.17 -10.53
N THR C 32 17.55 40.87 -10.67
CA THR C 32 18.64 39.95 -10.34
C THR C 32 19.89 40.23 -11.17
N GLU C 33 19.70 40.37 -12.49
CA GLU C 33 20.84 40.61 -13.39
C GLU C 33 21.50 41.96 -13.20
N GLU C 34 20.72 43.02 -12.96
CA GLU C 34 21.39 44.31 -12.85
C GLU C 34 21.98 44.51 -11.47
N LEU C 35 21.30 44.03 -10.42
CA LEU C 35 21.80 44.30 -9.09
C LEU C 35 22.99 43.41 -8.75
N LYS C 36 23.09 42.18 -9.30
CA LYS C 36 24.24 41.38 -8.89
C LYS C 36 25.54 42.03 -9.36
N LYS C 37 25.46 42.95 -10.32
CA LYS C 37 26.64 43.65 -10.81
C LYS C 37 27.30 44.48 -9.72
N ASN C 38 26.52 45.01 -8.78
CA ASN C 38 27.05 45.83 -7.70
C ASN C 38 26.14 45.71 -6.48
N PRO C 39 26.39 44.71 -5.64
CA PRO C 39 25.54 44.50 -4.45
C PRO C 39 25.51 45.67 -3.49
N SER C 40 26.39 46.67 -3.62
CA SER C 40 26.35 47.79 -2.69
C SER C 40 25.11 48.65 -2.85
N GLU C 41 24.37 48.51 -3.96
CA GLU C 41 23.12 49.25 -4.15
C GLU C 41 22.02 48.45 -3.44
N ASP C 42 22.07 48.49 -2.11
CA ASP C 42 21.24 47.62 -1.29
C ASP C 42 19.78 48.03 -1.34
N ALA C 43 19.51 49.33 -1.23
CA ALA C 43 18.13 49.80 -1.21
C ALA C 43 17.41 49.44 -2.49
N LEU C 44 18.08 49.55 -3.64
CA LEU C 44 17.41 49.27 -4.90
C LEU C 44 17.04 47.80 -5.01
N VAL C 45 17.96 46.90 -4.64
CA VAL C 45 17.67 45.48 -4.80
C VAL C 45 16.64 45.03 -3.77
N GLU C 46 16.72 45.54 -2.54
CA GLU C 46 15.77 45.09 -1.53
C GLU C 46 14.39 45.63 -1.82
N HIS C 47 14.30 46.86 -2.32
CA HIS C 47 13.00 47.42 -2.60
C HIS C 47 12.38 46.70 -3.78
N ASN C 48 13.17 46.42 -4.82
CA ASN C 48 12.58 45.77 -5.97
C ASN C 48 12.21 44.34 -5.65
N ARG C 49 12.96 43.66 -4.77
CA ARG C 49 12.55 42.30 -4.43
C ARG C 49 11.25 42.33 -3.66
N ALA C 50 11.08 43.32 -2.76
CA ALA C 50 9.82 43.41 -2.06
C ALA C 50 8.68 43.65 -3.03
N ILE C 51 8.94 44.48 -4.06
CA ILE C 51 7.92 44.78 -5.06
C ILE C 51 7.51 43.50 -5.77
N VAL C 52 8.50 42.68 -6.13
CA VAL C 52 8.22 41.43 -6.82
C VAL C 52 7.40 40.50 -5.94
N GLU C 53 7.74 40.38 -4.66
CA GLU C 53 6.96 39.50 -3.80
C GLU C 53 5.53 40.00 -3.67
N HIS C 54 5.36 41.32 -3.58
CA HIS C 54 4.01 41.85 -3.42
C HIS C 54 3.19 41.54 -4.65
N ASN C 55 3.78 41.69 -5.83
CA ASN C 55 3.03 41.43 -7.05
C ASN C 55 2.71 39.94 -7.17
N ALA C 56 3.64 39.07 -6.80
CA ALA C 56 3.36 37.65 -6.90
C ALA C 56 2.18 37.27 -6.03
N ILE C 57 2.11 37.87 -4.84
CA ILE C 57 0.98 37.58 -3.94
C ILE C 57 -0.29 38.11 -4.55
N ILE C 58 -0.27 39.31 -5.10
CA ILE C 58 -1.48 39.88 -5.67
C ILE C 58 -1.99 39.01 -6.81
N VAL C 59 -1.09 38.52 -7.65
CA VAL C 59 -1.51 37.66 -8.76
C VAL C 59 -2.16 36.38 -8.25
N GLU C 60 -1.58 35.77 -7.22
CA GLU C 60 -2.19 34.56 -6.68
C GLU C 60 -3.56 34.86 -6.08
N ASN C 61 -3.69 35.99 -5.40
CA ASN C 61 -4.98 36.35 -4.84
C ASN C 61 -6.00 36.61 -5.94
N ASN C 62 -5.60 37.23 -7.04
CA ASN C 62 -6.55 37.49 -8.10
C ASN C 62 -7.05 36.17 -8.68
N ARG C 63 -6.15 35.20 -8.79
CA ARG C 63 -6.55 33.90 -9.31
C ARG C 63 -7.59 33.25 -8.40
N ILE C 64 -7.36 33.32 -7.09
CA ILE C 64 -8.29 32.67 -6.17
C ILE C 64 -9.64 33.39 -6.17
N ILE C 65 -9.60 34.73 -6.17
CA ILE C 65 -10.84 35.49 -6.16
C ILE C 65 -11.65 35.17 -7.40
N ALA C 66 -11.00 35.15 -8.56
CA ALA C 66 -11.72 34.82 -9.78
C ALA C 66 -12.30 33.41 -9.70
N ALA C 67 -11.56 32.47 -9.10
CA ALA C 67 -12.06 31.11 -8.99
C ALA C 67 -13.34 31.06 -8.17
N VAL C 68 -13.43 31.88 -7.12
CA VAL C 68 -14.65 31.89 -6.30
C VAL C 68 -15.78 32.60 -7.03
N LEU C 69 -15.47 33.74 -7.64
CA LEU C 69 -16.53 34.47 -8.31
C LEU C 69 -17.10 33.64 -9.45
N MET C 70 -16.30 32.78 -10.08
CA MET C 70 -16.88 31.93 -11.11
C MET C 70 -17.95 31.02 -10.55
N LEU C 71 -17.88 30.70 -9.26
CA LEU C 71 -18.90 29.84 -8.67
C LEU C 71 -20.15 30.66 -8.43
N ILE C 72 -19.97 31.93 -8.07
CA ILE C 72 -21.15 32.76 -7.91
C ILE C 72 -21.79 32.97 -9.27
N VAL C 73 -20.98 33.21 -10.29
CA VAL C 73 -21.48 33.45 -11.65
C VAL C 73 -22.25 32.22 -12.15
N VAL C 74 -21.73 31.02 -11.90
CA VAL C 74 -22.46 29.84 -12.38
C VAL C 74 -23.78 29.73 -11.65
N ALA C 75 -23.82 30.06 -10.37
CA ALA C 75 -25.11 30.03 -9.68
C ALA C 75 -26.07 31.05 -10.28
N VAL C 76 -25.56 32.22 -10.64
CA VAL C 76 -26.39 33.29 -11.20
C VAL C 76 -26.96 32.89 -12.56
N GLY C 77 -26.16 32.25 -13.40
CA GLY C 77 -26.60 31.87 -14.73
C GLY C 77 -27.78 30.92 -14.80
N MET C 78 -28.16 30.31 -13.68
CA MET C 78 -29.28 29.37 -13.64
C MET C 78 -30.59 30.04 -13.25
N THR C 79 -30.59 31.37 -13.17
CA THR C 79 -31.78 32.10 -12.74
C THR C 79 -33.02 31.72 -13.54
N GLN C 80 -32.91 31.62 -14.87
CA GLN C 80 -34.11 31.31 -15.64
C GLN C 80 -34.53 29.87 -15.50
N GLU C 81 -33.57 28.96 -15.29
CA GLU C 81 -33.95 27.55 -15.14
C GLU C 81 -34.67 27.38 -13.81
N ILE C 82 -34.21 28.09 -12.79
CA ILE C 82 -34.86 28.00 -11.49
C ILE C 82 -36.23 28.67 -11.56
N LYS C 83 -36.30 29.85 -12.18
CA LYS C 83 -37.58 30.52 -12.32
C LYS C 83 -38.61 29.62 -12.99
N LYS C 84 -38.22 28.93 -14.07
CA LYS C 84 -39.17 28.06 -14.73
C LYS C 84 -39.53 26.86 -13.86
N ALA C 85 -38.56 26.32 -13.13
CA ALA C 85 -38.89 25.22 -12.22
C ALA C 85 -39.89 25.68 -11.17
N LEU C 86 -39.72 26.92 -10.69
CA LEU C 86 -40.66 27.45 -9.72
C LEU C 86 -42.02 27.67 -10.33
N GLU C 87 -42.09 28.16 -11.56
CA GLU C 87 -43.41 28.36 -12.16
C GLU C 87 -44.14 27.02 -12.23
N GLU C 88 -43.41 25.95 -12.57
CA GLU C 88 -44.03 24.64 -12.64
C GLU C 88 -44.45 24.18 -11.25
N LEU C 89 -43.61 24.43 -10.25
CA LEU C 89 -43.93 23.98 -8.89
C LEU C 89 -45.15 24.71 -8.37
N VAL C 90 -45.27 25.99 -8.69
CA VAL C 90 -46.42 26.77 -8.25
C VAL C 90 -47.69 26.25 -8.90
N ALA C 91 -47.63 25.99 -10.22
CA ALA C 91 -48.82 25.47 -10.88
C ALA C 91 -49.20 24.12 -10.31
N SER C 92 -48.19 23.29 -9.99
CA SER C 92 -48.47 21.98 -9.40
C SER C 92 -49.12 22.12 -8.04
N THR C 93 -48.60 23.02 -7.21
CA THR C 93 -49.17 23.23 -5.89
C THR C 93 -50.61 23.66 -6.00
N ALA C 94 -50.90 24.60 -6.90
CA ALA C 94 -52.28 25.05 -7.07
C ALA C 94 -53.17 23.91 -7.53
N GLU C 95 -52.67 23.04 -8.41
CA GLU C 95 -53.49 21.94 -8.88
C GLU C 95 -53.73 20.96 -7.73
N LEU C 96 -52.73 20.77 -6.89
CA LEU C 96 -52.88 19.85 -5.77
C LEU C 96 -53.94 20.39 -4.82
N LYS C 97 -53.91 21.71 -4.60
CA LYS C 97 -54.92 22.34 -3.76
C LYS C 97 -56.32 22.13 -4.33
N ARG C 98 -56.47 22.29 -5.64
CA ARG C 98 -57.78 22.10 -6.24
C ARG C 98 -58.23 20.66 -6.06
N ALA C 99 -57.32 19.71 -6.23
CA ALA C 99 -57.68 18.31 -6.05
C ALA C 99 -58.08 18.04 -4.60
N THR C 100 -57.39 18.67 -3.65
CA THR C 100 -57.73 18.45 -2.24
C THR C 100 -59.11 19.01 -1.92
N ALA C 101 -59.39 20.22 -2.39
CA ALA C 101 -60.71 20.79 -2.13
C ALA C 101 -61.80 19.95 -2.77
N SER C 102 -61.54 19.44 -3.98
CA SER C 102 -62.53 18.61 -4.65
C SER C 102 -62.75 17.34 -3.85
N LEU C 103 -61.68 16.73 -3.37
CA LEU C 103 -61.81 15.50 -2.61
C LEU C 103 -62.60 15.75 -1.33
N ARG C 104 -62.33 16.87 -0.65
CA ARG C 104 -63.07 17.18 0.57
C ARG C 104 -64.56 17.29 0.28
N ALA C 105 -64.91 18.01 -0.79
CA ALA C 105 -66.32 18.15 -1.13
C ALA C 105 -66.93 16.80 -1.44
N ILE C 106 -66.18 15.93 -2.11
CA ILE C 106 -66.69 14.60 -2.43
C ILE C 106 -66.90 13.82 -1.15
N THR C 107 -65.95 13.90 -0.21
CA THR C 107 -66.08 13.19 1.04
C THR C 107 -67.33 13.61 1.77
N GLU C 108 -67.61 14.91 1.81
CA GLU C 108 -68.81 15.39 2.47
C GLU C 108 -70.06 14.87 1.78
N GLU C 109 -70.06 14.86 0.44
CA GLU C 109 -71.23 14.40 -0.29
C GLU C 109 -71.42 12.90 -0.11
N LEU C 110 -70.33 12.14 -0.12
CA LEU C 110 -70.39 10.70 0.02
C LEU C 110 -70.89 10.31 1.40
N LYS C 111 -70.42 10.99 2.45
CA LYS C 111 -70.91 10.63 3.78
C LYS C 111 -72.36 11.07 3.96
N LYS C 112 -72.71 12.27 3.48
CA LYS C 112 -74.07 12.76 3.66
C LYS C 112 -75.07 11.95 2.81
N ASN C 113 -74.67 11.58 1.60
CA ASN C 113 -75.55 10.85 0.67
C ASN C 113 -74.75 9.77 -0.04
N PRO C 114 -74.60 8.60 0.58
CA PRO C 114 -73.62 7.61 0.08
C PRO C 114 -74.07 6.90 -1.19
N SER C 115 -74.29 7.68 -2.24
CA SER C 115 -74.63 7.15 -3.55
C SER C 115 -73.42 6.47 -4.19
N GLU C 116 -73.68 5.42 -4.97
CA GLU C 116 -72.58 4.73 -5.63
C GLU C 116 -71.77 5.71 -6.48
N ASP C 117 -72.45 6.69 -7.09
CA ASP C 117 -71.74 7.66 -7.92
C ASP C 117 -70.73 8.42 -7.08
N ALA C 118 -71.04 8.67 -5.81
CA ALA C 118 -70.10 9.38 -4.96
C ALA C 118 -68.87 8.53 -4.69
N LEU C 119 -69.03 7.21 -4.61
CA LEU C 119 -67.86 6.35 -4.41
C LEU C 119 -67.00 6.36 -5.66
N VAL C 120 -67.66 6.38 -6.83
CA VAL C 120 -66.90 6.42 -8.08
C VAL C 120 -66.12 7.72 -8.14
N GLU C 121 -66.77 8.82 -7.77
CA GLU C 121 -66.10 10.12 -7.76
C GLU C 121 -64.96 10.12 -6.77
N HIS C 122 -65.14 9.45 -5.63
CA HIS C 122 -64.06 9.36 -4.65
C HIS C 122 -62.84 8.70 -5.28
N ASN C 123 -63.02 7.56 -5.93
CA ASN C 123 -61.86 6.88 -6.50
C ASN C 123 -61.25 7.71 -7.62
N ARG C 124 -62.07 8.42 -8.39
CA ARG C 124 -61.54 9.27 -9.45
C ARG C 124 -60.68 10.38 -8.85
N ALA C 125 -61.17 11.00 -7.78
CA ALA C 125 -60.43 12.07 -7.13
C ALA C 125 -59.12 11.55 -6.56
N ILE C 126 -59.12 10.33 -6.04
CA ILE C 126 -57.87 9.77 -5.52
C ILE C 126 -56.88 9.59 -6.65
N VAL C 127 -57.34 9.11 -7.81
CA VAL C 127 -56.44 8.94 -8.94
C VAL C 127 -55.88 10.28 -9.39
N GLU C 128 -56.74 11.31 -9.46
CA GLU C 128 -56.23 12.62 -9.87
C GLU C 128 -55.19 13.11 -8.87
N HIS C 129 -55.43 12.87 -7.59
CA HIS C 129 -54.50 13.31 -6.57
C HIS C 129 -53.15 12.62 -6.75
N ASN C 130 -53.16 11.31 -7.00
CA ASN C 130 -51.89 10.62 -7.18
C ASN C 130 -51.17 11.12 -8.42
N ALA C 131 -51.90 11.40 -9.50
CA ALA C 131 -51.25 11.94 -10.69
C ALA C 131 -50.60 13.27 -10.38
N ILE C 132 -51.25 14.07 -9.55
CA ILE C 132 -50.70 15.36 -9.17
C ILE C 132 -49.45 15.16 -8.33
N ILE C 133 -49.48 14.22 -7.39
CA ILE C 133 -48.29 13.98 -6.57
C ILE C 133 -47.13 13.59 -7.48
N VAL C 134 -47.40 12.76 -8.48
CA VAL C 134 -46.32 12.31 -9.35
C VAL C 134 -45.72 13.49 -10.10
N GLU C 135 -46.57 14.38 -10.61
CA GLU C 135 -46.03 15.55 -11.29
C GLU C 135 -45.27 16.44 -10.31
N ASN C 136 -45.80 16.61 -9.11
CA ASN C 136 -45.14 17.45 -8.11
C ASN C 136 -43.76 16.91 -7.77
N ASN C 137 -43.64 15.59 -7.57
CA ASN C 137 -42.34 15.05 -7.21
C ASN C 137 -41.38 15.07 -8.38
N ARG C 138 -41.88 14.94 -9.61
CA ARG C 138 -40.99 15.10 -10.75
C ARG C 138 -40.41 16.50 -10.76
N ILE C 139 -41.27 17.49 -10.55
CA ILE C 139 -40.83 18.88 -10.55
C ILE C 139 -39.85 19.14 -9.42
N ILE C 140 -40.14 18.61 -8.23
CA ILE C 140 -39.22 18.80 -7.12
C ILE C 140 -37.87 18.15 -7.43
N ALA C 141 -37.87 16.94 -7.97
CA ALA C 141 -36.58 16.32 -8.27
C ALA C 141 -35.80 17.18 -9.24
N ALA C 142 -36.49 17.77 -10.22
CA ALA C 142 -35.82 18.65 -11.17
C ALA C 142 -35.27 19.89 -10.50
N VAL C 143 -36.03 20.48 -9.57
CA VAL C 143 -35.54 21.68 -8.92
C VAL C 143 -34.38 21.32 -8.01
N LEU C 144 -34.42 20.13 -7.41
CA LEU C 144 -33.31 19.71 -6.56
C LEU C 144 -32.05 19.57 -7.38
N GLU C 145 -32.18 19.00 -8.58
CA GLU C 145 -30.99 18.90 -9.44
C GLU C 145 -30.48 20.28 -9.78
N LEU C 146 -31.39 21.22 -10.02
CA LEU C 146 -30.96 22.59 -10.33
C LEU C 146 -30.26 23.22 -9.14
N ILE C 147 -30.75 22.95 -7.93
CA ILE C 147 -30.12 23.50 -6.73
C ILE C 147 -28.74 22.91 -6.54
N VAL C 148 -28.63 21.59 -6.66
CA VAL C 148 -27.34 20.93 -6.45
C VAL C 148 -26.33 21.45 -7.46
N ARG C 149 -26.75 21.60 -8.71
CA ARG C 149 -25.84 22.14 -9.72
C ARG C 149 -25.51 23.59 -9.44
N ALA C 150 -26.51 24.41 -9.09
CA ALA C 150 -26.28 25.83 -8.85
C ALA C 150 -25.33 26.06 -7.67
N LEU C 151 -25.38 25.20 -6.66
CA LEU C 151 -24.52 25.36 -5.50
C LEU C 151 -23.19 24.64 -5.66
N ASN C 152 -22.97 23.98 -6.80
CA ASN C 152 -21.74 23.25 -7.07
C ASN C 152 -21.38 22.28 -5.95
N LEU C 153 -22.36 21.49 -5.52
CA LEU C 153 -22.08 20.53 -4.46
C LEU C 153 -21.40 19.31 -5.05
N THR C 154 -20.43 18.78 -4.29
CA THR C 154 -19.71 17.57 -4.66
C THR C 154 -19.87 16.45 -3.64
N ASP C 155 -20.61 16.67 -2.57
CA ASP C 155 -20.71 15.69 -1.51
C ASP C 155 -21.20 14.36 -2.05
N ALA C 156 -20.41 13.30 -1.82
CA ALA C 156 -20.81 11.99 -2.34
C ALA C 156 -22.19 11.59 -1.86
N GLU C 157 -22.55 11.99 -0.63
CA GLU C 157 -23.85 11.60 -0.11
C GLU C 157 -24.99 12.26 -0.88
N VAL C 158 -24.79 13.48 -1.37
CA VAL C 158 -25.88 14.13 -2.08
C VAL C 158 -25.99 13.52 -3.47
N ILE C 159 -24.86 13.17 -4.07
CA ILE C 159 -24.89 12.58 -5.40
C ILE C 159 -25.60 11.24 -5.33
N LYS C 160 -25.27 10.44 -4.32
CA LYS C 160 -25.94 9.16 -4.17
C LYS C 160 -27.43 9.36 -3.91
N ALA C 161 -27.78 10.35 -3.10
CA ALA C 161 -29.18 10.58 -2.82
C ALA C 161 -29.92 10.96 -4.10
N LEU C 162 -29.28 11.74 -4.96
CA LEU C 162 -29.91 12.11 -6.22
C LEU C 162 -30.10 10.90 -7.11
N ILE C 163 -29.14 9.96 -7.08
CA ILE C 163 -29.30 8.75 -7.88
C ILE C 163 -30.49 7.96 -7.35
N GLU C 164 -30.59 7.83 -6.03
CA GLU C 164 -31.70 7.10 -5.44
C GLU C 164 -33.00 7.78 -5.80
N LEU C 165 -33.00 9.11 -5.83
CA LEU C 165 -34.21 9.83 -6.17
C LEU C 165 -34.62 9.53 -7.60
N ARG C 166 -33.66 9.56 -8.53
CA ARG C 166 -33.99 9.29 -9.92
C ARG C 166 -34.58 7.89 -10.07
N LEU C 167 -34.01 6.91 -9.37
CA LEU C 167 -34.54 5.56 -9.47
C LEU C 167 -35.94 5.48 -8.87
N SER C 168 -36.16 6.18 -7.75
CA SER C 168 -37.48 6.12 -7.14
C SER C 168 -38.50 6.86 -7.98
N THR C 169 -38.07 7.87 -8.76
CA THR C 169 -39.05 8.53 -9.60
C THR C 169 -39.41 7.63 -10.77
N LEU C 170 -38.49 6.77 -11.20
CA LEU C 170 -38.85 5.83 -12.26
C LEU C 170 -39.85 4.82 -11.73
N GLU C 171 -39.62 4.35 -10.50
CA GLU C 171 -40.55 3.39 -9.92
C GLU C 171 -41.91 4.04 -9.71
N LEU C 172 -41.91 5.30 -9.27
CA LEU C 172 -43.15 6.00 -9.02
C LEU C 172 -43.95 6.19 -10.29
N VAL C 173 -43.28 6.57 -11.38
CA VAL C 173 -44.01 6.76 -12.63
C VAL C 173 -44.60 5.44 -13.11
N ALA C 174 -43.81 4.36 -13.06
CA ALA C 174 -44.36 3.09 -13.52
C ALA C 174 -45.53 2.65 -12.65
N ALA C 175 -45.41 2.83 -11.33
CA ALA C 175 -46.51 2.45 -10.46
C ALA C 175 -47.74 3.30 -10.74
N THR C 176 -47.53 4.58 -11.07
CA THR C 176 -48.66 5.45 -11.35
C THR C 176 -49.40 4.98 -12.58
N ALA C 177 -48.65 4.63 -13.63
CA ALA C 177 -49.30 4.15 -14.84
C ALA C 177 -50.08 2.88 -14.55
N SER C 178 -49.51 2.01 -13.70
CA SER C 178 -50.23 0.78 -13.37
C SER C 178 -51.51 1.10 -12.61
N LEU C 179 -51.45 2.06 -11.70
CA LEU C 179 -52.64 2.43 -10.94
C LEU C 179 -53.71 3.01 -11.85
N ARG C 180 -53.32 3.85 -12.81
CA ARG C 180 -54.31 4.41 -13.72
C ARG C 180 -54.97 3.31 -14.53
N GLU C 181 -54.19 2.34 -15.00
CA GLU C 181 -54.78 1.27 -15.79
C GLU C 181 -55.73 0.43 -14.94
N ILE C 182 -55.35 0.19 -13.69
CA ILE C 182 -56.22 -0.61 -12.82
C ILE C 182 -57.51 0.13 -12.56
N THR C 183 -57.43 1.45 -12.32
CA THR C 183 -58.64 2.23 -12.08
C THR C 183 -59.55 2.19 -13.30
N GLU C 184 -58.98 2.33 -14.50
CA GLU C 184 -59.81 2.27 -15.70
C GLU C 184 -60.47 0.90 -15.83
N GLU C 185 -59.74 -0.17 -15.50
CA GLU C 185 -60.35 -1.48 -15.60
C GLU C 185 -61.47 -1.65 -14.58
N LEU C 186 -61.28 -1.08 -13.38
CA LEU C 186 -62.33 -1.13 -12.38
C LEU C 186 -63.57 -0.39 -12.86
N LYS C 187 -63.36 0.80 -13.42
CA LYS C 187 -64.46 1.60 -13.93
C LYS C 187 -65.24 0.86 -15.01
N LYS C 188 -64.53 0.21 -15.93
CA LYS C 188 -65.22 -0.52 -17.00
C LYS C 188 -66.00 -1.72 -16.48
N ASN C 189 -65.44 -2.46 -15.52
CA ASN C 189 -66.08 -3.67 -14.98
C ASN C 189 -66.06 -3.67 -13.46
N PRO C 190 -66.83 -2.78 -12.82
CA PRO C 190 -66.78 -2.68 -11.37
C PRO C 190 -67.28 -3.96 -10.71
N SER C 191 -66.60 -4.35 -9.63
CA SER C 191 -66.96 -5.56 -8.90
C SER C 191 -66.28 -5.50 -7.54
N GLU C 192 -66.70 -6.41 -6.64
CA GLU C 192 -66.08 -6.47 -5.33
C GLU C 192 -64.63 -6.91 -5.43
N ASP C 193 -64.33 -7.86 -6.31
CA ASP C 193 -62.96 -8.34 -6.41
C ASP C 193 -62.09 -7.30 -7.09
N ALA C 194 -62.64 -6.64 -8.11
CA ALA C 194 -61.88 -5.60 -8.79
C ALA C 194 -61.66 -4.43 -7.85
N LEU C 195 -62.66 -4.12 -7.02
CA LEU C 195 -62.55 -2.99 -6.11
C LEU C 195 -61.51 -3.28 -5.04
N VAL C 196 -61.46 -4.51 -4.51
CA VAL C 196 -60.45 -4.79 -3.50
C VAL C 196 -59.07 -4.82 -4.14
N GLU C 197 -58.95 -5.27 -5.39
CA GLU C 197 -57.66 -5.26 -6.04
C GLU C 197 -57.21 -3.83 -6.27
N HIS C 198 -58.15 -2.95 -6.62
CA HIS C 198 -57.85 -1.54 -6.82
C HIS C 198 -57.37 -0.91 -5.52
N ASN C 199 -58.06 -1.21 -4.42
CA ASN C 199 -57.66 -0.66 -3.13
C ASN C 199 -56.27 -1.13 -2.75
N ARG C 200 -55.94 -2.38 -3.07
CA ARG C 200 -54.59 -2.85 -2.80
C ARG C 200 -53.59 -2.12 -3.66
N ALA C 201 -53.94 -1.87 -4.93
CA ALA C 201 -53.04 -1.14 -5.81
C ALA C 201 -52.78 0.24 -5.23
N ILE C 202 -53.80 0.84 -4.64
CA ILE C 202 -53.66 2.15 -4.00
C ILE C 202 -52.74 2.08 -2.81
N VAL C 203 -52.88 1.04 -1.98
CA VAL C 203 -52.00 0.96 -0.82
C VAL C 203 -50.54 0.83 -1.27
N GLU C 204 -50.30 0.00 -2.29
CA GLU C 204 -48.93 -0.16 -2.77
C GLU C 204 -48.42 1.16 -3.35
N HIS C 205 -49.29 1.88 -4.06
CA HIS C 205 -48.90 3.16 -4.64
C HIS C 205 -48.55 4.15 -3.54
N ASN C 206 -49.35 4.22 -2.49
CA ASN C 206 -49.05 5.15 -1.41
C ASN C 206 -47.73 4.79 -0.76
N ALA C 207 -47.44 3.48 -0.62
CA ALA C 207 -46.16 3.10 -0.05
C ALA C 207 -45.01 3.59 -0.92
N ILE C 208 -45.19 3.54 -2.24
CA ILE C 208 -44.16 4.02 -3.13
C ILE C 208 -43.99 5.53 -3.00
N ILE C 209 -45.12 6.25 -2.90
CA ILE C 209 -45.04 7.70 -2.73
C ILE C 209 -44.30 8.03 -1.44
N VAL C 210 -44.58 7.28 -0.37
CA VAL C 210 -43.91 7.52 0.90
C VAL C 210 -42.41 7.34 0.75
N GLU C 211 -41.99 6.29 0.04
CA GLU C 211 -40.55 6.09 -0.17
C GLU C 211 -39.95 7.22 -0.99
N ASN C 212 -40.67 7.69 -2.01
CA ASN C 212 -40.16 8.78 -2.83
C ASN C 212 -40.02 10.05 -2.00
N ASN C 213 -40.98 10.30 -1.12
CA ASN C 213 -40.91 11.48 -0.27
C ASN C 213 -39.78 11.34 0.73
N ARG C 214 -39.52 10.11 1.20
CA ARG C 214 -38.41 9.92 2.12
C ARG C 214 -37.11 10.30 1.45
N ILE C 215 -36.95 9.89 0.19
CA ILE C 215 -35.71 10.20 -0.51
C ILE C 215 -35.60 11.71 -0.75
N ILE C 216 -36.71 12.35 -1.14
CA ILE C 216 -36.66 13.80 -1.34
C ILE C 216 -36.26 14.48 -0.04
N ALA C 217 -36.84 14.04 1.07
CA ALA C 217 -36.48 14.62 2.36
C ALA C 217 -35.01 14.43 2.66
N ALA C 218 -34.46 13.27 2.34
CA ALA C 218 -33.03 13.04 2.59
C ALA C 218 -32.18 14.00 1.76
N VAL C 219 -32.59 14.25 0.51
CA VAL C 219 -31.82 15.14 -0.34
C VAL C 219 -31.88 16.56 0.24
N LEU C 220 -33.07 17.00 0.66
CA LEU C 220 -33.17 18.33 1.22
C LEU C 220 -32.35 18.44 2.49
N GLU C 221 -32.35 17.40 3.32
CA GLU C 221 -31.55 17.43 4.54
C GLU C 221 -30.09 17.62 4.20
N LEU C 222 -29.60 16.92 3.17
CA LEU C 222 -28.20 17.05 2.79
C LEU C 222 -27.90 18.44 2.23
N ILE C 223 -28.83 19.02 1.48
CA ILE C 223 -28.61 20.36 0.94
C ILE C 223 -28.60 21.40 2.06
N VAL C 224 -29.56 21.31 2.99
CA VAL C 224 -29.66 22.31 4.05
C VAL C 224 -28.53 22.15 5.04
N GLY C 225 -28.23 20.92 5.45
CA GLY C 225 -27.20 20.66 6.43
C GLY C 225 -25.86 20.38 5.82
N GLY D 2 -35.55 1.54 -30.07
CA GLY D 2 -34.54 2.03 -29.11
C GLY D 2 -33.14 2.06 -29.68
N SER D 3 -32.37 0.99 -29.41
CA SER D 3 -30.98 0.94 -29.86
C SER D 3 -30.86 0.87 -31.37
N GLU D 4 -31.93 0.49 -32.05
CA GLU D 4 -31.89 0.39 -33.51
C GLU D 4 -31.54 1.74 -34.15
N VAL D 5 -32.01 2.83 -33.57
CA VAL D 5 -31.76 4.15 -34.14
C VAL D 5 -30.51 4.76 -33.52
N GLU D 6 -30.36 4.61 -32.20
CA GLU D 6 -29.19 5.18 -31.53
C GLU D 6 -27.91 4.67 -32.16
N ILE D 7 -27.86 3.39 -32.51
CA ILE D 7 -26.66 2.83 -33.13
C ILE D 7 -26.48 3.38 -34.55
N LEU D 8 -27.58 3.57 -35.27
CA LEU D 8 -27.46 4.15 -36.60
C LEU D 8 -26.88 5.56 -36.51
N LYS D 9 -27.26 6.28 -35.47
CA LYS D 9 -26.72 7.62 -35.29
C LYS D 9 -25.25 7.57 -34.92
N ALA D 10 -24.86 6.60 -34.10
CA ALA D 10 -23.44 6.47 -33.79
C ALA D 10 -22.63 6.18 -35.05
N LEU D 11 -23.19 5.36 -35.96
CA LEU D 11 -22.49 5.09 -37.21
C LEU D 11 -22.39 6.35 -38.06
N LEU D 12 -23.46 7.15 -38.05
CA LEU D 12 -23.41 8.39 -38.82
C LEU D 12 -22.33 9.30 -38.24
N GLU D 13 -22.24 9.34 -36.91
CA GLU D 13 -21.20 10.13 -36.28
C GLU D 13 -19.82 9.67 -36.70
N LEU D 14 -19.61 8.35 -36.76
CA LEU D 14 -18.29 7.88 -37.15
C LEU D 14 -17.98 8.30 -38.58
N LYS D 15 -18.97 8.23 -39.45
CA LYS D 15 -18.76 8.68 -40.83
C LYS D 15 -18.40 10.15 -40.89
N LYS D 16 -19.07 10.97 -40.09
CA LYS D 16 -18.82 12.40 -40.15
C LYS D 16 -17.49 12.76 -39.48
N SER D 17 -17.12 12.09 -38.40
CA SER D 17 -15.85 12.45 -37.78
C SER D 17 -14.72 11.98 -38.66
N THR D 18 -14.94 10.90 -39.42
CA THR D 18 -13.92 10.45 -40.35
C THR D 18 -13.75 11.46 -41.46
N ALA D 19 -14.86 11.95 -42.02
CA ALA D 19 -14.74 12.95 -43.08
C ALA D 19 -14.05 14.20 -42.55
N GLU D 20 -14.37 14.59 -41.31
CA GLU D 20 -13.70 15.73 -40.71
C GLU D 20 -12.21 15.47 -40.59
N LEU D 21 -11.82 14.28 -40.14
CA LEU D 21 -10.40 14.00 -39.96
C LEU D 21 -9.68 14.11 -41.29
N LYS D 22 -10.27 13.54 -42.33
CA LYS D 22 -9.62 13.58 -43.64
C LYS D 22 -9.45 15.02 -44.11
N ARG D 23 -10.48 15.85 -43.90
CA ARG D 23 -10.37 17.25 -44.34
C ARG D 23 -9.41 18.04 -43.46
N ALA D 24 -9.40 17.79 -42.16
CA ALA D 24 -8.48 18.51 -41.29
C ALA D 24 -7.05 18.16 -41.65
N THR D 25 -6.82 16.90 -42.00
CA THR D 25 -5.48 16.47 -42.38
C THR D 25 -5.08 17.15 -43.68
N ALA D 26 -6.02 17.23 -44.62
CA ALA D 26 -5.72 17.89 -45.88
C ALA D 26 -5.35 19.35 -45.65
N SER D 27 -6.03 20.02 -44.72
CA SER D 27 -5.61 21.41 -44.51
C SER D 27 -4.28 21.43 -43.78
N LEU D 28 -4.01 20.45 -42.91
CA LEU D 28 -2.73 20.43 -42.20
C LEU D 28 -1.59 20.48 -43.21
N ARG D 29 -1.71 19.64 -44.24
CA ARG D 29 -0.65 19.55 -45.25
C ARG D 29 -0.65 20.75 -46.18
N ALA D 30 -1.83 21.23 -46.59
CA ALA D 30 -1.85 22.38 -47.47
C ALA D 30 -1.19 23.55 -46.77
N ILE D 31 -1.38 23.63 -45.46
CA ILE D 31 -0.81 24.71 -44.67
C ILE D 31 0.71 24.59 -44.66
N THR D 32 1.22 23.40 -44.35
CA THR D 32 2.67 23.27 -44.27
C THR D 32 3.33 23.64 -45.61
N GLU D 33 2.79 23.09 -46.72
CA GLU D 33 3.36 23.35 -48.04
C GLU D 33 3.20 24.78 -48.51
N GLU D 34 2.07 25.43 -48.24
CA GLU D 34 1.92 26.78 -48.75
C GLU D 34 2.60 27.79 -47.84
N LEU D 35 2.57 27.59 -46.54
CA LEU D 35 3.14 28.60 -45.67
C LEU D 35 4.66 28.53 -45.65
N LYS D 36 5.28 27.36 -45.87
CA LYS D 36 6.73 27.38 -45.82
C LYS D 36 7.29 28.25 -46.94
N LYS D 37 6.48 28.53 -47.96
CA LYS D 37 6.91 29.37 -49.06
C LYS D 37 7.22 30.79 -48.59
N ASN D 38 6.51 31.27 -47.56
CA ASN D 38 6.71 32.62 -47.04
C ASN D 38 6.34 32.64 -45.58
N PRO D 39 7.29 32.33 -44.69
CA PRO D 39 7.00 32.32 -43.24
C PRO D 39 6.55 33.67 -42.68
N SER D 40 6.66 34.76 -43.42
CA SER D 40 6.24 36.05 -42.88
C SER D 40 4.73 36.16 -42.73
N GLU D 41 3.96 35.25 -43.33
CA GLU D 41 2.50 35.24 -43.17
C GLU D 41 2.20 34.49 -41.87
N ASP D 42 2.51 35.15 -40.76
CA ASP D 42 2.49 34.49 -39.46
C ASP D 42 1.07 34.20 -39.01
N ALA D 43 0.18 35.18 -39.18
CA ALA D 43 -1.20 35.00 -38.72
C ALA D 43 -1.87 33.83 -39.42
N LEU D 44 -1.62 33.67 -40.72
CA LEU D 44 -2.28 32.60 -41.46
C LEU D 44 -1.79 31.23 -41.01
N VAL D 45 -0.48 31.08 -40.82
CA VAL D 45 0.04 29.77 -40.45
C VAL D 45 -0.30 29.44 -39.01
N GLU D 46 -0.25 30.44 -38.12
CA GLU D 46 -0.53 30.14 -36.72
C GLU D 46 -2.01 29.86 -36.52
N HIS D 47 -2.87 30.59 -37.24
CA HIS D 47 -4.29 30.36 -37.06
C HIS D 47 -4.65 29.00 -37.62
N ASN D 48 -4.11 28.64 -38.79
CA ASN D 48 -4.48 27.36 -39.36
C ASN D 48 -3.91 26.21 -38.55
N ARG D 49 -2.73 26.37 -37.95
CA ARG D 49 -2.22 25.29 -37.12
C ARG D 49 -3.10 25.10 -35.89
N ALA D 50 -3.58 26.20 -35.31
CA ALA D 50 -4.48 26.07 -34.17
C ALA D 50 -5.75 25.36 -34.61
N ILE D 51 -6.23 25.66 -35.82
CA ILE D 51 -7.44 25.04 -36.34
C ILE D 51 -7.25 23.55 -36.43
N VAL D 52 -6.09 23.15 -36.95
CA VAL D 52 -5.77 21.72 -37.10
C VAL D 52 -5.71 21.03 -35.75
N GLU D 53 -5.08 21.66 -34.75
CA GLU D 53 -5.02 21.02 -33.44
C GLU D 53 -6.42 20.88 -32.86
N HIS D 54 -7.28 21.88 -33.05
CA HIS D 54 -8.61 21.81 -32.50
C HIS D 54 -9.39 20.66 -33.13
N ASN D 55 -9.24 20.51 -34.45
CA ASN D 55 -9.97 19.45 -35.12
C ASN D 55 -9.44 18.09 -34.70
N ALA D 56 -8.12 17.96 -34.54
CA ALA D 56 -7.58 16.66 -34.14
C ALA D 56 -8.13 16.26 -32.79
N ILE D 57 -8.26 17.22 -31.87
CA ILE D 57 -8.80 16.91 -30.55
C ILE D 57 -10.26 16.51 -30.68
N ILE D 58 -11.03 17.24 -31.50
CA ILE D 58 -12.44 16.94 -31.63
C ILE D 58 -12.63 15.54 -32.19
N VAL D 59 -11.82 15.16 -33.18
CA VAL D 59 -11.93 13.81 -33.76
C VAL D 59 -11.62 12.75 -32.70
N GLU D 60 -10.59 12.96 -31.90
CA GLU D 60 -10.27 11.97 -30.88
C GLU D 60 -11.38 11.88 -29.85
N ASN D 61 -11.96 13.02 -29.47
CA ASN D 61 -13.05 12.99 -28.51
C ASN D 61 -14.26 12.29 -29.08
N ASN D 62 -14.56 12.49 -30.37
CA ASN D 62 -15.72 11.83 -30.94
C ASN D 62 -15.52 10.33 -30.92
N ARG D 63 -14.29 9.89 -31.18
CA ARG D 63 -14.01 8.47 -31.13
C ARG D 63 -14.26 7.90 -29.74
N ILE D 64 -13.77 8.61 -28.72
CA ILE D 64 -13.93 8.10 -27.35
C ILE D 64 -15.40 8.09 -26.95
N ILE D 65 -16.12 9.16 -27.26
CA ILE D 65 -17.52 9.25 -26.89
C ILE D 65 -18.29 8.13 -27.55
N ALA D 66 -18.04 7.88 -28.84
CA ALA D 66 -18.75 6.80 -29.49
C ALA D 66 -18.41 5.47 -28.83
N ALA D 67 -17.15 5.30 -28.44
CA ALA D 67 -16.75 4.05 -27.79
C ALA D 67 -17.52 3.83 -26.49
N VAL D 68 -17.81 4.89 -25.75
CA VAL D 68 -18.58 4.73 -24.51
C VAL D 68 -20.04 4.50 -24.80
N LEU D 69 -20.59 5.26 -25.74
CA LEU D 69 -22.00 5.11 -26.04
C LEU D 69 -22.26 3.71 -26.57
N MET D 70 -21.31 3.09 -27.27
CA MET D 70 -21.54 1.72 -27.70
C MET D 70 -21.74 0.78 -26.52
N LEU D 71 -21.18 1.10 -25.36
CA LEU D 71 -21.37 0.23 -24.21
C LEU D 71 -22.76 0.44 -23.66
N ILE D 72 -23.23 1.68 -23.74
CA ILE D 72 -24.60 1.91 -23.29
C ILE D 72 -25.56 1.21 -24.24
N VAL D 73 -25.29 1.31 -25.54
CA VAL D 73 -26.14 0.70 -26.56
C VAL D 73 -26.20 -0.82 -26.36
N VAL D 74 -25.07 -1.46 -26.09
CA VAL D 74 -25.11 -2.90 -25.91
C VAL D 74 -25.94 -3.24 -24.67
N ALA D 75 -25.84 -2.42 -23.61
CA ALA D 75 -26.69 -2.69 -22.46
C ALA D 75 -28.16 -2.54 -22.82
N VAL D 76 -28.49 -1.54 -23.64
CA VAL D 76 -29.87 -1.28 -24.04
C VAL D 76 -30.44 -2.42 -24.87
N GLY D 77 -29.63 -2.97 -25.78
CA GLY D 77 -30.08 -4.03 -26.68
C GLY D 77 -30.53 -5.31 -25.99
N MET D 78 -30.25 -5.48 -24.71
CA MET D 78 -30.64 -6.67 -23.97
C MET D 78 -31.96 -6.50 -23.26
N THR D 79 -32.67 -5.41 -23.52
CA THR D 79 -33.94 -5.14 -22.84
C THR D 79 -34.92 -6.30 -22.92
N GLN D 80 -35.09 -6.91 -24.11
CA GLN D 80 -36.08 -7.98 -24.21
C GLN D 80 -35.60 -9.25 -23.52
N GLU D 81 -34.30 -9.50 -23.53
CA GLU D 81 -33.79 -10.70 -22.88
C GLU D 81 -33.97 -10.57 -21.37
N ILE D 82 -33.74 -9.36 -20.86
CA ILE D 82 -33.90 -9.12 -19.44
C ILE D 82 -35.38 -9.19 -19.07
N LYS D 83 -36.24 -8.57 -19.87
CA LYS D 83 -37.67 -8.63 -19.60
C LYS D 83 -38.14 -10.08 -19.51
N LYS D 84 -37.70 -10.94 -20.43
CA LYS D 84 -38.14 -12.33 -20.36
C LYS D 84 -37.56 -13.04 -19.15
N ALA D 85 -36.29 -12.75 -18.80
CA ALA D 85 -35.73 -13.35 -17.60
C ALA D 85 -36.51 -12.94 -16.38
N LEU D 86 -36.95 -11.68 -16.32
CA LEU D 86 -37.76 -11.23 -15.20
C LEU D 86 -39.10 -11.92 -15.19
N GLU D 87 -39.72 -12.10 -16.35
CA GLU D 87 -41.01 -12.76 -16.35
C GLU D 87 -40.88 -14.16 -15.77
N GLU D 88 -39.78 -14.86 -16.12
CA GLU D 88 -39.57 -16.19 -15.57
C GLU D 88 -39.32 -16.12 -14.08
N LEU D 89 -38.56 -15.12 -13.62
CA LEU D 89 -38.25 -15.03 -12.21
C LEU D 89 -39.50 -14.71 -11.41
N VAL D 90 -40.38 -13.89 -11.96
CA VAL D 90 -41.63 -13.55 -11.28
C VAL D 90 -42.51 -14.79 -11.18
N ALA D 91 -42.64 -15.53 -12.27
CA ALA D 91 -43.45 -16.74 -12.20
C ALA D 91 -42.87 -17.72 -11.20
N SER D 92 -41.54 -17.82 -11.14
CA SER D 92 -40.90 -18.72 -10.19
C SER D 92 -41.18 -18.28 -8.77
N THR D 93 -41.08 -16.98 -8.50
CA THR D 93 -41.34 -16.46 -7.17
C THR D 93 -42.77 -16.78 -6.76
N ALA D 94 -43.72 -16.57 -7.65
CA ALA D 94 -45.11 -16.85 -7.32
C ALA D 94 -45.30 -18.34 -7.05
N GLU D 95 -44.62 -19.20 -7.81
CA GLU D 95 -44.77 -20.63 -7.58
C GLU D 95 -44.16 -21.00 -6.25
N LEU D 96 -43.05 -20.35 -5.89
CA LEU D 96 -42.40 -20.66 -4.62
C LEU D 96 -43.32 -20.25 -3.49
N LYS D 97 -43.98 -19.11 -3.63
CA LYS D 97 -44.94 -18.67 -2.62
C LYS D 97 -46.07 -19.67 -2.47
N ARG D 98 -46.60 -20.17 -3.59
CA ARG D 98 -47.68 -21.13 -3.50
C ARG D 98 -47.21 -22.39 -2.79
N ALA D 99 -46.00 -22.85 -3.11
CA ALA D 99 -45.48 -24.04 -2.45
C ALA D 99 -45.31 -23.79 -0.96
N THR D 100 -44.87 -22.59 -0.58
CA THR D 100 -44.69 -22.28 0.84
C THR D 100 -46.02 -22.27 1.56
N ALA D 101 -47.03 -21.64 0.97
CA ALA D 101 -48.34 -21.62 1.63
C ALA D 101 -48.90 -23.02 1.75
N SER D 102 -48.69 -23.84 0.72
CA SER D 102 -49.17 -25.21 0.76
C SER D 102 -48.48 -25.97 1.88
N LEU D 103 -47.16 -25.79 2.00
CA LEU D 103 -46.41 -26.48 3.04
C LEU D 103 -46.87 -26.04 4.41
N ARG D 104 -47.12 -24.75 4.60
CA ARG D 104 -47.59 -24.28 5.90
C ARG D 104 -48.91 -24.95 6.26
N ALA D 105 -49.84 -25.00 5.31
CA ALA D 105 -51.12 -25.63 5.58
C ALA D 105 -50.94 -27.11 5.89
N ILE D 106 -50.02 -27.76 5.20
CA ILE D 106 -49.77 -29.17 5.47
C ILE D 106 -49.21 -29.33 6.87
N THR D 107 -48.28 -28.46 7.27
CA THR D 107 -47.69 -28.54 8.59
C THR D 107 -48.78 -28.43 9.65
N GLU D 108 -49.71 -27.48 9.49
CA GLU D 108 -50.79 -27.32 10.45
C GLU D 108 -51.68 -28.56 10.49
N GLU D 109 -51.97 -29.14 9.32
CA GLU D 109 -52.83 -30.32 9.28
C GLU D 109 -52.13 -31.52 9.91
N LEU D 110 -50.84 -31.66 9.65
CA LEU D 110 -50.07 -32.78 10.19
C LEU D 110 -49.94 -32.68 11.70
N LYS D 111 -49.74 -31.48 12.23
CA LYS D 111 -49.64 -31.36 13.68
C LYS D 111 -51.01 -31.56 14.33
N LYS D 112 -52.06 -30.99 13.74
CA LYS D 112 -53.39 -31.12 14.34
C LYS D 112 -53.90 -32.55 14.27
N ASN D 113 -53.63 -33.23 13.15
CA ASN D 113 -54.11 -34.61 12.93
C ASN D 113 -53.00 -35.41 12.26
N PRO D 114 -52.06 -35.96 13.04
CA PRO D 114 -50.83 -36.51 12.44
C PRO D 114 -51.05 -37.85 11.75
N SER D 115 -51.90 -37.83 10.73
CA SER D 115 -52.15 -39.00 9.90
C SER D 115 -50.94 -39.27 9.00
N GLU D 116 -50.71 -40.57 8.72
CA GLU D 116 -49.60 -40.93 7.85
C GLU D 116 -49.71 -40.22 6.51
N ASP D 117 -50.94 -40.04 6.03
CA ASP D 117 -51.13 -39.36 4.75
C ASP D 117 -50.58 -37.94 4.82
N ALA D 118 -50.66 -37.30 5.99
CA ALA D 118 -50.14 -35.95 6.12
C ALA D 118 -48.62 -35.97 6.03
N LEU D 119 -47.97 -37.03 6.52
CA LEU D 119 -46.52 -37.10 6.41
C LEU D 119 -46.14 -37.29 4.94
N VAL D 120 -46.93 -38.08 4.22
CA VAL D 120 -46.66 -38.28 2.80
C VAL D 120 -46.80 -36.96 2.06
N GLU D 121 -47.85 -36.21 2.39
CA GLU D 121 -48.05 -34.91 1.76
C GLU D 121 -46.92 -33.97 2.10
N HIS D 122 -46.41 -34.05 3.33
CA HIS D 122 -45.27 -33.24 3.72
C HIS D 122 -44.08 -33.52 2.82
N ASN D 123 -43.75 -34.79 2.62
CA ASN D 123 -42.59 -35.09 1.80
C ASN D 123 -42.83 -34.67 0.35
N ARG D 124 -44.07 -34.79 -0.12
CA ARG D 124 -44.35 -34.35 -1.48
C ARG D 124 -44.14 -32.84 -1.60
N ALA D 125 -44.64 -32.09 -0.62
CA ALA D 125 -44.48 -30.65 -0.64
C ALA D 125 -43.02 -30.25 -0.58
N ILE D 126 -42.22 -30.98 0.19
CA ILE D 126 -40.79 -30.66 0.27
C ILE D 126 -40.13 -30.88 -1.07
N VAL D 127 -40.49 -31.97 -1.76
CA VAL D 127 -39.90 -32.23 -3.07
C VAL D 127 -40.31 -31.14 -4.05
N GLU D 128 -41.58 -30.74 -4.03
CA GLU D 128 -41.99 -29.67 -4.94
C GLU D 128 -41.22 -28.40 -4.65
N HIS D 129 -41.01 -28.11 -3.37
CA HIS D 129 -40.28 -26.91 -3.00
C HIS D 129 -38.86 -26.95 -3.54
N ASN D 130 -38.19 -28.09 -3.41
CA ASN D 130 -36.82 -28.17 -3.93
C ASN D 130 -36.81 -28.03 -5.44
N ALA D 131 -37.80 -28.60 -6.13
CA ALA D 131 -37.84 -28.43 -7.58
C ALA D 131 -38.01 -26.96 -7.93
N ILE D 132 -38.79 -26.24 -7.14
CA ILE D 132 -38.98 -24.82 -7.38
C ILE D 132 -37.68 -24.06 -7.15
N ILE D 133 -36.96 -24.38 -6.08
CA ILE D 133 -35.70 -23.69 -5.85
C ILE D 133 -34.76 -23.92 -7.03
N VAL D 134 -34.73 -25.15 -7.54
CA VAL D 134 -33.81 -25.43 -8.64
C VAL D 134 -34.18 -24.61 -9.87
N GLU D 135 -35.48 -24.50 -10.18
CA GLU D 135 -35.85 -23.67 -11.31
C GLU D 135 -35.53 -22.20 -11.05
N ASN D 136 -35.77 -21.75 -9.82
CA ASN D 136 -35.49 -20.37 -9.45
C ASN D 136 -34.01 -20.05 -9.62
N ASN D 137 -33.13 -20.94 -9.15
CA ASN D 137 -31.71 -20.66 -9.25
C ASN D 137 -31.23 -20.75 -10.68
N ARG D 138 -31.83 -21.61 -11.50
CA ARG D 138 -31.47 -21.62 -12.90
C ARG D 138 -31.79 -20.27 -13.53
N ILE D 139 -32.97 -19.74 -13.22
CA ILE D 139 -33.40 -18.46 -13.77
C ILE D 139 -32.47 -17.35 -13.27
N ILE D 140 -32.14 -17.36 -11.99
CA ILE D 140 -31.25 -16.34 -11.47
C ILE D 140 -29.88 -16.43 -12.14
N ALA D 141 -29.34 -17.64 -12.31
CA ALA D 141 -28.05 -17.73 -12.96
C ALA D 141 -28.13 -17.13 -14.37
N ALA D 142 -29.24 -17.36 -15.06
CA ALA D 142 -29.41 -16.79 -16.39
C ALA D 142 -29.49 -15.27 -16.34
N VAL D 143 -30.19 -14.73 -15.35
CA VAL D 143 -30.29 -13.28 -15.29
C VAL D 143 -28.95 -12.70 -14.88
N LEU D 144 -28.18 -13.41 -14.05
CA LEU D 144 -26.86 -12.89 -13.68
C LEU D 144 -25.97 -12.83 -14.91
N GLU D 145 -26.03 -13.85 -15.76
CA GLU D 145 -25.23 -13.79 -16.97
C GLU D 145 -25.66 -12.61 -17.83
N LEU D 146 -26.97 -12.37 -17.90
CA LEU D 146 -27.47 -11.24 -18.69
C LEU D 146 -26.98 -9.93 -18.09
N ILE D 147 -26.93 -9.83 -16.76
CA ILE D 147 -26.47 -8.61 -16.12
C ILE D 147 -24.99 -8.41 -16.39
N VAL D 148 -24.20 -9.46 -16.25
CA VAL D 148 -22.76 -9.35 -16.45
C VAL D 148 -22.47 -8.93 -17.88
N ARG D 149 -23.19 -9.51 -18.83
CA ARG D 149 -23.01 -9.12 -20.23
C ARG D 149 -23.49 -7.70 -20.48
N ALA D 150 -24.66 -7.34 -19.93
CA ALA D 150 -25.20 -6.01 -20.14
C ALA D 150 -24.30 -4.92 -19.58
N LEU D 151 -23.60 -5.18 -18.48
CA LEU D 151 -22.73 -4.18 -17.91
C LEU D 151 -21.31 -4.25 -18.46
N ASN D 152 -21.05 -5.17 -19.39
CA ASN D 152 -19.73 -5.33 -19.98
C ASN D 152 -18.64 -5.48 -18.91
N LEU D 153 -18.87 -6.34 -17.93
CA LEU D 153 -17.87 -6.51 -16.89
C LEU D 153 -16.76 -7.42 -17.37
N THR D 154 -15.53 -7.09 -17.00
CA THR D 154 -14.36 -7.88 -17.31
C THR D 154 -13.63 -8.38 -16.08
N ASP D 155 -14.12 -8.07 -14.88
CA ASP D 155 -13.40 -8.41 -13.66
C ASP D 155 -13.17 -9.91 -13.59
N ALA D 156 -11.91 -10.32 -13.46
CA ALA D 156 -11.61 -11.75 -13.42
C ALA D 156 -12.39 -12.44 -12.32
N GLU D 157 -12.65 -11.75 -11.21
CA GLU D 157 -13.36 -12.38 -10.11
C GLU D 157 -14.80 -12.69 -10.49
N VAL D 158 -15.42 -11.85 -11.32
CA VAL D 158 -16.83 -12.13 -11.64
C VAL D 158 -16.86 -13.27 -12.65
N ILE D 159 -15.88 -13.33 -13.55
CA ILE D 159 -15.87 -14.41 -14.54
C ILE D 159 -15.69 -15.73 -13.83
N LYS D 160 -14.76 -15.79 -12.89
CA LYS D 160 -14.55 -17.02 -12.13
C LYS D 160 -15.78 -17.37 -11.33
N ALA D 161 -16.43 -16.37 -10.73
CA ALA D 161 -17.62 -16.65 -9.94
C ALA D 161 -18.71 -17.23 -10.83
N LEU D 162 -18.84 -16.72 -12.06
CA LEU D 162 -19.83 -17.26 -12.96
C LEU D 162 -19.51 -18.70 -13.33
N ILE D 163 -18.22 -19.02 -13.48
CA ILE D 163 -17.86 -20.40 -13.78
C ILE D 163 -18.24 -21.30 -12.61
N GLU D 164 -17.93 -20.85 -11.39
CA GLU D 164 -18.26 -21.65 -10.22
C GLU D 164 -19.77 -21.83 -10.13
N LEU D 165 -20.52 -20.78 -10.48
CA LEU D 165 -21.97 -20.86 -10.44
C LEU D 165 -22.46 -21.91 -11.43
N ARG D 166 -21.93 -21.89 -12.65
CA ARG D 166 -22.38 -22.86 -13.65
C ARG D 166 -22.12 -24.28 -13.15
N LEU D 167 -20.95 -24.50 -12.54
CA LEU D 167 -20.65 -25.84 -12.06
C LEU D 167 -21.57 -26.22 -10.92
N SER D 168 -21.88 -25.26 -10.03
CA SER D 168 -22.75 -25.59 -8.92
C SER D 168 -24.17 -25.82 -9.40
N THR D 169 -24.57 -25.19 -10.51
CA THR D 169 -25.91 -25.45 -11.00
C THR D 169 -25.97 -26.84 -11.61
N LEU D 170 -24.84 -27.32 -12.15
CA LEU D 170 -24.85 -28.68 -12.67
C LEU D 170 -24.97 -29.66 -11.52
N GLU D 171 -24.25 -29.39 -10.43
CA GLU D 171 -24.32 -30.27 -9.28
C GLU D 171 -25.72 -30.26 -8.69
N LEU D 172 -26.34 -29.07 -8.64
CA LEU D 172 -27.66 -28.94 -8.08
C LEU D 172 -28.69 -29.70 -8.90
N VAL D 173 -28.61 -29.61 -10.23
CA VAL D 173 -29.58 -30.33 -11.05
C VAL D 173 -29.40 -31.83 -10.89
N ALA D 174 -28.16 -32.32 -10.90
CA ALA D 174 -27.98 -33.76 -10.72
C ALA D 174 -28.48 -34.22 -9.36
N ALA D 175 -28.19 -33.44 -8.31
CA ALA D 175 -28.67 -33.82 -6.99
C ALA D 175 -30.19 -33.80 -6.93
N THR D 176 -30.81 -32.85 -7.63
CA THR D 176 -32.25 -32.77 -7.61
C THR D 176 -32.86 -34.00 -8.27
N ALA D 177 -32.30 -34.43 -9.39
CA ALA D 177 -32.81 -35.62 -10.05
C ALA D 177 -32.65 -36.83 -9.13
N SER D 178 -31.53 -36.89 -8.41
CA SER D 178 -31.34 -38.01 -7.50
C SER D 178 -32.37 -37.97 -6.38
N LEU D 179 -32.66 -36.78 -5.86
CA LEU D 179 -33.65 -36.66 -4.80
C LEU D 179 -35.03 -37.07 -5.30
N ARG D 180 -35.39 -36.67 -6.51
CA ARG D 180 -36.70 -37.05 -7.04
C ARG D 180 -36.79 -38.56 -7.18
N GLU D 181 -35.72 -39.20 -7.65
CA GLU D 181 -35.76 -40.64 -7.80
C GLU D 181 -35.89 -41.32 -6.45
N ILE D 182 -35.18 -40.80 -5.44
CA ILE D 182 -35.25 -41.40 -4.12
C ILE D 182 -36.66 -41.24 -3.56
N THR D 183 -37.27 -40.08 -3.76
CA THR D 183 -38.62 -39.86 -3.27
C THR D 183 -39.59 -40.83 -3.93
N GLU D 184 -39.45 -41.04 -5.24
CA GLU D 184 -40.34 -41.97 -5.91
C GLU D 184 -40.15 -43.39 -5.37
N GLU D 185 -38.90 -43.77 -5.09
CA GLU D 185 -38.69 -45.11 -4.54
C GLU D 185 -39.28 -45.23 -3.14
N LEU D 186 -39.19 -44.17 -2.35
CA LEU D 186 -39.78 -44.18 -1.01
C LEU D 186 -41.28 -44.33 -1.10
N LYS D 187 -41.91 -43.56 -2.01
CA LYS D 187 -43.35 -43.63 -2.18
C LYS D 187 -43.80 -45.02 -2.59
N LYS D 188 -43.07 -45.65 -3.51
CA LYS D 188 -43.46 -46.99 -3.95
C LYS D 188 -43.30 -48.04 -2.85
N ASN D 189 -42.24 -47.96 -2.06
CA ASN D 189 -41.97 -48.94 -1.00
C ASN D 189 -41.63 -48.25 0.31
N PRO D 190 -42.60 -47.61 0.95
CA PRO D 190 -42.29 -46.85 2.18
C PRO D 190 -41.82 -47.78 3.29
N SER D 191 -40.82 -47.32 4.03
CA SER D 191 -40.27 -48.09 5.14
C SER D 191 -39.45 -47.15 6.02
N GLU D 192 -39.09 -47.65 7.21
CA GLU D 192 -38.26 -46.85 8.11
C GLU D 192 -36.87 -46.63 7.52
N ASP D 193 -36.31 -47.65 6.86
CA ASP D 193 -34.97 -47.51 6.32
C ASP D 193 -34.99 -46.61 5.10
N ALA D 194 -36.03 -46.74 4.28
CA ALA D 194 -36.14 -45.89 3.11
C ALA D 194 -36.38 -44.46 3.55
N LEU D 195 -37.14 -44.28 4.64
CA LEU D 195 -37.44 -42.94 5.12
C LEU D 195 -36.18 -42.27 5.67
N VAL D 196 -35.35 -43.02 6.40
CA VAL D 196 -34.13 -42.38 6.91
C VAL D 196 -33.17 -42.09 5.77
N GLU D 197 -33.14 -42.95 4.75
CA GLU D 197 -32.26 -42.68 3.61
C GLU D 197 -32.76 -41.45 2.87
N HIS D 198 -34.07 -41.30 2.76
CA HIS D 198 -34.67 -40.14 2.12
C HIS D 198 -34.34 -38.87 2.88
N ASN D 199 -34.44 -38.92 4.21
CA ASN D 199 -34.13 -37.75 5.01
C ASN D 199 -32.66 -37.36 4.84
N ARG D 200 -31.78 -38.36 4.73
CA ARG D 200 -30.38 -38.03 4.47
C ARG D 200 -30.24 -37.39 3.10
N ALA D 201 -30.98 -37.90 2.11
CA ALA D 201 -30.91 -37.33 0.77
C ALA D 201 -31.33 -35.87 0.82
N ILE D 202 -32.34 -35.56 1.63
CA ILE D 202 -32.80 -34.19 1.79
C ILE D 202 -31.72 -33.34 2.42
N VAL D 203 -31.05 -33.86 3.45
CA VAL D 203 -30.00 -33.04 4.08
C VAL D 203 -28.91 -32.74 3.06
N GLU D 204 -28.50 -33.74 2.27
CA GLU D 204 -27.46 -33.49 1.28
C GLU D 204 -27.93 -32.49 0.24
N HIS D 205 -29.20 -32.59 -0.17
CA HIS D 205 -29.73 -31.66 -1.15
C HIS D 205 -29.75 -30.25 -0.60
N ASN D 206 -30.17 -30.08 0.65
CA ASN D 206 -30.18 -28.74 1.23
C ASN D 206 -28.77 -28.20 1.31
N ALA D 207 -27.79 -29.05 1.61
CA ALA D 207 -26.41 -28.57 1.66
C ALA D 207 -25.98 -28.08 0.29
N ILE D 208 -26.42 -28.77 -0.76
CA ILE D 208 -26.08 -28.34 -2.12
C ILE D 208 -26.75 -27.01 -2.42
N ILE D 209 -28.01 -26.85 -2.03
CA ILE D 209 -28.71 -25.59 -2.24
C ILE D 209 -27.98 -24.48 -1.52
N VAL D 210 -27.51 -24.73 -0.30
CA VAL D 210 -26.81 -23.71 0.45
C VAL D 210 -25.55 -23.29 -0.29
N GLU D 211 -24.81 -24.25 -0.85
CA GLU D 211 -23.62 -23.89 -1.60
C GLU D 211 -23.97 -23.10 -2.87
N ASN D 212 -25.04 -23.49 -3.55
CA ASN D 212 -25.45 -22.76 -4.75
C ASN D 212 -25.84 -21.33 -4.41
N ASN D 213 -26.53 -21.13 -3.29
CA ASN D 213 -26.91 -19.79 -2.88
C ASN D 213 -25.69 -19.00 -2.46
N ARG D 214 -24.71 -19.65 -1.86
CA ARG D 214 -23.49 -18.95 -1.48
C ARG D 214 -22.83 -18.40 -2.72
N ILE D 215 -22.76 -19.20 -3.78
CA ILE D 215 -22.11 -18.75 -5.00
C ILE D 215 -22.92 -17.60 -5.62
N ILE D 216 -24.25 -17.73 -5.64
CA ILE D 216 -25.06 -16.65 -6.19
C ILE D 216 -24.80 -15.36 -5.42
N ALA D 217 -24.75 -15.47 -4.09
CA ALA D 217 -24.49 -14.29 -3.28
C ALA D 217 -23.12 -13.69 -3.61
N ALA D 218 -22.12 -14.54 -3.82
CA ALA D 218 -20.80 -14.02 -4.18
C ALA D 218 -20.85 -13.27 -5.50
N VAL D 219 -21.60 -13.79 -6.46
CA VAL D 219 -21.68 -13.13 -7.77
C VAL D 219 -22.36 -11.79 -7.61
N LEU D 220 -23.45 -11.74 -6.84
CA LEU D 220 -24.15 -10.48 -6.65
C LEU D 220 -23.24 -9.48 -5.93
N GLU D 221 -22.48 -9.95 -4.94
CA GLU D 221 -21.57 -9.06 -4.23
C GLU D 221 -20.58 -8.45 -5.20
N LEU D 222 -20.05 -9.26 -6.11
CA LEU D 222 -19.08 -8.75 -7.08
C LEU D 222 -19.72 -7.77 -8.05
N ILE D 223 -20.96 -8.03 -8.46
CA ILE D 223 -21.63 -7.11 -9.38
C ILE D 223 -21.93 -5.78 -8.69
N VAL D 224 -22.46 -5.81 -7.47
CA VAL D 224 -22.85 -4.58 -6.79
C VAL D 224 -21.62 -3.80 -6.36
N GLY D 225 -20.64 -4.48 -5.77
CA GLY D 225 -19.45 -3.84 -5.26
C GLY D 225 -18.31 -3.80 -6.26
N GLY E 2 -33.47 39.69 -13.33
CA GLY E 2 -32.99 38.42 -12.72
C GLY E 2 -33.74 38.06 -11.46
N SER E 3 -33.17 38.41 -10.31
CA SER E 3 -33.78 38.06 -9.03
C SER E 3 -35.10 38.76 -8.80
N GLU E 4 -35.37 39.84 -9.54
CA GLU E 4 -36.63 40.57 -9.37
C GLU E 4 -37.83 39.68 -9.64
N VAL E 5 -37.71 38.77 -10.61
CA VAL E 5 -38.83 37.91 -10.95
C VAL E 5 -38.76 36.61 -10.17
N GLU E 6 -37.55 36.04 -10.03
CA GLU E 6 -37.40 34.80 -9.31
C GLU E 6 -37.96 34.91 -7.89
N ILE E 7 -37.72 36.05 -7.24
CA ILE E 7 -38.24 36.24 -5.89
C ILE E 7 -39.75 36.41 -5.90
N LEU E 8 -40.29 37.06 -6.93
CA LEU E 8 -41.74 37.18 -7.01
C LEU E 8 -42.37 35.80 -7.15
N LYS E 9 -41.70 34.92 -7.88
CA LYS E 9 -42.22 33.57 -8.04
C LYS E 9 -42.11 32.81 -6.72
N ALA E 10 -41.03 33.01 -5.98
CA ALA E 10 -40.94 32.34 -4.69
C ALA E 10 -42.07 32.80 -3.77
N LEU E 11 -42.43 34.09 -3.83
CA LEU E 11 -43.53 34.57 -3.01
C LEU E 11 -44.84 33.96 -3.46
N LEU E 12 -45.01 33.79 -4.77
CA LEU E 12 -46.22 33.17 -5.27
C LEU E 12 -46.29 31.74 -4.77
N GLU E 13 -45.15 31.04 -4.78
CA GLU E 13 -45.12 29.69 -4.25
C GLU E 13 -45.53 29.64 -2.80
N LEU E 14 -45.05 30.60 -1.99
CA LEU E 14 -45.42 30.57 -0.58
C LEU E 14 -46.91 30.78 -0.43
N LYS E 15 -47.49 31.66 -1.24
CA LYS E 15 -48.92 31.88 -1.19
C LYS E 15 -49.69 30.60 -1.54
N LYS E 16 -49.21 29.89 -2.55
CA LYS E 16 -49.93 28.69 -2.99
C LYS E 16 -49.73 27.54 -2.01
N SER E 17 -48.55 27.40 -1.43
CA SER E 17 -48.38 26.29 -0.50
C SER E 17 -49.16 26.58 0.77
N THR E 18 -49.33 27.86 1.10
CA THR E 18 -50.14 28.22 2.26
C THR E 18 -51.60 27.87 2.00
N ALA E 19 -52.09 28.21 0.80
CA ALA E 19 -53.47 27.87 0.48
C ALA E 19 -53.67 26.37 0.51
N GLU E 20 -52.68 25.62 -0.01
CA GLU E 20 -52.76 24.17 0.04
C GLU E 20 -52.83 23.69 1.47
N LEU E 21 -52.00 24.26 2.35
CA LEU E 21 -51.98 23.81 3.73
C LEU E 21 -53.33 24.04 4.36
N LYS E 22 -53.92 25.20 4.11
CA LYS E 22 -55.22 25.51 4.70
C LYS E 22 -56.26 24.52 4.23
N ARG E 23 -56.24 24.19 2.93
CA ARG E 23 -57.23 23.24 2.42
C ARG E 23 -56.96 21.83 2.91
N ALA E 24 -55.71 21.43 3.00
CA ALA E 24 -55.39 20.10 3.49
C ALA E 24 -55.83 19.97 4.93
N THR E 25 -55.67 21.04 5.71
CA THR E 25 -56.09 21.02 7.10
C THR E 25 -57.60 20.90 7.20
N ALA E 26 -58.31 21.64 6.35
CA ALA E 26 -59.76 21.56 6.37
C ALA E 26 -60.21 20.14 6.05
N SER E 27 -59.56 19.48 5.10
CA SER E 27 -60.02 18.11 4.86
C SER E 27 -59.58 17.19 5.98
N LEU E 28 -58.43 17.45 6.60
CA LEU E 28 -57.98 16.61 7.72
C LEU E 28 -59.06 16.54 8.77
N ARG E 29 -59.60 17.72 9.12
CA ARG E 29 -60.60 17.79 10.17
C ARG E 29 -61.95 17.27 9.70
N ALA E 30 -62.35 17.60 8.47
CA ALA E 30 -63.63 17.11 8.01
C ALA E 30 -63.62 15.59 7.99
N ILE E 31 -62.48 15.01 7.64
CA ILE E 31 -62.35 13.56 7.57
C ILE E 31 -62.47 12.96 8.96
N THR E 32 -61.69 13.47 9.92
CA THR E 32 -61.72 12.87 11.25
C THR E 32 -63.12 12.93 11.86
N GLU E 33 -63.74 14.12 11.80
CA GLU E 33 -65.05 14.35 12.39
C GLU E 33 -66.16 13.57 11.69
N GLU E 34 -66.12 13.48 10.36
CA GLU E 34 -67.20 12.80 9.65
C GLU E 34 -67.01 11.30 9.65
N LEU E 35 -65.78 10.83 9.55
CA LEU E 35 -65.56 9.40 9.45
C LEU E 35 -65.75 8.72 10.79
N LYS E 36 -65.49 9.41 11.91
CA LYS E 36 -65.67 8.70 13.16
C LYS E 36 -67.13 8.30 13.34
N LYS E 37 -68.03 8.93 12.58
CA LYS E 37 -69.45 8.61 12.64
C LYS E 37 -69.71 7.16 12.21
N ASN E 38 -68.91 6.65 11.28
CA ASN E 38 -69.09 5.28 10.78
C ASN E 38 -67.74 4.73 10.32
N PRO E 39 -66.98 4.12 11.23
CA PRO E 39 -65.67 3.58 10.87
C PRO E 39 -65.69 2.49 9.80
N SER E 40 -66.87 1.94 9.45
CA SER E 40 -66.90 0.90 8.44
C SER E 40 -66.56 1.40 7.04
N GLU E 41 -66.55 2.71 6.82
CA GLU E 41 -66.16 3.26 5.52
C GLU E 41 -64.64 3.36 5.52
N ASP E 42 -64.00 2.19 5.44
CA ASP E 42 -62.56 2.09 5.64
C ASP E 42 -61.79 2.71 4.48
N ALA E 43 -62.22 2.43 3.24
CA ALA E 43 -61.50 2.93 2.09
C ALA E 43 -61.49 4.46 2.07
N LEU E 44 -62.62 5.08 2.42
CA LEU E 44 -62.68 6.54 2.37
C LEU E 44 -61.77 7.17 3.41
N VAL E 45 -61.78 6.65 4.64
CA VAL E 45 -60.97 7.27 5.68
C VAL E 45 -59.49 6.99 5.45
N GLU E 46 -59.15 5.78 5.00
CA GLU E 46 -57.73 5.48 4.83
C GLU E 46 -57.17 6.23 3.63
N HIS E 47 -57.97 6.37 2.57
CA HIS E 47 -57.46 7.07 1.41
C HIS E 47 -57.30 8.55 1.75
N ASN E 48 -58.27 9.14 2.45
CA ASN E 48 -58.15 10.54 2.74
C ASN E 48 -57.04 10.82 3.73
N ARG E 49 -56.78 9.90 4.67
CA ARG E 49 -55.67 10.13 5.58
C ARG E 49 -54.35 10.08 4.81
N ALA E 50 -54.24 9.16 3.85
CA ALA E 50 -53.01 9.13 3.06
C ALA E 50 -52.87 10.44 2.28
N ILE E 51 -53.98 10.97 1.80
CA ILE E 51 -53.97 12.21 1.04
C ILE E 51 -53.45 13.34 1.91
N VAL E 52 -53.92 13.39 3.15
CA VAL E 52 -53.49 14.41 4.09
C VAL E 52 -52.00 14.30 4.39
N GLU E 53 -51.51 13.08 4.60
CA GLU E 53 -50.09 12.94 4.87
C GLU E 53 -49.27 13.39 3.66
N HIS E 54 -49.73 13.07 2.45
CA HIS E 54 -48.97 13.45 1.27
C HIS E 54 -48.91 14.96 1.15
N ASN E 55 -50.04 15.63 1.42
CA ASN E 55 -50.04 17.08 1.31
C ASN E 55 -49.17 17.70 2.38
N ALA E 56 -49.20 17.16 3.60
CA ALA E 56 -48.37 17.74 4.65
C ALA E 56 -46.90 17.67 4.27
N ILE E 57 -46.50 16.56 3.67
CA ILE E 57 -45.10 16.42 3.25
C ILE E 57 -44.79 17.42 2.15
N ILE E 58 -45.70 17.56 1.18
CA ILE E 58 -45.44 18.48 0.08
C ILE E 58 -45.30 19.90 0.60
N VAL E 59 -46.15 20.30 1.54
CA VAL E 59 -46.06 21.65 2.10
C VAL E 59 -44.71 21.86 2.80
N GLU E 60 -44.27 20.87 3.58
CA GLU E 60 -43.00 21.02 4.26
C GLU E 60 -41.86 21.10 3.26
N ASN E 61 -41.92 20.29 2.19
CA ASN E 61 -40.87 20.35 1.19
C ASN E 61 -40.86 21.68 0.46
N ASN E 62 -42.03 22.24 0.19
CA ASN E 62 -42.06 23.53 -0.50
C ASN E 62 -41.42 24.58 0.36
N ARG E 63 -41.67 24.51 1.67
CA ARG E 63 -41.07 25.48 2.58
C ARG E 63 -39.55 25.37 2.55
N ILE E 64 -39.02 24.15 2.58
CA ILE E 64 -37.57 23.98 2.61
C ILE E 64 -36.96 24.43 1.29
N ILE E 65 -37.58 24.06 0.18
CA ILE E 65 -37.06 24.43 -1.13
C ILE E 65 -37.02 25.93 -1.26
N ALA E 66 -38.09 26.61 -0.85
CA ALA E 66 -38.09 28.07 -0.92
C ALA E 66 -36.98 28.63 -0.05
N ALA E 67 -36.77 28.03 1.12
CA ALA E 67 -35.72 28.53 2.01
C ALA E 67 -34.35 28.44 1.36
N VAL E 68 -34.10 27.39 0.57
CA VAL E 68 -32.81 27.28 -0.11
C VAL E 68 -32.72 28.24 -1.28
N LEU E 69 -33.78 28.31 -2.06
CA LEU E 69 -33.74 29.19 -3.21
C LEU E 69 -33.57 30.63 -2.78
N MET E 70 -34.07 31.01 -1.60
CA MET E 70 -33.82 32.37 -1.15
C MET E 70 -32.34 32.65 -0.95
N LEU E 71 -31.54 31.60 -0.69
CA LEU E 71 -30.11 31.83 -0.51
C LEU E 71 -29.48 32.02 -1.87
N ILE E 72 -30.01 31.31 -2.86
CA ILE E 72 -29.48 31.51 -4.20
C ILE E 72 -29.86 32.91 -4.67
N VAL E 73 -31.09 33.32 -4.40
CA VAL E 73 -31.58 34.63 -4.81
C VAL E 73 -30.74 35.74 -4.18
N VAL E 74 -30.41 35.61 -2.89
CA VAL E 74 -29.62 36.66 -2.28
C VAL E 74 -28.24 36.71 -2.92
N ALA E 75 -27.68 35.55 -3.28
CA ALA E 75 -26.39 35.58 -3.97
C ALA E 75 -26.52 36.27 -5.33
N VAL E 76 -27.63 36.03 -6.02
CA VAL E 76 -27.86 36.62 -7.34
C VAL E 76 -28.01 38.12 -7.27
N GLY E 77 -28.71 38.61 -6.25
CA GLY E 77 -28.96 40.05 -6.11
C GLY E 77 -27.73 40.91 -5.95
N MET E 78 -26.57 40.33 -5.70
CA MET E 78 -25.34 41.07 -5.53
C MET E 78 -24.54 41.20 -6.82
N THR E 79 -25.14 40.78 -7.95
CA THR E 79 -24.43 40.81 -9.23
C THR E 79 -23.83 42.17 -9.55
N GLN E 80 -24.59 43.26 -9.35
CA GLN E 80 -24.05 44.56 -9.73
C GLN E 80 -22.97 45.02 -8.75
N GLU E 81 -23.09 44.65 -7.48
CA GLU E 81 -22.07 45.05 -6.52
C GLU E 81 -20.78 44.33 -6.82
N ILE E 82 -20.88 43.07 -7.21
CA ILE E 82 -19.71 42.30 -7.55
C ILE E 82 -19.10 42.82 -8.84
N LYS E 83 -19.92 43.08 -9.84
CA LYS E 83 -19.42 43.62 -11.09
C LYS E 83 -18.63 44.90 -10.84
N LYS E 84 -19.14 45.80 -10.01
CA LYS E 84 -18.41 47.04 -9.76
C LYS E 84 -17.12 46.77 -8.98
N ALA E 85 -17.16 45.84 -8.02
CA ALA E 85 -15.93 45.51 -7.31
C ALA E 85 -14.90 44.96 -8.26
N LEU E 86 -15.32 44.15 -9.24
CA LEU E 86 -14.39 43.64 -10.22
C LEU E 86 -13.84 44.75 -11.09
N GLU E 87 -14.69 45.69 -11.49
CA GLU E 87 -14.18 46.76 -12.33
C GLU E 87 -13.08 47.52 -11.59
N GLU E 88 -13.28 47.74 -10.28
CA GLU E 88 -12.25 48.43 -9.51
C GLU E 88 -11.00 47.58 -9.40
N LEU E 89 -11.16 46.26 -9.22
CA LEU E 89 -10.00 45.40 -9.07
C LEU E 89 -9.22 45.33 -10.37
N VAL E 90 -9.92 45.33 -11.50
CA VAL E 90 -9.25 45.30 -12.79
C VAL E 90 -8.47 46.59 -13.01
N ALA E 91 -9.09 47.73 -12.72
CA ALA E 91 -8.37 48.98 -12.88
C ALA E 91 -7.15 49.02 -11.97
N SER E 92 -7.29 48.50 -10.75
CA SER E 92 -6.17 48.47 -9.82
C SER E 92 -5.05 47.60 -10.35
N THR E 93 -5.40 46.43 -10.87
CA THR E 93 -4.39 45.53 -11.43
C THR E 93 -3.65 46.19 -12.57
N ALA E 94 -4.37 46.86 -13.46
CA ALA E 94 -3.72 47.53 -14.57
C ALA E 94 -2.80 48.64 -14.07
N GLU E 95 -3.22 49.35 -13.03
CA GLU E 95 -2.37 50.42 -12.51
C GLU E 95 -1.13 49.82 -11.86
N LEU E 96 -1.28 48.67 -11.20
CA LEU E 96 -0.15 48.04 -10.57
C LEU E 96 0.85 47.61 -11.64
N LYS E 97 0.33 47.07 -12.74
CA LYS E 97 1.20 46.68 -13.85
C LYS E 97 1.96 47.88 -14.40
N ARG E 98 1.27 49.01 -14.57
CA ARG E 98 1.96 50.19 -15.08
C ARG E 98 3.05 50.63 -14.13
N ALA E 99 2.76 50.60 -12.82
CA ALA E 99 3.76 50.98 -11.85
C ALA E 99 4.96 50.04 -11.90
N THR E 100 4.69 48.74 -12.08
CA THR E 100 5.79 47.77 -12.14
C THR E 100 6.64 48.00 -13.37
N ALA E 101 6.02 48.23 -14.53
CA ALA E 101 6.82 48.48 -15.73
C ALA E 101 7.63 49.75 -15.58
N SER E 102 7.03 50.77 -14.96
CA SER E 102 7.75 52.02 -14.76
C SER E 102 8.95 51.78 -13.85
N LEU E 103 8.75 51.02 -12.78
CA LEU E 103 9.85 50.75 -11.86
C LEU E 103 10.95 49.96 -12.55
N ARG E 104 10.60 49.00 -13.38
CA ARG E 104 11.62 48.23 -14.08
C ARG E 104 12.46 49.16 -14.96
N ALA E 105 11.80 50.04 -15.71
CA ALA E 105 12.52 50.96 -16.56
C ALA E 105 13.41 51.87 -15.74
N ILE E 106 12.92 52.30 -14.58
CA ILE E 106 13.73 53.15 -13.71
C ILE E 106 14.95 52.39 -13.23
N THR E 107 14.76 51.13 -12.84
CA THR E 107 15.87 50.32 -12.36
C THR E 107 16.96 50.21 -13.43
N GLU E 108 16.54 49.97 -14.68
CA GLU E 108 17.51 49.87 -15.75
C GLU E 108 18.23 51.19 -15.98
N GLU E 109 17.50 52.31 -15.90
CA GLU E 109 18.12 53.61 -16.12
C GLU E 109 19.09 53.94 -14.98
N LEU E 110 18.70 53.61 -13.75
CA LEU E 110 19.52 53.88 -12.58
C LEU E 110 20.81 53.06 -12.61
N LYS E 111 20.72 51.80 -13.00
CA LYS E 111 21.93 50.99 -13.07
C LYS E 111 22.83 51.44 -14.21
N LYS E 112 22.23 51.73 -15.38
CA LYS E 112 23.05 52.12 -16.52
C LYS E 112 23.69 53.50 -16.31
N ASN E 113 22.95 54.42 -15.69
CA ASN E 113 23.43 55.79 -15.46
C ASN E 113 23.01 56.24 -14.07
N PRO E 114 23.77 55.89 -13.03
CA PRO E 114 23.27 56.06 -11.65
C PRO E 114 23.28 57.51 -11.18
N SER E 115 22.52 58.34 -11.89
CA SER E 115 22.33 59.74 -11.52
C SER E 115 21.45 59.84 -10.27
N GLU E 116 21.71 60.87 -9.46
CA GLU E 116 20.92 61.06 -8.26
C GLU E 116 19.44 61.18 -8.60
N ASP E 117 19.14 61.80 -9.75
CA ASP E 117 17.75 61.96 -10.16
C ASP E 117 17.11 60.59 -10.33
N ALA E 118 17.88 59.59 -10.77
CA ALA E 118 17.31 58.25 -10.94
C ALA E 118 16.99 57.65 -9.59
N LEU E 119 17.77 57.96 -8.55
CA LEU E 119 17.45 57.45 -7.23
C LEU E 119 16.17 58.10 -6.72
N VAL E 120 16.01 59.40 -7.02
CA VAL E 120 14.80 60.09 -6.60
C VAL E 120 13.60 59.47 -7.29
N GLU E 121 13.73 59.19 -8.59
CA GLU E 121 12.65 58.57 -9.34
C GLU E 121 12.36 57.19 -8.78
N HIS E 122 13.40 56.46 -8.37
CA HIS E 122 13.18 55.16 -7.75
C HIS E 122 12.30 55.27 -6.52
N ASN E 123 12.63 56.21 -5.63
CA ASN E 123 11.83 56.32 -4.41
C ASN E 123 10.42 56.76 -4.74
N ARG E 124 10.25 57.62 -5.75
CA ARG E 124 8.91 58.03 -6.14
C ARG E 124 8.12 56.83 -6.64
N ALA E 125 8.74 56.00 -7.49
CA ALA E 125 8.07 54.83 -8.01
C ALA E 125 7.70 53.86 -6.91
N ILE E 126 8.56 53.72 -5.90
CA ILE E 126 8.25 52.82 -4.79
C ILE E 126 7.04 53.33 -4.03
N VAL E 127 6.98 54.64 -3.80
CA VAL E 127 5.83 55.19 -3.09
C VAL E 127 4.55 54.99 -3.89
N GLU E 128 4.62 55.21 -5.21
CA GLU E 128 3.42 54.99 -6.02
C GLU E 128 3.00 53.53 -5.95
N HIS E 129 3.97 52.62 -5.95
CA HIS E 129 3.65 51.21 -5.89
C HIS E 129 2.94 50.88 -4.59
N ASN E 130 3.44 51.41 -3.47
CA ASN E 130 2.79 51.11 -2.20
C ASN E 130 1.38 51.70 -2.16
N ALA E 131 1.18 52.89 -2.74
CA ALA E 131 -0.16 53.45 -2.77
C ALA E 131 -1.09 52.54 -3.58
N ILE E 132 -0.56 51.96 -4.65
CA ILE E 132 -1.36 51.05 -5.46
C ILE E 132 -1.70 49.80 -4.68
N ILE E 133 -0.74 49.24 -3.95
CA ILE E 133 -1.05 48.06 -3.15
C ILE E 133 -2.15 48.38 -2.16
N VAL E 134 -2.08 49.54 -1.54
CA VAL E 134 -3.09 49.87 -0.53
C VAL E 134 -4.47 49.96 -1.17
N GLU E 135 -4.57 50.58 -2.35
CA GLU E 135 -5.87 50.63 -3.00
C GLU E 135 -6.33 49.23 -3.41
N ASN E 136 -5.39 48.42 -3.90
CA ASN E 136 -5.72 47.06 -4.31
C ASN E 136 -6.25 46.25 -3.14
N ASN E 137 -5.61 46.34 -1.98
CA ASN E 137 -6.05 45.55 -0.84
C ASN E 137 -7.36 46.07 -0.29
N ARG E 138 -7.61 47.38 -0.38
CA ARG E 138 -8.91 47.88 0.02
C ARG E 138 -10.00 47.27 -0.85
N ILE E 139 -9.75 47.23 -2.16
CA ILE E 139 -10.72 46.68 -3.10
C ILE E 139 -10.92 45.18 -2.82
N ILE E 140 -9.83 44.45 -2.59
CA ILE E 140 -9.97 43.03 -2.31
C ILE E 140 -10.75 42.83 -1.02
N ALA E 141 -10.48 43.61 0.02
CA ALA E 141 -11.23 43.42 1.25
C ALA E 141 -12.73 43.64 0.98
N ALA E 142 -13.04 44.62 0.14
CA ALA E 142 -14.45 44.87 -0.20
C ALA E 142 -15.04 43.70 -0.97
N VAL E 143 -14.27 43.12 -1.90
CA VAL E 143 -14.84 42.02 -2.67
C VAL E 143 -14.96 40.80 -1.76
N LEU E 144 -14.05 40.63 -0.81
CA LEU E 144 -14.17 39.49 0.10
C LEU E 144 -15.43 39.63 0.93
N GLU E 145 -15.74 40.84 1.40
CA GLU E 145 -16.97 41.00 2.15
C GLU E 145 -18.17 40.68 1.27
N LEU E 146 -18.11 41.09 0.00
CA LEU E 146 -19.21 40.79 -0.91
C LEU E 146 -19.33 39.29 -1.13
N ILE E 147 -18.21 38.58 -1.20
CA ILE E 147 -18.24 37.14 -1.39
C ILE E 147 -18.83 36.47 -0.16
N VAL E 148 -18.39 36.87 1.02
CA VAL E 148 -18.86 36.25 2.25
C VAL E 148 -20.36 36.47 2.39
N ARG E 149 -20.83 37.67 2.07
CA ARG E 149 -22.25 37.93 2.14
C ARG E 149 -23.01 37.16 1.07
N ALA E 150 -22.48 37.14 -0.16
CA ALA E 150 -23.15 36.43 -1.25
C ALA E 150 -23.29 34.95 -0.99
N LEU E 151 -22.32 34.34 -0.31
CA LEU E 151 -22.39 32.92 -0.03
C LEU E 151 -23.09 32.61 1.29
N ASN E 152 -23.56 33.64 2.00
CA ASN E 152 -24.24 33.47 3.28
C ASN E 152 -23.42 32.62 4.25
N LEU E 153 -22.13 32.92 4.38
CA LEU E 153 -21.31 32.14 5.29
C LEU E 153 -21.53 32.59 6.72
N THR E 154 -21.55 31.62 7.63
CA THR E 154 -21.69 31.87 9.06
C THR E 154 -20.50 31.38 9.86
N ASP E 155 -19.50 30.78 9.22
CA ASP E 155 -18.39 30.18 9.94
C ASP E 155 -17.72 31.21 10.83
N ALA E 156 -17.63 30.91 12.13
CA ALA E 156 -17.03 31.87 13.05
C ALA E 156 -15.62 32.23 12.62
N GLU E 157 -14.90 31.30 12.01
CA GLU E 157 -13.53 31.59 11.61
C GLU E 157 -13.48 32.63 10.50
N VAL E 158 -14.48 32.63 9.60
CA VAL E 158 -14.41 33.60 8.51
C VAL E 158 -14.79 34.96 9.06
N ILE E 159 -15.74 35.01 10.01
CA ILE E 159 -16.14 36.29 10.57
C ILE E 159 -14.97 36.91 11.30
N LYS E 160 -14.26 36.11 12.11
CA LYS E 160 -13.10 36.62 12.82
C LYS E 160 -12.04 37.06 11.84
N ALA E 161 -11.83 36.29 10.77
CA ALA E 161 -10.81 36.66 9.81
C ALA E 161 -11.16 37.98 9.16
N LEU E 162 -12.44 38.22 8.88
CA LEU E 162 -12.83 39.49 8.31
C LEU E 162 -12.58 40.63 9.27
N ILE E 163 -12.80 40.39 10.57
CA ILE E 163 -12.54 41.44 11.55
C ILE E 163 -11.04 41.76 11.56
N GLU E 164 -10.21 40.72 11.56
CA GLU E 164 -8.77 40.93 11.57
C GLU E 164 -8.36 41.68 10.31
N LEU E 165 -9.00 41.36 9.19
CA LEU E 165 -8.69 42.04 7.94
C LEU E 165 -9.01 43.51 8.05
N ARG E 166 -10.19 43.83 8.57
CA ARG E 166 -10.58 45.24 8.68
C ARG E 166 -9.57 46.00 9.53
N LEU E 167 -9.13 45.38 10.64
CA LEU E 167 -8.17 46.06 11.50
C LEU E 167 -6.83 46.22 10.79
N SER E 168 -6.42 45.21 10.03
CA SER E 168 -5.14 45.33 9.34
C SER E 168 -5.23 46.34 8.22
N THR E 169 -6.41 46.54 7.64
CA THR E 169 -6.51 47.55 6.60
C THR E 169 -6.44 48.93 7.23
N LEU E 170 -6.90 49.06 8.47
CA LEU E 170 -6.76 50.36 9.13
C LEU E 170 -5.30 50.65 9.40
N GLU E 171 -4.58 49.61 9.85
CA GLU E 171 -3.17 49.79 10.14
C GLU E 171 -2.42 50.12 8.86
N LEU E 172 -2.78 49.45 7.77
CA LEU E 172 -2.11 49.66 6.50
C LEU E 172 -2.34 51.07 5.99
N VAL E 173 -3.56 51.58 6.09
CA VAL E 173 -3.82 52.93 5.61
C VAL E 173 -3.05 53.94 6.45
N ALA E 174 -3.06 53.79 7.78
CA ALA E 174 -2.32 54.74 8.59
C ALA E 174 -0.82 54.69 8.29
N ALA E 175 -0.28 53.48 8.12
CA ALA E 175 1.13 53.36 7.81
C ALA E 175 1.43 53.97 6.46
N THR E 176 0.51 53.84 5.51
CA THR E 176 0.74 54.39 4.18
C THR E 176 0.81 55.91 4.26
N ALA E 177 -0.11 56.51 5.01
CA ALA E 177 -0.07 57.96 5.15
C ALA E 177 1.22 58.40 5.79
N SER E 178 1.70 57.63 6.78
CA SER E 178 2.97 58.00 7.41
C SER E 178 4.11 57.90 6.43
N LEU E 179 4.09 56.87 5.58
CA LEU E 179 5.16 56.70 4.59
C LEU E 179 5.13 57.85 3.59
N ARG E 180 3.94 58.27 3.16
CA ARG E 180 3.87 59.36 2.20
C ARG E 180 4.42 60.64 2.83
N GLU E 181 4.10 60.88 4.10
CA GLU E 181 4.60 62.10 4.73
C GLU E 181 6.11 62.04 4.87
N ILE E 182 6.65 60.86 5.19
CA ILE E 182 8.09 60.74 5.34
C ILE E 182 8.76 60.97 3.99
N THR E 183 8.18 60.42 2.93
CA THR E 183 8.76 60.62 1.59
C THR E 183 8.76 62.10 1.23
N GLU E 184 7.67 62.80 1.52
CA GLU E 184 7.64 64.22 1.20
C GLU E 184 8.70 64.98 1.99
N GLU E 185 8.90 64.60 3.26
CA GLU E 185 9.93 65.29 4.05
C GLU E 185 11.32 64.99 3.50
N LEU E 186 11.55 63.75 3.04
CA LEU E 186 12.84 63.41 2.46
C LEU E 186 13.08 64.22 1.20
N LYS E 187 12.05 64.32 0.35
CA LYS E 187 12.17 65.07 -0.90
C LYS E 187 12.50 66.53 -0.62
N LYS E 188 11.84 67.13 0.37
CA LYS E 188 12.10 68.54 0.67
C LYS E 188 13.50 68.76 1.23
N ASN E 189 13.99 67.87 2.09
CA ASN E 189 15.30 68.03 2.73
C ASN E 189 16.10 66.74 2.64
N PRO E 190 16.55 66.36 1.44
CA PRO E 190 17.26 65.08 1.29
C PRO E 190 18.57 65.08 2.08
N SER E 191 18.85 63.94 2.71
CA SER E 191 20.08 63.78 3.49
C SER E 191 20.31 62.30 3.72
N GLU E 192 21.50 61.97 4.21
CA GLU E 192 21.82 60.58 4.53
C GLU E 192 20.97 60.08 5.69
N ASP E 193 20.73 60.93 6.69
CA ASP E 193 19.96 60.49 7.84
C ASP E 193 18.49 60.37 7.47
N ALA E 194 18.01 61.31 6.65
CA ALA E 194 16.62 61.25 6.23
C ALA E 194 16.42 60.04 5.34
N LEU E 195 17.43 59.73 4.51
CA LEU E 195 17.32 58.61 3.60
C LEU E 195 17.30 57.29 4.36
N VAL E 196 18.12 57.16 5.41
CA VAL E 196 18.10 55.90 6.16
C VAL E 196 16.80 55.79 6.94
N GLU E 197 16.26 56.92 7.43
CA GLU E 197 15.00 56.86 8.14
C GLU E 197 13.89 56.46 7.18
N HIS E 198 13.95 56.97 5.94
CA HIS E 198 12.97 56.63 4.92
C HIS E 198 13.04 55.16 4.59
N ASN E 199 14.25 54.62 4.43
CA ASN E 199 14.39 53.20 4.12
C ASN E 199 13.82 52.35 5.25
N ARG E 200 14.00 52.79 6.49
CA ARG E 200 13.40 52.05 7.60
C ARG E 200 11.88 52.12 7.50
N ALA E 201 11.36 53.30 7.15
CA ALA E 201 9.91 53.45 7.01
C ALA E 201 9.39 52.50 5.96
N ILE E 202 10.15 52.31 4.88
CA ILE E 202 9.77 51.38 3.83
C ILE E 202 9.77 49.96 4.36
N VAL E 203 10.79 49.59 5.12
CA VAL E 203 10.82 48.22 5.63
C VAL E 203 9.60 47.98 6.53
N GLU E 204 9.27 48.94 7.39
CA GLU E 204 8.11 48.76 8.25
C GLU E 204 6.83 48.67 7.43
N HIS E 205 6.73 49.49 6.38
CA HIS E 205 5.55 49.46 5.53
C HIS E 205 5.42 48.12 4.83
N ASN E 206 6.53 47.60 4.32
CA ASN E 206 6.47 46.30 3.65
C ASN E 206 6.05 45.22 4.64
N ALA E 207 6.53 45.32 5.89
CA ALA E 207 6.12 44.33 6.89
C ALA E 207 4.63 44.39 7.12
N ILE E 208 4.06 45.60 7.10
CA ILE E 208 2.62 45.74 7.28
C ILE E 208 1.89 45.15 6.09
N ILE E 209 2.39 45.39 4.89
CA ILE E 209 1.78 44.82 3.70
C ILE E 209 1.80 43.30 3.79
N VAL E 210 2.92 42.74 4.24
CA VAL E 210 3.01 41.30 4.35
C VAL E 210 1.96 40.77 5.31
N GLU E 211 1.76 41.45 6.44
CA GLU E 211 0.73 41.00 7.38
C GLU E 211 -0.67 41.12 6.77
N ASN E 212 -0.92 42.20 6.03
CA ASN E 212 -2.23 42.38 5.41
C ASN E 212 -2.48 41.28 4.38
N ASN E 213 -1.45 40.92 3.62
CA ASN E 213 -1.62 39.86 2.64
C ASN E 213 -1.79 38.51 3.32
N ARG E 214 -1.14 38.31 4.47
CA ARG E 214 -1.33 37.06 5.19
C ARG E 214 -2.77 36.93 5.60
N ILE E 215 -3.37 38.01 6.09
CA ILE E 215 -4.76 37.94 6.52
C ILE E 215 -5.67 37.70 5.32
N ILE E 216 -5.40 38.38 4.20
CA ILE E 216 -6.22 38.15 3.01
C ILE E 216 -6.14 36.69 2.60
N ALA E 217 -4.92 36.13 2.62
CA ALA E 217 -4.76 34.73 2.26
C ALA E 217 -5.55 33.83 3.21
N ALA E 218 -5.55 34.15 4.51
CA ALA E 218 -6.31 33.34 5.45
C ALA E 218 -7.80 33.39 5.14
N VAL E 219 -8.29 34.57 4.76
CA VAL E 219 -9.71 34.70 4.46
C VAL E 219 -10.04 33.88 3.23
N LEU E 220 -9.20 33.96 2.21
CA LEU E 220 -9.46 33.20 1.00
C LEU E 220 -9.41 31.70 1.29
N GLU E 221 -8.45 31.28 2.12
CA GLU E 221 -8.37 29.87 2.48
C GLU E 221 -9.66 29.40 3.13
N LEU E 222 -10.20 30.22 4.03
CA LEU E 222 -11.44 29.85 4.69
C LEU E 222 -12.62 29.82 3.73
N ILE E 223 -12.67 30.76 2.78
CA ILE E 223 -13.76 30.76 1.81
C ILE E 223 -13.68 29.54 0.89
N VAL E 224 -12.49 29.23 0.37
CA VAL E 224 -12.37 28.14 -0.59
C VAL E 224 -12.53 26.80 0.12
N GLY E 225 -11.88 26.63 1.27
CA GLY E 225 -11.91 25.38 1.99
C GLY E 225 -13.00 25.32 3.05
N GLY F 2 -39.65 0.04 -24.52
CA GLY F 2 -38.44 -0.54 -23.87
C GLY F 2 -38.58 -0.62 -22.37
N SER F 3 -38.05 0.40 -21.68
CA SER F 3 -38.04 0.39 -20.22
C SER F 3 -39.44 0.49 -19.63
N GLU F 4 -40.41 0.93 -20.42
CA GLU F 4 -41.77 1.06 -19.93
C GLU F 4 -42.31 -0.28 -19.44
N VAL F 5 -41.95 -1.36 -20.10
CA VAL F 5 -42.46 -2.68 -19.70
C VAL F 5 -41.50 -3.35 -18.74
N GLU F 6 -40.20 -3.24 -19.00
CA GLU F 6 -39.22 -3.85 -18.12
C GLU F 6 -39.39 -3.39 -16.68
N ILE F 7 -39.67 -2.10 -16.50
CA ILE F 7 -39.86 -1.57 -15.16
C ILE F 7 -41.16 -2.09 -14.56
N LEU F 8 -42.20 -2.25 -15.38
CA LEU F 8 -43.44 -2.80 -14.86
C LEU F 8 -43.22 -4.22 -14.37
N LYS F 9 -42.36 -4.96 -15.08
CA LYS F 9 -42.07 -6.33 -14.65
C LYS F 9 -41.26 -6.32 -13.37
N ALA F 10 -40.33 -5.37 -13.23
CA ALA F 10 -39.59 -5.28 -11.98
C ALA F 10 -40.53 -4.99 -10.82
N LEU F 11 -41.54 -4.15 -11.05
CA LEU F 11 -42.50 -3.85 -9.99
C LEU F 11 -43.33 -5.09 -9.66
N LEU F 12 -43.67 -5.87 -10.68
CA LEU F 12 -44.40 -7.10 -10.44
C LEU F 12 -43.55 -8.05 -9.61
N GLU F 13 -42.26 -8.11 -9.93
CA GLU F 13 -41.34 -8.94 -9.16
C GLU F 13 -41.32 -8.51 -7.70
N LEU F 14 -41.27 -7.21 -7.45
CA LEU F 14 -41.22 -6.78 -6.06
C LEU F 14 -42.50 -7.18 -5.34
N LYS F 15 -43.65 -7.07 -6.02
CA LYS F 15 -44.90 -7.49 -5.43
C LYS F 15 -44.89 -8.97 -5.09
N LYS F 16 -44.36 -9.80 -5.99
CA LYS F 16 -44.38 -11.22 -5.76
C LYS F 16 -43.36 -11.64 -4.71
N SER F 17 -42.19 -11.00 -4.67
CA SER F 17 -41.23 -11.40 -3.66
C SER F 17 -41.70 -10.93 -2.30
N THR F 18 -42.46 -9.84 -2.26
CA THR F 18 -43.02 -9.38 -0.99
C THR F 18 -44.05 -10.37 -0.49
N ALA F 19 -44.94 -10.82 -1.38
CA ALA F 19 -45.93 -11.81 -0.97
C ALA F 19 -45.24 -13.08 -0.49
N GLU F 20 -44.16 -13.47 -1.18
CA GLU F 20 -43.40 -14.64 -0.75
C GLU F 20 -42.84 -14.42 0.64
N LEU F 21 -42.28 -13.25 0.90
CA LEU F 21 -41.68 -12.99 2.19
C LEU F 21 -42.73 -13.09 3.28
N LYS F 22 -43.90 -12.52 3.05
CA LYS F 22 -44.94 -12.55 4.05
C LYS F 22 -45.36 -13.98 4.34
N ARG F 23 -45.50 -14.81 3.29
CA ARG F 23 -45.90 -16.19 3.51
C ARG F 23 -44.78 -17.02 4.14
N ALA F 24 -43.53 -16.78 3.74
CA ALA F 24 -42.43 -17.52 4.33
C ALA F 24 -42.32 -17.20 5.80
N THR F 25 -42.56 -15.94 6.17
CA THR F 25 -42.49 -15.54 7.56
C THR F 25 -43.60 -16.22 8.34
N ALA F 26 -44.80 -16.27 7.74
CA ALA F 26 -45.91 -16.93 8.40
C ALA F 26 -45.59 -18.40 8.65
N SER F 27 -44.93 -19.06 7.69
CA SER F 27 -44.62 -20.46 7.98
C SER F 27 -43.52 -20.54 9.02
N LEU F 28 -42.60 -19.57 9.04
CA LEU F 28 -41.53 -19.60 10.03
C LEU F 28 -42.15 -19.71 11.42
N ARG F 29 -43.15 -18.86 11.65
CA ARG F 29 -43.79 -18.82 12.97
C ARG F 29 -44.68 -20.01 13.21
N ALA F 30 -45.43 -20.45 12.20
CA ALA F 30 -46.30 -21.59 12.41
C ALA F 30 -45.45 -22.78 12.79
N ILE F 31 -44.25 -22.86 12.21
CA ILE F 31 -43.33 -23.95 12.47
C ILE F 31 -42.87 -23.89 13.91
N THR F 32 -42.40 -22.73 14.35
CA THR F 32 -41.88 -22.65 15.71
C THR F 32 -42.96 -23.02 16.74
N GLU F 33 -44.15 -22.45 16.60
CA GLU F 33 -45.24 -22.70 17.54
C GLU F 33 -45.77 -24.12 17.49
N GLU F 34 -45.89 -24.72 16.31
CA GLU F 34 -46.46 -26.06 16.28
C GLU F 34 -45.43 -27.10 16.63
N LEU F 35 -44.19 -26.93 16.19
CA LEU F 35 -43.22 -27.97 16.44
C LEU F 35 -42.73 -27.96 17.88
N LYS F 36 -42.70 -26.80 18.56
CA LYS F 36 -42.18 -26.87 19.93
C LYS F 36 -43.09 -27.72 20.80
N LYS F 37 -44.33 -27.95 20.36
CA LYS F 37 -45.27 -28.77 21.10
C LYS F 37 -44.78 -30.21 21.25
N ASN F 38 -44.05 -30.71 20.26
CA ASN F 38 -43.55 -32.08 20.28
C ASN F 38 -42.27 -32.15 19.47
N PRO F 39 -41.13 -31.89 20.11
CA PRO F 39 -39.84 -31.91 19.39
C PRO F 39 -39.49 -33.25 18.77
N SER F 40 -40.20 -34.33 19.08
CA SER F 40 -39.84 -35.62 18.48
C SER F 40 -40.16 -35.66 16.99
N GLU F 41 -40.94 -34.72 16.46
CA GLU F 41 -41.21 -34.65 15.03
C GLU F 41 -40.05 -33.90 14.38
N ASP F 42 -38.90 -34.57 14.34
CA ASP F 42 -37.65 -33.91 13.96
C ASP F 42 -37.63 -33.57 12.48
N ALA F 43 -38.06 -34.50 11.63
CA ALA F 43 -38.01 -34.28 10.20
C ALA F 43 -38.86 -33.09 9.80
N LEU F 44 -40.03 -32.94 10.40
CA LEU F 44 -40.91 -31.84 10.02
C LEU F 44 -40.31 -30.49 10.38
N VAL F 45 -39.74 -30.37 11.58
CA VAL F 45 -39.22 -29.07 11.99
C VAL F 45 -37.94 -28.76 11.24
N GLU F 46 -37.09 -29.75 11.00
CA GLU F 46 -35.84 -29.46 10.32
C GLU F 46 -36.08 -29.14 8.85
N HIS F 47 -37.04 -29.83 8.24
CA HIS F 47 -37.32 -29.56 6.84
C HIS F 47 -37.95 -28.18 6.69
N ASN F 48 -38.87 -27.84 7.57
CA ASN F 48 -39.51 -26.55 7.42
C ASN F 48 -38.54 -25.42 7.74
N ARG F 49 -37.60 -25.63 8.67
CA ARG F 49 -36.64 -24.57 8.92
C ARG F 49 -35.74 -24.37 7.71
N ALA F 50 -35.36 -25.48 7.06
CA ALA F 50 -34.55 -25.33 5.84
C ALA F 50 -35.33 -24.58 4.79
N ILE F 51 -36.64 -24.85 4.70
CA ILE F 51 -37.48 -24.18 3.71
C ILE F 51 -37.49 -22.68 3.98
N VAL F 52 -37.62 -22.31 5.25
CA VAL F 52 -37.64 -20.90 5.63
C VAL F 52 -36.31 -20.23 5.28
N GLU F 53 -35.19 -20.89 5.57
CA GLU F 53 -33.92 -20.26 5.23
C GLU F 53 -33.78 -20.09 3.73
N HIS F 54 -34.23 -21.07 2.96
CA HIS F 54 -34.09 -20.97 1.51
C HIS F 54 -34.90 -19.81 0.99
N ASN F 55 -36.12 -19.64 1.52
CA ASN F 55 -36.96 -18.54 1.05
C ASN F 55 -36.35 -17.20 1.45
N ALA F 56 -35.81 -17.11 2.66
CA ALA F 56 -35.24 -15.83 3.08
C ALA F 56 -34.10 -15.43 2.16
N ILE F 57 -33.30 -16.42 1.75
CA ILE F 57 -32.18 -16.12 0.85
C ILE F 57 -32.74 -15.69 -0.51
N ILE F 58 -33.75 -16.38 -1.00
CA ILE F 58 -34.30 -16.02 -2.31
C ILE F 58 -34.84 -14.61 -2.29
N VAL F 59 -35.53 -14.23 -1.22
CA VAL F 59 -36.07 -12.87 -1.13
C VAL F 59 -34.94 -11.84 -1.15
N GLU F 60 -33.87 -12.10 -0.40
CA GLU F 60 -32.76 -11.13 -0.42
C GLU F 60 -32.13 -11.05 -1.80
N ASN F 61 -32.00 -12.19 -2.48
CA ASN F 61 -31.43 -12.16 -3.82
C ASN F 61 -32.34 -11.41 -4.78
N ASN F 62 -33.66 -11.56 -4.65
CA ASN F 62 -34.55 -10.85 -5.55
C ASN F 62 -34.40 -9.35 -5.35
N ARG F 63 -34.23 -8.94 -4.09
CA ARG F 63 -34.06 -7.52 -3.82
C ARG F 63 -32.80 -6.99 -4.49
N ILE F 64 -31.70 -7.74 -4.39
CA ILE F 64 -30.44 -7.27 -4.96
C ILE F 64 -30.54 -7.24 -6.49
N ILE F 65 -31.13 -8.29 -7.08
CA ILE F 65 -31.23 -8.35 -8.53
C ILE F 65 -32.06 -7.17 -9.02
N ALA F 66 -33.18 -6.89 -8.37
CA ALA F 66 -33.99 -5.77 -8.79
C ALA F 66 -33.21 -4.47 -8.66
N ALA F 67 -32.40 -4.34 -7.60
CA ALA F 67 -31.63 -3.11 -7.42
C ALA F 67 -30.66 -2.91 -8.58
N VAL F 68 -30.08 -3.99 -9.10
CA VAL F 68 -29.14 -3.85 -10.22
C VAL F 68 -29.90 -3.57 -11.52
N LEU F 69 -30.99 -4.30 -11.73
CA LEU F 69 -31.72 -4.09 -12.97
C LEU F 69 -32.27 -2.68 -13.02
N MET F 70 -32.60 -2.06 -11.88
CA MET F 70 -33.04 -0.68 -11.95
C MET F 70 -31.96 0.23 -12.50
N LEU F 71 -30.69 -0.15 -12.36
CA LEU F 71 -29.63 0.68 -12.91
C LEU F 71 -29.57 0.48 -14.41
N ILE F 72 -29.83 -0.75 -14.85
CA ILE F 72 -29.84 -0.95 -16.29
C ILE F 72 -31.03 -0.21 -16.88
N VAL F 73 -32.18 -0.27 -16.21
CA VAL F 73 -33.39 0.40 -16.69
C VAL F 73 -33.17 1.90 -16.78
N VAL F 74 -32.52 2.49 -15.77
CA VAL F 74 -32.31 3.94 -15.84
C VAL F 74 -31.38 4.27 -17.00
N ALA F 75 -30.39 3.43 -17.27
CA ALA F 75 -29.55 3.70 -18.42
C ALA F 75 -30.36 3.60 -19.71
N VAL F 76 -31.27 2.64 -19.79
CA VAL F 76 -32.09 2.44 -20.98
C VAL F 76 -33.02 3.62 -21.23
N GLY F 77 -33.62 4.16 -20.17
CA GLY F 77 -34.56 5.25 -20.31
C GLY F 77 -34.01 6.53 -20.91
N MET F 78 -32.69 6.66 -21.03
CA MET F 78 -32.07 7.84 -21.59
C MET F 78 -31.79 7.71 -23.08
N THR F 79 -32.28 6.65 -23.71
CA THR F 79 -32.03 6.40 -25.12
C THR F 79 -32.35 7.61 -25.99
N GLN F 80 -33.51 8.25 -25.77
CA GLN F 80 -33.85 9.37 -26.65
C GLN F 80 -33.02 10.60 -26.35
N GLU F 81 -32.61 10.79 -25.10
CA GLU F 81 -31.80 11.97 -24.79
C GLU F 81 -30.43 11.81 -25.43
N ILE F 82 -29.91 10.58 -25.41
CA ILE F 82 -28.62 10.32 -26.01
C ILE F 82 -28.73 10.44 -27.53
N LYS F 83 -29.78 9.84 -28.10
CA LYS F 83 -29.98 9.95 -29.54
C LYS F 83 -30.01 11.40 -29.99
N LYS F 84 -30.72 12.26 -29.27
CA LYS F 84 -30.77 13.66 -29.67
C LYS F 84 -29.42 14.33 -29.48
N ALA F 85 -28.70 14.00 -28.42
CA ALA F 85 -27.37 14.56 -28.26
C ALA F 85 -26.47 14.14 -29.41
N LEU F 86 -26.61 12.90 -29.86
CA LEU F 86 -25.82 12.45 -30.99
C LEU F 86 -26.22 13.16 -32.26
N GLU F 87 -27.52 13.38 -32.48
CA GLU F 87 -27.90 14.07 -33.70
C GLU F 87 -27.26 15.46 -33.73
N GLU F 88 -27.23 16.13 -32.56
CA GLU F 88 -26.61 17.44 -32.51
C GLU F 88 -25.12 17.34 -32.74
N LEU F 89 -24.48 16.31 -32.18
CA LEU F 89 -23.03 16.18 -32.32
C LEU F 89 -22.67 15.90 -33.77
N VAL F 90 -23.49 15.11 -34.46
CA VAL F 90 -23.25 14.80 -35.85
C VAL F 90 -23.38 16.06 -36.69
N ALA F 91 -24.44 16.84 -36.45
CA ALA F 91 -24.60 18.06 -37.23
C ALA F 91 -23.44 19.01 -36.97
N SER F 92 -22.99 19.07 -35.72
CA SER F 92 -21.85 19.93 -35.39
C SER F 92 -20.59 19.47 -36.10
N THR F 93 -20.33 18.16 -36.11
CA THR F 93 -19.16 17.64 -36.78
C THR F 93 -19.19 17.98 -38.26
N ALA F 94 -20.35 17.80 -38.89
CA ALA F 94 -20.47 18.12 -40.31
C ALA F 94 -20.22 19.61 -40.55
N GLU F 95 -20.71 20.46 -39.65
CA GLU F 95 -20.50 21.89 -39.85
C GLU F 95 -19.02 22.23 -39.68
N LEU F 96 -18.36 21.55 -38.74
CA LEU F 96 -16.95 21.81 -38.51
C LEU F 96 -16.17 21.40 -39.75
N LYS F 97 -16.54 20.27 -40.35
CA LYS F 97 -15.90 19.83 -41.58
C LYS F 97 -16.07 20.87 -42.68
N ARG F 98 -17.28 21.40 -42.83
CA ARG F 98 -17.50 22.40 -43.86
C ARG F 98 -16.65 23.62 -43.62
N ALA F 99 -16.55 24.05 -42.36
CA ALA F 99 -15.72 25.20 -42.04
C ALA F 99 -14.25 24.92 -42.34
N THR F 100 -13.79 23.70 -42.08
CA THR F 100 -12.39 23.36 -42.35
C THR F 100 -12.11 23.37 -43.84
N ALA F 101 -13.01 22.77 -44.63
CA ALA F 101 -12.78 22.78 -46.08
C ALA F 101 -12.81 24.19 -46.63
N SER F 102 -13.70 25.03 -46.09
CA SER F 102 -13.77 26.41 -46.54
C SER F 102 -12.48 27.12 -46.21
N LEU F 103 -11.98 26.91 -45.00
CA LEU F 103 -10.75 27.58 -44.60
C LEU F 103 -9.59 27.13 -45.47
N ARG F 104 -9.52 25.83 -45.79
CA ARG F 104 -8.44 25.35 -46.65
C ARG F 104 -8.49 26.04 -48.00
N ALA F 105 -9.70 26.14 -48.59
CA ALA F 105 -9.81 26.79 -49.88
C ALA F 105 -9.40 28.26 -49.78
N ILE F 106 -9.76 28.91 -48.68
CA ILE F 106 -9.37 30.30 -48.49
C ILE F 106 -7.87 30.40 -48.39
N THR F 107 -7.24 29.50 -47.64
CA THR F 107 -5.79 29.52 -47.49
C THR F 107 -5.11 29.42 -48.86
N GLU F 108 -5.59 28.50 -49.69
CA GLU F 108 -5.01 28.35 -51.02
C GLU F 108 -5.20 29.62 -51.84
N GLU F 109 -6.37 30.23 -51.77
CA GLU F 109 -6.63 31.44 -52.54
C GLU F 109 -5.79 32.60 -52.03
N LEU F 110 -5.65 32.72 -50.71
CA LEU F 110 -4.89 33.80 -50.11
C LEU F 110 -3.41 33.68 -50.45
N LYS F 111 -2.86 32.47 -50.41
CA LYS F 111 -1.45 32.34 -50.77
C LYS F 111 -1.24 32.56 -52.26
N LYS F 112 -2.12 32.00 -53.09
CA LYS F 112 -1.94 32.14 -54.54
C LYS F 112 -2.18 33.57 -55.00
N ASN F 113 -3.15 34.26 -54.40
CA ASN F 113 -3.51 35.63 -54.79
C ASN F 113 -3.80 36.44 -53.54
N PRO F 114 -2.77 37.00 -52.90
CA PRO F 114 -2.96 37.56 -51.54
C PRO F 114 -3.67 38.91 -51.53
N SER F 115 -4.91 38.89 -52.04
CA SER F 115 -5.78 40.05 -52.01
C SER F 115 -6.24 40.34 -50.59
N GLU F 116 -6.44 41.61 -50.29
CA GLU F 116 -6.92 41.98 -48.95
C GLU F 116 -8.23 41.26 -48.64
N ASP F 117 -9.08 41.10 -49.65
CA ASP F 117 -10.35 40.42 -49.43
C ASP F 117 -10.11 38.99 -48.95
N ALA F 118 -9.04 38.36 -49.40
CA ALA F 118 -8.77 37.00 -48.95
C ALA F 118 -8.36 37.00 -47.49
N LEU F 119 -7.69 38.05 -47.02
CA LEU F 119 -7.34 38.10 -45.61
C LEU F 119 -8.59 38.31 -44.78
N VAL F 120 -9.52 39.12 -45.29
CA VAL F 120 -10.77 39.34 -44.58
C VAL F 120 -11.53 38.02 -44.48
N GLU F 121 -11.57 37.29 -45.59
CA GLU F 121 -12.24 35.99 -45.60
C GLU F 121 -11.56 35.03 -44.64
N HIS F 122 -10.23 35.10 -44.56
CA HIS F 122 -9.51 34.25 -43.61
C HIS F 122 -9.97 34.52 -42.19
N ASN F 123 -10.03 35.78 -41.79
CA ASN F 123 -10.43 36.07 -40.42
C ASN F 123 -11.89 35.68 -40.19
N ARG F 124 -12.74 35.84 -41.21
CA ARG F 124 -14.13 35.45 -41.06
C ARG F 124 -14.23 33.94 -40.85
N ALA F 125 -13.47 33.18 -41.64
CA ALA F 125 -13.48 31.72 -41.52
C ALA F 125 -12.99 31.30 -40.14
N ILE F 126 -12.00 32.00 -39.61
CA ILE F 126 -11.50 31.65 -38.28
C ILE F 126 -12.59 31.88 -37.25
N VAL F 127 -13.34 32.99 -37.38
CA VAL F 127 -14.40 33.25 -36.42
C VAL F 127 -15.49 32.18 -36.54
N GLU F 128 -15.85 31.79 -37.76
CA GLU F 128 -16.87 30.75 -37.90
C GLU F 128 -16.38 29.45 -37.26
N HIS F 129 -15.09 29.15 -37.44
CA HIS F 129 -14.55 27.94 -36.87
C HIS F 129 -14.63 27.97 -35.35
N ASN F 130 -14.29 29.10 -34.74
CA ASN F 130 -14.36 29.17 -33.29
C ASN F 130 -15.80 29.04 -32.81
N ALA F 131 -16.75 29.64 -33.53
CA ALA F 131 -18.14 29.49 -33.13
C ALA F 131 -18.56 28.03 -33.19
N ILE F 132 -18.06 27.31 -34.19
CA ILE F 132 -18.38 25.90 -34.31
C ILE F 132 -17.76 25.13 -33.17
N ILE F 133 -16.51 25.43 -32.80
CA ILE F 133 -15.89 24.73 -31.69
C ILE F 133 -16.73 24.94 -30.44
N VAL F 134 -17.20 26.17 -30.23
CA VAL F 134 -17.96 26.45 -29.01
C VAL F 134 -19.24 25.62 -28.99
N GLU F 135 -19.93 25.53 -30.13
CA GLU F 135 -21.13 24.71 -30.15
C GLU F 135 -20.79 23.24 -29.95
N ASN F 136 -19.70 22.79 -30.56
CA ASN F 136 -19.29 21.39 -30.42
C ASN F 136 -19.00 21.04 -28.97
N ASN F 137 -18.27 21.92 -28.26
CA ASN F 137 -17.93 21.61 -26.88
C ASN F 137 -19.15 21.71 -25.98
N ARG F 138 -20.09 22.61 -26.29
CA ARG F 138 -21.31 22.63 -25.51
C ARG F 138 -22.04 21.29 -25.65
N ILE F 139 -22.13 20.80 -26.88
CA ILE F 139 -22.81 19.54 -27.14
C ILE F 139 -22.09 18.39 -26.45
N ILE F 140 -20.76 18.38 -26.53
CA ILE F 140 -20.01 17.31 -25.86
C ILE F 140 -20.23 17.38 -24.35
N ALA F 141 -20.18 18.57 -23.76
CA ALA F 141 -20.40 18.62 -22.32
C ALA F 141 -21.77 18.07 -21.96
N ALA F 142 -22.77 18.36 -22.80
CA ALA F 142 -24.11 17.84 -22.56
C ALA F 142 -24.15 16.32 -22.68
N VAL F 143 -23.45 15.77 -23.68
CA VAL F 143 -23.48 14.32 -23.83
C VAL F 143 -22.72 13.68 -22.70
N LEU F 144 -21.66 14.34 -22.22
CA LEU F 144 -20.92 13.78 -21.09
C LEU F 144 -21.80 13.73 -19.87
N GLU F 145 -22.60 14.77 -19.64
CA GLU F 145 -23.50 14.74 -18.50
C GLU F 145 -24.49 13.61 -18.67
N LEU F 146 -24.97 13.39 -19.90
CA LEU F 146 -25.91 12.29 -20.13
C LEU F 146 -25.24 10.94 -19.88
N ILE F 147 -23.97 10.81 -20.24
CA ILE F 147 -23.25 9.55 -20.02
C ILE F 147 -23.06 9.32 -18.53
N VAL F 148 -22.63 10.35 -17.80
CA VAL F 148 -22.37 10.20 -16.38
C VAL F 148 -23.66 9.84 -15.67
N ARG F 149 -24.76 10.47 -16.04
CA ARG F 149 -26.04 10.14 -15.42
C ARG F 149 -26.48 8.74 -15.82
N ALA F 150 -26.35 8.38 -17.10
CA ALA F 150 -26.79 7.06 -17.56
C ALA F 150 -26.02 5.94 -16.91
N LEU F 151 -24.74 6.15 -16.60
CA LEU F 151 -23.92 5.12 -15.98
C LEU F 151 -23.99 5.16 -14.47
N ASN F 152 -24.74 6.11 -13.90
CA ASN F 152 -24.88 6.26 -12.46
C ASN F 152 -23.53 6.35 -11.76
N LEU F 153 -22.63 7.18 -12.28
CA LEU F 153 -21.32 7.31 -11.65
C LEU F 153 -21.43 8.23 -10.45
N THR F 154 -20.70 7.87 -9.39
CA THR F 154 -20.61 8.66 -8.18
C THR F 154 -19.20 9.13 -7.86
N ASP F 155 -18.23 8.78 -8.68
CA ASP F 155 -16.84 9.10 -8.37
C ASP F 155 -16.66 10.59 -8.15
N ALA F 156 -16.14 10.96 -6.99
CA ALA F 156 -15.98 12.38 -6.70
C ALA F 156 -15.12 13.07 -7.76
N GLU F 157 -14.16 12.35 -8.34
CA GLU F 157 -13.30 12.97 -9.34
C GLU F 157 -14.09 13.31 -10.60
N VAL F 158 -15.08 12.50 -10.96
CA VAL F 158 -15.80 12.81 -12.19
C VAL F 158 -16.74 13.97 -11.91
N ILE F 159 -17.31 14.03 -10.71
CA ILE F 159 -18.23 15.11 -10.40
C ILE F 159 -17.46 16.43 -10.42
N LYS F 160 -16.27 16.44 -9.81
CA LYS F 160 -15.48 17.65 -9.82
C LYS F 160 -15.09 18.03 -11.24
N ALA F 161 -14.73 17.03 -12.06
CA ALA F 161 -14.35 17.32 -13.42
C ALA F 161 -15.52 17.94 -14.18
N LEU F 162 -16.73 17.46 -13.92
CA LEU F 162 -17.90 18.03 -14.58
C LEU F 162 -18.12 19.46 -14.13
N ILE F 163 -17.86 19.76 -12.86
CA ILE F 163 -18.01 21.14 -12.39
C ILE F 163 -17.00 22.02 -13.11
N GLU F 164 -15.75 21.54 -13.22
CA GLU F 164 -14.73 22.33 -13.90
C GLU F 164 -15.11 22.53 -15.34
N LEU F 165 -15.72 21.51 -15.96
CA LEU F 165 -16.14 21.64 -17.35
C LEU F 165 -17.20 22.71 -17.48
N ARG F 166 -18.19 22.70 -16.59
CA ARG F 166 -19.26 23.70 -16.68
C ARG F 166 -18.68 25.10 -16.55
N LEU F 167 -17.72 25.29 -15.63
CA LEU F 167 -17.15 26.61 -15.47
C LEU F 167 -16.34 27.00 -16.70
N SER F 168 -15.62 26.04 -17.28
CA SER F 168 -14.83 26.37 -18.46
C SER F 168 -15.72 26.64 -19.66
N THR F 169 -16.91 26.03 -19.70
CA THR F 169 -17.78 26.33 -20.82
C THR F 169 -18.36 27.72 -20.66
N LEU F 170 -18.53 28.18 -19.42
CA LEU F 170 -19.00 29.56 -19.24
C LEU F 170 -17.92 30.53 -19.70
N GLU F 171 -16.67 30.22 -19.34
CA GLU F 171 -15.57 31.10 -19.75
C GLU F 171 -15.44 31.09 -21.26
N LEU F 172 -15.60 29.92 -21.88
CA LEU F 172 -15.47 29.80 -23.31
C LEU F 172 -16.54 30.58 -24.03
N VAL F 173 -17.79 30.50 -23.56
CA VAL F 173 -18.85 31.26 -24.23
C VAL F 173 -18.60 32.75 -24.11
N ALA F 174 -18.23 33.22 -22.91
CA ALA F 174 -17.99 34.66 -22.78
C ALA F 174 -16.83 35.10 -23.66
N ALA F 175 -15.77 34.30 -23.73
CA ALA F 175 -14.63 34.67 -24.56
C ALA F 175 -15.04 34.67 -26.03
N THR F 176 -15.92 33.75 -26.41
CA THR F 176 -16.36 33.69 -27.80
C THR F 176 -17.12 34.94 -28.17
N ALA F 177 -18.02 35.38 -27.28
CA ALA F 177 -18.77 36.59 -27.56
C ALA F 177 -17.82 37.78 -27.68
N SER F 178 -16.79 37.82 -26.83
CA SER F 178 -15.85 38.91 -26.92
C SER F 178 -15.09 38.88 -28.24
N LEU F 179 -14.72 37.68 -28.68
CA LEU F 179 -14.00 37.57 -29.95
C LEU F 179 -14.88 38.00 -31.11
N ARG F 180 -16.16 37.63 -31.10
CA ARG F 180 -17.03 38.05 -32.19
C ARG F 180 -17.16 39.56 -32.22
N GLU F 181 -17.29 40.19 -31.05
CA GLU F 181 -17.43 41.64 -31.03
C GLU F 181 -16.14 42.30 -31.53
N ILE F 182 -14.99 41.75 -31.16
CA ILE F 182 -13.74 42.33 -31.60
C ILE F 182 -13.61 42.20 -33.11
N THR F 183 -13.99 41.04 -33.65
CA THR F 183 -13.91 40.85 -35.10
C THR F 183 -14.81 41.84 -35.83
N GLU F 184 -16.02 42.05 -35.31
CA GLU F 184 -16.91 43.00 -35.96
C GLU F 184 -16.32 44.41 -35.89
N GLU F 185 -15.70 44.77 -34.78
CA GLU F 185 -15.09 46.09 -34.69
C GLU F 185 -13.93 46.22 -35.68
N LEU F 186 -13.16 45.15 -35.83
CA LEU F 186 -12.05 45.18 -36.80
C LEU F 186 -12.60 45.36 -38.21
N LYS F 187 -13.65 44.62 -38.54
CA LYS F 187 -14.26 44.71 -39.87
C LYS F 187 -14.75 46.12 -40.14
N LYS F 188 -15.40 46.75 -39.16
CA LYS F 188 -15.91 48.11 -39.38
C LYS F 188 -14.78 49.12 -39.54
N ASN F 189 -13.71 49.01 -38.75
CA ASN F 189 -12.61 49.97 -38.79
C ASN F 189 -11.26 49.26 -38.87
N PRO F 190 -10.96 48.61 -40.00
CA PRO F 190 -9.72 47.84 -40.08
C PRO F 190 -8.49 48.74 -39.96
N SER F 191 -7.49 48.25 -39.23
CA SER F 191 -6.25 48.99 -39.04
C SER F 191 -5.19 48.03 -38.54
N GLU F 192 -3.94 48.50 -38.56
CA GLU F 192 -2.86 47.66 -38.05
C GLU F 192 -3.01 47.42 -36.54
N ASP F 193 -3.43 48.44 -35.80
CA ASP F 193 -3.54 48.26 -34.36
C ASP F 193 -4.75 47.39 -34.03
N ALA F 194 -5.84 47.60 -34.77
CA ALA F 194 -7.03 46.79 -34.53
C ALA F 194 -6.75 45.35 -34.93
N LEU F 195 -5.98 45.17 -36.01
CA LEU F 195 -5.67 43.82 -36.49
C LEU F 195 -4.79 43.09 -35.49
N VAL F 196 -3.80 43.77 -34.91
CA VAL F 196 -2.96 43.08 -33.94
C VAL F 196 -3.75 42.79 -32.67
N GLU F 197 -4.67 43.69 -32.29
CA GLU F 197 -5.48 43.42 -31.12
C GLU F 197 -6.38 42.22 -31.36
N HIS F 198 -6.91 42.12 -32.58
CA HIS F 198 -7.76 40.99 -32.95
C HIS F 198 -6.96 39.70 -32.90
N ASN F 199 -5.73 39.71 -33.44
CA ASN F 199 -4.90 38.51 -33.41
C ASN F 199 -4.60 38.10 -31.97
N ARG F 200 -4.40 39.07 -31.09
CA ARG F 200 -4.17 38.73 -29.69
C ARG F 200 -5.43 38.12 -29.10
N ALA F 201 -6.60 38.67 -29.45
CA ALA F 201 -7.85 38.12 -28.94
C ALA F 201 -7.99 36.67 -29.37
N ILE F 202 -7.56 36.38 -30.61
CA ILE F 202 -7.58 35.02 -31.12
C ILE F 202 -6.64 34.12 -30.33
N VAL F 203 -5.43 34.59 -30.03
CA VAL F 203 -4.53 33.73 -29.28
C VAL F 203 -5.12 33.42 -27.91
N GLU F 204 -5.70 34.42 -27.24
CA GLU F 204 -6.29 34.18 -25.93
C GLU F 204 -7.46 33.20 -26.05
N HIS F 205 -8.25 33.35 -27.11
CA HIS F 205 -9.38 32.46 -27.34
C HIS F 205 -8.91 31.03 -27.55
N ASN F 206 -7.86 30.84 -28.35
CA ASN F 206 -7.37 29.49 -28.57
C ASN F 206 -6.86 28.90 -27.27
N ALA F 207 -6.21 29.71 -26.43
CA ALA F 207 -5.76 29.19 -25.14
C ALA F 207 -6.94 28.72 -24.30
N ILE F 208 -8.05 29.45 -24.37
CA ILE F 208 -9.24 29.04 -23.62
C ILE F 208 -9.80 27.74 -24.18
N ILE F 209 -9.83 27.62 -25.52
CA ILE F 209 -10.32 26.39 -26.13
C ILE F 209 -9.44 25.22 -25.69
N VAL F 210 -8.13 25.43 -25.65
CA VAL F 210 -7.22 24.36 -25.25
C VAL F 210 -7.54 23.92 -23.84
N GLU F 211 -7.78 24.88 -22.93
CA GLU F 211 -8.12 24.50 -21.57
C GLU F 211 -9.45 23.74 -21.50
N ASN F 212 -10.43 24.17 -22.30
CA ASN F 212 -11.71 23.48 -22.30
C ASN F 212 -11.55 22.06 -22.81
N ASN F 213 -10.71 21.87 -23.83
CA ASN F 213 -10.48 20.54 -24.36
C ASN F 213 -9.72 19.69 -23.35
N ARG F 214 -8.83 20.32 -22.58
CA ARG F 214 -8.12 19.56 -21.57
C ARG F 214 -9.11 19.01 -20.55
N ILE F 215 -10.07 19.84 -20.14
CA ILE F 215 -11.04 19.38 -19.15
C ILE F 215 -11.91 18.28 -19.74
N ILE F 216 -12.35 18.45 -21.00
CA ILE F 216 -13.16 17.40 -21.61
C ILE F 216 -12.38 16.10 -21.64
N ALA F 217 -11.10 16.17 -22.02
CA ALA F 217 -10.28 14.98 -22.05
C ALA F 217 -10.17 14.34 -20.68
N ALA F 218 -10.06 15.15 -19.63
CA ALA F 218 -9.98 14.60 -18.29
C ALA F 218 -11.27 13.87 -17.92
N VAL F 219 -12.41 14.44 -18.33
CA VAL F 219 -13.68 13.79 -18.02
C VAL F 219 -13.78 12.46 -18.75
N LEU F 220 -13.40 12.45 -20.02
CA LEU F 220 -13.46 11.19 -20.77
C LEU F 220 -12.51 10.16 -20.16
N GLU F 221 -11.33 10.59 -19.73
CA GLU F 221 -10.41 9.66 -19.11
C GLU F 221 -11.04 9.03 -17.88
N LEU F 222 -11.73 9.84 -17.07
CA LEU F 222 -12.36 9.30 -15.87
C LEU F 222 -13.51 8.36 -16.21
N ILE F 223 -14.26 8.66 -17.26
CA ILE F 223 -15.35 7.77 -17.65
C ILE F 223 -14.81 6.45 -18.18
N VAL F 224 -13.80 6.50 -19.05
CA VAL F 224 -13.28 5.29 -19.67
C VAL F 224 -12.52 4.46 -18.64
N GLY F 225 -11.68 5.09 -17.84
CA GLY F 225 -10.87 4.39 -16.86
C GLY F 225 -11.53 4.32 -15.49
N GLY G 2 5.52 -19.60 46.97
CA GLY G 2 4.46 -18.80 46.28
C GLY G 2 4.19 -19.29 44.87
N SER G 3 4.83 -18.63 43.89
CA SER G 3 4.60 -18.95 42.48
C SER G 3 5.08 -20.35 42.12
N GLU G 4 5.94 -20.93 42.94
CA GLU G 4 6.47 -22.27 42.65
C GLU G 4 5.34 -23.28 42.56
N VAL G 5 4.32 -23.15 43.38
CA VAL G 5 3.21 -24.10 43.38
C VAL G 5 2.11 -23.64 42.44
N GLU G 6 1.80 -22.35 42.47
CA GLU G 6 0.75 -21.83 41.61
C GLU G 6 1.02 -22.18 40.15
N ILE G 7 2.28 -22.06 39.73
CA ILE G 7 2.62 -22.38 38.35
C ILE G 7 2.50 -23.87 38.09
N LEU G 8 2.85 -24.70 39.08
CA LEU G 8 2.68 -26.13 38.89
C LEU G 8 1.22 -26.48 38.71
N LYS G 9 0.35 -25.77 39.42
CA LYS G 9 -1.08 -26.01 39.27
C LYS G 9 -1.56 -25.55 37.91
N ALA G 10 -1.03 -24.43 37.42
CA ALA G 10 -1.40 -23.99 36.07
C ALA G 10 -0.99 -25.03 35.04
N LEU G 11 0.18 -25.65 35.23
CA LEU G 11 0.62 -26.69 34.30
C LEU G 11 -0.29 -27.91 34.39
N LEU G 12 -0.73 -28.23 35.60
CA LEU G 12 -1.65 -29.35 35.76
C LEU G 12 -2.95 -29.04 35.03
N GLU G 13 -3.41 -27.79 35.16
CA GLU G 13 -4.61 -27.38 34.45
C GLU G 13 -4.46 -27.55 32.96
N LEU G 14 -3.31 -27.16 32.40
CA LEU G 14 -3.15 -27.29 30.97
C LEU G 14 -3.18 -28.76 30.57
N LYS G 15 -2.58 -29.63 31.38
CA LYS G 15 -2.62 -31.05 31.10
C LYS G 15 -4.05 -31.57 31.11
N LYS G 16 -4.85 -31.14 32.08
CA LYS G 16 -6.21 -31.66 32.18
C LYS G 16 -7.10 -31.08 31.10
N SER G 17 -6.94 -29.81 30.73
CA SER G 17 -7.79 -29.28 29.70
C SER G 17 -7.41 -29.86 28.36
N THR G 18 -6.14 -30.24 28.20
CA THR G 18 -5.73 -30.89 26.96
C THR G 18 -6.36 -32.26 26.87
N ALA G 19 -6.33 -33.02 27.96
CA ALA G 19 -6.96 -34.34 27.94
C ALA G 19 -8.45 -34.20 27.65
N GLU G 20 -9.08 -33.18 28.24
CA GLU G 20 -10.49 -32.94 27.96
C GLU G 20 -10.70 -32.66 26.49
N LEU G 21 -9.85 -31.83 25.90
CA LEU G 21 -10.02 -31.49 24.49
C LEU G 21 -9.93 -32.73 23.64
N LYS G 22 -8.95 -33.58 23.92
CA LYS G 22 -8.77 -34.79 23.12
C LYS G 22 -10.01 -35.69 23.24
N ARG G 23 -10.55 -35.83 24.45
CA ARG G 23 -11.72 -36.67 24.61
C ARG G 23 -12.98 -36.04 24.02
N ALA G 24 -13.13 -34.73 24.14
CA ALA G 24 -14.28 -34.06 23.57
C ALA G 24 -14.26 -34.19 22.06
N THR G 25 -13.08 -34.11 21.48
CA THR G 25 -12.95 -34.22 20.03
C THR G 25 -13.32 -35.64 19.61
N ALA G 26 -12.85 -36.63 20.39
CA ALA G 26 -13.18 -38.01 20.07
C ALA G 26 -14.68 -38.23 20.11
N SER G 27 -15.37 -37.61 21.08
CA SER G 27 -16.81 -37.82 21.06
C SER G 27 -17.44 -37.06 19.91
N LEU G 28 -16.87 -35.92 19.53
CA LEU G 28 -17.43 -35.16 18.41
C LEU G 28 -17.52 -36.06 17.20
N ARG G 29 -16.44 -36.79 16.93
CA ARG G 29 -16.37 -37.65 15.77
C ARG G 29 -17.21 -38.91 15.93
N ALA G 30 -17.19 -39.51 17.12
CA ALA G 30 -17.97 -40.72 17.32
C ALA G 30 -19.44 -40.38 17.09
N ILE G 31 -19.83 -39.16 17.48
CA ILE G 31 -21.21 -38.72 17.31
C ILE G 31 -21.54 -38.59 15.84
N THR G 32 -20.69 -37.90 15.08
CA THR G 32 -21.01 -37.69 13.67
C THR G 32 -21.15 -39.03 12.94
N GLU G 33 -20.17 -39.93 13.15
CA GLU G 33 -20.17 -41.23 12.47
C GLU G 33 -21.29 -42.14 12.92
N GLU G 34 -21.62 -42.17 14.20
CA GLU G 34 -22.65 -43.12 14.62
C GLU G 34 -24.04 -42.57 14.35
N LEU G 35 -24.24 -41.27 14.54
CA LEU G 35 -25.58 -40.74 14.38
C LEU G 35 -25.96 -40.61 12.91
N LYS G 36 -25.01 -40.37 11.99
CA LYS G 36 -25.46 -40.23 10.60
C LYS G 36 -26.06 -41.53 10.09
N LYS G 37 -25.78 -42.65 10.77
CA LYS G 37 -26.34 -43.94 10.38
C LYS G 37 -27.86 -43.96 10.49
N ASN G 38 -28.41 -43.22 11.44
CA ASN G 38 -29.86 -43.18 11.64
C ASN G 38 -30.24 -41.83 12.23
N PRO G 39 -30.49 -40.84 11.38
CA PRO G 39 -30.85 -39.50 11.88
C PRO G 39 -32.11 -39.45 12.72
N SER G 40 -32.91 -40.51 12.77
CA SER G 40 -34.13 -40.45 13.59
C SER G 40 -33.84 -40.42 15.08
N GLU G 41 -32.60 -40.74 15.50
CA GLU G 41 -32.23 -40.65 16.91
C GLU G 41 -31.83 -39.19 17.17
N ASP G 42 -32.84 -38.34 17.19
CA ASP G 42 -32.61 -36.90 17.21
C ASP G 42 -32.08 -36.44 18.55
N ALA G 43 -32.66 -36.93 19.64
CA ALA G 43 -32.24 -36.50 20.97
C ALA G 43 -30.78 -36.82 21.22
N LEU G 44 -30.33 -37.99 20.79
CA LEU G 44 -28.94 -38.37 21.06
C LEU G 44 -27.97 -37.49 20.31
N VAL G 45 -28.24 -37.19 19.04
CA VAL G 45 -27.29 -36.40 18.27
C VAL G 45 -27.32 -34.95 18.73
N GLU G 46 -28.50 -34.42 19.04
CA GLU G 46 -28.57 -33.02 19.44
C GLU G 46 -27.95 -32.83 20.82
N HIS G 47 -28.15 -33.79 21.72
CA HIS G 47 -27.58 -33.65 23.05
C HIS G 47 -26.08 -33.76 22.98
N ASN G 48 -25.57 -34.72 22.19
CA ASN G 48 -24.13 -34.87 22.15
C ASN G 48 -23.47 -33.69 21.44
N ARG G 49 -24.15 -33.10 20.45
CA ARG G 49 -23.54 -31.93 19.82
C ARG G 49 -23.49 -30.78 20.80
N ALA G 50 -24.53 -30.62 21.61
CA ALA G 50 -24.49 -29.56 22.61
C ALA G 50 -23.36 -29.81 23.59
N ILE G 51 -23.14 -31.08 23.94
CA ILE G 51 -22.07 -31.43 24.87
C ILE G 51 -20.72 -31.03 24.29
N VAL G 52 -20.54 -31.32 23.00
CA VAL G 52 -19.29 -30.98 22.32
C VAL G 52 -19.08 -29.48 22.30
N GLU G 53 -20.12 -28.70 21.99
CA GLU G 53 -19.94 -27.26 21.98
C GLU G 53 -19.58 -26.73 23.36
N HIS G 54 -20.22 -27.29 24.39
CA HIS G 54 -19.95 -26.81 25.74
C HIS G 54 -18.50 -27.09 26.11
N ASN G 55 -18.00 -28.26 25.76
CA ASN G 55 -16.63 -28.60 26.09
C ASN G 55 -15.66 -27.72 25.31
N ALA G 56 -15.95 -27.46 24.04
CA ALA G 56 -15.04 -26.62 23.26
C ALA G 56 -14.93 -25.24 23.88
N ILE G 57 -16.05 -24.71 24.36
CA ILE G 57 -16.02 -23.39 24.99
C ILE G 57 -15.22 -23.46 26.29
N ILE G 58 -15.43 -24.50 27.08
CA ILE G 58 -14.70 -24.60 28.34
C ILE G 58 -13.20 -24.67 28.10
N VAL G 59 -12.78 -25.43 27.08
CA VAL G 59 -11.35 -25.53 26.78
C VAL G 59 -10.79 -24.16 26.39
N GLU G 60 -11.52 -23.42 25.56
CA GLU G 60 -11.02 -22.09 25.18
C GLU G 60 -10.94 -21.17 26.40
N ASN G 61 -11.93 -21.25 27.28
CA ASN G 61 -11.89 -20.42 28.47
C ASN G 61 -10.73 -20.81 29.37
N ASN G 62 -10.44 -22.10 29.49
CA ASN G 62 -9.32 -22.50 30.34
C ASN G 62 -8.02 -21.95 29.79
N ARG G 63 -7.89 -21.94 28.46
CA ARG G 63 -6.69 -21.40 27.85
C ARG G 63 -6.53 -19.92 28.19
N ILE G 64 -7.63 -19.17 28.09
CA ILE G 64 -7.53 -17.73 28.34
C ILE G 64 -7.24 -17.47 29.81
N ILE G 65 -7.91 -18.20 30.70
CA ILE G 65 -7.70 -18.00 32.12
C ILE G 65 -6.25 -18.28 32.47
N ALA G 66 -5.70 -19.37 31.96
CA ALA G 66 -4.31 -19.69 32.23
C ALA G 66 -3.40 -18.59 31.70
N ALA G 67 -3.72 -18.05 30.51
CA ALA G 67 -2.90 -16.98 29.95
C ALA G 67 -2.87 -15.76 30.85
N VAL G 68 -3.98 -15.45 31.51
CA VAL G 68 -4.00 -14.29 32.42
C VAL G 68 -3.27 -14.62 33.72
N LEU G 69 -3.54 -15.80 34.26
CA LEU G 69 -2.89 -16.13 35.52
C LEU G 69 -1.39 -16.19 35.34
N MET G 70 -0.89 -16.56 34.15
CA MET G 70 0.56 -16.52 33.98
C MET G 70 1.10 -15.12 34.14
N LEU G 71 0.29 -14.10 33.89
CA LEU G 71 0.78 -12.73 34.06
C LEU G 71 0.80 -12.40 35.54
N ILE G 72 -0.17 -12.92 36.28
CA ILE G 72 -0.13 -12.68 37.72
C ILE G 72 1.07 -13.41 38.31
N VAL G 73 1.30 -14.64 37.86
CA VAL G 73 2.42 -15.44 38.35
C VAL G 73 3.75 -14.76 38.07
N VAL G 74 3.91 -14.20 36.87
CA VAL G 74 5.18 -13.54 36.58
C VAL G 74 5.35 -12.32 37.47
N ALA G 75 4.27 -11.61 37.76
CA ALA G 75 4.40 -10.48 38.68
C ALA G 75 4.80 -10.97 40.07
N VAL G 76 4.24 -12.10 40.50
CA VAL G 76 4.53 -12.66 41.82
C VAL G 76 5.98 -13.09 41.94
N GLY G 77 6.52 -13.71 40.90
CA GLY G 77 7.89 -14.21 40.94
C GLY G 77 8.97 -13.17 41.15
N MET G 78 8.64 -11.89 41.02
CA MET G 78 9.60 -10.82 41.19
C MET G 78 9.63 -10.26 42.61
N THR G 79 8.92 -10.91 43.53
CA THR G 79 8.82 -10.44 44.90
C THR G 79 10.18 -10.17 45.53
N GLN G 80 11.14 -11.08 45.36
CA GLN G 80 12.44 -10.86 46.00
C GLN G 80 13.24 -9.77 45.31
N GLU G 81 13.09 -9.62 44.01
CA GLU G 81 13.83 -8.57 43.31
C GLU G 81 13.30 -7.21 43.74
N ILE G 82 11.99 -7.12 43.92
CA ILE G 82 11.40 -5.87 44.35
C ILE G 82 11.78 -5.60 45.80
N LYS G 83 11.69 -6.63 46.65
CA LYS G 83 12.08 -6.45 48.05
C LYS G 83 13.51 -5.94 48.16
N LYS G 84 14.43 -6.48 47.38
CA LYS G 84 15.81 -6.01 47.46
C LYS G 84 15.93 -4.59 46.92
N ALA G 85 15.20 -4.27 45.86
CA ALA G 85 15.23 -2.89 45.36
C ALA G 85 14.72 -1.93 46.43
N LEU G 86 13.69 -2.34 47.16
CA LEU G 86 13.17 -1.51 48.23
C LEU G 86 14.16 -1.37 49.35
N GLU G 87 14.85 -2.45 49.72
CA GLU G 87 15.82 -2.32 50.80
C GLU G 87 16.89 -1.30 50.40
N GLU G 88 17.30 -1.31 49.14
CA GLU G 88 18.30 -0.35 48.68
C GLU G 88 17.71 1.05 48.70
N LEU G 89 16.45 1.19 48.29
CA LEU G 89 15.85 2.52 48.23
C LEU G 89 15.69 3.09 49.63
N VAL G 90 15.36 2.24 50.60
CA VAL G 90 15.20 2.69 51.97
C VAL G 90 16.55 3.14 52.52
N ALA G 91 17.60 2.35 52.29
CA ALA G 91 18.91 2.76 52.78
C ALA G 91 19.33 4.07 52.14
N SER G 92 19.03 4.23 50.84
CA SER G 92 19.39 5.47 50.15
C SER G 92 18.64 6.65 50.74
N THR G 93 17.33 6.48 51.00
CA THR G 93 16.54 7.56 51.58
C THR G 93 17.11 7.96 52.93
N ALA G 94 17.45 6.98 53.76
CA ALA G 94 18.00 7.29 55.07
C ALA G 94 19.33 8.03 54.93
N GLU G 95 20.15 7.64 53.95
CA GLU G 95 21.43 8.32 53.78
C GLU G 95 21.19 9.75 53.31
N LEU G 96 20.19 9.94 52.46
CA LEU G 96 19.90 11.28 51.97
C LEU G 96 19.45 12.16 53.11
N LYS G 97 18.63 11.59 54.01
CA LYS G 97 18.20 12.32 55.20
C LYS G 97 19.39 12.73 56.05
N ARG G 98 20.34 11.81 56.26
CA ARG G 98 21.50 12.14 57.07
C ARG G 98 22.28 13.27 56.41
N ALA G 99 22.44 13.21 55.09
CA ALA G 99 23.16 14.27 54.39
C ALA G 99 22.44 15.60 54.53
N THR G 100 21.11 15.58 54.47
CA THR G 100 20.35 16.82 54.60
C THR G 100 20.51 17.42 55.98
N ALA G 101 20.40 16.59 57.02
CA ALA G 101 20.55 17.12 58.37
C ALA G 101 21.96 17.65 58.58
N SER G 102 22.96 16.97 58.02
CA SER G 102 24.32 17.44 58.15
C SER G 102 24.48 18.78 57.46
N LEU G 103 23.91 18.91 56.27
CA LEU G 103 24.03 20.16 55.54
C LEU G 103 23.35 21.29 56.31
N ARG G 104 22.18 21.02 56.89
CA ARG G 104 21.49 22.05 57.66
C ARG G 104 22.37 22.52 58.82
N ALA G 105 22.96 21.57 59.54
CA ALA G 105 23.82 21.96 60.66
C ALA G 105 25.00 22.77 60.17
N ILE G 106 25.56 22.40 59.01
CA ILE G 106 26.68 23.15 58.46
C ILE G 106 26.23 24.56 58.11
N THR G 107 25.05 24.68 57.49
CA THR G 107 24.54 26.00 57.11
C THR G 107 24.43 26.89 58.33
N GLU G 108 23.89 26.34 59.43
CA GLU G 108 23.75 27.13 60.64
C GLU G 108 25.12 27.55 61.18
N GLU G 109 26.09 26.64 61.15
CA GLU G 109 27.41 26.95 61.67
C GLU G 109 28.11 27.98 60.79
N LEU G 110 27.96 27.85 59.47
CA LEU G 110 28.59 28.75 58.53
C LEU G 110 28.02 30.16 58.64
N LYS G 111 26.70 30.28 58.79
CA LYS G 111 26.14 31.62 58.92
C LYS G 111 26.50 32.22 60.29
N LYS G 112 26.42 31.41 61.35
CA LYS G 112 26.71 31.94 62.68
C LYS G 112 28.20 32.28 62.84
N ASN G 113 29.08 31.46 62.27
CA ASN G 113 30.53 31.64 62.39
C ASN G 113 31.19 31.35 61.05
N PRO G 114 31.24 32.33 60.15
CA PRO G 114 31.61 32.03 58.76
C PRO G 114 33.11 31.77 58.57
N SER G 115 33.60 30.74 59.25
CA SER G 115 34.97 30.29 59.11
C SER G 115 35.17 29.62 57.75
N GLU G 116 36.38 29.78 57.20
CA GLU G 116 36.68 29.15 55.92
C GLU G 116 36.43 27.65 55.98
N ASP G 117 36.72 27.03 57.14
CA ASP G 117 36.51 25.60 57.28
C ASP G 117 35.04 25.27 57.08
N ALA G 118 34.14 26.16 57.50
CA ALA G 118 32.72 25.89 57.32
C ALA G 118 32.35 25.94 55.85
N LEU G 119 33.00 26.79 55.05
CA LEU G 119 32.72 26.80 53.62
C LEU G 119 33.22 25.52 52.98
N VAL G 120 34.37 25.03 53.44
CA VAL G 120 34.90 23.79 52.91
C VAL G 120 33.93 22.66 53.23
N GLU G 121 33.43 22.64 54.47
CA GLU G 121 32.48 21.61 54.87
C GLU G 121 31.19 21.74 54.06
N HIS G 122 30.79 22.96 53.75
CA HIS G 122 29.60 23.16 52.91
C HIS G 122 29.79 22.49 51.56
N ASN G 123 30.91 22.75 50.90
CA ASN G 123 31.10 22.15 49.57
C ASN G 123 31.22 20.63 49.68
N ARG G 124 31.82 20.13 50.76
CA ARG G 124 31.92 18.69 50.92
C ARG G 124 30.52 18.08 51.08
N ALA G 125 29.68 18.72 51.88
CA ALA G 125 28.33 18.22 52.09
C ALA G 125 27.54 18.25 50.80
N ILE G 126 27.76 19.26 49.96
CA ILE G 126 27.06 19.32 48.68
C ILE G 126 27.49 18.15 47.81
N VAL G 127 28.79 17.83 47.80
CA VAL G 127 29.25 16.72 47.00
C VAL G 127 28.66 15.40 47.52
N GLU G 128 28.62 15.23 48.84
CA GLU G 128 28.03 13.99 49.37
C GLU G 128 26.57 13.90 48.97
N HIS G 129 25.87 15.03 49.00
CA HIS G 129 24.47 15.03 48.64
C HIS G 129 24.28 14.63 47.18
N ASN G 130 25.12 15.16 46.28
CA ASN G 130 24.97 14.79 44.89
C ASN G 130 25.29 13.31 44.68
N ALA G 131 26.28 12.78 45.39
CA ALA G 131 26.57 11.35 45.25
C ALA G 131 25.38 10.53 45.71
N ILE G 132 24.70 10.99 46.75
CA ILE G 132 23.52 10.28 47.24
C ILE G 132 22.41 10.36 46.21
N ILE G 133 22.20 11.53 45.60
CA ILE G 133 21.16 11.63 44.59
C ILE G 133 21.45 10.65 43.47
N VAL G 134 22.71 10.55 43.06
CA VAL G 134 23.04 9.66 41.95
C VAL G 134 22.72 8.22 42.32
N GLU G 135 23.06 7.80 43.54
CA GLU G 135 22.72 6.44 43.93
C GLU G 135 21.21 6.26 44.01
N ASN G 136 20.51 7.26 44.53
CA ASN G 136 19.05 7.17 44.65
C ASN G 136 18.41 7.01 43.28
N ASN G 137 18.85 7.81 42.29
CA ASN G 137 18.23 7.71 40.98
C ASN G 137 18.60 6.41 40.28
N ARG G 138 19.81 5.89 40.53
CA ARG G 138 20.13 4.59 39.97
C ARG G 138 19.17 3.54 40.51
N ILE G 139 18.95 3.58 41.82
CA ILE G 139 18.06 2.61 42.46
C ILE G 139 16.64 2.77 41.94
N ILE G 140 16.17 4.01 41.81
CA ILE G 140 14.83 4.22 41.28
C ILE G 140 14.72 3.70 39.86
N ALA G 141 15.71 3.99 39.01
CA ALA G 141 15.61 3.48 37.65
C ALA G 141 15.52 1.96 37.65
N ALA G 142 16.27 1.31 38.54
CA ALA G 142 16.22 -0.14 38.64
C ALA G 142 14.85 -0.62 39.10
N VAL G 143 14.26 0.08 40.08
CA VAL G 143 12.95 -0.37 40.55
C VAL G 143 11.91 -0.11 39.48
N LEU G 144 12.07 0.96 38.70
CA LEU G 144 11.13 1.22 37.63
C LEU G 144 11.19 0.11 36.60
N GLU G 145 12.40 -0.35 36.28
CA GLU G 145 12.51 -1.45 35.33
C GLU G 145 11.83 -2.68 35.90
N LEU G 146 11.98 -2.91 37.20
CA LEU G 146 11.34 -4.07 37.83
C LEU G 146 9.82 -3.92 37.77
N ILE G 147 9.31 -2.71 37.96
CA ILE G 147 7.87 -2.50 37.91
C ILE G 147 7.35 -2.72 36.49
N VAL G 148 8.03 -2.16 35.51
CA VAL G 148 7.58 -2.29 34.13
C VAL G 148 7.58 -3.75 33.73
N ARG G 149 8.61 -4.49 34.12
CA ARG G 149 8.65 -5.91 33.80
C ARG G 149 7.58 -6.67 34.57
N ALA G 150 7.41 -6.38 35.86
CA ALA G 150 6.42 -7.08 36.67
C ALA G 150 4.99 -6.86 36.16
N LEU G 151 4.70 -5.68 35.62
CA LEU G 151 3.36 -5.39 35.13
C LEU G 151 3.19 -5.77 33.66
N ASN G 152 4.24 -6.31 33.03
CA ASN G 152 4.20 -6.70 31.64
C ASN G 152 3.70 -5.59 30.73
N LEU G 153 4.24 -4.39 30.90
CA LEU G 153 3.80 -3.28 30.06
C LEU G 153 4.49 -3.36 28.71
N THR G 154 3.75 -3.03 27.66
CA THR G 154 4.26 -2.99 26.30
C THR G 154 4.15 -1.61 25.67
N ASP G 155 3.62 -0.63 26.38
CA ASP G 155 3.37 0.68 25.80
C ASP G 155 4.65 1.26 25.23
N ALA G 156 4.63 1.60 23.95
CA ALA G 156 5.84 2.14 23.31
C ALA G 156 6.34 3.37 24.05
N GLU G 157 5.44 4.16 24.62
CA GLU G 157 5.87 5.37 25.31
C GLU G 157 6.65 5.04 26.56
N VAL G 158 6.31 3.96 27.25
CA VAL G 158 7.04 3.66 28.47
C VAL G 158 8.39 3.08 28.12
N ILE G 159 8.46 2.31 27.04
CA ILE G 159 9.74 1.72 26.63
C ILE G 159 10.68 2.84 26.23
N LYS G 160 10.18 3.80 25.46
CA LYS G 160 11.02 4.92 25.07
C LYS G 160 11.46 5.71 26.29
N ALA G 161 10.54 5.91 27.24
CA ALA G 161 10.90 6.67 28.43
C ALA G 161 11.99 5.95 29.21
N LEU G 162 11.93 4.62 29.26
CA LEU G 162 12.97 3.87 29.95
C LEU G 162 14.30 4.01 29.23
N ILE G 163 14.28 4.06 27.90
CA ILE G 163 15.53 4.24 27.16
C ILE G 163 16.11 5.61 27.50
N GLU G 164 15.26 6.64 27.50
CA GLU G 164 15.73 7.98 27.82
C GLU G 164 16.28 8.01 29.23
N LEU G 165 15.65 7.27 30.14
CA LEU G 165 16.13 7.24 31.51
C LEU G 165 17.51 6.62 31.57
N ARG G 166 17.71 5.50 30.88
CA ARG G 166 19.01 4.85 30.91
C ARG G 166 20.08 5.79 30.38
N LEU G 167 19.78 6.53 29.30
CA LEU G 167 20.78 7.43 28.76
C LEU G 167 21.05 8.57 29.73
N SER G 168 20.00 9.08 30.39
CA SER G 168 20.22 10.17 31.32
C SER G 168 20.95 9.69 32.55
N THR G 169 20.82 8.41 32.92
CA THR G 169 21.58 7.96 34.07
C THR G 169 23.04 7.82 33.69
N LEU G 170 23.33 7.53 32.42
CA LEU G 170 24.74 7.48 32.01
C LEU G 170 25.33 8.88 32.07
N GLU G 171 24.56 9.86 31.60
CA GLU G 171 25.05 11.24 31.63
C GLU G 171 25.23 11.70 33.06
N LEU G 172 24.30 11.32 33.94
CA LEU G 172 24.37 11.73 35.32
C LEU G 172 25.58 11.14 36.01
N VAL G 173 25.87 9.86 35.77
CA VAL G 173 27.04 9.27 36.41
C VAL G 173 28.32 9.92 35.92
N ALA G 174 28.43 10.15 34.60
CA ALA G 174 29.65 10.79 34.12
C ALA G 174 29.79 12.20 34.69
N ALA G 175 28.69 12.95 34.76
CA ALA G 175 28.77 14.29 35.31
C ALA G 175 29.15 14.24 36.78
N THR G 176 28.66 13.22 37.49
CA THR G 176 28.98 13.12 38.91
C THR G 176 30.46 12.89 39.11
N ALA G 177 31.03 11.99 38.29
CA ALA G 177 32.47 11.74 38.41
C ALA G 177 33.25 13.00 38.11
N SER G 178 32.79 13.78 37.13
CA SER G 178 33.50 15.01 36.81
C SER G 178 33.40 15.99 37.97
N LEU G 179 32.24 16.07 38.61
CA LEU G 179 32.07 16.97 39.74
C LEU G 179 32.97 16.56 40.90
N ARG G 180 33.07 15.26 41.17
CA ARG G 180 33.93 14.82 42.26
C ARG G 180 35.38 15.19 41.97
N GLU G 181 35.81 15.00 40.73
CA GLU G 181 37.20 15.32 40.41
C GLU G 181 37.44 16.81 40.54
N ILE G 182 36.48 17.63 40.12
CA ILE G 182 36.65 19.08 40.22
C ILE G 182 36.73 19.49 41.68
N THR G 183 35.86 18.90 42.52
CA THR G 183 35.89 19.23 43.94
C THR G 183 37.23 18.87 44.56
N GLU G 184 37.77 17.69 44.21
CA GLU G 184 39.06 17.31 44.76
C GLU G 184 40.15 18.27 44.30
N GLU G 185 40.09 18.72 43.04
CA GLU G 185 41.10 19.66 42.57
C GLU G 185 40.96 21.00 43.30
N LEU G 186 39.73 21.42 43.56
CA LEU G 186 39.53 22.65 44.31
C LEU G 186 40.11 22.53 45.72
N LYS G 187 39.84 21.40 46.37
CA LYS G 187 40.34 21.16 47.72
C LYS G 187 41.86 21.20 47.75
N LYS G 188 42.51 20.57 46.77
CA LYS G 188 43.97 20.57 46.76
C LYS G 188 44.55 21.96 46.50
N ASN G 189 43.95 22.73 45.61
CA ASN G 189 44.47 24.06 45.26
C ASN G 189 43.35 25.10 45.27
N PRO G 190 42.82 25.44 46.45
CA PRO G 190 41.69 26.36 46.52
C PRO G 190 42.08 27.74 46.01
N SER G 191 41.16 28.36 45.26
CA SER G 191 41.40 29.69 44.71
C SER G 191 40.06 30.27 44.28
N GLU G 192 40.05 31.57 43.98
CA GLU G 192 38.82 32.20 43.51
C GLU G 192 38.41 31.66 42.15
N ASP G 193 39.38 31.40 41.26
CA ASP G 193 39.02 30.93 39.94
C ASP G 193 38.59 29.47 40.01
N ALA G 194 39.27 28.69 40.84
CA ALA G 194 38.89 27.29 40.99
C ALA G 194 37.53 27.20 41.65
N LEU G 195 37.26 28.10 42.61
CA LEU G 195 35.99 28.06 43.31
C LEU G 195 34.85 28.44 42.38
N VAL G 196 35.05 29.43 41.50
CA VAL G 196 33.96 29.78 40.60
C VAL G 196 33.77 28.68 39.57
N GLU G 197 34.85 28.02 39.15
CA GLU G 197 34.70 26.93 38.20
C GLU G 197 33.94 25.78 38.86
N HIS G 198 34.22 25.53 40.14
CA HIS G 198 33.54 24.48 40.87
C HIS G 198 32.05 24.81 40.99
N ASN G 199 31.73 26.07 41.31
CA ASN G 199 30.33 26.46 41.41
C ASN G 199 29.62 26.29 40.08
N ARG G 200 30.31 26.58 38.98
CA ARG G 200 29.69 26.36 37.67
C ARG G 200 29.47 24.88 37.45
N ALA G 201 30.44 24.05 37.85
CA ALA G 201 30.28 22.61 37.68
C ALA G 201 29.06 22.14 38.45
N ILE G 202 28.84 22.71 39.62
CA ILE G 202 27.66 22.38 40.43
C ILE G 202 26.38 22.80 39.71
N VAL G 203 26.35 23.99 39.13
CA VAL G 203 25.13 24.40 38.46
C VAL G 203 24.82 23.44 37.30
N GLU G 204 25.85 23.07 36.53
CA GLU G 204 25.62 22.15 35.42
C GLU G 204 25.15 20.80 35.94
N HIS G 205 25.74 20.35 37.05
CA HIS G 205 25.34 19.07 37.64
C HIS G 205 23.89 19.12 38.08
N ASN G 206 23.48 20.20 38.73
CA ASN G 206 22.09 20.29 39.17
C ASN G 206 21.16 20.29 37.98
N ALA G 207 21.56 20.94 36.88
CA ALA G 207 20.71 20.92 35.69
C ALA G 207 20.55 19.49 35.17
N ILE G 208 21.63 18.71 35.25
CA ILE G 208 21.54 17.32 34.81
C ILE G 208 20.63 16.52 35.73
N ILE G 209 20.75 16.75 37.04
CA ILE G 209 19.87 16.06 37.98
C ILE G 209 18.41 16.41 37.69
N VAL G 210 18.14 17.67 37.40
CA VAL G 210 16.78 18.09 37.11
C VAL G 210 16.26 17.35 35.89
N GLU G 211 17.08 17.22 34.85
CA GLU G 211 16.63 16.48 33.67
C GLU G 211 16.39 15.01 33.99
N ASN G 212 17.25 14.41 34.81
CA ASN G 212 17.07 13.01 35.18
C ASN G 212 15.78 12.83 35.96
N ASN G 213 15.47 13.78 36.84
CA ASN G 213 14.24 13.69 37.62
C ASN G 213 13.04 13.90 36.71
N ARG G 214 13.18 14.74 35.70
CA ARG G 214 12.07 14.94 34.78
C ARG G 214 11.74 13.63 34.08
N ILE G 215 12.78 12.92 33.65
CA ILE G 215 12.54 11.66 32.96
C ILE G 215 11.93 10.63 33.91
N ILE G 216 12.44 10.56 35.14
CA ILE G 216 11.84 9.62 36.10
C ILE G 216 10.37 9.95 36.30
N ALA G 217 10.06 11.24 36.44
CA ALA G 217 8.67 11.64 36.61
C ALA G 217 7.82 11.23 35.41
N ALA G 218 8.37 11.35 34.20
CA ALA G 218 7.62 10.94 33.02
C ALA G 218 7.34 9.45 33.04
N VAL G 219 8.32 8.66 33.49
CA VAL G 219 8.12 7.22 33.53
C VAL G 219 7.05 6.88 34.55
N LEU G 220 7.09 7.52 35.72
CA LEU G 220 6.08 7.23 36.73
C LEU G 220 4.71 7.64 36.22
N GLU G 221 4.62 8.77 35.52
CA GLU G 221 3.34 9.20 34.99
C GLU G 221 2.78 8.15 34.05
N LEU G 222 3.64 7.58 33.20
CA LEU G 222 3.17 6.57 32.26
C LEU G 222 2.76 5.29 32.98
N ILE G 223 3.47 4.91 34.05
CA ILE G 223 3.10 3.72 34.80
C ILE G 223 1.77 3.92 35.52
N VAL G 224 1.59 5.07 36.17
CA VAL G 224 0.39 5.32 36.96
C VAL G 224 -0.80 5.53 36.04
N GLY G 225 -0.63 6.33 34.99
CA GLY G 225 -1.72 6.64 34.07
C GLY G 225 -1.78 5.71 32.89
N GLY H 2 38.21 -4.05 26.36
CA GLY H 2 36.77 -4.14 25.98
C GLY H 2 36.51 -5.24 24.96
N SER H 3 36.46 -4.86 23.69
CA SER H 3 36.15 -5.80 22.63
C SER H 3 37.22 -6.87 22.46
N GLU H 4 38.42 -6.62 22.97
CA GLU H 4 39.51 -7.59 22.84
C GLU H 4 39.15 -8.92 23.49
N VAL H 5 38.42 -8.87 24.60
CA VAL H 5 38.06 -10.10 25.31
C VAL H 5 36.71 -10.62 24.83
N GLU H 6 35.75 -9.70 24.64
CA GLU H 6 34.43 -10.11 24.19
C GLU H 6 34.52 -10.91 22.90
N ILE H 7 35.37 -10.48 21.98
CA ILE H 7 35.52 -11.20 20.72
C ILE H 7 36.20 -12.55 20.93
N LEU H 8 37.15 -12.62 21.86
CA LEU H 8 37.78 -13.90 22.13
C LEU H 8 36.76 -14.87 22.67
N LYS H 9 35.82 -14.36 23.47
CA LYS H 9 34.78 -15.23 24.01
C LYS H 9 33.83 -15.66 22.91
N ALA H 10 33.51 -14.77 21.97
CA ALA H 10 32.67 -15.18 20.86
C ALA H 10 33.34 -16.28 20.05
N LEU H 11 34.67 -16.20 19.88
CA LEU H 11 35.37 -17.26 19.16
C LEU H 11 35.33 -18.56 19.93
N LEU H 12 35.45 -18.46 21.26
CA LEU H 12 35.37 -19.68 22.06
C LEU H 12 33.99 -20.30 21.91
N GLU H 13 32.96 -19.45 21.90
CA GLU H 13 31.61 -19.96 21.69
C GLU H 13 31.48 -20.68 20.37
N LEU H 14 32.07 -20.11 19.31
CA LEU H 14 31.95 -20.77 18.02
C LEU H 14 32.63 -22.13 18.06
N LYS H 15 33.78 -22.20 18.72
CA LYS H 15 34.47 -23.48 18.84
C LYS H 15 33.61 -24.50 19.58
N LYS H 16 32.95 -24.07 20.66
CA LYS H 16 32.17 -25.00 21.45
C LYS H 16 30.87 -25.39 20.75
N SER H 17 30.23 -24.46 20.03
CA SER H 17 29.00 -24.85 19.38
C SER H 17 29.32 -25.76 18.21
N THR H 18 30.51 -25.60 17.62
CA THR H 18 30.92 -26.49 16.55
C THR H 18 31.15 -27.88 17.08
N ALA H 19 31.84 -27.99 18.23
CA ALA H 19 32.07 -29.31 18.81
C ALA H 19 30.73 -29.95 19.17
N GLU H 20 29.80 -29.15 19.69
CA GLU H 20 28.48 -29.68 20.00
C GLU H 20 27.80 -30.19 18.74
N LEU H 21 27.88 -29.43 17.65
CA LEU H 21 27.20 -29.85 16.43
C LEU H 21 27.76 -31.17 15.95
N LYS H 22 29.09 -31.30 15.98
CA LYS H 22 29.71 -32.53 15.51
C LYS H 22 29.26 -33.71 16.36
N ARG H 23 29.20 -33.52 17.69
CA ARG H 23 28.78 -34.62 18.55
C ARG H 23 27.29 -34.91 18.41
N ALA H 24 26.46 -33.89 18.27
CA ALA H 24 25.03 -34.13 18.10
C ALA H 24 24.78 -34.89 16.82
N THR H 25 25.55 -34.57 15.77
CA THR H 25 25.38 -35.25 14.50
C THR H 25 25.80 -36.70 14.65
N ALA H 26 26.91 -36.94 15.37
CA ALA H 26 27.35 -38.30 15.59
C ALA H 26 26.28 -39.11 16.32
N SER H 27 25.61 -38.50 17.29
CA SER H 27 24.57 -39.30 17.95
C SER H 27 23.39 -39.47 17.01
N LEU H 28 23.11 -38.48 16.15
CA LEU H 28 21.99 -38.61 15.22
C LEU H 28 22.15 -39.88 14.41
N ARG H 29 23.37 -40.09 13.90
CA ARG H 29 23.64 -41.25 13.06
C ARG H 29 23.72 -42.53 13.86
N ALA H 30 24.35 -42.49 15.03
CA ALA H 30 24.45 -43.70 15.82
C ALA H 30 23.04 -44.18 16.16
N ILE H 31 22.14 -43.22 16.37
CA ILE H 31 20.77 -43.54 16.71
C ILE H 31 20.09 -44.22 15.54
N THR H 32 20.20 -43.62 14.36
CA THR H 32 19.51 -44.20 13.20
C THR H 32 19.98 -45.64 12.96
N GLU H 33 21.31 -45.85 12.95
CA GLU H 33 21.87 -47.17 12.69
C GLU H 33 21.59 -48.19 13.79
N GLU H 34 21.62 -47.79 15.06
CA GLU H 34 21.40 -48.79 16.08
C GLU H 34 19.93 -49.06 16.30
N LEU H 35 19.09 -48.03 16.20
CA LEU H 35 17.69 -48.25 16.50
C LEU H 35 16.98 -48.95 15.36
N LYS H 36 17.41 -48.78 14.09
CA LYS H 36 16.66 -49.46 13.05
C LYS H 36 16.79 -50.97 13.21
N LYS H 37 17.78 -51.42 13.98
CA LYS H 37 17.96 -52.85 14.23
C LYS H 37 16.77 -53.44 14.98
N ASN H 38 16.14 -52.64 15.84
CA ASN H 38 15.00 -53.11 16.63
C ASN H 38 14.09 -51.93 16.95
N PRO H 39 13.15 -51.62 16.06
CA PRO H 39 12.25 -50.48 16.29
C PRO H 39 11.39 -50.60 17.55
N SER H 40 11.34 -51.75 18.21
CA SER H 40 10.52 -51.87 19.41
C SER H 40 11.08 -51.09 20.59
N GLU H 41 12.33 -50.62 20.51
CA GLU H 41 12.92 -49.80 21.56
C GLU H 41 12.50 -48.35 21.30
N ASP H 42 11.21 -48.10 21.53
CA ASP H 42 10.60 -46.84 21.12
C ASP H 42 11.09 -45.68 21.97
N ALA H 43 11.18 -45.89 23.29
CA ALA H 43 11.59 -44.80 24.17
C ALA H 43 13.00 -44.33 23.83
N LEU H 44 13.90 -45.26 23.53
CA LEU H 44 15.27 -44.87 23.26
C LEU H 44 15.38 -44.06 21.97
N VAL H 45 14.69 -44.49 20.92
CA VAL H 45 14.81 -43.78 19.65
C VAL H 45 14.09 -42.45 19.70
N GLU H 46 12.93 -42.40 20.36
CA GLU H 46 12.19 -41.14 20.39
C GLU H 46 12.89 -40.13 21.28
N HIS H 47 13.47 -40.59 22.38
CA HIS H 47 14.14 -39.65 23.26
C HIS H 47 15.39 -39.12 22.58
N ASN H 48 16.15 -40.00 21.92
CA ASN H 48 17.37 -39.53 21.30
C ASN H 48 17.07 -38.63 20.11
N ARG H 49 15.99 -38.88 19.38
CA ARG H 49 15.67 -37.98 18.28
C ARG H 49 15.29 -36.61 18.81
N ALA H 50 14.56 -36.57 19.93
CA ALA H 50 14.23 -35.27 20.51
C ALA H 50 15.50 -34.56 20.93
N ILE H 51 16.46 -35.32 21.47
CA ILE H 51 17.73 -34.75 21.92
C ILE H 51 18.45 -34.12 20.75
N VAL H 52 18.46 -34.81 19.62
CA VAL H 52 19.11 -34.31 18.42
C VAL H 52 18.43 -33.04 17.92
N GLU H 53 17.10 -33.01 17.91
CA GLU H 53 16.43 -31.79 17.46
C GLU H 53 16.75 -30.63 18.39
N HIS H 54 16.81 -30.88 19.70
CA HIS H 54 17.09 -29.81 20.63
C HIS H 54 18.48 -29.25 20.39
N ASN H 55 19.45 -30.14 20.15
CA ASN H 55 20.80 -29.68 19.94
C ASN H 55 20.91 -28.91 18.63
N ALA H 56 20.22 -29.38 17.59
CA ALA H 56 20.31 -28.67 16.31
C ALA H 56 19.79 -27.25 16.46
N ILE H 57 18.71 -27.08 17.23
CA ILE H 57 18.17 -25.75 17.44
C ILE H 57 19.15 -24.90 18.22
N ILE H 58 19.76 -25.48 19.27
CA ILE H 58 20.68 -24.71 20.08
C ILE H 58 21.87 -24.26 19.25
N VAL H 59 22.39 -25.13 18.39
CA VAL H 59 23.51 -24.75 17.53
C VAL H 59 23.12 -23.60 16.59
N GLU H 60 21.93 -23.67 16.00
CA GLU H 60 21.52 -22.60 15.11
C GLU H 60 21.35 -21.29 15.88
N ASN H 61 20.80 -21.37 17.09
CA ASN H 61 20.64 -20.15 17.88
C ASN H 61 21.98 -19.57 18.27
N ASN H 62 22.95 -20.42 18.60
CA ASN H 62 24.26 -19.89 18.98
C ASN H 62 24.88 -19.17 17.80
N ARG H 63 24.70 -19.71 16.61
CA ARG H 63 25.23 -19.05 15.42
C ARG H 63 24.60 -17.68 15.24
N ILE H 64 23.29 -17.58 15.39
CA ILE H 64 22.63 -16.30 15.17
C ILE H 64 23.04 -15.30 16.25
N ILE H 65 23.08 -15.74 17.50
CA ILE H 65 23.45 -14.85 18.59
C ILE H 65 24.85 -14.32 18.36
N ALA H 66 25.78 -15.19 17.99
CA ALA H 66 27.14 -14.71 17.74
C ALA H 66 27.14 -13.71 16.60
N ALA H 67 26.32 -13.97 15.58
CA ALA H 67 26.28 -13.04 14.45
C ALA H 67 25.82 -11.65 14.88
N VAL H 68 24.89 -11.58 15.83
CA VAL H 68 24.43 -10.27 16.30
C VAL H 68 25.47 -9.62 17.20
N LEU H 69 26.04 -10.41 18.11
CA LEU H 69 27.01 -9.83 19.02
C LEU H 69 28.21 -9.32 18.24
N MET H 70 28.56 -9.93 17.11
CA MET H 70 29.66 -9.38 16.33
C MET H 70 29.36 -7.97 15.85
N LEU H 71 28.08 -7.63 15.69
CA LEU H 71 27.77 -6.27 15.25
C LEU H 71 27.93 -5.32 16.41
N ILE H 72 27.61 -5.81 17.60
CA ILE H 72 27.82 -4.96 18.77
C ILE H 72 29.32 -4.77 18.97
N VAL H 73 30.09 -5.84 18.81
CA VAL H 73 31.55 -5.79 18.99
C VAL H 73 32.17 -4.81 18.00
N VAL H 74 31.73 -4.83 16.73
CA VAL H 74 32.34 -3.91 15.79
C VAL H 74 32.00 -2.48 16.18
N ALA H 75 30.78 -2.24 16.69
CA ALA H 75 30.48 -0.89 17.15
C ALA H 75 31.38 -0.50 18.31
N VAL H 76 31.64 -1.43 19.21
CA VAL H 76 32.48 -1.17 20.39
C VAL H 76 33.91 -0.85 20.01
N GLY H 77 34.45 -1.59 19.04
CA GLY H 77 35.84 -1.40 18.61
C GLY H 77 36.18 -0.03 18.08
N MET H 78 35.20 0.81 17.78
CA MET H 78 35.43 2.15 17.25
C MET H 78 35.47 3.20 18.35
N THR H 79 35.46 2.77 19.61
CA THR H 79 35.45 3.72 20.73
C THR H 79 36.55 4.77 20.65
N GLN H 80 37.78 4.36 20.33
CA GLN H 80 38.86 5.35 20.31
C GLN H 80 38.76 6.27 19.10
N GLU H 81 38.26 5.77 17.98
CA GLU H 81 38.12 6.61 16.81
C GLU H 81 37.05 7.65 17.05
N ILE H 82 35.98 7.25 17.72
CA ILE H 82 34.90 8.18 18.04
C ILE H 82 35.38 9.19 19.06
N LYS H 83 36.07 8.72 20.10
CA LYS H 83 36.60 9.64 21.10
C LYS H 83 37.47 10.71 20.46
N LYS H 84 38.34 10.33 19.53
CA LYS H 84 39.19 11.34 18.90
C LYS H 84 38.37 12.27 18.01
N ALA H 85 37.37 11.74 17.30
CA ALA H 85 36.52 12.60 16.49
C ALA H 85 35.80 13.61 17.37
N LEU H 86 35.36 13.18 18.55
CA LEU H 86 34.71 14.10 19.47
C LEU H 86 35.68 15.14 19.97
N GLU H 87 36.92 14.75 20.28
CA GLU H 87 37.86 15.73 20.76
C GLU H 87 38.06 16.82 19.71
N GLU H 88 38.12 16.41 18.43
CA GLU H 88 38.28 17.40 17.37
C GLU H 88 37.05 18.27 17.27
N LEU H 89 35.86 17.67 17.41
CA LEU H 89 34.63 18.44 17.28
C LEU H 89 34.50 19.43 18.42
N VAL H 90 34.92 19.04 19.61
CA VAL H 90 34.86 19.94 20.76
C VAL H 90 35.81 21.11 20.56
N ALA H 91 37.03 20.83 20.12
CA ALA H 91 37.97 21.92 19.88
C ALA H 91 37.44 22.85 18.81
N SER H 92 36.81 22.29 17.77
CA SER H 92 36.26 23.10 16.71
C SER H 92 35.13 23.98 17.23
N THR H 93 34.25 23.42 18.06
CA THR H 93 33.16 24.18 18.63
C THR H 93 33.70 25.34 19.46
N ALA H 94 34.70 25.08 20.28
CA ALA H 94 35.28 26.13 21.11
C ALA H 94 35.90 27.22 20.23
N GLU H 95 36.55 26.82 19.14
CA GLU H 95 37.15 27.83 18.26
C GLU H 95 36.06 28.64 17.58
N LEU H 96 34.96 28.00 17.22
CA LEU H 96 33.87 28.71 16.57
C LEU H 96 33.30 29.73 17.53
N LYS H 97 33.15 29.33 18.80
CA LYS H 97 32.66 30.26 19.82
C LYS H 97 33.59 31.45 19.96
N ARG H 98 34.90 31.21 19.98
CA ARG H 98 35.83 32.32 20.10
C ARG H 98 35.71 33.25 18.91
N ALA H 99 35.57 32.69 17.71
CA ALA H 99 35.42 33.52 16.53
C ALA H 99 34.14 34.33 16.60
N THR H 100 33.07 33.73 17.11
CA THR H 100 31.80 34.45 17.22
C THR H 100 31.90 35.59 18.21
N ALA H 101 32.51 35.35 19.37
CA ALA H 101 32.66 36.42 20.34
C ALA H 101 33.52 37.54 19.79
N SER H 102 34.57 37.16 19.05
CA SER H 102 35.44 38.17 18.47
C SER H 102 34.66 39.00 17.46
N LEU H 103 33.86 38.34 16.63
CA LEU H 103 33.08 39.06 15.63
C LEU H 103 32.09 39.99 16.29
N ARG H 104 31.44 39.55 17.37
CA ARG H 104 30.49 40.41 18.06
C ARG H 104 31.19 41.68 18.56
N ALA H 105 32.35 41.50 19.19
CA ALA H 105 33.09 42.66 19.69
C ALA H 105 33.49 43.58 18.56
N ILE H 106 33.88 42.99 17.42
CA ILE H 106 34.24 43.81 16.27
C ILE H 106 33.04 44.59 15.79
N THR H 107 31.88 43.94 15.72
CA THR H 107 30.67 44.61 15.26
C THR H 107 30.36 45.81 16.13
N GLU H 108 30.47 45.63 17.46
CA GLU H 108 30.21 46.74 18.37
C GLU H 108 31.23 47.87 18.17
N GLU H 109 32.50 47.52 17.97
CA GLU H 109 33.51 48.55 17.78
C GLU H 109 33.30 49.29 16.46
N LEU H 110 32.94 48.55 15.43
CA LEU H 110 32.72 49.14 14.11
C LEU H 110 31.52 50.07 14.11
N LYS H 111 30.44 49.69 14.79
CA LYS H 111 29.29 50.57 14.83
C LYS H 111 29.57 51.79 15.70
N LYS H 112 30.23 51.59 16.84
CA LYS H 112 30.48 52.73 17.72
C LYS H 112 31.49 53.70 17.12
N ASN H 113 32.51 53.17 16.44
CA ASN H 113 33.57 53.98 15.83
C ASN H 113 33.92 53.42 14.46
N PRO H 114 33.16 53.80 13.42
CA PRO H 114 33.28 53.07 12.14
C PRO H 114 34.54 53.42 11.36
N SER H 115 35.69 53.13 11.98
CA SER H 115 36.98 53.31 11.34
C SER H 115 37.19 52.25 10.25
N GLU H 116 37.92 52.63 9.20
CA GLU H 116 38.19 51.70 8.12
C GLU H 116 38.88 50.44 8.67
N ASP H 117 39.72 50.61 9.68
CA ASP H 117 40.41 49.47 10.26
C ASP H 117 39.41 48.49 10.83
N ALA H 118 38.28 48.99 11.35
CA ALA H 118 37.27 48.08 11.90
C ALA H 118 36.61 47.30 10.78
N LEU H 119 36.46 47.88 9.59
CA LEU H 119 35.89 47.13 8.48
C LEU H 119 36.86 46.04 8.06
N VAL H 120 38.16 46.36 8.07
CA VAL H 120 39.16 45.36 7.71
C VAL H 120 39.11 44.22 8.70
N GLU H 121 39.01 44.55 9.99
CA GLU H 121 38.93 43.52 11.02
C GLU H 121 37.68 42.69 10.85
N HIS H 122 36.58 43.34 10.44
CA HIS H 122 35.34 42.60 10.18
C HIS H 122 35.57 41.55 9.10
N ASN H 123 36.17 41.94 7.98
CA ASN H 123 36.36 40.96 6.92
C ASN H 123 37.32 39.86 7.36
N ARG H 124 38.31 40.21 8.17
CA ARG H 124 39.24 39.18 8.65
C ARG H 124 38.48 38.18 9.53
N ALA H 125 37.63 38.70 10.43
CA ALA H 125 36.87 37.83 11.30
C ALA H 125 35.92 36.94 10.51
N ILE H 126 35.34 37.47 9.44
CA ILE H 126 34.44 36.65 8.62
C ILE H 126 35.21 35.53 7.97
N VAL H 127 36.41 35.82 7.47
CA VAL H 127 37.21 34.77 6.84
C VAL H 127 37.59 33.71 7.86
N GLU H 128 37.98 34.13 9.07
CA GLU H 128 38.32 33.14 10.08
C GLU H 128 37.12 32.28 10.40
N HIS H 129 35.93 32.90 10.46
CA HIS H 129 34.73 32.14 10.76
C HIS H 129 34.47 31.10 9.70
N ASN H 130 34.61 31.47 8.42
CA ASN H 130 34.36 30.49 7.37
C ASN H 130 35.39 29.37 7.43
N ALA H 131 36.65 29.69 7.75
CA ALA H 131 37.63 28.63 7.86
C ALA H 131 37.25 27.67 8.99
N ILE H 132 36.70 28.22 10.07
CA ILE H 132 36.27 27.38 11.18
C ILE H 132 35.10 26.49 10.76
N ILE H 133 34.14 27.05 10.03
CA ILE H 133 33.02 26.22 9.59
C ILE H 133 33.55 25.08 8.73
N VAL H 134 34.50 25.36 7.86
CA VAL H 134 35.00 24.31 6.97
C VAL H 134 35.67 23.20 7.79
N GLU H 135 36.46 23.57 8.79
CA GLU H 135 37.06 22.52 9.62
C GLU H 135 36.00 21.76 10.40
N ASN H 136 35.00 22.48 10.90
CA ASN H 136 33.92 21.85 11.65
C ASN H 136 33.17 20.84 10.79
N ASN H 137 32.85 21.21 9.56
CA ASN H 137 32.10 20.30 8.71
C ASN H 137 32.95 19.13 8.27
N ARG H 138 34.25 19.33 8.10
CA ARG H 138 35.11 18.19 7.81
C ARG H 138 35.06 17.19 8.95
N ILE H 139 35.14 17.70 10.18
CA ILE H 139 35.12 16.84 11.36
C ILE H 139 33.77 16.13 11.46
N ILE H 140 32.69 16.85 11.23
CA ILE H 140 31.37 16.22 11.29
C ILE H 140 31.25 15.15 10.23
N ALA H 141 31.70 15.41 9.00
CA ALA H 141 31.61 14.38 7.98
C ALA H 141 32.36 13.13 8.43
N ALA H 142 33.52 13.33 9.07
CA ALA H 142 34.29 12.19 9.56
C ALA H 142 33.54 11.45 10.66
N VAL H 143 32.89 12.18 11.55
CA VAL H 143 32.18 11.49 12.63
C VAL H 143 30.96 10.80 12.06
N LEU H 144 30.34 11.37 11.03
CA LEU H 144 29.18 10.70 10.43
C LEU H 144 29.62 9.39 9.80
N GLU H 145 30.77 9.38 9.13
CA GLU H 145 31.22 8.13 8.57
C GLU H 145 31.49 7.12 9.67
N LEU H 146 32.04 7.58 10.79
CA LEU H 146 32.30 6.68 11.91
C LEU H 146 30.99 6.14 12.47
N ILE H 147 29.96 6.98 12.53
CA ILE H 147 28.66 6.54 13.03
C ILE H 147 28.05 5.52 12.10
N VAL H 148 28.09 5.79 10.80
CA VAL H 148 27.49 4.89 9.83
C VAL H 148 28.19 3.54 9.88
N ARG H 149 29.51 3.55 9.99
CA ARG H 149 30.24 2.30 10.10
C ARG H 149 29.96 1.60 11.42
N ALA H 150 29.95 2.35 12.53
CA ALA H 150 29.70 1.76 13.83
C ALA H 150 28.33 1.11 13.92
N LEU H 151 27.33 1.67 13.26
CA LEU H 151 25.99 1.10 13.32
C LEU H 151 25.75 0.06 12.24
N ASN H 152 26.75 -0.21 11.39
CA ASN H 152 26.63 -1.18 10.31
C ASN H 152 25.41 -0.90 9.43
N LEU H 153 25.21 0.35 9.04
CA LEU H 153 24.06 0.67 8.21
C LEU H 153 24.33 0.27 6.77
N THR H 154 23.30 -0.25 6.11
CA THR H 154 23.36 -0.61 4.70
C THR H 154 22.35 0.15 3.85
N ASP H 155 21.56 1.03 4.44
CA ASP H 155 20.50 1.71 3.71
C ASP H 155 21.07 2.45 2.52
N ALA H 156 20.56 2.15 1.32
CA ALA H 156 21.10 2.80 0.13
C ALA H 156 21.01 4.31 0.24
N GLU H 157 19.99 4.82 0.93
CA GLU H 157 19.84 6.26 1.03
C GLU H 157 20.96 6.88 1.86
N VAL H 158 21.45 6.18 2.87
CA VAL H 158 22.49 6.78 3.69
C VAL H 158 23.81 6.72 2.93
N ILE H 159 24.02 5.66 2.16
CA ILE H 159 25.27 5.54 1.40
C ILE H 159 25.31 6.66 0.36
N LYS H 160 24.20 6.88 -0.33
CA LYS H 160 24.16 7.95 -1.32
C LYS H 160 24.34 9.29 -0.65
N ALA H 161 23.72 9.48 0.52
CA ALA H 161 23.86 10.76 1.20
C ALA H 161 25.32 11.00 1.58
N LEU H 162 26.02 9.95 2.00
CA LEU H 162 27.43 10.11 2.34
C LEU H 162 28.24 10.47 1.10
N ILE H 163 27.88 9.90 -0.05
CA ILE H 163 28.61 10.26 -1.27
C ILE H 163 28.38 11.73 -1.59
N GLU H 164 27.13 12.18 -1.49
CA GLU H 164 26.82 13.58 -1.77
C GLU H 164 27.56 14.47 -0.79
N LEU H 165 27.68 14.03 0.46
CA LEU H 165 28.38 14.81 1.47
C LEU H 165 29.84 14.94 1.08
N ARG H 166 30.47 13.84 0.69
CA ARG H 166 31.88 13.89 0.33
C ARG H 166 32.10 14.87 -0.82
N LEU H 167 31.20 14.83 -1.81
CA LEU H 167 31.36 15.74 -2.94
C LEU H 167 31.15 17.18 -2.51
N SER H 168 30.19 17.42 -1.62
CA SER H 168 29.96 18.79 -1.19
C SER H 168 31.11 19.28 -0.32
N THR H 169 31.80 18.37 0.38
CA THR H 169 32.93 18.83 1.17
C THR H 169 34.08 19.19 0.25
N LEU H 170 34.17 18.52 -0.90
CA LEU H 170 35.21 18.90 -1.84
C LEU H 170 34.92 20.29 -2.41
N GLU H 171 33.64 20.53 -2.72
CA GLU H 171 33.27 21.82 -3.26
C GLU H 171 33.51 22.90 -2.22
N LEU H 172 33.19 22.60 -0.96
CA LEU H 172 33.36 23.57 0.10
C LEU H 172 34.82 23.91 0.31
N VAL H 173 35.70 22.92 0.30
CA VAL H 173 37.12 23.21 0.49
C VAL H 173 37.64 24.05 -0.67
N ALA H 174 37.30 23.70 -1.90
CA ALA H 174 37.79 24.50 -3.02
C ALA H 174 37.27 25.93 -2.95
N ALA H 175 35.99 26.09 -2.60
CA ALA H 175 35.44 27.43 -2.49
C ALA H 175 36.12 28.20 -1.38
N THR H 176 36.46 27.52 -0.29
CA THR H 176 37.10 28.20 0.82
C THR H 176 38.47 28.71 0.40
N ALA H 177 39.22 27.89 -0.31
CA ALA H 177 40.53 28.33 -0.77
C ALA H 177 40.38 29.53 -1.70
N SER H 178 39.35 29.51 -2.55
CA SER H 178 39.14 30.65 -3.44
C SER H 178 38.81 31.90 -2.64
N LEU H 179 37.99 31.75 -1.60
CA LEU H 179 37.63 32.90 -0.77
C LEU H 179 38.86 33.46 -0.07
N ARG H 180 39.72 32.59 0.45
CA ARG H 180 40.92 33.07 1.13
C ARG H 180 41.80 33.84 0.16
N GLU H 181 41.94 33.33 -1.07
CA GLU H 181 42.78 34.02 -2.03
C GLU H 181 42.19 35.37 -2.38
N ILE H 182 40.86 35.44 -2.52
CA ILE H 182 40.23 36.70 -2.86
C ILE H 182 40.42 37.69 -1.71
N THR H 183 40.29 37.23 -0.48
CA THR H 183 40.48 38.11 0.66
C THR H 183 41.90 38.65 0.69
N GLU H 184 42.89 37.80 0.43
CA GLU H 184 44.26 38.27 0.42
C GLU H 184 44.47 39.31 -0.68
N GLU H 185 43.85 39.11 -1.84
CA GLU H 185 44.01 40.10 -2.91
C GLU H 185 43.33 41.40 -2.53
N LEU H 186 42.18 41.34 -1.87
CA LEU H 186 41.51 42.55 -1.41
C LEU H 186 42.37 43.30 -0.42
N LYS H 187 42.95 42.58 0.54
CA LYS H 187 43.81 43.20 1.54
C LYS H 187 45.00 43.89 0.91
N LYS H 188 45.63 43.24 -0.07
CA LYS H 188 46.79 43.84 -0.72
C LYS H 188 46.43 45.09 -1.53
N ASN H 189 45.30 45.07 -2.24
CA ASN H 189 44.89 46.19 -3.09
C ASN H 189 43.43 46.55 -2.85
N PRO H 190 43.12 47.12 -1.68
CA PRO H 190 41.72 47.41 -1.37
C PRO H 190 41.13 48.44 -2.32
N SER H 191 39.88 48.21 -2.72
CA SER H 191 39.19 49.12 -3.63
C SER H 191 37.70 48.81 -3.56
N GLU H 192 36.90 49.71 -4.15
CA GLU H 192 35.46 49.50 -4.19
C GLU H 192 35.11 48.30 -5.06
N ASP H 193 35.82 48.12 -6.17
CA ASP H 193 35.49 47.01 -7.06
C ASP H 193 35.95 45.70 -6.44
N ALA H 194 37.11 45.72 -5.81
CA ALA H 194 37.60 44.51 -5.16
C ALA H 194 36.69 44.16 -3.99
N LEU H 195 36.19 45.18 -3.30
CA LEU H 195 35.32 44.94 -2.16
C LEU H 195 33.99 44.34 -2.59
N VAL H 196 33.42 44.83 -3.70
CA VAL H 196 32.15 44.25 -4.14
C VAL H 196 32.38 42.84 -4.66
N GLU H 197 33.53 42.59 -5.30
CA GLU H 197 33.80 41.23 -5.76
C GLU H 197 33.97 40.30 -4.58
N HIS H 198 34.61 40.80 -3.52
CA HIS H 198 34.80 40.02 -2.30
C HIS H 198 33.46 39.70 -1.65
N ASN H 199 32.57 40.69 -1.58
CA ASN H 199 31.26 40.45 -1.00
C ASN H 199 30.49 39.41 -1.80
N ARG H 200 30.64 39.44 -3.12
CA ARG H 200 29.99 38.40 -3.93
C ARG H 200 30.61 37.04 -3.61
N ALA H 201 31.93 37.00 -3.45
CA ALA H 201 32.59 35.74 -3.12
C ALA H 201 32.05 35.20 -1.81
N ILE H 202 31.79 36.08 -0.86
CA ILE H 202 31.22 35.68 0.43
C ILE H 202 29.82 35.13 0.23
N VAL H 203 29.00 35.77 -0.59
CA VAL H 203 27.65 35.26 -0.78
C VAL H 203 27.71 33.87 -1.39
N GLU H 204 28.58 33.66 -2.38
CA GLU H 204 28.68 32.34 -2.99
C GLU H 204 29.18 31.32 -1.98
N HIS H 205 30.13 31.71 -1.14
CA HIS H 205 30.65 30.80 -0.13
C HIS H 205 29.56 30.42 0.86
N ASN H 206 28.77 31.39 1.31
CA ASN H 206 27.70 31.08 2.24
C ASN H 206 26.70 30.15 1.59
N ALA H 207 26.42 30.34 0.30
CA ALA H 207 25.49 29.44 -0.37
C ALA H 207 26.04 28.02 -0.37
N ILE H 208 27.36 27.89 -0.54
CA ILE H 208 27.96 26.56 -0.52
C ILE H 208 27.86 25.96 0.87
N ILE H 209 28.10 26.77 1.90
CA ILE H 209 27.97 26.29 3.27
C ILE H 209 26.54 25.82 3.52
N VAL H 210 25.57 26.57 3.03
CA VAL H 210 24.18 26.19 3.24
C VAL H 210 23.91 24.84 2.60
N GLU H 211 24.43 24.61 1.38
CA GLU H 211 24.23 23.31 0.75
C GLU H 211 24.92 22.19 1.53
N ASN H 212 26.13 22.46 2.03
CA ASN H 212 26.84 21.45 2.80
C ASN H 212 26.08 21.10 4.07
N ASN H 213 25.50 22.10 4.72
CA ASN H 213 24.73 21.84 5.94
C ASN H 213 23.45 21.12 5.60
N ARG H 214 22.85 21.40 4.44
CA ARG H 214 21.65 20.67 4.05
C ARG H 214 21.97 19.21 3.93
N ILE H 215 23.10 18.88 3.30
CA ILE H 215 23.45 17.48 3.12
C ILE H 215 23.73 16.83 4.47
N ILE H 216 24.45 17.54 5.36
CA ILE H 216 24.71 16.98 6.68
C ILE H 216 23.39 16.69 7.39
N ALA H 217 22.45 17.64 7.30
CA ALA H 217 21.16 17.43 7.93
C ALA H 217 20.45 16.22 7.35
N ALA H 218 20.54 16.02 6.03
CA ALA H 218 19.91 14.86 5.43
C ALA H 218 20.53 13.57 5.95
N VAL H 219 21.85 13.57 6.12
CA VAL H 219 22.51 12.35 6.61
C VAL H 219 22.06 12.07 8.03
N LEU H 220 22.00 13.11 8.87
CA LEU H 220 21.58 12.90 10.24
C LEU H 220 20.13 12.42 10.28
N GLU H 221 19.28 12.97 9.42
CA GLU H 221 17.89 12.54 9.39
C GLU H 221 17.81 11.06 9.07
N LEU H 222 18.62 10.60 8.10
CA LEU H 222 18.60 9.19 7.73
C LEU H 222 19.15 8.31 8.86
N ILE H 223 20.17 8.78 9.58
CA ILE H 223 20.70 7.98 10.68
C ILE H 223 19.70 7.89 11.82
N VAL H 224 19.08 9.01 12.21
CA VAL H 224 18.17 8.99 13.35
C VAL H 224 16.88 8.27 12.99
N GLY H 225 16.32 8.56 11.83
CA GLY H 225 15.06 7.97 11.41
C GLY H 225 15.22 6.71 10.58
N GLY I 2 6.34 -14.09 51.31
CA GLY I 2 6.29 -13.23 50.11
C GLY I 2 5.91 -11.79 50.44
N SER I 3 4.62 -11.48 50.29
CA SER I 3 4.15 -10.12 50.51
C SER I 3 4.29 -9.68 51.96
N GLU I 4 4.42 -10.63 52.88
CA GLU I 4 4.54 -10.30 54.30
C GLU I 4 5.76 -9.41 54.55
N VAL I 5 6.85 -9.65 53.83
CA VAL I 5 8.06 -8.87 54.04
C VAL I 5 8.10 -7.67 53.12
N GLU I 6 7.70 -7.87 51.86
CA GLU I 6 7.70 -6.77 50.90
C GLU I 6 6.89 -5.60 51.42
N ILE I 7 5.74 -5.88 52.03
CA ILE I 7 4.91 -4.80 52.56
C ILE I 7 5.58 -4.15 53.77
N LEU I 8 6.26 -4.94 54.60
CA LEU I 8 6.95 -4.35 55.74
C LEU I 8 8.04 -3.40 55.24
N LYS I 9 8.68 -3.76 54.13
CA LYS I 9 9.71 -2.89 53.58
C LYS I 9 9.08 -1.63 53.01
N ALA I 10 7.91 -1.75 52.37
CA ALA I 10 7.25 -0.55 51.88
C ALA I 10 6.90 0.39 53.02
N LEU I 11 6.49 -0.17 54.17
CA LEU I 11 6.18 0.67 55.32
C LEU I 11 7.45 1.34 55.85
N LEU I 12 8.56 0.61 55.83
CA LEU I 12 9.81 1.19 56.28
C LEU I 12 10.18 2.34 55.34
N GLU I 13 9.98 2.15 54.05
CA GLU I 13 10.25 3.22 53.09
C GLU I 13 9.40 4.44 53.40
N LEU I 14 8.12 4.24 53.71
CA LEU I 14 7.29 5.41 53.99
C LEU I 14 7.80 6.14 55.22
N LYS I 15 8.22 5.39 56.23
CA LYS I 15 8.78 6.02 57.43
C LYS I 15 10.02 6.83 57.10
N LYS I 16 10.89 6.29 56.24
CA LYS I 16 12.13 6.98 55.94
C LYS I 16 11.90 8.16 55.02
N SER I 17 10.97 8.07 54.07
CA SER I 17 10.77 9.22 53.20
C SER I 17 10.07 10.31 53.98
N THR I 18 9.29 9.94 54.99
CA THR I 18 8.66 10.94 55.83
C THR I 18 9.72 11.65 56.67
N ALA I 19 10.65 10.90 57.24
CA ALA I 19 11.71 11.54 58.02
C ALA I 19 12.52 12.46 57.12
N GLU I 20 12.79 12.03 55.89
CA GLU I 20 13.51 12.87 54.95
C GLU I 20 12.73 14.14 54.69
N LEU I 21 11.41 14.04 54.49
CA LEU I 21 10.63 15.22 54.20
C LEU I 21 10.70 16.20 55.35
N LYS I 22 10.60 15.69 56.58
CA LYS I 22 10.64 16.56 57.74
C LYS I 22 11.97 17.28 57.82
N ARG I 23 13.06 16.56 57.55
CA ARG I 23 14.37 17.20 57.61
C ARG I 23 14.58 18.17 56.45
N ALA I 24 14.10 17.82 55.26
CA ALA I 24 14.25 18.72 54.13
C ALA I 24 13.48 20.00 54.39
N THR I 25 12.31 19.88 55.02
CA THR I 25 11.52 21.05 55.33
C THR I 25 12.22 21.92 56.36
N ALA I 26 12.82 21.28 57.37
CA ALA I 26 13.54 22.06 58.37
C ALA I 26 14.68 22.83 57.72
N SER I 27 15.39 22.21 56.78
CA SER I 27 16.45 23.00 56.16
C SER I 27 15.88 24.05 55.23
N LEU I 28 14.74 23.78 54.58
CA LEU I 28 14.13 24.77 53.70
C LEU I 28 13.92 26.06 54.46
N ARG I 29 13.35 25.93 55.66
CA ARG I 29 13.03 27.11 56.46
C ARG I 29 14.28 27.72 57.07
N ALA I 30 15.20 26.89 57.57
CA ALA I 30 16.39 27.47 58.16
C ALA I 30 17.14 28.27 57.11
N ILE I 31 17.13 27.78 55.87
CA ILE I 31 17.83 28.46 54.78
C ILE I 31 17.18 29.79 54.48
N THR I 32 15.85 29.79 54.28
CA THR I 32 15.20 31.04 53.92
C THR I 32 15.39 32.11 54.99
N GLU I 33 15.15 31.73 56.26
CA GLU I 33 15.23 32.66 57.37
C GLU I 33 16.66 33.13 57.64
N GLU I 34 17.66 32.25 57.53
CA GLU I 34 19.02 32.66 57.83
C GLU I 34 19.66 33.37 56.66
N LEU I 35 19.38 32.96 55.44
CA LEU I 35 20.05 33.55 54.30
C LEU I 35 19.50 34.92 53.99
N LYS I 36 18.23 35.19 54.30
CA LYS I 36 17.74 36.53 53.96
C LYS I 36 18.52 37.58 54.76
N LYS I 37 19.18 37.15 55.83
CA LYS I 37 19.99 38.07 56.64
C LYS I 37 21.13 38.67 55.83
N ASN I 38 21.68 37.93 54.88
CA ASN I 38 22.80 38.41 54.06
C ASN I 38 22.76 37.72 52.70
N PRO I 39 22.02 38.30 51.74
CA PRO I 39 21.92 37.70 50.41
C PRO I 39 23.24 37.58 49.66
N SER I 40 24.33 38.20 50.14
CA SER I 40 25.59 38.09 49.42
C SER I 40 26.20 36.70 49.49
N GLU I 41 25.72 35.83 50.38
CA GLU I 41 26.20 34.45 50.44
C GLU I 41 25.43 33.65 49.41
N ASP I 42 25.76 33.91 48.14
CA ASP I 42 24.96 33.40 47.03
C ASP I 42 25.13 31.89 46.88
N ALA I 43 26.37 31.41 46.96
CA ALA I 43 26.61 29.99 46.76
C ALA I 43 25.88 29.16 47.81
N LEU I 44 25.86 29.61 49.06
CA LEU I 44 25.22 28.83 50.11
C LEU I 44 23.71 28.75 49.90
N VAL I 45 23.09 29.87 49.56
CA VAL I 45 21.63 29.87 49.43
C VAL I 45 21.22 29.13 48.16
N GLU I 46 21.97 29.31 47.07
CA GLU I 46 21.57 28.65 45.83
C GLU I 46 21.80 27.15 45.91
N HIS I 47 22.88 26.74 46.57
CA HIS I 47 23.14 25.31 46.66
C HIS I 47 22.10 24.67 47.56
N ASN I 48 21.76 25.32 48.69
CA ASN I 48 20.81 24.70 49.57
C ASN I 48 19.42 24.70 48.96
N ARG I 49 19.06 25.70 48.16
CA ARG I 49 17.75 25.65 47.53
C ARG I 49 17.70 24.51 46.53
N ALA I 50 18.80 24.29 45.80
CA ALA I 50 18.80 23.17 44.87
C ALA I 50 18.64 21.86 45.64
N ILE I 51 19.28 21.78 46.82
CA ILE I 51 19.22 20.59 47.65
C ILE I 51 17.78 20.33 48.06
N VAL I 52 17.08 21.38 48.46
CA VAL I 52 15.69 21.27 48.86
C VAL I 52 14.82 20.81 47.71
N GLU I 53 15.02 21.36 46.52
CA GLU I 53 14.21 20.92 45.39
C GLU I 53 14.47 19.45 45.08
N HIS I 54 15.73 19.02 45.18
CA HIS I 54 16.04 17.64 44.86
C HIS I 54 15.35 16.71 45.85
N ASN I 55 15.37 17.09 47.14
CA ASN I 55 14.74 16.23 48.14
C ASN I 55 13.24 16.21 47.95
N ALA I 56 12.63 17.34 47.62
CA ALA I 56 11.18 17.36 47.44
C ALA I 56 10.79 16.42 46.32
N ILE I 57 11.58 16.40 45.24
CA ILE I 57 11.28 15.51 44.13
C ILE I 57 11.44 14.06 44.56
N ILE I 58 12.51 13.76 45.30
CA ILE I 58 12.74 12.38 45.72
C ILE I 58 11.60 11.91 46.60
N VAL I 59 11.13 12.75 47.52
CA VAL I 59 10.01 12.36 48.39
C VAL I 59 8.75 12.08 47.57
N GLU I 60 8.47 12.93 46.58
CA GLU I 60 7.28 12.69 45.77
C GLU I 60 7.42 11.39 44.97
N ASN I 61 8.62 11.13 44.45
CA ASN I 61 8.82 9.90 43.70
C ASN I 61 8.69 8.68 44.60
N ASN I 62 9.18 8.76 45.83
CA ASN I 62 9.06 7.61 46.72
C ASN I 62 7.61 7.33 47.00
N ARG I 63 6.81 8.38 47.16
CA ARG I 63 5.39 8.19 47.39
C ARG I 63 4.73 7.48 46.21
N ILE I 64 5.06 7.92 44.99
CA ILE I 64 4.42 7.31 43.82
C ILE I 64 4.87 5.86 43.66
N ILE I 65 6.16 5.60 43.84
CA ILE I 65 6.67 4.25 43.69
C ILE I 65 6.01 3.33 44.69
N ALA I 66 5.90 3.77 45.94
CA ALA I 66 5.24 2.93 46.93
C ALA I 66 3.79 2.69 46.54
N ALA I 67 3.13 3.70 46.00
CA ALA I 67 1.74 3.54 45.59
C ALA I 67 1.60 2.47 44.52
N VAL I 68 2.56 2.37 43.61
CA VAL I 68 2.49 1.33 42.57
C VAL I 68 2.83 -0.03 43.14
N LEU I 69 3.87 -0.08 43.95
CA LEU I 69 4.27 -1.37 44.50
C LEU I 69 3.15 -1.93 45.37
N MET I 70 2.36 -1.08 46.02
CA MET I 70 1.24 -1.63 46.79
C MET I 70 0.25 -2.36 45.90
N LEU I 71 0.18 -2.01 44.61
CA LEU I 71 -0.74 -2.71 43.73
C LEU I 71 -0.15 -4.05 43.38
N ILE I 72 1.18 -4.09 43.25
CA ILE I 72 1.79 -5.38 42.98
C ILE I 72 1.63 -6.27 44.21
N VAL I 73 1.83 -5.70 45.39
CA VAL I 73 1.71 -6.45 46.64
C VAL I 73 0.32 -7.02 46.80
N VAL I 74 -0.72 -6.23 46.50
CA VAL I 74 -2.06 -6.77 46.65
C VAL I 74 -2.28 -7.91 45.67
N ALA I 75 -1.73 -7.80 44.46
CA ALA I 75 -1.86 -8.93 43.54
C ALA I 75 -1.15 -10.17 44.08
N VAL I 76 0.01 -9.97 44.70
CA VAL I 76 0.80 -11.07 45.25
C VAL I 76 0.07 -11.76 46.39
N GLY I 77 -0.56 -10.99 47.27
CA GLY I 77 -1.25 -11.53 48.43
C GLY I 77 -2.38 -12.49 48.13
N MET I 78 -2.84 -12.58 46.89
CA MET I 78 -3.92 -13.47 46.51
C MET I 78 -3.42 -14.81 45.99
N THR I 79 -2.11 -15.06 46.11
CA THR I 79 -1.53 -16.30 45.60
C THR I 79 -2.25 -17.55 46.10
N GLN I 80 -2.57 -17.63 47.39
CA GLN I 80 -3.19 -18.85 47.88
C GLN I 80 -4.64 -18.96 47.44
N GLU I 81 -5.33 -17.83 47.29
CA GLU I 81 -6.71 -17.88 46.85
C GLU I 81 -6.77 -18.34 45.40
N ILE I 82 -5.81 -17.87 44.61
CA ILE I 82 -5.76 -18.26 43.21
C ILE I 82 -5.37 -19.73 43.11
N LYS I 83 -4.36 -20.15 43.87
CA LYS I 83 -3.97 -21.55 43.85
C LYS I 83 -5.15 -22.46 44.16
N LYS I 84 -5.95 -22.11 45.17
CA LYS I 84 -7.10 -22.97 45.48
C LYS I 84 -8.15 -22.92 44.38
N ALA I 85 -8.37 -21.75 43.78
CA ALA I 85 -9.32 -21.68 42.68
C ALA I 85 -8.86 -22.54 41.53
N LEU I 86 -7.55 -22.57 41.27
CA LEU I 86 -7.04 -23.42 40.21
C LEU I 86 -7.20 -24.89 40.56
N GLU I 87 -6.97 -25.26 41.82
CA GLU I 87 -7.13 -26.66 42.18
C GLU I 87 -8.56 -27.09 41.91
N GLU I 88 -9.53 -26.21 42.22
CA GLU I 88 -10.92 -26.56 41.97
C GLU I 88 -11.18 -26.64 40.48
N LEU I 89 -10.60 -25.73 39.69
CA LEU I 89 -10.84 -25.73 38.26
C LEU I 89 -10.24 -26.98 37.62
N VAL I 90 -9.08 -27.40 38.11
CA VAL I 90 -8.44 -28.60 37.57
C VAL I 90 -9.29 -29.82 37.89
N ALA I 91 -9.76 -29.93 39.12
CA ALA I 91 -10.61 -31.07 39.46
C ALA I 91 -11.87 -31.07 38.62
N SER I 92 -12.44 -29.88 38.38
CA SER I 92 -13.64 -29.78 37.57
C SER I 92 -13.36 -30.22 36.14
N THR I 93 -12.24 -29.78 35.58
CA THR I 93 -11.88 -30.17 34.22
C THR I 93 -11.74 -31.67 34.12
N ALA I 94 -11.07 -32.29 35.09
CA ALA I 94 -10.90 -33.73 35.06
C ALA I 94 -12.25 -34.43 35.16
N GLU I 95 -13.16 -33.90 35.97
CA GLU I 95 -14.47 -34.53 36.09
C GLU I 95 -15.24 -34.37 34.79
N LEU I 96 -15.08 -33.23 34.13
CA LEU I 96 -15.78 -33.01 32.88
C LEU I 96 -15.27 -34.00 31.84
N LYS I 97 -13.96 -34.22 31.83
CA LYS I 97 -13.38 -35.19 30.91
C LYS I 97 -13.93 -36.58 31.17
N ARG I 98 -14.03 -36.97 32.44
CA ARG I 98 -14.56 -38.29 32.74
C ARG I 98 -16.00 -38.41 32.27
N ALA I 99 -16.79 -37.36 32.48
CA ALA I 99 -18.18 -37.38 32.02
C ALA I 99 -18.25 -37.50 30.51
N THR I 100 -17.35 -36.80 29.81
CA THR I 100 -17.35 -36.85 28.35
C THR I 100 -16.99 -38.24 27.86
N ALA I 101 -15.96 -38.85 28.45
CA ALA I 101 -15.59 -40.20 28.02
C ALA I 101 -16.71 -41.18 28.30
N SER I 102 -17.38 -41.01 29.45
CA SER I 102 -18.49 -41.88 29.78
C SER I 102 -19.60 -41.73 28.77
N LEU I 103 -19.91 -40.49 28.41
CA LEU I 103 -20.97 -40.24 27.44
C LEU I 103 -20.63 -40.84 26.09
N ARG I 104 -19.37 -40.71 25.67
CA ARG I 104 -18.98 -41.29 24.39
C ARG I 104 -19.20 -42.80 24.39
N ALA I 105 -18.77 -43.46 25.47
CA ALA I 105 -18.95 -44.90 25.56
C ALA I 105 -20.41 -45.26 25.55
N ILE I 106 -21.24 -44.45 26.23
CA ILE I 106 -22.67 -44.72 26.23
C ILE I 106 -23.23 -44.57 24.84
N THR I 107 -22.82 -43.53 24.11
CA THR I 107 -23.30 -43.32 22.76
C THR I 107 -22.99 -44.52 21.88
N GLU I 108 -21.76 -45.04 21.99
CA GLU I 108 -21.40 -46.20 21.19
C GLU I 108 -22.23 -47.42 21.58
N GLU I 109 -22.48 -47.61 22.87
CA GLU I 109 -23.26 -48.76 23.31
C GLU I 109 -24.71 -48.64 22.85
N LEU I 110 -25.26 -47.42 22.93
CA LEU I 110 -26.63 -47.17 22.54
C LEU I 110 -26.83 -47.38 21.05
N LYS I 111 -25.88 -46.93 20.23
CA LYS I 111 -26.03 -47.13 18.81
C LYS I 111 -25.84 -48.59 18.45
N LYS I 112 -24.85 -49.26 19.05
CA LYS I 112 -24.60 -50.65 18.71
C LYS I 112 -25.74 -51.56 19.18
N ASN I 113 -26.29 -51.27 20.36
CA ASN I 113 -27.36 -52.08 20.96
C ASN I 113 -28.39 -51.16 21.60
N PRO I 114 -29.34 -50.65 20.83
CA PRO I 114 -30.18 -49.54 21.33
C PRO I 114 -31.24 -49.99 22.33
N SER I 115 -30.76 -50.56 23.44
CA SER I 115 -31.62 -50.96 24.54
C SER I 115 -32.16 -49.73 25.28
N GLU I 116 -33.38 -49.85 25.81
CA GLU I 116 -33.97 -48.74 26.54
C GLU I 116 -33.07 -48.32 27.69
N ASP I 117 -32.39 -49.30 28.31
CA ASP I 117 -31.50 -48.98 29.42
C ASP I 117 -30.40 -48.05 28.95
N ALA I 118 -29.96 -48.19 27.69
CA ALA I 118 -28.92 -47.32 27.19
C ALA I 118 -29.44 -45.90 27.03
N LEU I 119 -30.72 -45.74 26.70
CA LEU I 119 -31.28 -44.39 26.60
C LEU I 119 -31.36 -43.77 27.98
N VAL I 120 -31.70 -44.59 28.98
CA VAL I 120 -31.75 -44.09 30.35
C VAL I 120 -30.37 -43.64 30.79
N GLU I 121 -29.35 -44.45 30.48
CA GLU I 121 -27.98 -44.09 30.82
C GLU I 121 -27.57 -42.83 30.10
N HIS I 122 -28.01 -42.66 28.86
CA HIS I 122 -27.73 -41.44 28.12
C HIS I 122 -28.25 -40.22 28.86
N ASN I 123 -29.52 -40.27 29.28
CA ASN I 123 -30.06 -39.11 29.96
C ASN I 123 -29.37 -38.87 31.29
N ARG I 124 -28.97 -39.95 31.98
CA ARG I 124 -28.25 -39.78 33.23
C ARG I 124 -26.92 -39.09 32.97
N ALA I 125 -26.20 -39.53 31.94
CA ALA I 125 -24.92 -38.93 31.61
C ALA I 125 -25.07 -37.47 31.23
N ILE I 126 -26.15 -37.12 30.52
CA ILE I 126 -26.36 -35.73 30.15
C ILE I 126 -26.59 -34.89 31.40
N VAL I 127 -27.36 -35.40 32.35
CA VAL I 127 -27.59 -34.65 33.58
C VAL I 127 -26.29 -34.47 34.35
N GLU I 128 -25.48 -35.52 34.43
CA GLU I 128 -24.21 -35.37 35.14
C GLU I 128 -23.34 -34.33 34.44
N HIS I 129 -23.36 -34.32 33.11
CA HIS I 129 -22.56 -33.36 32.38
C HIS I 129 -23.00 -31.94 32.69
N ASN I 130 -24.32 -31.70 32.71
CA ASN I 130 -24.78 -30.35 33.01
C ASN I 130 -24.42 -29.96 34.44
N ALA I 131 -24.49 -30.89 35.38
CA ALA I 131 -24.09 -30.56 36.75
C ALA I 131 -22.62 -30.17 36.78
N ILE I 132 -21.81 -30.85 35.98
CA ILE I 132 -20.39 -30.53 35.92
C ILE I 132 -20.18 -29.15 35.32
N ILE I 133 -20.90 -28.82 34.25
CA ILE I 133 -20.74 -27.49 33.68
C ILE I 133 -21.09 -26.43 34.72
N VAL I 134 -22.15 -26.67 35.48
CA VAL I 134 -22.56 -25.67 36.46
C VAL I 134 -21.48 -25.47 37.51
N GLU I 135 -20.88 -26.57 37.99
CA GLU I 135 -19.80 -26.40 38.95
C GLU I 135 -18.60 -25.71 38.32
N ASN I 136 -18.29 -26.07 37.08
CA ASN I 136 -17.17 -25.46 36.37
C ASN I 136 -17.37 -23.96 36.23
N ASN I 137 -18.57 -23.52 35.85
CA ASN I 137 -18.79 -22.10 35.64
C ASN I 137 -18.82 -21.37 36.96
N ARG I 138 -19.27 -22.01 38.04
CA ARG I 138 -19.18 -21.37 39.34
C ARG I 138 -17.73 -21.10 39.69
N ILE I 139 -16.88 -22.10 39.46
CA ILE I 139 -15.46 -21.97 39.77
C ILE I 139 -14.83 -20.88 38.89
N ILE I 140 -15.17 -20.86 37.60
CA ILE I 140 -14.62 -19.83 36.73
C ILE I 140 -15.06 -18.45 37.19
N ALA I 141 -16.34 -18.29 37.54
CA ALA I 141 -16.78 -16.98 37.99
C ALA I 141 -15.98 -16.55 39.21
N ALA I 142 -15.69 -17.50 40.11
CA ALA I 142 -14.89 -17.18 41.29
C ALA I 142 -13.47 -16.79 40.91
N VAL I 143 -12.88 -17.49 39.94
CA VAL I 143 -11.52 -17.15 39.57
C VAL I 143 -11.51 -15.82 38.85
N LEU I 144 -12.56 -15.51 38.09
CA LEU I 144 -12.61 -14.22 37.41
C LEU I 144 -12.66 -13.10 38.44
N GLU I 145 -13.46 -13.29 39.49
CA GLU I 145 -13.49 -12.25 40.51
C GLU I 145 -12.12 -12.10 41.15
N LEU I 146 -11.42 -13.22 41.36
CA LEU I 146 -10.08 -13.15 41.95
C LEU I 146 -9.13 -12.42 41.00
N ILE I 147 -9.27 -12.64 39.70
CA ILE I 147 -8.41 -11.98 38.73
C ILE I 147 -8.69 -10.49 38.71
N VAL I 148 -9.96 -10.12 38.69
CA VAL I 148 -10.33 -8.70 38.64
C VAL I 148 -9.82 -7.99 39.87
N ARG I 149 -9.95 -8.63 41.03
CA ARG I 149 -9.44 -8.03 42.25
C ARG I 149 -7.92 -7.97 42.25
N ALA I 150 -7.26 -9.06 41.83
CA ALA I 150 -5.80 -9.11 41.82
C ALA I 150 -5.21 -8.05 40.89
N LEU I 151 -5.87 -7.74 39.79
CA LEU I 151 -5.34 -6.75 38.86
C LEU I 151 -5.81 -5.34 39.19
N ASN I 152 -6.61 -5.18 40.25
CA ASN I 152 -7.13 -3.86 40.65
C ASN I 152 -7.81 -3.15 39.49
N LEU I 153 -8.67 -3.85 38.77
CA LEU I 153 -9.34 -3.21 37.65
C LEU I 153 -10.50 -2.36 38.14
N THR I 154 -10.68 -1.20 37.51
CA THR I 154 -11.77 -0.30 37.80
C THR I 154 -12.68 -0.06 36.62
N ASP I 155 -12.41 -0.67 35.47
CA ASP I 155 -13.17 -0.40 34.26
C ASP I 155 -14.65 -0.66 34.50
N ALA I 156 -15.48 0.34 34.26
CA ALA I 156 -16.91 0.17 34.49
C ALA I 156 -17.46 -1.02 33.71
N GLU I 157 -16.90 -1.29 32.54
CA GLU I 157 -17.41 -2.39 31.73
C GLU I 157 -17.14 -3.73 32.39
N VAL I 158 -16.01 -3.87 33.10
CA VAL I 158 -15.73 -5.17 33.69
C VAL I 158 -16.60 -5.33 34.92
N ILE I 159 -16.86 -4.24 35.65
CA ILE I 159 -17.70 -4.35 36.83
C ILE I 159 -19.11 -4.75 36.43
N LYS I 160 -19.64 -4.11 35.38
CA LYS I 160 -20.96 -4.47 34.90
C LYS I 160 -20.98 -5.90 34.40
N ALA I 161 -19.92 -6.32 33.70
CA ALA I 161 -19.89 -7.69 33.19
C ALA I 161 -19.91 -8.68 34.35
N LEU I 162 -19.21 -8.36 35.43
CA LEU I 162 -19.21 -9.25 36.59
C LEU I 162 -20.59 -9.31 37.20
N ILE I 163 -21.31 -8.19 37.22
CA ILE I 163 -22.67 -8.21 37.77
C ILE I 163 -23.55 -9.11 36.90
N GLU I 164 -23.44 -8.96 35.58
CA GLU I 164 -24.25 -9.78 34.68
C GLU I 164 -23.90 -11.24 34.87
N LEU I 165 -22.61 -11.53 35.10
CA LEU I 165 -22.19 -12.90 35.30
C LEU I 165 -22.83 -13.45 36.56
N ARG I 166 -22.81 -12.69 37.65
CA ARG I 166 -23.39 -13.19 38.90
C ARG I 166 -24.86 -13.50 38.70
N LEU I 167 -25.58 -12.63 37.98
CA LEU I 167 -27.00 -12.87 37.76
C LEU I 167 -27.20 -14.10 36.89
N SER I 168 -26.35 -14.28 35.87
CA SER I 168 -26.53 -15.44 35.02
C SER I 168 -26.16 -16.71 35.76
N THR I 169 -25.27 -16.63 36.75
CA THR I 169 -24.97 -17.84 37.49
C THR I 169 -26.13 -18.19 38.39
N LEU I 170 -26.88 -17.18 38.84
CA LEU I 170 -28.05 -17.50 39.65
C LEU I 170 -29.10 -18.17 38.78
N GLU I 171 -29.26 -17.67 37.55
CA GLU I 171 -30.25 -18.26 36.66
C GLU I 171 -29.83 -19.68 36.31
N LEU I 172 -28.53 -19.89 36.10
CA LEU I 172 -28.04 -21.20 35.73
C LEU I 172 -28.25 -22.20 36.86
N VAL I 173 -27.99 -21.80 38.10
CA VAL I 173 -28.18 -22.74 39.20
C VAL I 173 -29.65 -23.08 39.35
N ALA I 174 -30.54 -22.08 39.28
CA ALA I 174 -31.96 -22.41 39.41
C ALA I 174 -32.43 -23.31 38.28
N ALA I 175 -31.97 -23.04 37.05
CA ALA I 175 -32.37 -23.89 35.94
C ALA I 175 -31.82 -25.29 36.11
N THR I 176 -30.63 -25.42 36.67
CA THR I 176 -30.04 -26.74 36.86
C THR I 176 -30.87 -27.54 37.84
N ALA I 177 -31.27 -26.90 38.95
CA ALA I 177 -32.09 -27.60 39.92
C ALA I 177 -33.41 -28.03 39.29
N SER I 178 -33.97 -27.17 38.43
CA SER I 178 -35.22 -27.54 37.78
C SER I 178 -35.01 -28.74 36.86
N LEU I 179 -33.88 -28.75 36.14
CA LEU I 179 -33.60 -29.86 35.25
C LEU I 179 -33.42 -31.16 36.03
N ARG I 180 -32.73 -31.09 37.17
CA ARG I 180 -32.54 -32.30 37.97
C ARG I 180 -33.88 -32.83 38.44
N GLU I 181 -34.77 -31.93 38.87
CA GLU I 181 -36.07 -32.39 39.36
C GLU I 181 -36.88 -33.01 38.22
N ILE I 182 -36.79 -32.42 37.03
CA ILE I 182 -37.53 -32.96 35.90
C ILE I 182 -36.99 -34.34 35.55
N THR I 183 -35.66 -34.49 35.56
CA THR I 183 -35.07 -35.79 35.26
C THR I 183 -35.53 -36.84 36.27
N GLU I 184 -35.56 -36.48 37.55
CA GLU I 184 -36.01 -37.45 38.54
C GLU I 184 -37.47 -37.84 38.30
N GLU I 185 -38.31 -36.87 37.92
CA GLU I 185 -39.70 -37.20 37.67
C GLU I 185 -39.83 -38.08 36.43
N LEU I 186 -39.01 -37.84 35.42
CA LEU I 186 -39.02 -38.70 34.23
C LEU I 186 -38.63 -40.11 34.58
N LYS I 187 -37.56 -40.25 35.38
CA LYS I 187 -37.09 -41.56 35.78
C LYS I 187 -38.16 -42.32 36.56
N LYS I 188 -38.85 -41.64 37.47
CA LYS I 188 -39.89 -42.32 38.25
C LYS I 188 -41.07 -42.74 37.40
N ASN I 189 -41.50 -41.91 36.45
CA ASN I 189 -42.67 -42.20 35.61
C ASN I 189 -42.37 -41.96 34.14
N PRO I 190 -41.52 -42.80 33.53
CA PRO I 190 -41.13 -42.56 32.13
C PRO I 190 -42.32 -42.66 31.20
N SER I 191 -42.36 -41.76 30.22
CA SER I 191 -43.44 -41.74 29.24
C SER I 191 -43.00 -40.89 28.05
N GLU I 192 -43.76 -40.97 26.97
CA GLU I 192 -43.46 -40.16 25.80
C GLU I 192 -43.65 -38.68 26.09
N ASP I 193 -44.68 -38.32 26.87
CA ASP I 193 -44.93 -36.92 27.14
C ASP I 193 -43.90 -36.39 28.12
N ALA I 194 -43.53 -37.22 29.10
CA ALA I 194 -42.53 -36.79 30.06
C ALA I 194 -41.19 -36.66 29.36
N LEU I 195 -40.93 -37.56 28.40
CA LEU I 195 -39.66 -37.53 27.69
C LEU I 195 -39.56 -36.29 26.81
N VAL I 196 -40.65 -35.90 26.15
CA VAL I 196 -40.57 -34.70 25.32
C VAL I 196 -40.45 -33.46 26.21
N GLU I 197 -41.11 -33.47 27.37
CA GLU I 197 -40.98 -32.33 28.26
C GLU I 197 -39.54 -32.23 28.78
N HIS I 198 -38.94 -33.38 29.07
CA HIS I 198 -37.56 -33.42 29.53
C HIS I 198 -36.63 -32.90 28.46
N ASN I 199 -36.84 -33.31 27.20
CA ASN I 199 -35.98 -32.82 26.13
C ASN I 199 -36.11 -31.31 25.97
N ARG I 200 -37.32 -30.79 26.17
CA ARG I 200 -37.47 -29.33 26.12
C ARG I 200 -36.70 -28.70 27.27
N ALA I 201 -36.77 -29.31 28.45
CA ALA I 201 -36.05 -28.78 29.60
C ALA I 201 -34.57 -28.73 29.31
N ILE I 202 -34.06 -29.75 28.61
CA ILE I 202 -32.66 -29.78 28.23
C ILE I 202 -32.35 -28.66 27.25
N VAL I 203 -33.21 -28.42 26.27
CA VAL I 203 -32.92 -27.36 25.33
C VAL I 203 -32.87 -26.02 26.06
N GLU I 204 -33.80 -25.78 26.98
CA GLU I 204 -33.78 -24.52 27.72
C GLU I 204 -32.53 -24.41 28.57
N HIS I 205 -32.12 -25.52 29.19
CA HIS I 205 -30.92 -25.51 30.01
C HIS I 205 -29.70 -25.21 29.16
N ASN I 206 -29.59 -25.83 27.99
CA ASN I 206 -28.44 -25.55 27.14
C ASN I 206 -28.44 -24.09 26.72
N ALA I 207 -29.62 -23.52 26.46
CA ALA I 207 -29.67 -22.11 26.09
C ALA I 207 -29.14 -21.25 27.23
N ILE I 208 -29.46 -21.63 28.47
CA ILE I 208 -28.97 -20.88 29.61
C ILE I 208 -27.46 -21.02 29.71
N ILE I 209 -26.94 -22.23 29.50
CA ILE I 209 -25.50 -22.43 29.53
C ILE I 209 -24.83 -21.57 28.48
N VAL I 210 -25.42 -21.50 27.29
CA VAL I 210 -24.84 -20.69 26.23
C VAL I 210 -24.78 -19.24 26.65
N GLU I 211 -25.84 -18.72 27.28
CA GLU I 211 -25.80 -17.34 27.74
C GLU I 211 -24.75 -17.14 28.83
N ASN I 212 -24.62 -18.10 29.74
CA ASN I 212 -23.63 -17.98 30.80
C ASN I 212 -22.22 -17.97 30.22
N ASN I 213 -21.97 -18.80 29.20
CA ASN I 213 -20.67 -18.82 28.58
C ASN I 213 -20.43 -17.55 27.79
N ARG I 214 -21.48 -16.97 27.20
CA ARG I 214 -21.30 -15.71 26.49
C ARG I 214 -20.83 -14.65 27.46
N ILE I 215 -21.43 -14.61 28.65
CA ILE I 215 -21.04 -13.59 29.62
C ILE I 215 -19.61 -13.84 30.09
N ILE I 216 -19.26 -15.11 30.34
CA ILE I 216 -17.89 -15.39 30.76
C ILE I 216 -16.91 -14.93 29.69
N ALA I 217 -17.23 -15.21 28.42
CA ALA I 217 -16.37 -14.79 27.34
C ALA I 217 -16.24 -13.27 27.30
N ALA I 218 -17.33 -12.56 27.55
CA ALA I 218 -17.26 -11.10 27.56
C ALA I 218 -16.35 -10.61 28.68
N VAL I 219 -16.41 -11.26 29.84
CA VAL I 219 -15.57 -10.84 30.96
C VAL I 219 -14.12 -11.08 30.61
N LEU I 220 -13.81 -12.24 30.03
CA LEU I 220 -12.44 -12.53 29.68
C LEU I 220 -11.94 -11.55 28.62
N GLU I 221 -12.80 -11.21 27.65
CA GLU I 221 -12.41 -10.26 26.63
C GLU I 221 -12.03 -8.93 27.26
N LEU I 222 -12.83 -8.48 28.24
CA LEU I 222 -12.54 -7.22 28.90
C LEU I 222 -11.25 -7.30 29.72
N ILE I 223 -11.00 -8.43 30.37
CA ILE I 223 -9.77 -8.55 31.15
C ILE I 223 -8.54 -8.57 30.24
N VAL I 224 -8.58 -9.35 29.16
CA VAL I 224 -7.41 -9.47 28.29
C VAL I 224 -7.19 -8.19 27.50
N GLY I 225 -8.26 -7.63 26.94
CA GLY I 225 -8.16 -6.44 26.13
C GLY I 225 -8.36 -5.16 26.89
N GLY J 2 36.89 2.58 28.41
CA GLY J 2 36.12 2.74 27.15
C GLY J 2 35.12 3.88 27.22
N SER J 3 33.87 3.56 27.53
CA SER J 3 32.80 4.55 27.55
C SER J 3 33.00 5.59 28.65
N GLU J 4 33.84 5.29 29.64
CA GLU J 4 34.06 6.22 30.74
C GLU J 4 34.62 7.54 30.22
N VAL J 5 35.46 7.50 29.20
CA VAL J 5 36.06 8.72 28.67
C VAL J 5 35.22 9.28 27.53
N GLU J 6 34.73 8.40 26.65
CA GLU J 6 33.92 8.85 25.53
C GLU J 6 32.74 9.67 26.01
N ILE J 7 32.10 9.24 27.10
CA ILE J 7 30.96 9.97 27.63
C ILE J 7 31.40 11.29 28.22
N LEU J 8 32.58 11.33 28.86
CA LEU J 8 33.06 12.59 29.39
C LEU J 8 33.30 13.58 28.26
N LYS J 9 33.77 13.08 27.11
CA LYS J 9 33.98 13.96 25.97
C LYS J 9 32.66 14.44 25.42
N ALA J 10 31.65 13.57 25.40
CA ALA J 10 30.34 14.02 24.94
C ALA J 10 29.80 15.12 25.85
N LEU J 11 30.04 15.00 27.15
CA LEU J 11 29.59 16.04 28.08
C LEU J 11 30.36 17.34 27.83
N LEU J 12 31.64 17.22 27.53
CA LEU J 12 32.42 18.41 27.22
C LEU J 12 31.87 19.07 25.97
N GLU J 13 31.51 18.25 24.98
CA GLU J 13 30.92 18.78 23.76
C GLU J 13 29.64 19.53 24.06
N LEU J 14 28.79 18.98 24.92
CA LEU J 14 27.55 19.69 25.21
C LEU J 14 27.84 21.02 25.88
N LYS J 15 28.83 21.05 26.77
CA LYS J 15 29.21 22.30 27.41
C LYS J 15 29.68 23.32 26.39
N LYS J 16 30.49 22.89 25.42
CA LYS J 16 31.03 23.83 24.46
C LYS J 16 29.97 24.27 23.45
N SER J 17 29.07 23.38 23.04
CA SER J 17 28.08 23.82 22.09
C SER J 17 27.08 24.73 22.78
N THR J 18 26.88 24.55 24.09
CA THR J 18 26.00 25.44 24.83
C THR J 18 26.62 26.82 24.91
N ALA J 19 27.92 26.89 25.22
CA ALA J 19 28.57 28.19 25.27
C ALA J 19 28.51 28.86 23.91
N GLU J 20 28.69 28.07 22.85
CA GLU J 20 28.59 28.63 21.50
C GLU J 20 27.20 29.18 21.27
N LEU J 21 26.17 28.45 21.67
CA LEU J 21 24.81 28.91 21.44
C LEU J 21 24.58 30.22 22.14
N LYS J 22 25.03 30.33 23.39
CA LYS J 22 24.81 31.54 24.14
C LYS J 22 25.51 32.73 23.47
N ARG J 23 26.74 32.51 22.98
CA ARG J 23 27.45 33.60 22.33
C ARG J 23 26.86 33.93 20.96
N ALA J 24 26.43 32.92 20.21
CA ALA J 24 25.83 33.17 18.91
C ALA J 24 24.56 33.96 19.08
N THR J 25 23.79 33.65 20.12
CA THR J 25 22.55 34.36 20.36
C THR J 25 22.85 35.81 20.72
N ALA J 26 23.89 36.01 21.55
CA ALA J 26 24.26 37.36 21.91
C ALA J 26 24.65 38.16 20.68
N SER J 27 25.36 37.55 19.73
CA SER J 27 25.67 38.34 18.55
C SER J 27 24.43 38.55 17.72
N LEU J 28 23.50 37.60 17.71
CA LEU J 28 22.28 37.77 16.93
C LEU J 28 21.62 39.08 17.33
N ARG J 29 21.51 39.28 18.64
CA ARG J 29 20.84 40.46 19.16
C ARG J 29 21.68 41.72 19.00
N ALA J 30 22.99 41.62 19.23
CA ALA J 30 23.82 42.81 19.08
C ALA J 30 23.72 43.29 17.65
N ILE J 31 23.60 42.35 16.71
CA ILE J 31 23.50 42.67 15.30
C ILE J 31 22.20 43.39 15.03
N THR J 32 21.09 42.84 15.50
CA THR J 32 19.80 43.48 15.20
C THR J 32 19.76 44.92 15.74
N GLU J 33 20.16 45.08 17.00
CA GLU J 33 20.12 46.40 17.64
C GLU J 33 21.12 47.39 17.05
N GLU J 34 22.33 46.96 16.70
CA GLU J 34 23.27 47.95 16.20
C GLU J 34 23.03 48.24 14.73
N LEU J 35 22.67 47.24 13.96
CA LEU J 35 22.54 47.49 12.53
C LEU J 35 21.24 48.23 12.21
N LYS J 36 20.16 48.06 12.98
CA LYS J 36 18.96 48.78 12.60
C LYS J 36 19.18 50.29 12.70
N LYS J 37 20.21 50.71 13.43
CA LYS J 37 20.52 52.14 13.56
C LYS J 37 20.88 52.76 12.22
N ASN J 38 21.50 51.99 11.32
CA ASN J 38 21.91 52.50 10.02
C ASN J 38 21.92 51.35 9.02
N PRO J 39 20.78 51.08 8.39
CA PRO J 39 20.68 49.98 7.42
C PRO J 39 21.63 50.10 6.24
N SER J 40 22.28 51.25 6.01
CA SER J 40 23.17 51.35 4.87
C SER J 40 24.43 50.50 5.04
N GLU J 41 24.72 50.02 6.25
CA GLU J 41 25.87 49.13 6.46
C GLU J 41 25.41 47.72 6.13
N ASP J 42 25.22 47.48 4.83
CA ASP J 42 24.56 46.26 4.36
C ASP J 42 25.47 45.05 4.55
N ALA J 43 26.74 45.18 4.21
CA ALA J 43 27.65 44.05 4.30
C ALA J 43 27.77 43.55 5.73
N LEU J 44 27.81 44.45 6.69
CA LEU J 44 27.99 44.03 8.08
C LEU J 44 26.77 43.26 8.58
N VAL J 45 25.57 43.75 8.27
CA VAL J 45 24.38 43.07 8.79
C VAL J 45 24.15 41.76 8.06
N GLU J 46 24.41 41.72 6.75
CA GLU J 46 24.16 40.48 6.03
C GLU J 46 25.19 39.42 6.41
N HIS J 47 26.44 39.84 6.62
CA HIS J 47 27.45 38.86 6.98
C HIS J 47 27.19 38.33 8.37
N ASN J 48 26.82 39.21 9.31
CA ASN J 48 26.61 38.73 10.65
C ASN J 48 25.36 37.87 10.73
N ARG J 49 24.34 38.15 9.92
CA ARG J 49 23.17 37.29 9.95
C ARG J 49 23.52 35.91 9.41
N ALA J 50 24.36 35.87 8.36
CA ALA J 50 24.77 34.56 7.85
C ALA J 50 25.54 33.81 8.91
N ILE J 51 26.37 34.54 9.67
CA ILE J 51 27.17 33.91 10.73
C ILE J 51 26.25 33.29 11.77
N VAL J 52 25.20 34.03 12.14
CA VAL J 52 24.25 33.54 13.13
C VAL J 52 23.54 32.30 12.62
N GLU J 53 23.10 32.29 11.36
CA GLU J 53 22.43 31.10 10.85
C GLU J 53 23.37 29.91 10.84
N HIS J 54 24.64 30.13 10.49
CA HIS J 54 25.57 29.02 10.42
C HIS J 54 25.78 28.43 11.81
N ASN J 55 25.88 29.29 12.82
CA ASN J 55 26.09 28.79 14.17
C ASN J 55 24.86 28.05 14.66
N ALA J 56 23.67 28.57 14.35
CA ALA J 56 22.46 27.89 14.82
C ALA J 56 22.39 26.49 14.24
N ILE J 57 22.78 26.34 12.97
CA ILE J 57 22.76 25.02 12.36
C ILE J 57 23.80 24.13 13.03
N ILE J 58 24.98 24.66 13.28
CA ILE J 58 26.02 23.83 13.90
C ILE J 58 25.58 23.35 15.27
N VAL J 59 24.94 24.22 16.05
CA VAL J 59 24.47 23.81 17.38
C VAL J 59 23.44 22.70 17.26
N GLU J 60 22.51 22.82 16.32
CA GLU J 60 21.51 21.75 16.17
C GLU J 60 22.17 20.45 15.75
N ASN J 61 23.16 20.53 14.86
CA ASN J 61 23.85 19.32 14.44
C ASN J 61 24.62 18.70 15.60
N ASN J 62 25.23 19.52 16.45
CA ASN J 62 25.97 18.95 17.57
C ASN J 62 25.01 18.21 18.49
N ARG J 63 23.81 18.77 18.68
CA ARG J 63 22.84 18.11 19.54
C ARG J 63 22.46 16.74 18.97
N ILE J 64 22.23 16.68 17.66
CA ILE J 64 21.82 15.42 17.06
C ILE J 64 22.95 14.40 17.11
N ILE J 65 24.17 14.85 16.81
CA ILE J 65 25.31 13.94 16.82
C ILE J 65 25.49 13.36 18.22
N ALA J 66 25.42 14.22 19.24
CA ALA J 66 25.56 13.72 20.60
C ALA J 66 24.46 12.73 20.93
N ALA J 67 23.24 12.99 20.45
CA ALA J 67 22.13 12.09 20.72
C ALA J 67 22.40 10.70 20.13
N VAL J 68 23.03 10.63 18.96
CA VAL J 68 23.33 9.33 18.36
C VAL J 68 24.50 8.67 19.08
N LEU J 69 25.54 9.44 19.37
CA LEU J 69 26.69 8.84 20.02
C LEU J 69 26.30 8.31 21.39
N MET J 70 25.32 8.93 22.07
CA MET J 70 24.91 8.35 23.34
C MET J 70 24.35 6.96 23.16
N LEU J 71 23.83 6.64 21.98
CA LEU J 71 23.30 5.29 21.77
C LEU J 71 24.46 4.34 21.56
N ILE J 72 25.51 4.82 20.90
CA ILE J 72 26.66 3.96 20.74
C ILE J 72 27.30 3.73 22.11
N VAL J 73 27.40 4.79 22.91
CA VAL J 73 28.00 4.70 24.24
C VAL J 73 27.22 3.72 25.11
N VAL J 74 25.89 3.77 25.07
CA VAL J 74 25.13 2.84 25.91
C VAL J 74 25.37 1.42 25.44
N ALA J 75 25.49 1.20 24.13
CA ALA J 75 25.79 -0.15 23.68
C ALA J 75 27.17 -0.59 24.18
N VAL J 76 28.13 0.32 24.18
CA VAL J 76 29.49 0.02 24.62
C VAL J 76 29.54 -0.33 26.09
N GLY J 77 28.80 0.39 26.93
CA GLY J 77 28.81 0.17 28.36
C GLY J 77 28.36 -1.20 28.82
N MET J 78 27.75 -1.99 27.95
CA MET J 78 27.28 -3.31 28.30
C MET J 78 28.29 -4.41 27.98
N THR J 79 29.51 -4.02 27.59
CA THR J 79 30.52 -4.98 27.21
C THR J 79 30.73 -6.07 28.26
N GLN J 80 30.81 -5.70 29.54
CA GLN J 80 31.07 -6.72 30.55
C GLN J 80 29.85 -7.60 30.80
N GLU J 81 28.65 -7.05 30.66
CA GLU J 81 27.46 -7.87 30.88
C GLU J 81 27.34 -8.89 29.76
N ILE J 82 27.68 -8.47 28.54
CA ILE J 82 27.62 -9.38 27.42
C ILE J 82 28.72 -10.43 27.55
N LYS J 83 29.93 -9.99 27.89
CA LYS J 83 31.03 -10.93 28.08
C LYS J 83 30.66 -12.01 29.10
N LYS J 84 30.05 -11.62 30.21
CA LYS J 84 29.68 -12.63 31.20
C LYS J 84 28.57 -13.52 30.69
N ALA J 85 27.61 -12.96 29.95
CA ALA J 85 26.57 -13.81 29.37
C ALA J 85 27.19 -14.82 28.42
N LEU J 86 28.18 -14.39 27.65
CA LEU J 86 28.85 -15.31 26.74
C LEU J 86 29.62 -16.37 27.50
N GLU J 87 30.30 -16.00 28.59
CA GLU J 87 31.03 -17.02 29.32
C GLU J 87 30.06 -18.10 29.81
N GLU J 88 28.87 -17.68 30.27
CA GLU J 88 27.89 -18.65 30.71
C GLU J 88 27.39 -19.48 29.56
N LEU J 89 27.18 -18.85 28.40
CA LEU J 89 26.66 -19.58 27.25
C LEU J 89 27.67 -20.62 26.77
N VAL J 90 28.95 -20.26 26.81
CA VAL J 90 30.00 -21.17 26.39
C VAL J 90 30.06 -22.36 27.35
N ALA J 91 30.02 -22.10 28.66
CA ALA J 91 30.05 -23.21 29.60
C ALA J 91 28.84 -24.10 29.41
N SER J 92 27.68 -23.50 29.14
CA SER J 92 26.47 -24.30 28.91
C SER J 92 26.61 -25.16 27.67
N THR J 93 27.14 -24.58 26.58
CA THR J 93 27.32 -25.34 25.35
C THR J 93 28.24 -26.52 25.58
N ALA J 94 29.35 -26.29 26.29
CA ALA J 94 30.28 -27.38 26.57
C ALA J 94 29.60 -28.46 27.40
N GLU J 95 28.76 -28.07 28.36
CA GLU J 95 28.11 -29.07 29.19
C GLU J 95 27.11 -29.86 28.35
N LEU J 96 26.44 -29.17 27.42
CA LEU J 96 25.47 -29.84 26.58
C LEU J 96 26.19 -30.87 25.71
N LYS J 97 27.36 -30.48 25.19
CA LYS J 97 28.17 -31.41 24.40
C LYS J 97 28.54 -32.63 25.21
N ARG J 98 28.97 -32.43 26.46
CA ARG J 98 29.34 -33.57 27.28
C ARG J 98 28.14 -34.48 27.51
N ALA J 99 26.97 -33.88 27.75
CA ALA J 99 25.78 -34.70 27.94
C ALA J 99 25.44 -35.47 26.68
N THR J 100 25.61 -34.86 25.50
CA THR J 100 25.31 -35.55 24.25
C THR J 100 26.26 -36.71 24.03
N ALA J 101 27.55 -36.51 24.26
CA ALA J 101 28.49 -37.60 24.07
C ALA J 101 28.21 -38.73 25.05
N SER J 102 27.84 -38.37 26.28
CA SER J 102 27.53 -39.39 27.28
C SER J 102 26.32 -40.18 26.83
N LEU J 103 25.29 -39.48 26.34
CA LEU J 103 24.09 -40.16 25.92
C LEU J 103 24.38 -41.09 24.75
N ARG J 104 25.22 -40.65 23.80
CA ARG J 104 25.56 -41.51 22.68
C ARG J 104 26.23 -42.78 23.16
N ALA J 105 27.19 -42.65 24.09
CA ALA J 105 27.87 -43.83 24.59
C ALA J 105 26.87 -44.75 25.31
N ILE J 106 25.93 -44.17 26.03
CA ILE J 106 24.92 -44.97 26.71
C ILE J 106 24.08 -45.70 25.69
N THR J 107 23.68 -45.01 24.63
CA THR J 107 22.85 -45.63 23.59
C THR J 107 23.58 -46.83 23.00
N GLU J 108 24.87 -46.69 22.71
CA GLU J 108 25.62 -47.80 22.15
C GLU J 108 25.69 -48.95 23.15
N GLU J 109 25.90 -48.66 24.42
CA GLU J 109 25.99 -49.71 25.42
C GLU J 109 24.64 -50.40 25.62
N LEU J 110 23.56 -49.62 25.63
CA LEU J 110 22.23 -50.17 25.82
C LEU J 110 21.82 -51.06 24.66
N LYS J 111 22.12 -50.66 23.43
CA LYS J 111 21.76 -51.52 22.31
C LYS J 111 22.64 -52.76 22.27
N LYS J 112 23.94 -52.60 22.52
CA LYS J 112 24.85 -53.75 22.46
C LYS J 112 24.59 -54.72 23.60
N ASN J 113 24.29 -54.21 24.79
CA ASN J 113 24.07 -55.03 25.99
C ASN J 113 22.90 -54.47 26.78
N PRO J 114 21.67 -54.83 26.42
CA PRO J 114 20.50 -54.11 26.97
C PRO J 114 20.18 -54.47 28.41
N SER J 115 21.15 -54.20 29.29
CA SER J 115 20.98 -54.39 30.72
C SER J 115 20.03 -53.34 31.28
N GLU J 116 19.28 -53.73 32.31
CA GLU J 116 18.36 -52.77 32.93
C GLU J 116 19.11 -51.53 33.40
N ASP J 117 20.33 -51.72 33.88
CA ASP J 117 21.12 -50.59 34.35
C ASP J 117 21.36 -49.60 33.21
N ALA J 118 21.48 -50.10 31.98
CA ALA J 118 21.68 -49.20 30.86
C ALA J 118 20.43 -48.38 30.59
N LEU J 119 19.25 -48.97 30.83
CA LEU J 119 18.02 -48.20 30.64
C LEU J 119 17.92 -47.12 31.71
N VAL J 120 18.34 -47.45 32.93
CA VAL J 120 18.32 -46.46 34.00
C VAL J 120 19.26 -45.32 33.65
N GLU J 121 20.45 -45.66 33.16
CA GLU J 121 21.42 -44.64 32.76
C GLU J 121 20.86 -43.80 31.61
N HIS J 122 20.12 -44.43 30.70
CA HIS J 122 19.50 -43.68 29.61
C HIS J 122 18.57 -42.62 30.15
N ASN J 123 17.68 -43.00 31.07
CA ASN J 123 16.74 -42.01 31.58
C ASN J 123 17.47 -40.94 32.39
N ARG J 124 18.54 -41.31 33.09
CA ARG J 124 19.28 -40.31 33.84
C ARG J 124 19.92 -39.32 32.88
N ALA J 125 20.50 -39.82 31.80
CA ALA J 125 21.14 -38.94 30.82
C ALA J 125 20.11 -38.01 30.18
N ILE J 126 18.89 -38.51 29.95
CA ILE J 126 17.86 -37.65 29.38
C ILE J 126 17.52 -36.53 30.34
N VAL J 127 17.43 -36.85 31.64
CA VAL J 127 17.12 -35.81 32.62
C VAL J 127 18.25 -34.78 32.67
N GLU J 128 19.51 -35.24 32.64
CA GLU J 128 20.60 -34.28 32.67
C GLU J 128 20.54 -33.38 31.43
N HIS J 129 20.20 -33.97 30.29
CA HIS J 129 20.12 -33.19 29.07
C HIS J 129 19.04 -32.13 29.17
N ASN J 130 17.87 -32.49 29.72
CA ASN J 130 16.82 -31.49 29.84
C ASN J 130 17.22 -30.40 30.81
N ALA J 131 17.91 -30.74 31.90
CA ALA J 131 18.37 -29.70 32.82
C ALA J 131 19.32 -28.75 32.12
N ILE J 132 20.16 -29.29 31.25
CA ILE J 132 21.10 -28.47 30.51
C ILE J 132 20.35 -27.57 29.54
N ILE J 133 19.33 -28.09 28.85
CA ILE J 133 18.57 -27.26 27.94
C ILE J 133 17.96 -26.10 28.72
N VAL J 134 17.43 -26.38 29.90
CA VAL J 134 16.78 -25.33 30.67
C VAL J 134 17.78 -24.24 31.03
N GLU J 135 18.98 -24.64 31.46
CA GLU J 135 19.98 -23.62 31.76
C GLU J 135 20.39 -22.86 30.51
N ASN J 136 20.53 -23.57 29.39
CA ASN J 136 20.92 -22.92 28.14
C ASN J 136 19.89 -21.89 27.72
N ASN J 137 18.59 -22.23 27.81
CA ASN J 137 17.58 -21.28 27.37
C ASN J 137 17.46 -20.13 28.34
N ARG J 138 17.70 -20.35 29.63
CA ARG J 138 17.72 -19.23 30.55
C ARG J 138 18.81 -18.25 30.17
N ILE J 139 20.00 -18.79 29.87
CA ILE J 139 21.13 -17.95 29.49
C ILE J 139 20.85 -17.22 28.20
N ILE J 140 20.27 -17.92 27.22
CA ILE J 140 19.95 -17.25 25.96
C ILE J 140 18.92 -16.14 26.18
N ALA J 141 17.89 -16.40 26.97
CA ALA J 141 16.91 -15.34 27.20
C ALA J 141 17.59 -14.12 27.82
N ALA J 142 18.53 -14.36 28.74
CA ALA J 142 19.26 -13.26 29.35
C ALA J 142 20.11 -12.51 28.34
N VAL J 143 20.77 -13.24 27.44
CA VAL J 143 21.61 -12.55 26.46
C VAL J 143 20.72 -11.81 25.49
N LEU J 144 19.54 -12.34 25.17
CA LEU J 144 18.64 -11.64 24.28
C LEU J 144 18.20 -10.33 24.91
N GLU J 145 17.90 -10.36 26.21
CA GLU J 145 17.53 -9.10 26.87
C GLU J 145 18.68 -8.12 26.80
N LEU J 146 19.91 -8.61 26.97
CA LEU J 146 21.07 -7.73 26.90
C LEU J 146 21.23 -7.15 25.49
N ILE J 147 20.95 -7.96 24.47
CA ILE J 147 21.06 -7.48 23.09
C ILE J 147 20.00 -6.43 22.82
N VAL J 148 18.76 -6.70 23.22
CA VAL J 148 17.67 -5.77 22.96
C VAL J 148 17.95 -4.45 23.66
N ARG J 149 18.44 -4.51 24.89
CA ARG J 149 18.77 -3.28 25.60
C ARG J 149 19.96 -2.58 24.96
N ALA J 150 21.01 -3.33 24.60
CA ALA J 150 22.19 -2.73 24.00
C ALA J 150 21.90 -2.05 22.68
N LEU J 151 20.96 -2.58 21.90
CA LEU J 151 20.62 -2.00 20.61
C LEU J 151 19.52 -0.95 20.72
N ASN J 152 19.01 -0.70 21.92
CA ASN J 152 17.95 0.27 22.15
C ASN J 152 16.75 0.04 21.25
N LEU J 153 16.29 -1.20 21.16
CA LEU J 153 15.15 -1.48 20.30
C LEU J 153 13.86 -1.09 21.03
N THR J 154 12.92 -0.53 20.28
CA THR J 154 11.61 -0.16 20.79
C THR J 154 10.47 -0.89 20.09
N ASP J 155 10.77 -1.74 19.13
CA ASP J 155 9.73 -2.38 18.33
C ASP J 155 8.75 -3.13 19.23
N ALA J 156 7.47 -2.78 19.12
CA ALA J 156 6.48 -3.43 19.98
C ALA J 156 6.51 -4.94 19.82
N GLU J 157 6.82 -5.42 18.61
CA GLU J 157 6.83 -6.86 18.40
C GLU J 157 7.95 -7.53 19.18
N VAL J 158 9.09 -6.86 19.34
CA VAL J 158 10.18 -7.52 20.05
C VAL J 158 9.88 -7.49 21.54
N ILE J 159 9.25 -6.42 22.02
CA ILE J 159 8.93 -6.33 23.44
C ILE J 159 7.93 -7.42 23.78
N LYS J 160 6.91 -7.60 22.93
CA LYS J 160 5.94 -8.65 23.19
C LYS J 160 6.60 -10.02 23.13
N ALA J 161 7.52 -10.21 22.17
CA ALA J 161 8.18 -11.50 22.08
C ALA J 161 8.99 -11.78 23.33
N LEU J 162 9.62 -10.74 23.89
CA LEU J 162 10.38 -10.93 25.12
C LEU J 162 9.46 -11.29 26.27
N ILE J 163 8.26 -10.70 26.31
CA ILE J 163 7.32 -11.04 27.37
C ILE J 163 6.92 -12.51 27.23
N GLU J 164 6.63 -12.93 26.00
CA GLU J 164 6.25 -14.32 25.77
C GLU J 164 7.39 -15.23 26.16
N LEU J 165 8.63 -14.81 25.90
CA LEU J 165 9.77 -15.63 26.26
C LEU J 165 9.84 -15.79 27.77
N ARG J 166 9.69 -14.68 28.50
CA ARG J 166 9.78 -14.75 29.96
C ARG J 166 8.73 -15.71 30.50
N LEU J 167 7.50 -15.64 29.95
CA LEU J 167 6.45 -16.52 30.44
C LEU J 167 6.78 -17.97 30.10
N SER J 168 7.32 -18.21 28.91
CA SER J 168 7.63 -19.58 28.54
C SER J 168 8.80 -20.10 29.34
N THR J 169 9.70 -19.23 29.80
CA THR J 169 10.79 -19.73 30.61
C THR J 169 10.27 -20.08 31.99
N LEU J 170 9.22 -19.40 32.45
CA LEU J 170 8.64 -19.79 33.74
C LEU J 170 7.98 -21.15 33.61
N GLU J 171 7.27 -21.36 32.50
CA GLU J 171 6.62 -22.64 32.30
C GLU J 171 7.65 -23.74 32.17
N LEU J 172 8.75 -23.45 31.47
CA LEU J 172 9.80 -24.45 31.26
C LEU J 172 10.45 -24.83 32.57
N VAL J 173 10.74 -23.85 33.43
CA VAL J 173 11.37 -24.19 34.71
C VAL J 173 10.43 -25.04 35.56
N ALA J 174 9.15 -24.65 35.63
CA ALA J 174 8.23 -25.45 36.44
C ALA J 174 8.10 -26.86 35.88
N ALA J 175 8.02 -26.99 34.55
CA ALA J 175 7.92 -28.33 33.97
C ALA J 175 9.17 -29.13 34.25
N THR J 176 10.33 -28.46 34.25
CA THR J 176 11.57 -29.17 34.49
C THR J 176 11.60 -29.73 35.91
N ALA J 177 11.17 -28.92 36.88
CA ALA J 177 11.14 -29.39 38.24
C ALA J 177 10.19 -30.57 38.37
N SER J 178 9.06 -30.52 37.67
CA SER J 178 8.13 -31.63 37.73
C SER J 178 8.75 -32.88 37.13
N LEU J 179 9.47 -32.73 36.03
CA LEU J 179 10.11 -33.88 35.40
C LEU J 179 11.16 -34.49 36.32
N ARG J 180 11.96 -33.65 37.00
CA ARG J 180 12.96 -34.20 37.90
C ARG J 180 12.29 -34.97 39.03
N GLU J 181 11.20 -34.44 39.57
CA GLU J 181 10.55 -35.14 40.67
C GLU J 181 9.97 -36.46 40.18
N ILE J 182 9.41 -36.48 38.97
CA ILE J 182 8.85 -37.72 38.46
C ILE J 182 9.95 -38.74 38.24
N THR J 183 11.09 -38.30 37.71
CA THR J 183 12.20 -39.23 37.50
C THR J 183 12.68 -39.81 38.82
N GLU J 184 12.78 -38.98 39.85
CA GLU J 184 13.21 -39.50 41.15
C GLU J 184 12.19 -40.51 41.68
N GLU J 185 10.90 -40.25 41.49
CA GLU J 185 9.91 -41.20 41.97
C GLU J 185 10.00 -42.51 41.19
N LEU J 186 10.26 -42.42 39.89
CA LEU J 186 10.42 -43.64 39.08
C LEU J 186 11.62 -44.43 39.58
N LYS J 187 12.73 -43.75 39.83
CA LYS J 187 13.94 -44.41 40.31
C LYS J 187 13.69 -45.12 41.63
N LYS J 188 12.98 -44.46 42.56
CA LYS J 188 12.71 -45.09 43.85
C LYS J 188 11.79 -46.29 43.73
N ASN J 189 10.76 -46.23 42.88
CA ASN J 189 9.79 -47.31 42.74
C ASN J 189 9.55 -47.64 41.27
N PRO J 190 10.54 -48.22 40.59
CA PRO J 190 10.38 -48.46 39.16
C PRO J 190 9.27 -49.47 38.88
N SER J 191 8.49 -49.19 37.84
CA SER J 191 7.39 -50.06 37.45
C SER J 191 6.99 -49.73 36.02
N GLU J 192 6.16 -50.60 35.43
CA GLU J 192 5.69 -50.33 34.08
C GLU J 192 4.78 -49.10 34.05
N ASP J 193 3.95 -48.93 35.07
CA ASP J 193 3.04 -47.79 35.06
C ASP J 193 3.81 -46.51 35.35
N ALA J 194 4.77 -46.58 36.27
CA ALA J 194 5.57 -45.41 36.58
C ALA J 194 6.43 -45.05 35.38
N LEU J 195 6.93 -46.07 34.67
CA LEU J 195 7.79 -45.82 33.52
C LEU J 195 7.00 -45.17 32.39
N VAL J 196 5.76 -45.62 32.15
CA VAL J 196 4.99 -45.00 31.09
C VAL J 196 4.58 -43.60 31.49
N GLU J 197 4.32 -43.36 32.78
CA GLU J 197 3.99 -42.01 33.20
C GLU J 197 5.19 -41.09 33.03
N HIS J 198 6.38 -41.62 33.33
CA HIS J 198 7.60 -40.86 33.16
C HIS J 198 7.82 -40.51 31.69
N ASN J 199 7.61 -41.49 30.80
CA ASN J 199 7.79 -41.22 29.37
C ASN J 199 6.79 -40.17 28.89
N ARG J 200 5.58 -40.19 29.43
CA ARG J 200 4.62 -39.15 29.06
C ARG J 200 5.10 -37.80 29.57
N ALA J 201 5.63 -37.76 30.79
CA ALA J 201 6.15 -36.51 31.33
C ALA J 201 7.24 -35.97 30.43
N ILE J 202 8.07 -36.86 29.90
CA ILE J 202 9.12 -36.47 28.97
C ILE J 202 8.54 -35.90 27.68
N VAL J 203 7.50 -36.54 27.13
CA VAL J 203 6.94 -36.01 25.90
C VAL J 203 6.38 -34.61 26.14
N GLU J 204 5.68 -34.41 27.26
CA GLU J 204 5.14 -33.09 27.55
C GLU J 204 6.27 -32.07 27.73
N HIS J 205 7.34 -32.50 28.39
CA HIS J 205 8.49 -31.62 28.59
C HIS J 205 9.12 -31.22 27.26
N ASN J 206 9.29 -32.19 26.36
CA ASN J 206 9.87 -31.85 25.07
C ASN J 206 8.97 -30.89 24.32
N ALA J 207 7.64 -31.06 24.43
CA ALA J 207 6.75 -30.13 23.76
C ALA J 207 6.94 -28.72 24.30
N ILE J 208 7.17 -28.61 25.61
CA ILE J 208 7.39 -27.29 26.21
C ILE J 208 8.70 -26.71 25.71
N ILE J 209 9.75 -27.55 25.63
CA ILE J 209 11.02 -27.06 25.13
C ILE J 209 10.87 -26.56 23.70
N VAL J 210 10.11 -27.30 22.88
CA VAL J 210 9.90 -26.89 21.50
C VAL J 210 9.24 -25.53 21.45
N GLU J 211 8.23 -25.30 22.31
CA GLU J 211 7.58 -23.99 22.31
C GLU J 211 8.55 -22.89 22.76
N ASN J 212 9.39 -23.19 23.76
CA ASN J 212 10.35 -22.19 24.22
C ASN J 212 11.34 -21.86 23.12
N ASN J 213 11.76 -22.86 22.36
CA ASN J 213 12.69 -22.62 21.27
C ASN J 213 12.00 -21.84 20.15
N ARG J 214 10.71 -22.09 19.95
CA ARG J 214 10.01 -21.34 18.93
C ARG J 214 10.01 -19.86 19.28
N ILE J 215 9.76 -19.55 20.56
CA ILE J 215 9.73 -18.15 20.98
C ILE J 215 11.13 -17.54 20.84
N ILE J 216 12.17 -18.28 21.26
CA ILE J 216 13.52 -17.73 21.11
C ILE J 216 13.80 -17.44 19.65
N ALA J 217 13.43 -18.36 18.77
CA ALA J 217 13.64 -18.15 17.34
C ALA J 217 12.90 -16.91 16.85
N ALA J 218 11.68 -16.69 17.35
CA ALA J 218 10.95 -15.50 16.93
C ALA J 218 11.66 -14.23 17.38
N VAL J 219 12.23 -14.25 18.59
CA VAL J 219 12.92 -13.08 19.08
C VAL J 219 14.15 -12.82 18.23
N LEU J 220 14.91 -13.87 17.90
CA LEU J 220 16.09 -13.68 17.08
C LEU J 220 15.70 -13.17 15.70
N GLU J 221 14.61 -13.68 15.14
CA GLU J 221 14.17 -13.20 13.84
C GLU J 221 13.89 -11.72 13.89
N LEU J 222 13.23 -11.26 14.96
CA LEU J 222 12.93 -9.84 15.07
C LEU J 222 14.19 -9.00 15.26
N ILE J 223 15.17 -9.52 16.00
CA ILE J 223 16.42 -8.77 16.18
C ILE J 223 17.20 -8.69 14.86
N VAL J 224 17.30 -9.81 14.14
CA VAL J 224 18.10 -9.83 12.92
C VAL J 224 17.39 -9.05 11.82
N GLY J 225 16.09 -9.25 11.67
CA GLY J 225 15.33 -8.60 10.61
C GLY J 225 14.69 -7.31 11.06
N GLY K 2 -16.52 65.01 15.50
CA GLY K 2 -16.93 63.58 15.53
C GLY K 2 -18.25 63.38 16.26
N SER K 3 -18.16 63.02 17.54
CA SER K 3 -19.34 62.72 18.33
C SER K 3 -20.23 63.94 18.54
N GLU K 4 -19.69 65.14 18.35
CA GLU K 4 -20.47 66.36 18.52
C GLU K 4 -21.68 66.39 17.61
N VAL K 5 -21.54 65.87 16.39
CA VAL K 5 -22.64 65.89 15.44
C VAL K 5 -23.47 64.61 15.55
N GLU K 6 -22.80 63.47 15.69
CA GLU K 6 -23.52 62.21 15.79
C GLU K 6 -24.53 62.26 16.94
N ILE K 7 -24.13 62.86 18.06
CA ILE K 7 -25.03 62.95 19.21
C ILE K 7 -26.17 63.92 18.92
N LEU K 8 -25.90 65.01 18.19
CA LEU K 8 -26.98 65.92 17.85
C LEU K 8 -28.00 65.22 16.97
N LYS K 9 -27.52 64.33 16.10
CA LYS K 9 -28.43 63.59 15.24
C LYS K 9 -29.24 62.60 16.07
N ALA K 10 -28.61 61.97 17.05
CA ALA K 10 -29.38 61.07 17.91
C ALA K 10 -30.49 61.83 18.64
N LEU K 11 -30.20 63.06 19.07
CA LEU K 11 -31.23 63.85 19.73
C LEU K 11 -32.34 64.21 18.76
N LEU K 12 -31.97 64.50 17.51
CA LEU K 12 -32.98 64.80 16.51
C LEU K 12 -33.86 63.58 16.28
N GLU K 13 -33.25 62.39 16.25
CA GLU K 13 -34.00 61.16 16.10
C GLU K 13 -34.98 60.99 17.23
N LEU K 14 -34.55 61.27 18.47
CA LEU K 14 -35.48 61.09 19.58
C LEU K 14 -36.65 62.06 19.45
N LYS K 15 -36.38 63.28 19.01
CA LYS K 15 -37.45 64.25 18.80
C LYS K 15 -38.44 63.76 17.76
N LYS K 16 -37.94 63.20 16.66
CA LYS K 16 -38.82 62.77 15.59
C LYS K 16 -39.57 61.50 15.95
N SER K 17 -38.93 60.58 16.66
CA SER K 17 -39.65 59.37 17.01
C SER K 17 -40.69 59.68 18.06
N THR K 18 -40.44 60.71 18.88
CA THR K 18 -41.42 61.12 19.86
C THR K 18 -42.63 61.71 19.16
N ALA K 19 -42.40 62.57 18.16
CA ALA K 19 -43.52 63.14 17.43
C ALA K 19 -44.32 62.03 16.74
N GLU K 20 -43.60 61.04 16.20
CA GLU K 20 -44.30 59.91 15.58
C GLU K 20 -45.15 59.20 16.60
N LEU K 21 -44.62 58.98 17.80
CA LEU K 21 -45.37 58.26 18.83
C LEU K 21 -46.63 59.02 19.17
N LYS K 22 -46.52 60.34 19.31
CA LYS K 22 -47.68 61.14 19.66
C LYS K 22 -48.74 61.04 18.58
N ARG K 23 -48.32 61.08 17.31
CA ARG K 23 -49.31 60.99 16.24
C ARG K 23 -49.89 59.59 16.13
N ALA K 24 -49.08 58.56 16.33
CA ALA K 24 -49.60 57.21 16.25
C ALA K 24 -50.63 57.00 17.35
N THR K 25 -50.37 57.57 18.53
CA THR K 25 -51.32 57.43 19.64
C THR K 25 -52.61 58.16 19.32
N ALA K 26 -52.49 59.36 18.73
CA ALA K 26 -53.70 60.09 18.38
C ALA K 26 -54.52 59.30 17.39
N SER K 27 -53.88 58.64 16.42
CA SER K 27 -54.71 57.88 15.50
C SER K 27 -55.24 56.62 16.18
N LEU K 28 -54.49 56.03 17.11
CA LEU K 28 -54.97 54.84 17.79
C LEU K 28 -56.33 55.13 18.42
N ARG K 29 -56.40 56.28 19.11
CA ARG K 29 -57.63 56.63 19.81
C ARG K 29 -58.70 57.10 18.85
N ALA K 30 -58.35 57.88 17.83
CA ALA K 30 -59.37 58.35 16.90
C ALA K 30 -60.00 57.14 16.22
N ILE K 31 -59.19 56.12 15.95
CA ILE K 31 -59.68 54.93 15.29
C ILE K 31 -60.64 54.18 16.19
N THR K 32 -60.24 53.93 17.42
CA THR K 32 -61.12 53.15 18.31
C THR K 32 -62.47 53.85 18.49
N GLU K 33 -62.44 55.15 18.80
CA GLU K 33 -63.65 55.91 19.06
C GLU K 33 -64.53 56.07 17.82
N GLU K 34 -63.94 56.31 16.65
CA GLU K 34 -64.76 56.54 15.47
C GLU K 34 -65.23 55.24 14.85
N LEU K 35 -64.40 54.20 14.87
CA LEU K 35 -64.79 52.97 14.22
C LEU K 35 -65.82 52.21 15.04
N LYS K 36 -65.81 52.36 16.38
CA LYS K 36 -66.81 51.60 17.13
C LYS K 36 -68.21 52.04 16.75
N LYS K 37 -68.35 53.22 16.14
CA LYS K 37 -69.65 53.72 15.71
C LYS K 37 -70.28 52.81 14.67
N ASN K 38 -69.47 52.17 13.83
CA ASN K 38 -69.97 51.29 12.77
C ASN K 38 -68.93 50.23 12.46
N PRO K 39 -68.96 49.11 13.19
CA PRO K 39 -67.97 48.04 12.98
C PRO K 39 -68.00 47.43 11.58
N SER K 40 -69.01 47.71 10.76
CA SER K 40 -69.03 47.11 9.42
C SER K 40 -67.95 47.65 8.50
N GLU K 41 -67.29 48.76 8.86
CA GLU K 41 -66.18 49.28 8.06
C GLU K 41 -64.92 48.53 8.48
N ASP K 42 -64.87 47.26 8.08
CA ASP K 42 -63.85 46.34 8.59
C ASP K 42 -62.47 46.68 8.03
N ALA K 43 -62.40 46.96 6.73
CA ALA K 43 -61.11 47.24 6.12
C ALA K 43 -60.45 48.46 6.74
N LEU K 44 -61.25 49.49 7.04
CA LEU K 44 -60.68 50.71 7.59
C LEU K 44 -60.12 50.48 8.98
N VAL K 45 -60.86 49.77 9.84
CA VAL K 45 -60.40 49.59 11.21
C VAL K 45 -59.23 48.61 11.24
N GLU K 46 -59.27 47.57 10.41
CA GLU K 46 -58.17 46.60 10.46
C GLU K 46 -56.91 47.19 9.88
N HIS K 47 -57.03 48.00 8.83
CA HIS K 47 -55.84 48.58 8.25
C HIS K 47 -55.24 49.59 9.20
N ASN K 48 -56.08 50.40 9.84
CA ASN K 48 -55.52 51.40 10.74
C ASN K 48 -54.94 50.75 11.98
N ARG K 49 -55.51 49.65 12.46
CA ARG K 49 -54.92 48.99 13.60
C ARG K 49 -53.55 48.43 13.24
N ALA K 50 -53.43 47.88 12.03
CA ALA K 50 -52.12 47.39 11.61
C ALA K 50 -51.13 48.54 11.55
N ILE K 51 -51.60 49.71 11.10
CA ILE K 51 -50.74 50.88 11.00
C ILE K 51 -50.23 51.27 12.37
N VAL K 52 -51.12 51.24 13.36
CA VAL K 52 -50.75 51.58 14.72
C VAL K 52 -49.72 50.59 15.27
N GLU K 53 -49.92 49.30 15.03
CA GLU K 53 -48.94 48.33 15.53
C GLU K 53 -47.59 48.56 14.86
N HIS K 54 -47.59 48.88 13.57
CA HIS K 54 -46.31 49.07 12.88
C HIS K 54 -45.59 50.26 13.47
N ASN K 55 -46.33 51.35 13.75
CA ASN K 55 -45.65 52.51 14.30
C ASN K 55 -45.14 52.23 15.71
N ALA K 56 -45.92 51.51 16.52
CA ALA K 56 -45.46 51.23 17.88
C ALA K 56 -44.17 50.45 17.86
N ILE K 57 -44.06 49.49 16.92
CA ILE K 57 -42.85 48.70 16.82
C ILE K 57 -41.70 49.58 16.38
N ILE K 58 -41.93 50.45 15.39
CA ILE K 58 -40.86 51.30 14.91
C ILE K 58 -40.36 52.21 16.01
N VAL K 59 -41.26 52.76 16.82
CA VAL K 59 -40.85 53.63 17.91
C VAL K 59 -39.99 52.87 18.92
N GLU K 60 -40.39 51.64 19.26
CA GLU K 60 -39.57 50.89 20.21
C GLU K 60 -38.20 50.57 19.63
N ASN K 61 -38.16 50.24 18.33
CA ASN K 61 -36.87 49.96 17.71
C ASN K 61 -36.00 51.20 17.66
N ASN K 62 -36.59 52.37 17.41
CA ASN K 62 -35.77 53.57 17.36
C ASN K 62 -35.17 53.84 18.73
N ARG K 63 -35.95 53.59 19.78
CA ARG K 63 -35.42 53.78 21.13
C ARG K 63 -34.24 52.86 21.39
N ILE K 64 -34.35 51.59 20.98
CA ILE K 64 -33.27 50.65 21.24
C ILE K 64 -32.04 51.03 20.43
N ILE K 65 -32.23 51.38 19.17
CA ILE K 65 -31.10 51.71 18.32
C ILE K 65 -30.37 52.92 18.91
N ALA K 66 -31.12 53.94 19.33
CA ALA K 66 -30.48 55.09 19.92
C ALA K 66 -29.73 54.71 21.18
N ALA K 67 -30.29 53.79 21.97
CA ALA K 67 -29.62 53.36 23.18
C ALA K 67 -28.27 52.72 22.88
N VAL K 68 -28.18 51.97 21.79
CA VAL K 68 -26.89 51.35 21.43
C VAL K 68 -25.94 52.40 20.87
N LEU K 69 -26.45 53.25 19.99
CA LEU K 69 -25.58 54.24 19.40
C LEU K 69 -25.02 55.18 20.46
N MET K 70 -25.77 55.43 21.54
CA MET K 70 -25.20 56.26 22.59
C MET K 70 -23.96 55.63 23.19
N LEU K 71 -23.84 54.30 23.13
CA LEU K 71 -22.65 53.65 23.68
C LEU K 71 -21.52 53.82 22.71
N ILE K 72 -21.82 53.81 21.42
CA ILE K 72 -20.76 54.04 20.45
C ILE K 72 -20.29 55.48 20.57
N VAL K 73 -21.23 56.42 20.71
CA VAL K 73 -20.90 57.84 20.83
C VAL K 73 -20.03 58.09 22.05
N VAL K 74 -20.36 57.46 23.18
CA VAL K 74 -19.54 57.69 24.37
C VAL K 74 -18.14 57.14 24.14
N ALA K 75 -18.02 56.00 23.45
CA ALA K 75 -16.68 55.50 23.18
C ALA K 75 -15.92 56.46 22.27
N VAL K 76 -16.61 57.05 21.30
CA VAL K 76 -15.98 57.99 20.37
C VAL K 76 -15.49 59.24 21.09
N GLY K 77 -16.29 59.75 22.02
CA GLY K 77 -15.93 60.98 22.72
C GLY K 77 -14.66 60.91 23.54
N MET K 78 -14.11 59.73 23.77
CA MET K 78 -12.89 59.57 24.54
C MET K 78 -11.64 59.53 23.67
N THR K 79 -11.78 59.80 22.38
CA THR K 79 -10.66 59.74 21.45
C THR K 79 -9.46 60.55 21.93
N GLN K 80 -9.67 61.78 22.41
CA GLN K 80 -8.52 62.58 22.82
C GLN K 80 -7.91 62.08 24.12
N GLU K 81 -8.73 61.52 25.01
CA GLU K 81 -8.18 61.01 26.26
C GLU K 81 -7.32 59.79 25.98
N ILE K 82 -7.76 58.96 25.05
CA ILE K 82 -7.01 57.77 24.70
C ILE K 82 -5.74 58.18 23.97
N LYS K 83 -5.86 59.10 23.01
CA LYS K 83 -4.68 59.58 22.29
C LYS K 83 -3.62 60.10 23.25
N LYS K 84 -4.03 60.88 24.25
CA LYS K 84 -3.03 61.39 25.20
C LYS K 84 -2.44 60.27 26.04
N ALA K 85 -3.27 59.30 26.44
CA ALA K 85 -2.72 58.17 27.18
C ALA K 85 -1.69 57.43 26.34
N LEU K 86 -1.96 57.28 25.05
CA LEU K 86 -1.00 56.61 24.17
C LEU K 86 0.26 57.42 24.03
N GLU K 87 0.15 58.74 23.89
CA GLU K 87 1.35 59.54 23.76
C GLU K 87 2.24 59.35 24.98
N GLU K 88 1.61 59.30 26.17
CA GLU K 88 2.39 59.09 27.38
C GLU K 88 3.01 57.71 27.40
N LEU K 89 2.27 56.70 26.94
CA LEU K 89 2.78 55.34 26.96
C LEU K 89 3.94 55.19 26.00
N VAL K 90 3.87 55.87 24.85
CA VAL K 90 4.94 55.81 23.87
C VAL K 90 6.19 56.47 24.43
N ALA K 91 6.03 57.64 25.06
CA ALA K 91 7.19 58.29 25.63
C ALA K 91 7.80 57.43 26.73
N SER K 92 6.95 56.77 27.52
CA SER K 92 7.45 55.89 28.58
C SER K 92 8.22 54.72 27.99
N THR K 93 7.68 54.11 26.93
CA THR K 93 8.36 53.00 26.29
C THR K 93 9.73 53.41 25.78
N ALA K 94 9.79 54.58 25.12
CA ALA K 94 11.07 55.03 24.61
C ALA K 94 12.06 55.28 25.74
N GLU K 95 11.59 55.82 26.86
CA GLU K 95 12.51 56.05 27.97
C GLU K 95 12.98 54.74 28.54
N LEU K 96 12.09 53.74 28.58
CA LEU K 96 12.47 52.44 29.12
C LEU K 96 13.53 51.82 28.22
N LYS K 97 13.36 51.96 26.91
CA LYS K 97 14.36 51.44 25.97
C LYS K 97 15.70 52.10 26.19
N ARG K 98 15.72 53.42 26.38
CA ARG K 98 16.99 54.09 26.61
C ARG K 98 17.63 53.59 27.88
N ALA K 99 16.84 53.40 28.94
CA ALA K 99 17.39 52.90 30.18
C ALA K 99 17.96 51.50 30.00
N THR K 100 17.27 50.67 29.20
CA THR K 100 17.76 49.30 28.98
C THR K 100 19.06 49.31 28.21
N ALA K 101 19.16 50.14 27.17
CA ALA K 101 20.41 50.19 26.41
C ALA K 101 21.53 50.70 27.30
N SER K 102 21.23 51.68 28.15
CA SER K 102 22.24 52.20 29.05
C SER K 102 22.70 51.12 30.00
N LEU K 103 21.76 50.35 30.53
CA LEU K 103 22.12 49.29 31.46
C LEU K 103 22.99 48.26 30.77
N ARG K 104 22.65 47.90 29.53
CA ARG K 104 23.46 46.92 28.80
C ARG K 104 24.89 47.42 28.65
N ALA K 105 25.05 48.68 28.25
CA ALA K 105 26.39 49.22 28.08
C ALA K 105 27.13 49.23 29.41
N ILE K 106 26.43 49.53 30.50
CA ILE K 106 27.08 49.53 31.81
C ILE K 106 27.50 48.11 32.16
N THR K 107 26.63 47.14 31.90
CA THR K 107 26.97 45.75 32.21
C THR K 107 28.24 45.33 31.48
N GLU K 108 28.35 45.68 30.20
CA GLU K 108 29.54 45.32 29.45
C GLU K 108 30.77 46.01 30.01
N GLU K 109 30.64 47.28 30.39
CA GLU K 109 31.78 48.01 30.94
C GLU K 109 32.18 47.47 32.31
N LEU K 110 31.20 47.13 33.13
CA LEU K 110 31.46 46.62 34.48
C LEU K 110 32.13 45.26 34.42
N LYS K 111 31.69 44.39 33.51
CA LYS K 111 32.34 43.09 33.43
C LYS K 111 33.74 43.23 32.83
N LYS K 112 33.89 44.06 31.79
CA LYS K 112 35.19 44.20 31.15
C LYS K 112 36.18 44.91 32.05
N ASN K 113 35.73 45.91 32.80
CA ASN K 113 36.57 46.70 33.69
C ASN K 113 35.85 46.97 35.00
N PRO K 114 35.90 46.03 35.94
CA PRO K 114 34.99 46.12 37.12
C PRO K 114 35.42 47.17 38.12
N SER K 115 35.45 48.42 37.67
CA SER K 115 35.73 49.56 38.53
C SER K 115 34.56 49.81 39.47
N GLU K 116 34.86 50.30 40.68
CA GLU K 116 33.80 50.61 41.63
C GLU K 116 32.80 51.59 41.03
N ASP K 117 33.30 52.53 40.23
CA ASP K 117 32.42 53.52 39.61
C ASP K 117 31.40 52.82 38.72
N ALA K 118 31.80 51.71 38.07
CA ALA K 118 30.87 51.00 37.22
C ALA K 118 29.78 50.34 38.06
N LEU K 119 30.11 49.89 39.28
CA LEU K 119 29.09 49.31 40.13
C LEU K 119 28.10 50.39 40.57
N VAL K 120 28.63 51.58 40.85
CA VAL K 120 27.77 52.68 41.26
C VAL K 120 26.82 53.02 40.11
N GLU K 121 27.36 53.07 38.89
CA GLU K 121 26.54 53.35 37.73
C GLU K 121 25.50 52.26 37.53
N HIS K 122 25.87 51.00 37.80
CA HIS K 122 24.92 49.90 37.70
C HIS K 122 23.74 50.14 38.63
N ASN K 123 24.01 50.45 39.90
CA ASN K 123 22.90 50.64 40.82
C ASN K 123 22.08 51.86 40.44
N ARG K 124 22.73 52.90 39.91
CA ARG K 124 21.99 54.08 39.48
C ARG K 124 21.06 53.72 38.33
N ALA K 125 21.56 52.95 37.37
CA ALA K 125 20.75 52.55 36.23
C ALA K 125 19.58 51.70 36.67
N ILE K 126 19.80 50.84 37.67
CA ILE K 126 18.70 50.01 38.16
C ILE K 126 17.62 50.88 38.80
N VAL K 127 18.03 51.89 39.57
CA VAL K 127 17.03 52.76 40.17
C VAL K 127 16.26 53.53 39.10
N GLU K 128 16.96 54.02 38.07
CA GLU K 128 16.25 54.72 37.01
C GLU K 128 15.28 53.78 36.31
N HIS K 129 15.70 52.54 36.11
CA HIS K 129 14.84 51.58 35.44
C HIS K 129 13.57 51.34 36.25
N ASN K 130 13.71 51.20 37.57
CA ASN K 130 12.51 50.98 38.37
C ASN K 130 11.61 52.21 38.33
N ALA K 131 12.20 53.41 38.32
CA ALA K 131 11.36 54.60 38.22
C ALA K 131 10.59 54.60 36.92
N ILE K 132 11.23 54.13 35.86
CA ILE K 132 10.57 54.08 34.56
C ILE K 132 9.45 53.06 34.59
N ILE K 133 9.68 51.90 35.20
CA ILE K 133 8.62 50.90 35.28
C ILE K 133 7.43 51.49 36.01
N VAL K 134 7.69 52.23 37.09
CA VAL K 134 6.59 52.78 37.87
C VAL K 134 5.78 53.75 37.03
N GLU K 135 6.46 54.60 36.25
CA GLU K 135 5.70 55.52 35.40
C GLU K 135 4.93 54.75 34.33
N ASN K 136 5.55 53.71 33.77
CA ASN K 136 4.89 52.91 32.75
C ASN K 136 3.62 52.26 33.29
N ASN K 137 3.70 51.70 34.50
CA ASN K 137 2.52 51.03 35.04
C ASN K 137 1.46 52.05 35.45
N ARG K 138 1.86 53.24 35.88
CA ARG K 138 0.86 54.27 36.15
C ARG K 138 0.09 54.59 34.88
N ILE K 139 0.83 54.77 33.78
CA ILE K 139 0.21 55.10 32.50
C ILE K 139 -0.68 53.97 32.04
N ILE K 140 -0.22 52.73 32.17
CA ILE K 140 -1.06 51.61 31.76
C ILE K 140 -2.32 51.55 32.60
N ALA K 141 -2.22 51.74 33.92
CA ALA K 141 -3.42 51.72 34.73
C ALA K 141 -4.40 52.78 34.26
N ALA K 142 -3.88 53.95 33.90
CA ALA K 142 -4.75 55.02 33.40
C ALA K 142 -5.40 54.64 32.08
N VAL K 143 -4.64 54.00 31.18
CA VAL K 143 -5.24 53.65 29.90
C VAL K 143 -6.24 52.52 30.11
N LEU K 144 -6.00 51.64 31.08
CA LEU K 144 -6.98 50.59 31.35
C LEU K 144 -8.27 51.21 31.85
N GLU K 145 -8.17 52.22 32.70
CA GLU K 145 -9.39 52.88 33.16
C GLU K 145 -10.11 53.51 31.98
N LEU K 146 -9.35 54.10 31.05
CA LEU K 146 -9.97 54.70 29.87
C LEU K 146 -10.64 53.65 29.00
N ILE K 147 -10.02 52.48 28.87
CA ILE K 147 -10.60 51.42 28.07
C ILE K 147 -11.88 50.91 28.71
N VAL K 148 -11.83 50.67 30.02
CA VAL K 148 -13.01 50.14 30.71
C VAL K 148 -14.16 51.12 30.62
N ARG K 149 -13.87 52.42 30.76
CA ARG K 149 -14.93 53.41 30.63
C ARG K 149 -15.42 53.49 29.19
N ALA K 150 -14.49 53.51 28.23
CA ALA K 150 -14.87 53.62 26.81
C ALA K 150 -15.71 52.45 26.34
N LEU K 151 -15.48 51.25 26.88
CA LEU K 151 -16.25 50.09 26.47
C LEU K 151 -17.50 49.90 27.31
N ASN K 152 -17.74 50.79 28.28
CA ASN K 152 -18.90 50.72 29.16
C ASN K 152 -19.04 49.35 29.83
N LEU K 153 -17.93 48.84 30.36
CA LEU K 153 -18.01 47.53 30.99
C LEU K 153 -18.59 47.64 32.39
N THR K 154 -19.42 46.67 32.75
CA THR K 154 -20.01 46.57 34.07
C THR K 154 -19.62 45.32 34.82
N ASP K 155 -18.80 44.46 34.23
CA ASP K 155 -18.48 43.17 34.82
C ASP K 155 -17.87 43.38 36.20
N ALA K 156 -18.48 42.76 37.21
CA ALA K 156 -17.98 42.93 38.57
C ALA K 156 -16.51 42.53 38.67
N GLU K 157 -16.09 41.54 37.89
CA GLU K 157 -14.71 41.09 37.98
C GLU K 157 -13.74 42.17 37.50
N VAL K 158 -14.14 42.96 36.50
CA VAL K 158 -13.20 43.97 35.99
C VAL K 158 -13.15 45.12 36.98
N ILE K 159 -14.27 45.43 37.62
CA ILE K 159 -14.30 46.53 38.57
C ILE K 159 -13.42 46.16 39.77
N LYS K 160 -13.54 44.92 40.25
CA LYS K 160 -12.70 44.49 41.36
C LYS K 160 -11.25 44.50 40.96
N ALA K 161 -10.94 44.05 39.74
CA ALA K 161 -9.56 44.02 39.30
C ALA K 161 -8.99 45.43 39.26
N LEU K 162 -9.80 46.41 38.82
CA LEU K 162 -9.34 47.79 38.80
C LEU K 162 -9.10 48.30 40.21
N ILE K 163 -9.93 47.89 41.16
CA ILE K 163 -9.71 48.33 42.54
C ILE K 163 -8.40 47.76 43.05
N GLU K 164 -8.16 46.47 42.77
CA GLU K 164 -6.92 45.85 43.22
C GLU K 164 -5.73 46.54 42.56
N LEU K 165 -5.90 46.94 41.31
CA LEU K 165 -4.82 47.62 40.60
C LEU K 165 -4.51 48.94 41.27
N ARG K 166 -5.55 49.72 41.59
CA ARG K 166 -5.31 51.02 42.22
C ARG K 166 -4.55 50.84 43.53
N LEU K 167 -4.95 49.84 44.32
CA LEU K 167 -4.27 49.62 45.59
C LEU K 167 -2.83 49.19 45.36
N SER K 168 -2.59 48.34 44.36
CA SER K 168 -1.23 47.90 44.11
C SER K 168 -0.39 49.02 43.55
N THR K 169 -0.99 49.98 42.86
CA THR K 169 -0.19 51.09 42.36
C THR K 169 0.18 52.00 43.51
N LEU K 170 -0.67 52.06 44.55
CA LEU K 170 -0.29 52.86 45.71
C LEU K 170 0.88 52.20 46.40
N GLU K 171 0.85 50.87 46.50
CA GLU K 171 1.95 50.15 47.14
C GLU K 171 3.22 50.33 46.33
N LEU K 172 3.09 50.28 45.00
CA LEU K 172 4.26 50.41 44.14
C LEU K 172 4.88 51.79 44.26
N VAL K 173 4.06 52.85 44.30
CA VAL K 173 4.63 54.18 44.42
C VAL K 173 5.32 54.36 45.76
N ALA K 174 4.70 53.89 46.85
CA ALA K 174 5.36 54.05 48.14
C ALA K 174 6.66 53.26 48.20
N ALA K 175 6.66 52.05 47.64
CA ALA K 175 7.88 51.25 47.63
C ALA K 175 8.95 51.93 46.80
N THR K 176 8.54 52.56 45.70
CA THR K 176 9.51 53.21 44.83
C THR K 176 10.17 54.36 45.57
N ALA K 177 9.38 55.17 46.27
CA ALA K 177 9.96 56.27 47.02
C ALA K 177 10.92 55.74 48.07
N SER K 178 10.57 54.63 48.72
CA SER K 178 11.45 54.06 49.72
C SER K 178 12.75 53.59 49.09
N LEU K 179 12.67 52.98 47.91
CA LEU K 179 13.87 52.51 47.24
C LEU K 179 14.77 53.68 46.87
N ARG K 180 14.18 54.78 46.38
CA ARG K 180 14.99 55.94 46.03
C ARG K 180 15.70 56.48 47.26
N GLU K 181 15.00 56.54 48.40
CA GLU K 181 15.64 57.08 49.59
C GLU K 181 16.77 56.15 50.02
N ILE K 182 16.57 54.85 49.92
CA ILE K 182 17.63 53.91 50.32
C ILE K 182 18.82 54.09 49.40
N THR K 183 18.58 54.24 48.11
CA THR K 183 19.68 54.42 47.17
C THR K 183 20.47 55.68 47.49
N GLU K 184 19.78 56.77 47.82
CA GLU K 184 20.50 57.99 48.16
C GLU K 184 21.32 57.80 49.43
N GLU K 185 20.78 57.06 50.41
CA GLU K 185 21.55 56.84 51.63
C GLU K 185 22.76 55.96 51.35
N LEU K 186 22.62 54.98 50.46
CA LEU K 186 23.75 54.14 50.10
C LEU K 186 24.82 54.97 49.42
N LYS K 187 24.42 55.83 48.49
CA LYS K 187 25.36 56.67 47.77
C LYS K 187 26.13 57.58 48.74
N LYS K 188 25.43 58.16 49.71
CA LYS K 188 26.11 59.06 50.66
C LYS K 188 27.09 58.30 51.55
N ASN K 189 26.72 57.11 52.01
CA ASN K 189 27.56 56.34 52.93
C ASN K 189 27.69 54.88 52.48
N PRO K 190 28.39 54.64 51.36
CA PRO K 190 28.47 53.28 50.84
C PRO K 190 29.18 52.35 51.81
N SER K 191 28.66 51.13 51.93
CA SER K 191 29.24 50.13 52.82
C SER K 191 28.70 48.76 52.44
N GLU K 192 29.34 47.72 52.99
CA GLU K 192 28.85 46.36 52.73
C GLU K 192 27.48 46.14 53.33
N ASP K 193 27.22 46.70 54.52
CA ASP K 193 25.92 46.46 55.16
C ASP K 193 24.86 47.27 54.44
N ALA K 194 25.20 48.49 54.03
CA ALA K 194 24.24 49.31 53.31
C ALA K 194 23.98 48.69 51.96
N LEU K 195 25.01 48.12 51.34
CA LEU K 195 24.85 47.51 50.02
C LEU K 195 23.95 46.28 50.10
N VAL K 196 24.11 45.45 51.13
CA VAL K 196 23.24 44.28 51.22
C VAL K 196 21.82 44.70 51.55
N GLU K 197 21.66 45.77 52.34
CA GLU K 197 20.31 46.25 52.62
C GLU K 197 19.67 46.79 51.35
N HIS K 198 20.46 47.47 50.52
CA HIS K 198 19.97 48.00 49.26
C HIS K 198 19.55 46.86 48.34
N ASN K 199 20.36 45.79 48.27
CA ASN K 199 20.00 44.66 47.43
C ASN K 199 18.71 44.01 47.92
N ARG K 200 18.51 43.96 49.23
CA ARG K 200 17.25 43.43 49.73
C ARG K 200 16.09 44.34 49.34
N ALA K 201 16.31 45.66 49.44
CA ALA K 201 15.26 46.59 49.05
C ALA K 201 14.88 46.39 47.60
N ILE K 202 15.87 46.12 46.75
CA ILE K 202 15.62 45.85 45.34
C ILE K 202 14.82 44.58 45.18
N VAL K 203 15.16 43.52 45.91
CA VAL K 203 14.40 42.29 45.76
C VAL K 203 12.93 42.52 46.14
N GLU K 204 12.71 43.23 47.24
CA GLU K 204 11.33 43.49 47.66
C GLU K 204 10.61 44.35 46.61
N HIS K 205 11.31 45.33 46.05
CA HIS K 205 10.72 46.19 45.03
C HIS K 205 10.35 45.38 43.81
N ASN K 206 11.23 44.49 43.37
CA ASN K 206 10.91 43.67 42.21
C ASN K 206 9.71 42.79 42.50
N ALA K 207 9.60 42.27 43.72
CA ALA K 207 8.44 41.45 44.05
C ALA K 207 7.17 42.28 43.94
N ILE K 208 7.23 43.55 44.33
CA ILE K 208 6.07 44.42 44.22
C ILE K 208 5.74 44.67 42.76
N ILE K 209 6.76 44.91 41.93
CA ILE K 209 6.53 45.12 40.52
C ILE K 209 5.87 43.89 39.91
N VAL K 210 6.34 42.70 40.30
CA VAL K 210 5.75 41.47 39.78
C VAL K 210 4.29 41.38 40.13
N GLU K 211 3.93 41.73 41.38
CA GLU K 211 2.52 41.70 41.75
C GLU K 211 1.70 42.72 40.96
N ASN K 212 2.27 43.90 40.74
CA ASN K 212 1.56 44.92 39.98
C ASN K 212 1.32 44.44 38.55
N ASN K 213 2.31 43.78 37.96
CA ASN K 213 2.15 43.28 36.60
C ASN K 213 1.15 42.14 36.58
N ARG K 214 1.09 41.34 37.64
CA ARG K 214 0.10 40.28 37.67
C ARG K 214 -1.30 40.87 37.62
N ILE K 215 -1.51 41.93 38.41
CA ILE K 215 -2.84 42.55 38.42
C ILE K 215 -3.15 43.16 37.06
N ILE K 216 -2.17 43.84 36.45
CA ILE K 216 -2.42 44.43 35.14
C ILE K 216 -2.79 43.32 34.15
N ALA K 217 -2.07 42.20 34.20
CA ALA K 217 -2.38 41.10 33.31
C ALA K 217 -3.78 40.58 33.54
N ALA K 218 -4.21 40.50 34.80
CA ALA K 218 -5.56 40.03 35.09
C ALA K 218 -6.59 40.99 34.49
N VAL K 219 -6.31 42.29 34.58
CA VAL K 219 -7.25 43.27 34.04
C VAL K 219 -7.33 43.13 32.54
N LEU K 220 -6.19 42.98 31.87
CA LEU K 220 -6.20 42.81 30.42
C LEU K 220 -6.93 41.53 30.04
N GLU K 221 -6.71 40.46 30.79
CA GLU K 221 -7.41 39.21 30.48
C GLU K 221 -8.91 39.42 30.55
N LEU K 222 -9.38 40.14 31.58
CA LEU K 222 -10.81 40.39 31.72
C LEU K 222 -11.33 41.29 30.60
N ILE K 223 -10.55 42.26 30.17
CA ILE K 223 -10.98 43.14 29.08
C ILE K 223 -11.07 42.38 27.77
N VAL K 224 -10.04 41.57 27.46
CA VAL K 224 -10.02 40.88 26.18
C VAL K 224 -11.06 39.77 26.16
N GLY K 225 -11.16 38.99 27.24
CA GLY K 225 -12.07 37.88 27.31
C GLY K 225 -13.40 38.26 27.92
N GLY L 2 -23.93 -38.71 -28.43
CA GLY L 2 -23.19 -37.43 -28.14
C GLY L 2 -22.23 -37.05 -29.25
N SER L 3 -20.97 -37.41 -29.08
CA SER L 3 -19.93 -37.03 -30.04
C SER L 3 -20.13 -37.69 -31.40
N GLU L 4 -20.92 -38.76 -31.46
CA GLU L 4 -21.15 -39.44 -32.72
C GLU L 4 -21.77 -38.52 -33.75
N VAL L 5 -22.64 -37.61 -33.32
CA VAL L 5 -23.31 -36.70 -34.26
C VAL L 5 -22.52 -35.42 -34.40
N GLU L 6 -22.01 -34.89 -33.29
CA GLU L 6 -21.24 -33.65 -33.36
C GLU L 6 -20.08 -33.79 -34.34
N ILE L 7 -19.42 -34.95 -34.33
CA ILE L 7 -18.29 -35.16 -35.23
C ILE L 7 -18.78 -35.28 -36.67
N LEU L 8 -19.94 -35.90 -36.89
CA LEU L 8 -20.46 -35.98 -38.25
C LEU L 8 -20.76 -34.58 -38.77
N LYS L 9 -21.22 -33.70 -37.89
CA LYS L 9 -21.49 -32.33 -38.30
C LYS L 9 -20.20 -31.61 -38.61
N ALA L 10 -19.16 -31.85 -37.83
CA ALA L 10 -17.88 -31.22 -38.13
C ALA L 10 -17.38 -31.67 -39.51
N LEU L 11 -17.59 -32.95 -39.85
CA LEU L 11 -17.18 -33.41 -41.17
C LEU L 11 -18.00 -32.74 -42.26
N LEU L 12 -19.30 -32.55 -42.00
CA LEU L 12 -20.14 -31.88 -42.98
C LEU L 12 -19.65 -30.45 -43.17
N GLU L 13 -19.27 -29.79 -42.07
CA GLU L 13 -18.74 -28.44 -42.16
C GLU L 13 -17.50 -28.41 -43.01
N LEU L 14 -16.60 -29.38 -42.84
CA LEU L 14 -15.38 -29.35 -43.64
C LEU L 14 -15.72 -29.53 -45.11
N LYS L 15 -16.68 -30.40 -45.42
CA LYS L 15 -17.10 -30.57 -46.80
C LYS L 15 -17.65 -29.28 -47.39
N LYS L 16 -18.46 -28.57 -46.62
CA LYS L 16 -19.07 -27.35 -47.14
C LYS L 16 -18.08 -26.21 -47.23
N SER L 17 -17.15 -26.11 -46.28
CA SER L 17 -16.20 -25.02 -46.38
C SER L 17 -15.23 -25.30 -47.50
N THR L 18 -14.99 -26.58 -47.80
CA THR L 18 -14.13 -26.93 -48.92
C THR L 18 -14.80 -26.54 -50.22
N ALA L 19 -16.10 -26.84 -50.35
CA ALA L 19 -16.80 -26.46 -51.57
C ALA L 19 -16.79 -24.94 -51.72
N GLU L 20 -16.96 -24.22 -50.60
CA GLU L 20 -16.90 -22.77 -50.66
C GLU L 20 -15.54 -22.32 -51.15
N LEU L 21 -14.48 -22.93 -50.64
CA LEU L 21 -13.13 -22.53 -51.03
C LEU L 21 -12.94 -22.73 -52.51
N LYS L 22 -13.41 -23.86 -53.03
CA LYS L 22 -13.25 -24.14 -54.45
C LYS L 22 -13.98 -23.10 -55.28
N ARG L 23 -15.18 -22.72 -54.87
CA ARG L 23 -15.94 -21.74 -55.63
C ARG L 23 -15.32 -20.35 -55.49
N ALA L 24 -14.84 -19.99 -54.31
CA ALA L 24 -14.22 -18.68 -54.15
C ALA L 24 -12.99 -18.59 -55.01
N THR L 25 -12.24 -19.69 -55.12
CA THR L 25 -11.05 -19.68 -55.96
C THR L 25 -11.43 -19.53 -57.42
N ALA L 26 -12.48 -20.24 -57.83
CA ALA L 26 -12.90 -20.12 -59.21
C ALA L 26 -13.31 -18.69 -59.53
N SER L 27 -13.99 -18.02 -58.60
CA SER L 27 -14.32 -16.63 -58.92
C SER L 27 -13.09 -15.75 -58.86
N LEU L 28 -12.13 -16.05 -57.97
CA LEU L 28 -10.93 -15.24 -57.88
C LEU L 28 -10.27 -15.16 -59.26
N ARG L 29 -10.13 -16.33 -59.89
CA ARG L 29 -9.47 -16.40 -61.19
C ARG L 29 -10.35 -15.85 -62.30
N ALA L 30 -11.64 -16.15 -62.28
CA ALA L 30 -12.49 -15.63 -63.34
C ALA L 30 -12.46 -14.11 -63.30
N ILE L 31 -12.39 -13.55 -62.10
CA ILE L 31 -12.38 -12.11 -61.94
C ILE L 31 -11.09 -11.53 -62.51
N THR L 32 -9.96 -12.07 -62.10
CA THR L 32 -8.70 -11.50 -62.57
C THR L 32 -8.61 -11.54 -64.10
N GLU L 33 -8.91 -12.70 -64.68
CA GLU L 33 -8.80 -12.87 -66.13
C GLU L 33 -9.82 -12.05 -66.91
N GLU L 34 -11.06 -11.95 -66.41
CA GLU L 34 -12.07 -11.22 -67.18
C GLU L 34 -11.96 -9.72 -66.96
N LEU L 35 -11.63 -9.29 -65.76
CA LEU L 35 -11.60 -7.86 -65.48
C LEU L 35 -10.37 -7.22 -66.09
N LYS L 36 -9.26 -7.95 -66.23
CA LYS L 36 -8.10 -7.28 -66.79
C LYS L 36 -8.38 -6.84 -68.23
N LYS L 37 -9.41 -7.40 -68.85
CA LYS L 37 -9.78 -7.02 -70.22
C LYS L 37 -10.20 -5.56 -70.28
N ASN L 38 -10.81 -5.03 -69.22
CA ASN L 38 -11.27 -3.64 -69.20
C ASN L 38 -11.26 -3.13 -67.77
N PRO L 39 -10.13 -2.60 -67.30
CA PRO L 39 -10.03 -2.10 -65.93
C PRO L 39 -10.99 -0.96 -65.59
N SER L 40 -11.67 -0.36 -66.56
CA SER L 40 -12.58 0.73 -66.24
C SER L 40 -13.82 0.27 -65.48
N GLU L 41 -14.09 -1.04 -65.44
CA GLU L 41 -15.22 -1.55 -64.66
C GLU L 41 -14.74 -1.72 -63.22
N ASP L 42 -14.54 -0.58 -62.57
CA ASP L 42 -13.88 -0.55 -61.27
C ASP L 42 -14.75 -1.16 -60.18
N ALA L 43 -16.03 -0.81 -60.17
CA ALA L 43 -16.92 -1.30 -59.13
C ALA L 43 -17.00 -2.82 -59.16
N LEU L 44 -17.06 -3.40 -60.35
CA LEU L 44 -17.19 -4.85 -60.44
C LEU L 44 -15.95 -5.55 -59.93
N VAL L 45 -14.77 -5.08 -60.30
CA VAL L 45 -13.56 -5.78 -59.88
C VAL L 45 -13.31 -5.54 -58.40
N GLU L 46 -13.57 -4.34 -57.89
CA GLU L 46 -13.29 -4.09 -56.49
C GLU L 46 -14.28 -4.83 -55.60
N HIS L 47 -15.54 -4.91 -56.03
CA HIS L 47 -16.52 -5.61 -55.20
C HIS L 47 -16.20 -7.09 -55.20
N ASN L 48 -15.85 -7.65 -56.36
CA ASN L 48 -15.58 -9.08 -56.38
C ASN L 48 -14.30 -9.41 -55.63
N ARG L 49 -13.31 -8.52 -55.65
CA ARG L 49 -12.10 -8.81 -54.88
C ARG L 49 -12.42 -8.80 -53.40
N ALA L 50 -13.28 -7.87 -52.97
CA ALA L 50 -13.66 -7.85 -51.55
C ALA L 50 -14.38 -9.16 -51.22
N ILE L 51 -15.20 -9.64 -52.15
CA ILE L 51 -15.94 -10.88 -51.93
C ILE L 51 -14.98 -12.03 -51.73
N VAL L 52 -13.94 -12.09 -52.56
CA VAL L 52 -12.95 -13.13 -52.47
C VAL L 52 -12.21 -13.06 -51.13
N GLU L 53 -11.83 -11.86 -50.70
CA GLU L 53 -11.15 -11.78 -49.41
C GLU L 53 -12.05 -12.23 -48.28
N HIS L 54 -13.34 -11.88 -48.36
CA HIS L 54 -14.24 -12.27 -47.27
C HIS L 54 -14.36 -13.78 -47.22
N ASN L 55 -14.46 -14.43 -48.38
CA ASN L 55 -14.59 -15.88 -48.37
C ASN L 55 -13.31 -16.52 -47.86
N ALA L 56 -12.15 -16.00 -48.26
CA ALA L 56 -10.91 -16.62 -47.80
C ALA L 56 -10.79 -16.56 -46.29
N ILE L 57 -11.23 -15.43 -45.71
CA ILE L 57 -11.19 -15.31 -44.26
C ILE L 57 -12.16 -16.28 -43.63
N ILE L 58 -13.36 -16.39 -44.18
CA ILE L 58 -14.35 -17.29 -43.60
C ILE L 58 -13.84 -18.72 -43.63
N VAL L 59 -13.22 -19.13 -44.74
CA VAL L 59 -12.69 -20.49 -44.83
C VAL L 59 -11.62 -20.73 -43.78
N GLU L 60 -10.72 -19.77 -43.59
CA GLU L 60 -9.69 -19.98 -42.57
C GLU L 60 -10.30 -20.06 -41.17
N ASN L 61 -11.32 -19.22 -40.91
CA ASN L 61 -11.96 -19.28 -39.60
C ASN L 61 -12.69 -20.60 -39.40
N ASN L 62 -13.33 -21.13 -40.45
CA ASN L 62 -14.02 -22.39 -40.28
C ASN L 62 -13.03 -23.49 -39.95
N ARG L 63 -11.86 -23.44 -40.58
CA ARG L 63 -10.84 -24.44 -40.29
C ARG L 63 -10.42 -24.37 -38.82
N ILE L 64 -10.20 -23.15 -38.32
CA ILE L 64 -9.74 -23.02 -36.93
C ILE L 64 -10.83 -23.46 -35.97
N ILE L 65 -12.08 -23.07 -36.24
CA ILE L 65 -13.17 -23.43 -35.34
C ILE L 65 -13.29 -24.94 -35.29
N ALA L 66 -13.24 -25.59 -36.45
CA ALA L 66 -13.32 -27.04 -36.45
C ALA L 66 -12.17 -27.65 -35.67
N ALA L 67 -10.98 -27.07 -35.80
CA ALA L 67 -9.82 -27.59 -35.07
C ALA L 67 -10.05 -27.53 -33.56
N VAL L 68 -10.71 -26.49 -33.07
CA VAL L 68 -10.97 -26.41 -31.63
C VAL L 68 -12.09 -27.37 -31.23
N LEU L 69 -13.14 -27.41 -32.03
CA LEU L 69 -14.25 -28.27 -31.69
C LEU L 69 -13.81 -29.73 -31.69
N MET L 70 -12.82 -30.10 -32.52
CA MET L 70 -12.36 -31.48 -32.45
C MET L 70 -11.76 -31.79 -31.09
N LEU L 71 -11.26 -30.78 -30.38
CA LEU L 71 -10.70 -31.04 -29.06
C LEU L 71 -11.83 -31.23 -28.07
N ILE L 72 -12.91 -30.48 -28.28
CA ILE L 72 -14.06 -30.69 -27.39
C ILE L 72 -14.65 -32.07 -27.65
N VAL L 73 -14.76 -32.45 -28.92
CA VAL L 73 -15.31 -33.74 -29.30
C VAL L 73 -14.49 -34.88 -28.70
N VAL L 74 -13.16 -34.77 -28.75
CA VAL L 74 -12.35 -35.84 -28.19
C VAL L 74 -12.56 -35.91 -26.68
N ALA L 75 -12.70 -34.77 -26.01
CA ALA L 75 -12.97 -34.83 -24.58
C ALA L 75 -14.31 -35.50 -24.31
N VAL L 76 -15.31 -35.21 -25.15
CA VAL L 76 -16.64 -35.79 -24.97
C VAL L 76 -16.63 -37.29 -25.17
N GLY L 77 -15.89 -37.78 -26.16
CA GLY L 77 -15.86 -39.20 -26.45
C GLY L 77 -15.33 -40.08 -25.34
N MET L 78 -14.70 -39.51 -24.31
CA MET L 78 -14.16 -40.28 -23.20
C MET L 78 -15.13 -40.37 -22.03
N THR L 79 -16.37 -39.93 -22.22
CA THR L 79 -17.36 -39.94 -21.16
C THR L 79 -17.48 -41.31 -20.49
N GLN L 80 -17.55 -42.39 -21.27
CA GLN L 80 -17.74 -43.70 -20.65
C GLN L 80 -16.48 -44.18 -19.96
N GLU L 81 -15.31 -43.81 -20.46
CA GLU L 81 -14.07 -44.23 -19.82
C GLU L 81 -13.93 -43.53 -18.47
N ILE L 82 -14.32 -42.26 -18.43
CA ILE L 82 -14.25 -41.51 -17.19
C ILE L 82 -15.29 -42.03 -16.22
N LYS L 83 -16.51 -42.25 -16.69
CA LYS L 83 -17.55 -42.80 -15.84
C LYS L 83 -17.12 -44.11 -15.19
N LYS L 84 -16.50 -45.00 -15.97
CA LYS L 84 -16.05 -46.26 -15.38
C LYS L 84 -14.93 -46.04 -14.39
N ALA L 85 -14.01 -45.12 -14.69
CA ALA L 85 -12.95 -44.83 -13.72
C ALA L 85 -13.55 -44.31 -12.42
N LEU L 86 -14.58 -43.48 -12.52
CA LEU L 86 -15.23 -42.98 -11.32
C LEU L 86 -15.93 -44.08 -10.56
N GLU L 87 -16.60 -44.99 -11.27
CA GLU L 87 -17.27 -46.07 -10.56
C GLU L 87 -16.26 -46.88 -9.76
N GLU L 88 -15.08 -47.11 -10.36
CA GLU L 88 -14.04 -47.85 -9.64
C GLU L 88 -13.54 -47.05 -8.45
N LEU L 89 -13.37 -45.74 -8.62
CA LEU L 89 -12.86 -44.92 -7.54
C LEU L 89 -13.84 -44.87 -6.38
N VAL L 90 -15.14 -44.82 -6.70
CA VAL L 90 -16.16 -44.79 -5.67
C VAL L 90 -16.16 -46.11 -4.91
N ALA L 91 -16.09 -47.23 -5.62
CA ALA L 91 -16.07 -48.51 -4.92
C ALA L 91 -14.83 -48.60 -4.04
N SER L 92 -13.69 -48.09 -4.54
CA SER L 92 -12.46 -48.12 -3.75
C SER L 92 -12.60 -47.28 -2.50
N THR L 93 -13.19 -46.09 -2.63
CA THR L 93 -13.38 -45.22 -1.48
C THR L 93 -14.25 -45.90 -0.43
N ALA L 94 -15.35 -46.53 -0.88
CA ALA L 94 -16.21 -47.20 0.07
C ALA L 94 -15.49 -48.34 0.77
N GLU L 95 -14.65 -49.07 0.05
CA GLU L 95 -13.93 -50.17 0.68
C GLU L 95 -12.94 -49.61 1.69
N LEU L 96 -12.32 -48.48 1.35
CA LEU L 96 -11.34 -47.89 2.25
C LEU L 96 -12.04 -47.45 3.53
N LYS L 97 -13.24 -46.87 3.40
CA LYS L 97 -14.01 -46.47 4.57
C LYS L 97 -14.33 -47.67 5.44
N ARG L 98 -14.74 -48.78 4.83
CA ARG L 98 -15.05 -49.96 5.63
C ARG L 98 -13.81 -50.45 6.36
N ALA L 99 -12.66 -50.44 5.69
CA ALA L 99 -11.43 -50.87 6.34
C ALA L 99 -11.08 -49.94 7.50
N THR L 100 -11.31 -48.64 7.32
CA THR L 100 -11.00 -47.69 8.39
C THR L 100 -11.90 -47.91 9.59
N ALA L 101 -13.20 -48.11 9.35
CA ALA L 101 -14.11 -48.34 10.47
C ALA L 101 -13.74 -49.62 11.18
N SER L 102 -13.36 -50.65 10.41
CA SER L 102 -12.96 -51.91 11.01
C SER L 102 -11.73 -51.71 11.87
N LEU L 103 -10.76 -50.95 11.36
CA LEU L 103 -9.54 -50.72 12.12
C LEU L 103 -9.84 -49.97 13.40
N ARG L 104 -10.73 -48.97 13.34
CA ARG L 104 -11.09 -48.23 14.55
C ARG L 104 -11.68 -49.16 15.59
N ALA L 105 -12.61 -50.02 15.17
CA ALA L 105 -13.22 -50.95 16.12
C ALA L 105 -12.18 -51.90 16.70
N ILE L 106 -11.24 -52.33 15.88
CA ILE L 106 -10.18 -53.22 16.37
C ILE L 106 -9.33 -52.47 17.38
N THR L 107 -8.99 -51.22 17.08
CA THR L 107 -8.17 -50.44 18.01
C THR L 107 -8.83 -50.32 19.36
N GLU L 108 -10.15 -50.04 19.37
CA GLU L 108 -10.86 -49.93 20.63
C GLU L 108 -10.87 -51.27 21.37
N GLU L 109 -11.07 -52.36 20.64
CA GLU L 109 -11.09 -53.68 21.29
C GLU L 109 -9.72 -54.05 21.82
N LEU L 110 -8.67 -53.76 21.06
CA LEU L 110 -7.32 -54.10 21.45
C LEU L 110 -6.89 -53.31 22.68
N LYS L 111 -7.23 -52.03 22.74
CA LYS L 111 -6.85 -51.27 23.92
C LYS L 111 -7.69 -51.69 25.12
N LYS L 112 -8.99 -51.90 24.93
CA LYS L 112 -9.84 -52.28 26.05
C LYS L 112 -9.52 -53.68 26.55
N ASN L 113 -9.21 -54.61 25.65
CA ASN L 113 -8.92 -56.00 25.99
C ASN L 113 -7.76 -56.50 25.14
N PRO L 114 -6.52 -56.24 25.56
CA PRO L 114 -5.37 -56.46 24.66
C PRO L 114 -5.01 -57.93 24.49
N SER L 115 -5.96 -58.70 23.96
CA SER L 115 -5.74 -60.09 23.64
C SER L 115 -4.82 -60.22 22.42
N GLU L 116 -4.02 -61.29 22.41
CA GLU L 116 -3.12 -61.50 21.27
C GLU L 116 -3.92 -61.56 19.97
N ASP L 117 -5.12 -62.12 20.02
CA ASP L 117 -5.94 -62.21 18.82
C ASP L 117 -6.25 -60.82 18.29
N ALA L 118 -6.41 -59.85 19.18
CA ALA L 118 -6.69 -58.50 18.74
C ALA L 118 -5.47 -57.90 18.04
N LEU L 119 -4.26 -58.26 18.47
CA LEU L 119 -3.08 -57.75 17.78
C LEU L 119 -2.98 -58.38 16.40
N VAL L 120 -3.35 -59.66 16.29
CA VAL L 120 -3.32 -60.32 14.99
C VAL L 120 -4.32 -59.64 14.06
N GLU L 121 -5.50 -59.35 14.59
CA GLU L 121 -6.52 -58.66 13.80
C GLU L 121 -6.04 -57.28 13.40
N HIS L 122 -5.32 -56.60 14.29
CA HIS L 122 -4.76 -55.29 13.96
C HIS L 122 -3.85 -55.39 12.76
N ASN L 123 -2.90 -56.34 12.78
CA ASN L 123 -1.98 -56.42 11.66
C ASN L 123 -2.70 -56.83 10.38
N ARG L 124 -3.74 -57.68 10.51
CA ARG L 124 -4.51 -58.06 9.34
C ARG L 124 -5.20 -56.86 8.74
N ALA L 125 -5.82 -56.03 9.60
CA ALA L 125 -6.52 -54.85 9.13
C ALA L 125 -5.54 -53.88 8.46
N ILE L 126 -4.33 -53.78 8.99
CA ILE L 126 -3.34 -52.89 8.38
C ILE L 126 -2.98 -53.39 6.99
N VAL L 127 -2.80 -54.70 6.83
CA VAL L 127 -2.47 -55.22 5.51
C VAL L 127 -3.63 -54.98 4.54
N GLU L 128 -4.87 -55.19 4.99
CA GLU L 128 -5.99 -54.94 4.10
C GLU L 128 -6.04 -53.46 3.72
N HIS L 129 -5.74 -52.59 4.67
CA HIS L 129 -5.77 -51.16 4.39
C HIS L 129 -4.74 -50.81 3.33
N ASN L 130 -3.53 -51.37 3.45
CA ASN L 130 -2.53 -51.05 2.44
C ASN L 130 -2.94 -51.60 1.08
N ALA L 131 -3.56 -52.77 1.04
CA ALA L 131 -4.03 -53.28 -0.24
C ALA L 131 -5.06 -52.35 -0.85
N ILE L 132 -5.91 -51.78 0.00
CA ILE L 132 -6.92 -50.84 -0.49
C ILE L 132 -6.26 -49.58 -1.02
N ILE L 133 -5.25 -49.07 -0.31
CA ILE L 133 -4.56 -47.87 -0.79
C ILE L 133 -3.97 -48.15 -2.15
N VAL L 134 -3.38 -49.33 -2.33
CA VAL L 134 -2.74 -49.64 -3.60
C VAL L 134 -3.77 -49.65 -4.72
N GLU L 135 -4.94 -50.25 -4.47
CA GLU L 135 -5.96 -50.23 -5.51
C GLU L 135 -6.45 -48.80 -5.77
N ASN L 136 -6.60 -48.01 -4.72
CA ASN L 136 -7.04 -46.64 -4.88
C ASN L 136 -6.06 -45.84 -5.73
N ASN L 137 -4.76 -45.98 -5.47
CA ASN L 137 -3.79 -45.22 -6.24
C ASN L 137 -3.69 -45.73 -7.66
N ARG L 138 -3.90 -47.03 -7.89
CA ARG L 138 -3.93 -47.51 -9.26
C ARG L 138 -5.07 -46.85 -10.02
N ILE L 139 -6.25 -46.79 -9.38
CA ILE L 139 -7.42 -46.18 -10.01
C ILE L 139 -7.18 -44.71 -10.25
N ILE L 140 -6.61 -44.01 -9.28
CA ILE L 140 -6.34 -42.59 -9.48
C ILE L 140 -5.36 -42.39 -10.62
N ALA L 141 -4.30 -43.19 -10.68
CA ALA L 141 -3.36 -43.02 -11.78
C ALA L 141 -4.07 -43.21 -13.11
N ALA L 142 -4.99 -44.18 -13.18
CA ALA L 142 -5.74 -44.39 -14.42
C ALA L 142 -6.63 -43.20 -14.74
N VAL L 143 -7.28 -42.62 -13.72
CA VAL L 143 -8.16 -41.49 -14.02
C VAL L 143 -7.31 -40.29 -14.40
N LEU L 144 -6.11 -40.15 -13.83
CA LEU L 144 -5.25 -39.04 -14.22
C LEU L 144 -4.86 -39.20 -15.68
N GLU L 145 -4.57 -40.42 -16.10
CA GLU L 145 -4.23 -40.61 -17.50
C GLU L 145 -5.43 -40.23 -18.38
N LEU L 146 -6.64 -40.59 -17.93
CA LEU L 146 -7.83 -40.25 -18.69
C LEU L 146 -8.04 -38.74 -18.74
N ILE L 147 -7.75 -38.04 -17.65
CA ILE L 147 -7.90 -36.59 -17.63
C ILE L 147 -6.89 -35.93 -18.55
N VAL L 148 -5.64 -36.38 -18.48
CA VAL L 148 -4.59 -35.79 -19.30
C VAL L 148 -4.91 -36.01 -20.77
N ARG L 149 -5.39 -37.20 -21.13
CA ARG L 149 -5.76 -37.45 -22.51
C ARG L 149 -6.98 -36.64 -22.91
N ALA L 150 -7.99 -36.59 -22.05
CA ALA L 150 -9.22 -35.86 -22.34
C ALA L 150 -8.98 -34.38 -22.54
N LEU L 151 -8.03 -33.79 -21.81
CA LEU L 151 -7.76 -32.38 -21.92
C LEU L 151 -6.71 -32.07 -22.99
N ASN L 152 -6.20 -33.11 -23.67
CA ASN L 152 -5.19 -32.94 -24.71
C ASN L 152 -3.99 -32.13 -24.23
N LEU L 153 -3.48 -32.46 -23.05
CA LEU L 153 -2.34 -31.71 -22.53
C LEU L 153 -1.05 -32.18 -23.18
N THR L 154 -0.17 -31.22 -23.46
CA THR L 154 1.14 -31.48 -24.02
C THR L 154 2.28 -31.03 -23.12
N ASP L 155 1.97 -30.47 -21.96
CA ASP L 155 3.01 -29.91 -21.10
C ASP L 155 4.04 -30.97 -20.75
N ALA L 156 5.31 -30.69 -21.06
CA ALA L 156 6.35 -31.67 -20.79
C ALA L 156 6.36 -32.06 -19.31
N GLU L 157 6.02 -31.13 -18.43
CA GLU L 157 6.05 -31.43 -17.01
C GLU L 157 5.00 -32.45 -16.64
N VAL L 158 3.84 -32.42 -17.30
CA VAL L 158 2.80 -33.38 -16.91
C VAL L 158 3.15 -34.75 -17.46
N ILE L 159 3.77 -34.79 -18.64
CA ILE L 159 4.16 -36.07 -19.23
C ILE L 159 5.20 -36.72 -18.34
N LYS L 160 6.20 -35.94 -17.91
CA LYS L 160 7.22 -36.49 -17.03
C LYS L 160 6.61 -36.94 -15.71
N ALA L 161 5.68 -36.16 -15.16
CA ALA L 161 5.07 -36.54 -13.91
C ALA L 161 4.32 -37.85 -14.07
N LEU L 162 3.65 -38.05 -15.21
CA LEU L 162 2.95 -39.31 -15.43
C LEU L 162 3.93 -40.46 -15.53
N ILE L 163 5.09 -40.23 -16.13
CA ILE L 163 6.08 -41.30 -16.21
C ILE L 163 6.56 -41.66 -14.82
N GLU L 164 6.83 -40.64 -13.99
CA GLU L 164 7.29 -40.90 -12.64
C GLU L 164 6.21 -41.64 -11.87
N LEU L 165 4.95 -41.30 -12.12
CA LEU L 165 3.85 -41.97 -11.45
C LEU L 165 3.82 -43.43 -11.83
N ARG L 166 3.93 -43.74 -13.12
CA ARG L 166 3.89 -45.12 -13.55
C ARG L 166 5.00 -45.93 -12.88
N LEU L 167 6.19 -45.35 -12.81
CA LEU L 167 7.30 -46.07 -12.18
C LEU L 167 7.04 -46.25 -10.69
N SER L 168 6.49 -45.23 -10.04
CA SER L 168 6.23 -45.36 -8.61
C SER L 168 5.09 -46.34 -8.35
N THR L 169 4.17 -46.49 -9.29
CA THR L 169 3.10 -47.47 -9.07
C THR L 169 3.66 -48.87 -9.23
N LEU L 170 4.70 -49.02 -10.05
CA LEU L 170 5.32 -50.34 -10.16
C LEU L 170 6.02 -50.67 -8.86
N GLU L 171 6.69 -49.67 -8.28
CA GLU L 171 7.38 -49.89 -7.02
C GLU L 171 6.38 -50.21 -5.92
N LEU L 172 5.24 -49.50 -5.94
CA LEU L 172 4.23 -49.71 -4.91
C LEU L 172 3.62 -51.10 -5.01
N VAL L 173 3.34 -51.56 -6.23
CA VAL L 173 2.76 -52.91 -6.35
C VAL L 173 3.76 -53.97 -5.89
N ALA L 174 5.02 -53.84 -6.30
CA ALA L 174 5.99 -54.84 -5.86
C ALA L 174 6.16 -54.82 -4.35
N ALA L 175 6.21 -53.63 -3.75
CA ALA L 175 6.34 -53.55 -2.31
C ALA L 175 5.13 -54.14 -1.62
N THR L 176 3.94 -53.95 -2.21
CA THR L 176 2.73 -54.47 -1.61
C THR L 176 2.76 -55.98 -1.59
N ALA L 177 3.18 -56.59 -2.70
CA ALA L 177 3.25 -58.04 -2.74
C ALA L 177 4.25 -58.54 -1.71
N SER L 178 5.37 -57.81 -1.54
CA SER L 178 6.35 -58.23 -0.55
C SER L 178 5.77 -58.14 0.85
N LEU L 179 5.01 -57.08 1.12
CA LEU L 179 4.42 -56.92 2.44
C LEU L 179 3.43 -58.04 2.71
N ARG L 180 2.62 -58.42 1.72
CA ARG L 180 1.66 -59.51 1.92
C ARG L 180 2.40 -60.80 2.23
N GLU L 181 3.49 -61.07 1.51
CA GLU L 181 4.21 -62.31 1.76
C GLU L 181 4.80 -62.30 3.17
N ILE L 182 5.31 -61.15 3.60
CA ILE L 182 5.89 -61.07 4.94
C ILE L 182 4.80 -61.30 5.97
N THR L 183 3.63 -60.70 5.75
CA THR L 183 2.53 -60.89 6.71
C THR L 183 2.14 -62.36 6.80
N GLU L 184 2.06 -63.05 5.67
CA GLU L 184 1.71 -64.46 5.72
C GLU L 184 2.78 -65.25 6.48
N GLU L 185 4.05 -64.92 6.27
CA GLU L 185 5.09 -65.64 6.98
C GLU L 185 5.02 -65.36 8.48
N LEU L 186 4.69 -64.12 8.86
CA LEU L 186 4.54 -63.79 10.27
C LEU L 186 3.40 -64.58 10.88
N LYS L 187 2.27 -64.64 10.17
CA LYS L 187 1.10 -65.36 10.65
C LYS L 187 1.42 -66.84 10.87
N LYS L 188 2.15 -67.45 9.92
CA LYS L 188 2.47 -68.87 10.05
C LYS L 188 3.43 -69.12 11.22
N ASN L 189 4.43 -68.26 11.42
CA ASN L 189 5.43 -68.45 12.46
C ASN L 189 5.64 -67.17 13.27
N PRO L 190 4.65 -66.77 14.06
CA PRO L 190 4.76 -65.50 14.80
C PRO L 190 5.89 -65.55 15.81
N SER L 191 6.62 -64.44 15.90
CA SER L 191 7.75 -64.34 16.83
C SER L 191 8.10 -62.87 17.01
N GLU L 192 8.93 -62.59 18.01
CA GLU L 192 9.38 -61.22 18.24
C GLU L 192 10.24 -60.72 17.09
N ASP L 193 11.09 -61.59 16.53
CA ASP L 193 11.97 -61.15 15.46
C ASP L 193 11.17 -60.98 14.18
N ALA L 194 10.22 -61.88 13.94
CA ALA L 194 9.40 -61.77 12.76
C ALA L 194 8.51 -60.55 12.88
N LEU L 195 8.05 -60.26 14.10
CA LEU L 195 7.17 -59.11 14.31
C LEU L 195 7.93 -57.81 14.08
N VAL L 196 9.18 -57.72 14.55
CA VAL L 196 9.92 -56.48 14.31
C VAL L 196 10.26 -56.35 12.84
N GLU L 197 10.52 -57.46 12.15
CA GLU L 197 10.79 -57.38 10.72
C GLU L 197 9.55 -56.93 9.98
N HIS L 198 8.39 -57.41 10.42
CA HIS L 198 7.12 -57.01 9.82
C HIS L 198 6.88 -55.53 10.01
N ASN L 199 7.15 -55.02 11.22
CA ASN L 199 6.96 -53.61 11.48
C ASN L 199 7.89 -52.77 10.61
N ARG L 200 9.11 -53.25 10.38
CA ARG L 200 9.99 -52.52 9.48
C ARG L 200 9.45 -52.55 8.06
N ALA L 201 8.93 -53.70 7.64
CA ALA L 201 8.36 -53.80 6.30
C ALA L 201 7.23 -52.80 6.14
N ILE L 202 6.43 -52.63 7.19
CA ILE L 202 5.34 -51.66 7.17
C ILE L 202 5.88 -50.25 7.06
N VAL L 203 6.93 -49.92 7.81
CA VAL L 203 7.46 -48.56 7.72
C VAL L 203 7.95 -48.29 6.30
N GLU L 204 8.65 -49.26 5.69
CA GLU L 204 9.14 -49.05 4.33
C GLU L 204 7.98 -48.91 3.37
N HIS L 205 6.92 -49.71 3.56
CA HIS L 205 5.75 -49.65 2.70
C HIS L 205 5.08 -48.30 2.81
N ASN L 206 4.94 -47.79 4.03
CA ASN L 206 4.31 -46.49 4.19
C ASN L 206 5.15 -45.41 3.52
N ALA L 207 6.48 -45.53 3.60
CA ALA L 207 7.33 -44.55 2.92
C ALA L 207 7.08 -44.58 1.42
N ILE L 208 6.87 -45.78 0.87
CA ILE L 208 6.59 -45.89 -0.55
C ILE L 208 5.24 -45.27 -0.87
N ILE L 209 4.24 -45.51 -0.04
CA ILE L 209 2.93 -44.92 -0.26
C ILE L 209 3.04 -43.40 -0.24
N VAL L 210 3.82 -42.87 0.70
CA VAL L 210 3.99 -41.42 0.79
C VAL L 210 4.60 -40.88 -0.49
N GLU L 211 5.61 -41.57 -1.04
CA GLU L 211 6.19 -41.10 -2.30
C GLU L 211 5.19 -41.17 -3.45
N ASN L 212 4.38 -42.23 -3.47
CA ASN L 212 3.39 -42.35 -4.54
C ASN L 212 2.37 -41.23 -4.44
N ASN L 213 1.97 -40.87 -3.22
CA ASN L 213 1.01 -39.79 -3.06
C ASN L 213 1.66 -38.46 -3.42
N ARG L 214 2.95 -38.31 -3.16
CA ARG L 214 3.62 -37.06 -3.55
C ARG L 214 3.56 -36.90 -5.05
N ILE L 215 3.82 -37.99 -5.78
CA ILE L 215 3.79 -37.90 -7.24
C ILE L 215 2.37 -37.61 -7.72
N ILE L 216 1.37 -38.28 -7.14
CA ILE L 216 -0.01 -38.01 -7.55
C ILE L 216 -0.33 -36.54 -7.31
N ALA L 217 0.07 -36.01 -6.16
CA ALA L 217 -0.18 -34.61 -5.88
C ALA L 217 0.49 -33.71 -6.90
N ALA L 218 1.71 -34.04 -7.30
CA ALA L 218 2.39 -33.23 -8.30
C ALA L 218 1.63 -33.25 -9.62
N VAL L 219 1.09 -34.42 -9.98
CA VAL L 219 0.35 -34.52 -11.23
C VAL L 219 -0.91 -33.68 -11.15
N LEU L 220 -1.62 -33.75 -10.02
CA LEU L 220 -2.83 -32.94 -9.88
C LEU L 220 -2.49 -31.46 -9.91
N GLU L 221 -1.40 -31.07 -9.26
CA GLU L 221 -1.01 -29.67 -9.29
C GLU L 221 -0.78 -29.20 -10.72
N LEU L 222 -0.11 -30.03 -11.52
CA LEU L 222 0.15 -29.67 -12.91
C LEU L 222 -1.14 -29.62 -13.73
N ILE L 223 -2.08 -30.51 -13.46
CA ILE L 223 -3.34 -30.50 -14.19
C ILE L 223 -4.16 -29.27 -13.83
N VAL L 224 -4.26 -28.94 -12.54
CA VAL L 224 -5.10 -27.83 -12.13
C VAL L 224 -4.46 -26.51 -12.53
N GLY L 225 -3.15 -26.37 -12.32
CA GLY L 225 -2.45 -25.14 -12.62
C GLY L 225 -1.84 -25.14 -14.01
N GLY M 2 -25.22 -38.98 -21.47
CA GLY M 2 -23.78 -38.62 -21.31
C GLY M 2 -23.46 -38.08 -19.93
N SER M 3 -23.45 -36.75 -19.82
CA SER M 3 -23.09 -36.11 -18.57
C SER M 3 -24.10 -36.37 -17.46
N GLU M 4 -25.31 -36.80 -17.82
CA GLU M 4 -26.33 -37.06 -16.83
C GLU M 4 -25.88 -38.12 -15.83
N VAL M 5 -25.14 -39.13 -16.29
CA VAL M 5 -24.72 -40.19 -15.41
C VAL M 5 -23.35 -39.89 -14.81
N GLU M 6 -22.44 -39.36 -15.61
CA GLU M 6 -21.11 -39.05 -15.10
C GLU M 6 -21.21 -38.12 -13.90
N ILE M 7 -22.11 -37.14 -13.97
CA ILE M 7 -22.27 -36.21 -12.86
C ILE M 7 -22.90 -36.90 -11.66
N LEU M 8 -23.83 -37.83 -11.90
CA LEU M 8 -24.41 -38.56 -10.77
C LEU M 8 -23.33 -39.37 -10.07
N LYS M 9 -22.40 -39.91 -10.85
CA LYS M 9 -21.31 -40.66 -10.25
C LYS M 9 -20.38 -39.75 -9.47
N ALA M 10 -20.13 -38.54 -9.99
CA ALA M 10 -19.30 -37.61 -9.25
C ALA M 10 -19.96 -37.27 -7.91
N LEU M 11 -21.30 -37.14 -7.89
CA LEU M 11 -21.96 -36.86 -6.62
C LEU M 11 -21.84 -38.05 -5.68
N LEU M 12 -21.92 -39.26 -6.22
CA LEU M 12 -21.76 -40.44 -5.38
C LEU M 12 -20.35 -40.46 -4.80
N GLU M 13 -19.36 -40.11 -5.62
CA GLU M 13 -17.99 -40.04 -5.13
C GLU M 13 -17.86 -39.04 -4.01
N LEU M 14 -18.50 -37.88 -4.13
CA LEU M 14 -18.38 -36.89 -3.06
C LEU M 14 -18.99 -37.44 -1.78
N LYS M 15 -20.12 -38.15 -1.92
CA LYS M 15 -20.74 -38.75 -0.75
C LYS M 15 -19.82 -39.76 -0.08
N LYS M 16 -19.15 -40.59 -0.88
CA LYS M 16 -18.30 -41.61 -0.30
C LYS M 16 -17.02 -41.04 0.26
N SER M 17 -16.44 -40.02 -0.38
CA SER M 17 -15.22 -39.48 0.18
C SER M 17 -15.54 -38.72 1.46
N THR M 18 -16.75 -38.15 1.55
CA THR M 18 -17.15 -37.48 2.76
C THR M 18 -17.31 -38.48 3.89
N ALA M 19 -17.96 -39.60 3.62
CA ALA M 19 -18.11 -40.62 4.66
C ALA M 19 -16.74 -41.12 5.09
N GLU M 20 -15.83 -41.30 4.13
CA GLU M 20 -14.48 -41.72 4.48
C GLU M 20 -13.81 -40.70 5.37
N LEU M 21 -13.96 -39.41 5.06
CA LEU M 21 -13.32 -38.38 5.86
C LEU M 21 -13.84 -38.43 7.27
N LYS M 22 -15.15 -38.57 7.43
CA LYS M 22 -15.74 -38.60 8.75
C LYS M 22 -15.22 -39.79 9.54
N ARG M 23 -15.11 -40.96 8.90
CA ARG M 23 -14.62 -42.14 9.60
C ARG M 23 -13.12 -42.04 9.89
N ALA M 24 -12.35 -41.50 8.96
CA ALA M 24 -10.91 -41.36 9.20
C ALA M 24 -10.69 -40.42 10.37
N THR M 25 -11.51 -39.38 10.46
CA THR M 25 -11.38 -38.43 11.55
C THR M 25 -11.73 -39.11 12.86
N ALA M 26 -12.79 -39.92 12.85
CA ALA M 26 -13.17 -40.63 14.07
C ALA M 26 -12.05 -41.55 14.53
N SER M 27 -11.36 -42.22 13.61
CA SER M 27 -10.27 -43.05 14.09
C SER M 27 -9.11 -42.17 14.54
N LEU M 28 -8.91 -41.02 13.91
CA LEU M 28 -7.82 -40.13 14.33
C LEU M 28 -7.95 -39.85 15.81
N ARG M 29 -9.16 -39.51 16.21
CA ARG M 29 -9.41 -39.14 17.61
C ARG M 29 -9.42 -40.35 18.52
N ALA M 30 -9.99 -41.47 18.07
CA ALA M 30 -10.00 -42.64 18.92
C ALA M 30 -8.56 -43.05 19.21
N ILE M 31 -7.69 -42.86 18.22
CA ILE M 31 -6.29 -43.21 18.35
C ILE M 31 -5.63 -42.32 19.38
N THR M 32 -5.82 -41.00 19.25
CA THR M 32 -5.16 -40.10 20.20
C THR M 32 -5.58 -40.41 21.63
N GLU M 33 -6.88 -40.55 21.87
CA GLU M 33 -7.39 -40.82 23.22
C GLU M 33 -7.01 -42.18 23.75
N GLU M 34 -7.02 -43.23 22.93
CA GLU M 34 -6.72 -44.53 23.49
C GLU M 34 -5.22 -44.75 23.61
N LEU M 35 -4.44 -44.25 22.65
CA LEU M 35 -3.02 -44.54 22.71
C LEU M 35 -2.33 -43.67 23.76
N LYS M 36 -2.81 -42.45 24.03
CA LYS M 36 -2.08 -41.68 25.03
C LYS M 36 -2.16 -42.36 26.39
N LYS M 37 -3.11 -43.28 26.56
CA LYS M 37 -3.25 -44.01 27.81
C LYS M 37 -2.02 -44.86 28.10
N ASN M 38 -1.38 -45.37 27.05
CA ASN M 38 -0.19 -46.21 27.21
C ASN M 38 0.69 -46.06 25.98
N PRO M 39 1.59 -45.05 25.98
CA PRO M 39 2.46 -44.83 24.81
C PRO M 39 3.37 -45.99 24.47
N SER M 40 3.50 -47.01 25.34
CA SER M 40 4.38 -48.13 25.00
C SER M 40 3.84 -48.98 23.87
N GLU M 41 2.57 -48.82 23.51
CA GLU M 41 2.00 -49.56 22.37
C GLU M 41 2.34 -48.76 21.10
N ASP M 42 3.63 -48.82 20.76
CA ASP M 42 4.16 -47.95 19.70
C ASP M 42 3.66 -48.37 18.33
N ALA M 43 3.65 -49.67 18.04
CA ALA M 43 3.25 -50.13 16.72
C ALA M 43 1.81 -49.75 16.43
N LEU M 44 0.92 -49.84 17.41
CA LEU M 44 -0.48 -49.55 17.17
C LEU M 44 -0.68 -48.06 16.88
N VAL M 45 -0.02 -47.19 17.64
CA VAL M 45 -0.24 -45.77 17.44
C VAL M 45 0.42 -45.31 16.15
N GLU M 46 1.60 -45.84 15.83
CA GLU M 46 2.28 -45.38 14.63
C GLU M 46 1.57 -45.90 13.38
N HIS M 47 1.05 -47.12 13.45
CA HIS M 47 0.37 -47.66 12.28
C HIS M 47 -0.93 -46.90 12.06
N ASN M 48 -1.66 -46.61 13.14
CA ASN M 48 -2.92 -45.92 12.94
C ASN M 48 -2.69 -44.48 12.50
N ARG M 49 -1.61 -43.84 12.95
CA ARG M 49 -1.37 -42.48 12.47
C ARG M 49 -1.04 -42.49 10.99
N ALA M 50 -0.27 -43.49 10.54
CA ALA M 50 0.01 -43.56 9.12
C ALA M 50 -1.27 -43.76 8.35
N ILE M 51 -2.18 -44.58 8.89
CA ILE M 51 -3.45 -44.86 8.23
C ILE M 51 -4.24 -43.57 8.08
N VAL M 52 -4.27 -42.77 9.14
CA VAL M 52 -4.98 -41.50 9.11
C VAL M 52 -4.40 -40.56 8.07
N GLU M 53 -3.08 -40.44 8.01
CA GLU M 53 -2.50 -39.55 7.01
C GLU M 53 -2.82 -40.03 5.60
N HIS M 54 -2.80 -41.35 5.40
CA HIS M 54 -3.06 -41.86 4.07
C HIS M 54 -4.48 -41.54 3.66
N ASN M 55 -5.43 -41.69 4.60
CA ASN M 55 -6.81 -41.40 4.26
C ASN M 55 -7.01 -39.92 4.00
N ALA M 56 -6.35 -39.06 4.79
CA ALA M 56 -6.51 -37.63 4.58
C ALA M 56 -6.05 -37.24 3.18
N ILE M 57 -4.95 -37.86 2.74
CA ILE M 57 -4.44 -37.56 1.40
C ILE M 57 -5.42 -38.05 0.36
N ILE M 58 -5.96 -39.26 0.55
CA ILE M 58 -6.89 -39.81 -0.43
C ILE M 58 -8.13 -38.92 -0.54
N VAL M 59 -8.64 -38.43 0.59
CA VAL M 59 -9.80 -37.55 0.55
C VAL M 59 -9.49 -36.27 -0.20
N GLU M 60 -8.31 -35.69 0.02
CA GLU M 60 -7.96 -34.46 -0.69
C GLU M 60 -7.83 -34.73 -2.19
N ASN M 61 -7.25 -35.88 -2.55
CA ASN M 61 -7.11 -36.20 -3.96
C ASN M 61 -8.47 -36.40 -4.60
N ASN M 62 -9.41 -37.04 -3.89
CA ASN M 62 -10.73 -37.25 -4.48
C ASN M 62 -11.39 -35.91 -4.73
N ARG M 63 -11.21 -34.97 -3.81
CA ARG M 63 -11.80 -33.65 -4.01
C ARG M 63 -11.24 -32.99 -5.26
N ILE M 64 -9.92 -33.06 -5.45
CA ILE M 64 -9.32 -32.39 -6.60
C ILE M 64 -9.75 -33.08 -7.89
N ILE M 65 -9.78 -34.41 -7.89
CA ILE M 65 -10.16 -35.14 -9.10
C ILE M 65 -11.58 -34.76 -9.48
N ALA M 66 -12.49 -34.73 -8.51
CA ALA M 66 -13.85 -34.36 -8.82
C ALA M 66 -13.90 -32.94 -9.36
N ALA M 67 -13.08 -32.04 -8.80
CA ALA M 67 -13.07 -30.66 -9.27
C ALA M 67 -12.65 -30.56 -10.73
N VAL M 68 -11.71 -31.40 -11.17
CA VAL M 68 -11.29 -31.37 -12.57
C VAL M 68 -12.34 -32.01 -13.46
N LEU M 69 -12.87 -33.15 -13.02
CA LEU M 69 -13.84 -33.83 -13.85
C LEU M 69 -15.08 -32.96 -14.02
N MET M 70 -15.42 -32.12 -13.04
CA MET M 70 -16.55 -31.25 -13.25
C MET M 70 -16.32 -30.29 -14.42
N LEU M 71 -15.05 -29.99 -14.73
CA LEU M 71 -14.80 -29.10 -15.86
C LEU M 71 -14.96 -29.88 -17.14
N ILE M 72 -14.60 -31.16 -17.11
CA ILE M 72 -14.82 -31.95 -18.31
C ILE M 72 -16.31 -32.12 -18.52
N VAL M 73 -17.05 -32.36 -17.44
CA VAL M 73 -18.50 -32.57 -17.51
C VAL M 73 -19.18 -31.32 -18.05
N VAL M 74 -18.76 -30.14 -17.60
CA VAL M 74 -19.41 -28.93 -18.10
C VAL M 74 -19.13 -28.78 -19.58
N ALA M 75 -17.92 -29.13 -20.03
CA ALA M 75 -17.67 -29.06 -21.47
C ALA M 75 -18.56 -30.03 -22.22
N VAL M 76 -18.77 -31.22 -21.66
CA VAL M 76 -19.58 -32.26 -22.29
C VAL M 76 -21.04 -31.83 -22.40
N GLY M 77 -21.57 -31.19 -21.37
CA GLY M 77 -22.97 -30.80 -21.35
C GLY M 77 -23.40 -29.83 -22.43
N MET M 78 -22.47 -29.22 -23.14
CA MET M 78 -22.78 -28.28 -24.20
C MET M 78 -22.84 -28.94 -25.57
N THR M 79 -22.79 -30.27 -25.62
CA THR M 79 -22.79 -31.00 -26.88
C THR M 79 -23.94 -30.59 -27.80
N GLN M 80 -25.16 -30.48 -27.27
CA GLN M 80 -26.28 -30.15 -28.15
C GLN M 80 -26.24 -28.69 -28.59
N GLU M 81 -25.73 -27.80 -27.73
CA GLU M 81 -25.67 -26.40 -28.11
C GLU M 81 -24.64 -26.22 -29.22
N ILE M 82 -23.54 -26.97 -29.12
CA ILE M 82 -22.51 -26.89 -30.14
C ILE M 82 -23.02 -27.52 -31.42
N LYS M 83 -23.66 -28.68 -31.33
CA LYS M 83 -24.20 -29.30 -32.52
C LYS M 83 -25.14 -28.35 -33.27
N LYS M 84 -26.01 -27.65 -32.55
CA LYS M 84 -26.91 -26.73 -33.24
C LYS M 84 -26.16 -25.54 -33.83
N ALA M 85 -25.15 -25.04 -33.12
CA ALA M 85 -24.35 -23.96 -33.68
C ALA M 85 -23.65 -24.40 -34.95
N LEU M 86 -23.16 -25.65 -34.97
CA LEU M 86 -22.53 -26.17 -36.17
C LEU M 86 -23.52 -26.33 -37.30
N GLU M 87 -24.71 -26.81 -37.01
CA GLU M 87 -25.68 -26.97 -38.09
C GLU M 87 -25.94 -25.60 -38.72
N GLU M 88 -26.03 -24.56 -37.90
CA GLU M 88 -26.24 -23.22 -38.44
C GLU M 88 -25.04 -22.77 -39.26
N LEU M 89 -23.83 -23.08 -38.78
CA LEU M 89 -22.64 -22.65 -39.49
C LEU M 89 -22.52 -23.37 -40.83
N VAL M 90 -22.90 -24.64 -40.87
CA VAL M 90 -22.86 -25.40 -42.11
C VAL M 90 -23.86 -24.84 -43.11
N ALA M 91 -25.09 -24.56 -42.64
CA ALA M 91 -26.06 -23.99 -43.55
C ALA M 91 -25.59 -22.65 -44.08
N SER M 92 -24.97 -21.84 -43.21
CA SER M 92 -24.45 -20.55 -43.63
C SER M 92 -23.36 -20.71 -44.67
N THR M 93 -22.43 -21.64 -44.45
CA THR M 93 -21.35 -21.87 -45.40
C THR M 93 -21.91 -22.27 -46.76
N ALA M 94 -22.90 -23.18 -46.76
CA ALA M 94 -23.49 -23.59 -48.03
C ALA M 94 -24.18 -22.42 -48.72
N GLU M 95 -24.84 -21.55 -47.94
CA GLU M 95 -25.51 -20.41 -48.57
C GLU M 95 -24.48 -19.46 -49.14
N LEU M 96 -23.36 -19.30 -48.44
CA LEU M 96 -22.32 -18.40 -48.91
C LEU M 96 -21.77 -18.93 -50.21
N LYS M 97 -21.58 -20.25 -50.30
CA LYS M 97 -21.11 -20.87 -51.53
C LYS M 97 -22.09 -20.61 -52.67
N ARG M 98 -23.38 -20.75 -52.41
CA ARG M 98 -24.35 -20.50 -53.47
C ARG M 98 -24.28 -19.04 -53.92
N ALA M 99 -24.15 -18.12 -52.97
CA ALA M 99 -24.06 -16.71 -53.35
C ALA M 99 -22.80 -16.46 -54.16
N THR M 100 -21.69 -17.12 -53.81
CA THR M 100 -20.45 -16.92 -54.55
C THR M 100 -20.58 -17.44 -55.97
N ALA M 101 -21.16 -18.63 -56.14
CA ALA M 101 -21.33 -19.16 -57.48
C ALA M 101 -22.23 -18.26 -58.30
N SER M 102 -23.29 -17.74 -57.67
CA SER M 102 -24.19 -16.84 -58.39
C SER M 102 -23.44 -15.60 -58.81
N LEU M 103 -22.64 -15.04 -57.91
CA LEU M 103 -21.90 -13.82 -58.25
C LEU M 103 -20.92 -14.09 -59.38
N ARG M 104 -20.25 -15.24 -59.35
CA ARG M 104 -19.31 -15.55 -60.44
C ARG M 104 -20.05 -15.61 -61.77
N ALA M 105 -21.19 -16.29 -61.80
CA ALA M 105 -21.95 -16.37 -63.04
C ALA M 105 -22.40 -14.99 -63.50
N ILE M 106 -22.79 -14.15 -62.55
CA ILE M 106 -23.20 -12.80 -62.90
C ILE M 106 -22.02 -12.03 -63.47
N THR M 107 -20.85 -12.18 -62.86
CA THR M 107 -19.67 -11.47 -63.36
C THR M 107 -19.39 -11.87 -64.80
N GLU M 108 -19.47 -13.16 -65.10
CA GLU M 108 -19.23 -13.60 -66.47
C GLU M 108 -20.29 -13.04 -67.42
N GLU M 109 -21.55 -13.02 -66.99
CA GLU M 109 -22.61 -12.52 -67.85
C GLU M 109 -22.47 -11.02 -68.06
N LEU M 110 -22.12 -10.30 -67.01
CA LEU M 110 -21.97 -8.84 -67.06
C LEU M 110 -20.81 -8.45 -67.96
N LYS M 111 -19.69 -9.18 -67.88
CA LYS M 111 -18.57 -8.83 -68.74
C LYS M 111 -18.88 -9.21 -70.19
N LYS M 112 -19.48 -10.38 -70.41
CA LYS M 112 -19.77 -10.80 -71.77
C LYS M 112 -20.85 -9.93 -72.42
N ASN M 113 -21.85 -9.54 -71.66
CA ASN M 113 -22.97 -8.74 -72.17
C ASN M 113 -23.35 -7.67 -71.16
N PRO M 114 -22.67 -6.52 -71.16
CA PRO M 114 -22.80 -5.56 -70.05
C PRO M 114 -24.10 -4.78 -70.07
N SER M 115 -25.21 -5.50 -69.99
CA SER M 115 -26.54 -4.91 -69.91
C SER M 115 -26.74 -4.26 -68.54
N GLU M 116 -27.52 -3.18 -68.51
CA GLU M 116 -27.79 -2.50 -67.24
C GLU M 116 -28.40 -3.48 -66.25
N ASP M 117 -29.24 -4.40 -66.74
CA ASP M 117 -29.86 -5.37 -65.86
C ASP M 117 -28.79 -6.21 -65.18
N ALA M 118 -27.68 -6.48 -65.87
CA ALA M 118 -26.61 -7.26 -65.27
C ALA M 118 -25.95 -6.47 -64.15
N LEU M 119 -25.86 -5.15 -64.28
CA LEU M 119 -25.27 -4.35 -63.21
C LEU M 119 -26.20 -4.37 -62.00
N VAL M 120 -27.50 -4.33 -62.25
CA VAL M 120 -28.47 -4.37 -61.16
C VAL M 120 -28.33 -5.70 -60.44
N GLU M 121 -28.21 -6.78 -61.21
CA GLU M 121 -28.06 -8.11 -60.63
C GLU M 121 -26.76 -8.19 -59.84
N HIS M 122 -25.71 -7.54 -60.33
CA HIS M 122 -24.45 -7.51 -59.59
C HIS M 122 -24.65 -6.89 -58.22
N ASN M 123 -25.30 -5.72 -58.16
CA ASN M 123 -25.46 -5.08 -56.86
C ASN M 123 -26.38 -5.90 -55.97
N ARG M 124 -27.38 -6.57 -56.54
CA ARG M 124 -28.24 -7.41 -55.72
C ARG M 124 -27.44 -8.55 -55.12
N ALA M 125 -26.59 -9.19 -55.94
CA ALA M 125 -25.77 -10.29 -55.47
C ALA M 125 -24.81 -9.83 -54.39
N ILE M 126 -24.27 -8.61 -54.51
CA ILE M 126 -23.36 -8.10 -53.49
C ILE M 126 -24.12 -7.93 -52.18
N VAL M 127 -25.34 -7.40 -52.24
CA VAL M 127 -26.10 -7.22 -51.01
C VAL M 127 -26.41 -8.57 -50.38
N GLU M 128 -26.79 -9.57 -51.19
CA GLU M 128 -27.04 -10.88 -50.61
C GLU M 128 -25.79 -11.44 -49.97
N HIS M 129 -24.64 -11.23 -50.61
CA HIS M 129 -23.40 -11.73 -50.06
C HIS M 129 -23.11 -11.10 -48.71
N ASN M 130 -23.30 -9.78 -48.60
CA ASN M 130 -23.04 -9.14 -47.32
C ASN M 130 -24.01 -9.63 -46.26
N ALA M 131 -25.27 -9.87 -46.63
CA ALA M 131 -26.21 -10.40 -45.64
C ALA M 131 -25.74 -11.77 -45.16
N ILE M 132 -25.19 -12.57 -46.07
CA ILE M 132 -24.69 -13.88 -45.70
C ILE M 132 -23.49 -13.75 -44.78
N ILE M 133 -22.58 -12.83 -45.07
CA ILE M 133 -21.43 -12.66 -44.19
C ILE M 133 -21.91 -12.29 -42.80
N VAL M 134 -22.92 -11.41 -42.71
CA VAL M 134 -23.40 -10.98 -41.41
C VAL M 134 -23.96 -12.16 -40.64
N GLU M 135 -24.73 -13.01 -41.31
CA GLU M 135 -25.26 -14.18 -40.61
C GLU M 135 -24.13 -15.12 -40.20
N ASN M 136 -23.14 -15.28 -41.08
CA ASN M 136 -22.01 -16.15 -40.77
C ASN M 136 -21.27 -15.66 -39.54
N ASN M 137 -21.02 -14.35 -39.45
CA ASN M 137 -20.28 -13.84 -38.31
C ASN M 137 -21.12 -13.88 -37.04
N ARG M 138 -22.44 -13.71 -37.15
CA ARG M 138 -23.26 -13.87 -35.97
C ARG M 138 -23.14 -15.28 -35.43
N ILE M 139 -23.21 -16.27 -36.32
CA ILE M 139 -23.13 -17.67 -35.92
C ILE M 139 -21.76 -17.97 -35.33
N ILE M 140 -20.70 -17.46 -35.95
CA ILE M 140 -19.37 -17.70 -35.40
C ILE M 140 -19.23 -17.05 -34.03
N ALA M 141 -19.72 -15.83 -33.86
CA ALA M 141 -19.61 -15.21 -32.54
C ALA M 141 -20.32 -16.07 -31.51
N ALA M 142 -21.48 -16.62 -31.88
CA ALA M 142 -22.20 -17.49 -30.94
C ALA M 142 -21.42 -18.75 -30.64
N VAL M 143 -20.78 -19.34 -31.65
CA VAL M 143 -20.03 -20.56 -31.38
C VAL M 143 -18.80 -20.23 -30.57
N LEU M 144 -18.20 -19.05 -30.77
CA LEU M 144 -17.04 -18.68 -29.97
C LEU M 144 -17.44 -18.55 -28.53
N GLU M 145 -18.61 -17.96 -28.27
CA GLU M 145 -19.05 -17.87 -26.88
C GLU M 145 -19.27 -19.26 -26.31
N LEU M 146 -19.80 -20.17 -27.13
CA LEU M 146 -20.01 -21.54 -26.66
C LEU M 146 -18.69 -22.23 -26.36
N ILE M 147 -17.67 -21.98 -27.18
CA ILE M 147 -16.36 -22.57 -26.96
C ILE M 147 -15.72 -22.01 -25.71
N VAL M 148 -15.79 -20.69 -25.54
CA VAL M 148 -15.17 -20.06 -24.38
C VAL M 148 -15.83 -20.57 -23.11
N ARG M 149 -17.15 -20.70 -23.13
CA ARG M 149 -17.84 -21.23 -21.96
C ARG M 149 -17.52 -22.69 -21.75
N ALA M 150 -17.51 -23.49 -22.83
CA ALA M 150 -17.22 -24.91 -22.72
C ALA M 150 -15.81 -25.17 -22.20
N LEU M 151 -14.86 -24.31 -22.53
CA LEU M 151 -13.49 -24.50 -22.08
C LEU M 151 -13.22 -23.82 -20.75
N ASN M 152 -14.21 -23.16 -20.17
CA ASN M 152 -14.06 -22.47 -18.89
C ASN M 152 -12.88 -21.52 -18.89
N LEU M 153 -12.77 -20.70 -19.93
CA LEU M 153 -11.65 -19.77 -19.99
C LEU M 153 -11.90 -18.56 -19.11
N THR M 154 -10.86 -18.10 -18.44
CA THR M 154 -10.92 -16.90 -17.60
C THR M 154 -9.96 -15.82 -18.06
N ASP M 155 -9.20 -16.04 -19.12
CA ASP M 155 -8.18 -15.09 -19.53
C ASP M 155 -8.80 -13.73 -19.81
N ALA M 156 -8.31 -12.70 -19.11
CA ALA M 156 -8.90 -11.38 -19.30
C ALA M 156 -8.85 -10.96 -20.75
N GLU M 157 -7.82 -11.39 -21.49
CA GLU M 157 -7.72 -11.00 -22.88
C GLU M 157 -8.83 -11.61 -23.72
N VAL M 158 -9.27 -12.82 -23.39
CA VAL M 158 -10.31 -13.43 -24.22
C VAL M 158 -11.64 -12.79 -23.88
N ILE M 159 -11.85 -12.44 -22.61
CA ILE M 159 -13.11 -11.82 -22.22
C ILE M 159 -13.23 -10.47 -22.91
N LYS M 160 -12.13 -9.70 -22.91
CA LYS M 160 -12.16 -8.41 -23.57
C LYS M 160 -12.39 -8.58 -25.06
N ALA M 161 -11.75 -9.59 -25.66
CA ALA M 161 -11.92 -9.79 -27.09
C ALA M 161 -13.38 -10.13 -27.40
N LEU M 162 -14.02 -10.91 -26.53
CA LEU M 162 -15.42 -11.24 -26.77
C LEU M 162 -16.30 -10.01 -26.64
N ILE M 163 -15.96 -9.11 -25.71
CA ILE M 163 -16.75 -7.88 -25.59
C ILE M 163 -16.59 -7.06 -26.86
N GLU M 164 -15.36 -6.95 -27.36
CA GLU M 164 -15.13 -6.18 -28.58
C GLU M 164 -15.89 -6.82 -29.72
N LEU M 165 -15.94 -8.14 -29.74
CA LEU M 165 -16.65 -8.85 -30.79
C LEU M 165 -18.13 -8.51 -30.73
N ARG M 166 -18.71 -8.55 -29.54
CA ARG M 166 -20.13 -8.26 -29.42
C ARG M 166 -20.43 -6.85 -29.93
N LEU M 167 -19.57 -5.89 -29.57
CA LEU M 167 -19.80 -4.52 -30.03
C LEU M 167 -19.63 -4.42 -31.54
N SER M 168 -18.66 -5.13 -32.10
CA SER M 168 -18.47 -5.05 -33.54
C SER M 168 -19.61 -5.74 -34.26
N THR M 169 -20.24 -6.74 -33.64
CA THR M 169 -21.37 -7.36 -34.32
C THR M 169 -22.56 -6.42 -34.28
N LEU M 170 -22.65 -5.57 -33.25
CA LEU M 170 -23.74 -4.60 -33.24
C LEU M 170 -23.52 -3.59 -34.36
N GLU M 171 -22.28 -3.16 -34.51
CA GLU M 171 -21.98 -2.19 -35.56
C GLU M 171 -22.22 -2.81 -36.93
N LEU M 172 -21.86 -4.08 -37.09
CA LEU M 172 -22.03 -4.77 -38.36
C LEU M 172 -23.50 -4.92 -38.71
N VAL M 173 -24.34 -5.27 -37.74
CA VAL M 173 -25.75 -5.43 -38.04
C VAL M 173 -26.36 -4.09 -38.43
N ALA M 174 -26.04 -3.03 -37.68
CA ALA M 174 -26.61 -1.73 -38.04
C ALA M 174 -26.14 -1.27 -39.41
N ALA M 175 -24.85 -1.49 -39.71
CA ALA M 175 -24.36 -1.10 -41.03
C ALA M 175 -25.03 -1.91 -42.12
N THR M 176 -25.31 -3.19 -41.85
CA THR M 176 -25.94 -4.02 -42.86
C THR M 176 -27.34 -3.52 -43.17
N ALA M 177 -28.09 -3.17 -42.11
CA ALA M 177 -29.43 -2.66 -42.34
C ALA M 177 -29.38 -1.37 -43.14
N SER M 178 -28.39 -0.53 -42.84
CA SER M 178 -28.27 0.73 -43.58
C SER M 178 -27.93 0.45 -45.04
N LEU M 179 -27.06 -0.53 -45.29
CA LEU M 179 -26.70 -0.87 -46.66
C LEU M 179 -27.91 -1.38 -47.42
N ARG M 180 -28.72 -2.23 -46.79
CA ARG M 180 -29.90 -2.74 -47.48
C ARG M 180 -30.84 -1.60 -47.83
N GLU M 181 -31.02 -0.65 -46.90
CA GLU M 181 -31.92 0.46 -47.18
C GLU M 181 -31.37 1.31 -48.33
N ILE M 182 -30.05 1.52 -48.36
CA ILE M 182 -29.48 2.34 -49.42
C ILE M 182 -29.66 1.62 -50.75
N THR M 183 -29.46 0.30 -50.77
CA THR M 183 -29.64 -0.45 -52.01
C THR M 183 -31.07 -0.34 -52.50
N GLU M 184 -32.04 -0.44 -51.59
CA GLU M 184 -33.44 -0.32 -52.01
C GLU M 184 -33.71 1.07 -52.57
N GLU M 185 -33.12 2.10 -51.96
CA GLU M 185 -33.34 3.45 -52.48
C GLU M 185 -32.72 3.60 -53.86
N LEU M 186 -31.55 2.98 -54.07
CA LEU M 186 -30.92 3.02 -55.38
C LEU M 186 -31.80 2.34 -56.42
N LYS M 187 -32.33 1.16 -56.06
CA LYS M 187 -33.19 0.42 -56.98
C LYS M 187 -34.42 1.23 -57.36
N LYS M 188 -35.06 1.90 -56.39
CA LYS M 188 -36.25 2.68 -56.70
C LYS M 188 -35.94 3.88 -57.59
N ASN M 189 -34.83 4.57 -57.36
CA ASN M 189 -34.48 5.77 -58.13
C ASN M 189 -33.04 5.71 -58.60
N PRO M 190 -32.72 4.82 -59.54
CA PRO M 190 -31.32 4.68 -59.96
C PRO M 190 -30.81 5.94 -60.62
N SER M 191 -29.56 6.29 -60.30
CA SER M 191 -28.91 7.47 -60.86
C SER M 191 -27.42 7.35 -60.65
N GLU M 192 -26.66 8.22 -61.31
CA GLU M 192 -25.22 8.22 -61.12
C GLU M 192 -24.85 8.63 -59.71
N ASP M 193 -25.57 9.61 -59.14
CA ASP M 193 -25.21 10.07 -57.81
C ASP M 193 -25.63 9.03 -56.77
N ALA M 194 -26.79 8.41 -56.98
CA ALA M 194 -27.24 7.38 -56.04
C ALA M 194 -26.30 6.19 -56.14
N LEU M 195 -25.84 5.88 -57.35
CA LEU M 195 -24.96 4.72 -57.53
C LEU M 195 -23.62 4.97 -56.86
N VAL M 196 -23.07 6.18 -56.98
CA VAL M 196 -21.79 6.42 -56.33
C VAL M 196 -21.96 6.43 -54.82
N GLU M 197 -23.10 6.92 -54.32
CA GLU M 197 -23.32 6.90 -52.88
C GLU M 197 -23.44 5.47 -52.39
N HIS M 198 -24.09 4.63 -53.20
CA HIS M 198 -24.23 3.22 -52.85
C HIS M 198 -22.87 2.54 -52.82
N ASN M 199 -22.02 2.82 -53.81
CA ASN M 199 -20.69 2.22 -53.84
C ASN M 199 -19.89 2.67 -52.62
N ARG M 200 -20.06 3.92 -52.20
CA ARG M 200 -19.37 4.35 -50.99
C ARG M 200 -19.90 3.60 -49.78
N ALA M 201 -21.21 3.40 -49.73
CA ALA M 201 -21.80 2.66 -48.61
C ALA M 201 -21.22 1.26 -48.56
N ILE M 202 -21.00 0.66 -49.72
CA ILE M 202 -20.40 -0.67 -49.82
C ILE M 202 -18.98 -0.64 -49.29
N VAL M 203 -18.20 0.36 -49.68
CA VAL M 203 -16.82 0.40 -49.20
C VAL M 203 -16.80 0.51 -47.67
N GLU M 204 -17.66 1.35 -47.10
CA GLU M 204 -17.69 1.49 -45.65
C GLU M 204 -18.11 0.18 -45.00
N HIS M 205 -19.08 -0.50 -45.61
CA HIS M 205 -19.55 -1.77 -45.09
C HIS M 205 -18.44 -2.80 -45.12
N ASN M 206 -17.70 -2.86 -46.21
CA ASN M 206 -16.60 -3.82 -46.29
C ASN M 206 -15.55 -3.52 -45.24
N ALA M 207 -15.29 -2.23 -44.98
CA ALA M 207 -14.33 -1.90 -43.94
C ALA M 207 -14.81 -2.40 -42.58
N ILE M 208 -16.12 -2.32 -42.34
CA ILE M 208 -16.66 -2.82 -41.09
C ILE M 208 -16.52 -4.32 -41.02
N ILE M 209 -16.80 -5.02 -42.13
CA ILE M 209 -16.64 -6.47 -42.15
C ILE M 209 -15.20 -6.84 -41.85
N VAL M 210 -14.26 -6.11 -42.43
CA VAL M 210 -12.86 -6.40 -42.19
C VAL M 210 -12.53 -6.27 -40.71
N GLU M 211 -13.05 -5.22 -40.06
CA GLU M 211 -12.80 -5.07 -38.63
C GLU M 211 -13.44 -6.20 -37.83
N ASN M 212 -14.65 -6.60 -38.20
CA ASN M 212 -15.32 -7.69 -37.49
C ASN M 212 -14.54 -8.99 -37.64
N ASN M 213 -14.00 -9.25 -38.83
CA ASN M 213 -13.21 -10.44 -39.03
C ASN M 213 -11.91 -10.36 -38.28
N ARG M 214 -11.33 -9.16 -38.16
CA ARG M 214 -10.11 -9.02 -37.39
C ARG M 214 -10.36 -9.43 -35.95
N ILE M 215 -11.48 -8.98 -35.38
CA ILE M 215 -11.78 -9.31 -34.00
C ILE M 215 -12.02 -10.81 -33.86
N ILE M 216 -12.76 -11.40 -34.81
CA ILE M 216 -13.00 -12.84 -34.74
C ILE M 216 -11.67 -13.58 -34.78
N ALA M 217 -10.77 -13.15 -35.65
CA ALA M 217 -9.47 -13.80 -35.73
C ALA M 217 -8.72 -13.67 -34.41
N ALA M 218 -8.81 -12.51 -33.76
CA ALA M 218 -8.13 -12.35 -32.47
C ALA M 218 -8.70 -13.30 -31.43
N VAL M 219 -10.02 -13.50 -31.44
CA VAL M 219 -10.62 -14.40 -30.47
C VAL M 219 -10.15 -15.82 -30.72
N LEU M 220 -10.14 -16.23 -31.99
CA LEU M 220 -9.69 -17.59 -32.30
C LEU M 220 -8.23 -17.76 -31.93
N GLU M 221 -7.42 -16.74 -32.18
CA GLU M 221 -6.01 -16.82 -31.82
C GLU M 221 -5.85 -17.03 -30.32
N LEU M 222 -6.65 -16.32 -29.53
CA LEU M 222 -6.57 -16.47 -28.08
C LEU M 222 -7.03 -17.84 -27.64
N ILE M 223 -8.05 -18.40 -28.29
CA ILE M 223 -8.51 -19.74 -27.91
C ILE M 223 -7.45 -20.78 -28.27
N VAL M 224 -6.89 -20.70 -29.46
CA VAL M 224 -5.93 -21.72 -29.90
C VAL M 224 -4.63 -21.57 -29.14
N GLY M 225 -4.13 -20.35 -28.99
CA GLY M 225 -2.86 -20.12 -28.34
C GLY M 225 -3.00 -19.82 -26.86
N GLY N 2 43.75 16.05 -50.61
CA GLY N 2 43.37 15.00 -49.61
C GLY N 2 44.20 13.75 -49.73
N SER N 3 43.67 12.75 -50.45
CA SER N 3 44.35 11.47 -50.57
C SER N 3 45.66 11.57 -51.32
N GLU N 4 45.86 12.65 -52.08
CA GLU N 4 47.10 12.80 -52.84
C GLU N 4 48.32 12.80 -51.93
N VAL N 5 48.19 13.38 -50.74
CA VAL N 5 49.34 13.45 -49.84
C VAL N 5 49.33 12.25 -48.88
N GLU N 6 48.16 11.88 -48.38
CA GLU N 6 48.06 10.76 -47.47
C GLU N 6 48.66 9.51 -48.09
N ILE N 7 48.39 9.28 -49.38
CA ILE N 7 48.92 8.10 -50.05
C ILE N 7 50.43 8.21 -50.23
N LEU N 8 50.92 9.43 -50.50
CA LEU N 8 52.37 9.58 -50.62
C LEU N 8 53.04 9.26 -49.30
N LYS N 9 52.39 9.63 -48.20
CA LYS N 9 52.95 9.32 -46.89
C LYS N 9 52.90 7.82 -46.64
N ALA N 10 51.83 7.15 -47.06
CA ALA N 10 51.79 5.70 -46.90
C ALA N 10 52.93 5.05 -47.67
N LEU N 11 53.24 5.57 -48.86
CA LEU N 11 54.35 5.01 -49.63
C LEU N 11 55.67 5.27 -48.92
N LEU N 12 55.81 6.44 -48.31
CA LEU N 12 57.02 6.73 -47.56
C LEU N 12 57.15 5.77 -46.39
N GLU N 13 56.03 5.49 -45.73
CA GLU N 13 56.05 4.53 -44.63
C GLU N 13 56.51 3.17 -45.11
N LEU N 14 56.01 2.73 -46.26
CA LEU N 14 56.43 1.42 -46.74
C LEU N 14 57.92 1.40 -47.03
N LYS N 15 58.44 2.48 -47.60
CA LYS N 15 59.87 2.57 -47.87
C LYS N 15 60.68 2.49 -46.57
N LYS N 16 60.22 3.18 -45.53
CA LYS N 16 60.97 3.21 -44.29
C LYS N 16 60.85 1.90 -43.53
N SER N 17 59.69 1.26 -43.56
CA SER N 17 59.58 0.00 -42.83
C SER N 17 60.37 -1.07 -43.56
N THR N 18 60.48 -0.94 -44.89
CA THR N 18 61.31 -1.88 -45.64
C THR N 18 62.76 -1.71 -45.28
N ALA N 19 63.23 -0.45 -45.20
CA ALA N 19 64.61 -0.23 -44.81
C ALA N 19 64.87 -0.77 -43.41
N GLU N 20 63.90 -0.59 -42.52
CA GLU N 20 64.03 -1.13 -41.17
C GLU N 20 64.14 -2.65 -41.24
N LEU N 21 63.32 -3.29 -42.06
CA LEU N 21 63.35 -4.75 -42.14
C LEU N 21 64.71 -5.20 -42.61
N LYS N 22 65.26 -4.53 -43.61
CA LYS N 22 66.56 -4.92 -44.15
C LYS N 22 67.62 -4.78 -43.07
N ARG N 23 67.56 -3.70 -42.28
CA ARG N 23 68.56 -3.51 -41.24
C ARG N 23 68.38 -4.50 -40.10
N ALA N 24 67.13 -4.79 -39.72
CA ALA N 24 66.90 -5.74 -38.65
C ALA N 24 67.39 -7.11 -39.06
N THR N 25 67.21 -7.48 -40.33
CA THR N 25 67.67 -8.76 -40.82
C THR N 25 69.19 -8.82 -40.79
N ALA N 26 69.82 -7.72 -41.23
CA ALA N 26 71.27 -7.69 -41.22
C ALA N 26 71.80 -7.86 -39.80
N SER N 27 71.14 -7.22 -38.82
CA SER N 27 71.65 -7.42 -37.47
C SER N 27 71.31 -8.83 -36.98
N LEU N 28 70.18 -9.40 -37.41
CA LEU N 28 69.83 -10.75 -36.99
C LEU N 28 70.98 -11.68 -37.31
N ARG N 29 71.47 -11.57 -38.55
CA ARG N 29 72.54 -12.47 -39.01
C ARG N 29 73.87 -12.10 -38.38
N ALA N 30 74.17 -10.81 -38.27
CA ALA N 30 75.45 -10.45 -37.67
C ALA N 30 75.50 -10.96 -36.25
N ILE N 31 74.36 -10.93 -35.57
CA ILE N 31 74.28 -11.38 -34.19
C ILE N 31 74.50 -12.87 -34.11
N THR N 32 73.79 -13.64 -34.93
CA THR N 32 73.94 -15.09 -34.84
C THR N 32 75.38 -15.51 -35.09
N GLU N 33 75.97 -14.97 -36.17
CA GLU N 33 77.34 -15.35 -36.56
C GLU N 33 78.38 -14.86 -35.56
N GLU N 34 78.23 -13.66 -35.01
CA GLU N 34 79.27 -13.18 -34.10
C GLU N 34 79.10 -13.73 -32.70
N LEU N 35 77.87 -13.88 -32.23
CA LEU N 35 77.67 -14.33 -30.87
C LEU N 35 77.94 -15.82 -30.71
N LYS N 36 77.72 -16.63 -31.76
CA LYS N 36 77.97 -18.05 -31.57
C LYS N 36 79.44 -18.31 -31.28
N LYS N 37 80.30 -17.33 -31.60
CA LYS N 37 81.73 -17.46 -31.34
C LYS N 37 82.01 -17.58 -29.85
N ASN N 38 81.21 -16.95 -29.00
CA ASN N 38 81.41 -16.99 -27.55
C ASN N 38 80.08 -16.82 -26.86
N PRO N 39 79.36 -17.93 -26.62
CA PRO N 39 78.04 -17.85 -25.98
C PRO N 39 78.06 -17.25 -24.57
N SER N 40 79.23 -17.07 -23.95
CA SER N 40 79.25 -16.51 -22.60
C SER N 40 78.85 -15.05 -22.56
N GLU N 41 78.79 -14.38 -23.71
CA GLU N 41 78.35 -12.99 -23.78
C GLU N 41 76.81 -12.99 -23.86
N ASP N 42 76.21 -13.35 -22.73
CA ASP N 42 74.78 -13.63 -22.68
C ASP N 42 73.95 -12.36 -22.85
N ALA N 43 74.35 -11.29 -22.17
CA ALA N 43 73.57 -10.06 -22.24
C ALA N 43 73.51 -9.54 -23.67
N LEU N 44 74.61 -9.61 -24.40
CA LEU N 44 74.62 -9.07 -25.76
C LEU N 44 73.73 -9.87 -26.68
N VAL N 45 73.77 -11.20 -26.61
CA VAL N 45 72.98 -11.99 -27.53
C VAL N 45 71.50 -11.94 -27.16
N GLU N 46 71.19 -11.94 -25.86
CA GLU N 46 69.79 -11.94 -25.48
C GLU N 46 69.17 -10.59 -25.75
N HIS N 47 69.93 -9.51 -25.54
CA HIS N 47 69.38 -8.19 -25.79
C HIS N 47 69.17 -7.99 -27.27
N ASN N 48 70.13 -8.41 -28.09
CA ASN N 48 69.97 -8.20 -29.51
C ASN N 48 68.86 -9.07 -30.08
N ARG N 49 68.66 -10.28 -29.54
CA ARG N 49 67.55 -11.08 -30.05
C ARG N 49 66.22 -10.43 -29.69
N ALA N 50 66.12 -9.86 -28.49
CA ALA N 50 64.89 -9.17 -28.14
C ALA N 50 64.67 -8.00 -29.08
N ILE N 51 65.76 -7.31 -29.43
CA ILE N 51 65.69 -6.16 -30.33
C ILE N 51 65.16 -6.59 -31.67
N VAL N 52 65.65 -7.72 -32.17
CA VAL N 52 65.22 -8.25 -33.45
C VAL N 52 63.74 -8.61 -33.41
N GLU N 53 63.29 -9.26 -32.34
CA GLU N 53 61.87 -9.59 -32.28
C GLU N 53 61.02 -8.32 -32.25
N HIS N 54 61.47 -7.30 -31.54
CA HIS N 54 60.67 -6.08 -31.46
C HIS N 54 60.57 -5.44 -32.85
N ASN N 55 61.68 -5.43 -33.59
CA ASN N 55 61.63 -4.82 -34.91
C ASN N 55 60.77 -5.63 -35.85
N ALA N 56 60.84 -6.96 -35.77
CA ALA N 56 60.03 -7.78 -36.66
C ALA N 56 58.55 -7.50 -36.42
N ILE N 57 58.17 -7.33 -35.15
CA ILE N 57 56.78 -7.05 -34.83
C ILE N 57 56.40 -5.68 -35.37
N ILE N 58 57.27 -4.69 -35.19
CA ILE N 58 56.94 -3.35 -35.67
C ILE N 58 56.75 -3.37 -37.19
N VAL N 59 57.62 -4.07 -37.91
CA VAL N 59 57.48 -4.15 -39.36
C VAL N 59 56.15 -4.79 -39.76
N GLU N 60 55.77 -5.88 -39.08
CA GLU N 60 54.52 -6.52 -39.42
C GLU N 60 53.34 -5.60 -39.11
N ASN N 61 53.40 -4.87 -38.00
CA ASN N 61 52.32 -3.95 -37.67
C ASN N 61 52.25 -2.82 -38.68
N ASN N 62 53.39 -2.32 -39.15
CA ASN N 62 53.35 -1.25 -40.13
C ASN N 62 52.70 -1.73 -41.39
N ARG N 63 52.97 -2.98 -41.78
CA ARG N 63 52.34 -3.52 -42.97
C ARG N 63 50.83 -3.58 -42.81
N ILE N 64 50.36 -4.04 -41.66
CA ILE N 64 48.91 -4.17 -41.47
C ILE N 64 48.26 -2.79 -41.42
N ILE N 65 48.89 -1.85 -40.71
CA ILE N 65 48.30 -0.52 -40.61
C ILE N 65 48.20 0.11 -41.98
N ALA N 66 49.26 0.00 -42.78
CA ALA N 66 49.20 0.57 -44.12
C ALA N 66 48.11 -0.11 -44.93
N ALA N 67 47.95 -1.43 -44.77
CA ALA N 67 46.92 -2.12 -45.52
C ALA N 67 45.52 -1.60 -45.19
N VAL N 68 45.29 -1.24 -43.93
CA VAL N 68 43.97 -0.71 -43.56
C VAL N 68 43.83 0.73 -44.06
N LEU N 69 44.86 1.52 -43.87
CA LEU N 69 44.76 2.91 -44.28
C LEU N 69 44.57 3.00 -45.79
N MET N 70 45.10 2.06 -46.56
CA MET N 70 44.84 2.11 -47.99
C MET N 70 43.35 1.97 -48.29
N LEU N 71 42.60 1.32 -47.39
CA LEU N 71 41.17 1.17 -47.62
C LEU N 71 40.48 2.48 -47.29
N ILE N 72 40.99 3.17 -46.27
CA ILE N 72 40.39 4.46 -45.96
C ILE N 72 40.69 5.43 -47.09
N VAL N 73 41.93 5.39 -47.60
CA VAL N 73 42.35 6.28 -48.67
C VAL N 73 41.52 6.05 -49.92
N VAL N 74 41.25 4.79 -50.26
CA VAL N 74 40.45 4.54 -51.45
C VAL N 74 39.04 5.07 -51.24
N ALA N 75 38.49 4.94 -50.03
CA ALA N 75 37.16 5.52 -49.80
C ALA N 75 37.20 7.04 -49.96
N VAL N 76 38.27 7.67 -49.49
CA VAL N 76 38.41 9.13 -49.56
C VAL N 76 38.51 9.60 -51.00
N GLY N 77 39.24 8.87 -51.84
CA GLY N 77 39.46 9.26 -53.22
C GLY N 77 38.21 9.37 -54.07
N MET N 78 37.07 8.86 -53.59
CA MET N 78 35.83 8.92 -54.33
C MET N 78 34.98 10.14 -53.96
N THR N 79 35.54 11.05 -53.18
CA THR N 79 34.81 12.24 -52.73
C THR N 79 34.15 13.00 -53.88
N GLN N 80 34.88 13.24 -54.98
CA GLN N 80 34.29 14.03 -56.05
C GLN N 80 33.21 13.25 -56.80
N GLU N 81 33.37 11.93 -56.91
CA GLU N 81 32.38 11.14 -57.61
C GLU N 81 31.10 11.11 -56.80
N ILE N 82 31.23 11.04 -55.48
CA ILE N 82 30.07 11.03 -54.62
C ILE N 82 29.40 12.40 -54.65
N LYS N 83 30.19 13.46 -54.55
CA LYS N 83 29.62 14.80 -54.61
C LYS N 83 28.81 14.99 -55.88
N LYS N 84 29.33 14.54 -57.03
CA LYS N 84 28.57 14.70 -58.26
C LYS N 84 27.32 13.83 -58.28
N ALA N 85 27.41 12.61 -57.73
CA ALA N 85 26.22 11.78 -57.65
C ALA N 85 25.15 12.46 -56.80
N LEU N 86 25.57 13.11 -55.71
CA LEU N 86 24.64 13.82 -54.86
C LEU N 86 24.03 15.01 -55.59
N GLU N 87 24.83 15.75 -56.34
CA GLU N 87 24.26 16.89 -57.05
C GLU N 87 23.16 16.41 -57.98
N GLU N 88 23.39 15.27 -58.65
CA GLU N 88 22.37 14.74 -59.54
C GLU N 88 21.15 14.29 -58.76
N LEU N 89 21.36 13.67 -57.60
CA LEU N 89 20.24 13.17 -56.81
C LEU N 89 19.41 14.33 -56.27
N VAL N 90 20.07 15.41 -55.89
CA VAL N 90 19.37 16.59 -55.39
C VAL N 90 18.53 17.20 -56.51
N ALA N 91 19.12 17.34 -57.70
CA ALA N 91 18.35 17.91 -58.80
C ALA N 91 17.16 17.02 -59.12
N SER N 92 17.35 15.69 -59.06
CA SER N 92 16.25 14.78 -59.32
C SER N 92 15.15 14.94 -58.28
N THR N 93 15.53 15.04 -57.02
CA THR N 93 14.55 15.22 -55.94
C THR N 93 13.75 16.50 -56.15
N ALA N 94 14.44 17.59 -56.48
CA ALA N 94 13.74 18.85 -56.71
C ALA N 94 12.79 18.74 -57.89
N GLU N 95 13.19 18.02 -58.94
CA GLU N 95 12.30 17.89 -60.09
C GLU N 95 11.10 17.05 -59.70
N LEU N 96 11.32 16.03 -58.87
CA LEU N 96 10.22 15.19 -58.45
C LEU N 96 9.23 16.00 -57.64
N LYS N 97 9.74 16.87 -56.76
CA LYS N 97 8.86 17.74 -55.98
C LYS N 97 8.03 18.64 -56.89
N ARG N 98 8.66 19.22 -57.91
CA ARG N 98 7.90 20.08 -58.81
C ARG N 98 6.82 19.29 -59.52
N ALA N 99 7.14 18.08 -59.95
CA ALA N 99 6.14 17.25 -60.61
C ALA N 99 5.00 16.91 -59.67
N THR N 100 5.30 16.66 -58.40
CA THR N 100 4.26 16.33 -57.44
C THR N 100 3.35 17.53 -57.21
N ALA N 101 3.92 18.72 -57.05
CA ALA N 101 3.08 19.90 -56.85
C ALA N 101 2.22 20.15 -58.08
N SER N 102 2.78 19.94 -59.26
CA SER N 102 2.01 20.13 -60.48
C SER N 102 0.87 19.15 -60.53
N LEU N 103 1.13 17.89 -60.18
CA LEU N 103 0.07 16.89 -60.22
C LEU N 103 -1.02 17.23 -59.23
N ARG N 104 -0.66 17.69 -58.02
CA ARG N 104 -1.67 18.06 -57.05
C ARG N 104 -2.56 19.16 -57.60
N ALA N 105 -1.95 20.19 -58.19
CA ALA N 105 -2.75 21.29 -58.74
C ALA N 105 -3.65 20.78 -59.86
N ILE N 106 -3.15 19.85 -60.67
CA ILE N 106 -3.97 19.28 -61.73
C ILE N 106 -5.14 18.51 -61.13
N THR N 107 -4.88 17.73 -60.09
CA THR N 107 -5.95 16.96 -59.45
C THR N 107 -7.06 17.88 -58.96
N GLU N 108 -6.68 18.98 -58.31
CA GLU N 108 -7.68 19.92 -57.83
C GLU N 108 -8.46 20.55 -58.98
N GLU N 109 -7.76 20.90 -60.06
CA GLU N 109 -8.43 21.53 -61.20
C GLU N 109 -9.36 20.54 -61.89
N LEU N 110 -8.91 19.30 -62.03
CA LEU N 110 -9.69 18.26 -62.70
C LEU N 110 -10.94 17.93 -61.92
N LYS N 111 -10.84 17.84 -60.59
CA LYS N 111 -12.03 17.56 -59.81
C LYS N 111 -12.99 18.75 -59.80
N LYS N 112 -12.45 19.96 -59.67
CA LYS N 112 -13.31 21.13 -59.61
C LYS N 112 -13.98 21.41 -60.96
N ASN N 113 -13.25 21.20 -62.05
CA ASN N 113 -13.76 21.47 -63.41
C ASN N 113 -13.30 20.36 -64.34
N PRO N 114 -14.03 19.25 -64.39
CA PRO N 114 -13.51 18.04 -65.05
C PRO N 114 -13.53 18.11 -66.58
N SER N 115 -12.81 19.10 -67.12
CA SER N 115 -12.66 19.25 -68.56
C SER N 115 -11.77 18.15 -69.11
N GLU N 116 -12.06 17.73 -70.36
CA GLU N 116 -11.25 16.69 -70.98
C GLU N 116 -9.79 17.11 -71.02
N ASP N 117 -9.53 18.40 -71.23
CA ASP N 117 -8.15 18.88 -71.27
C ASP N 117 -7.46 18.61 -69.95
N ALA N 118 -8.22 18.66 -68.84
CA ALA N 118 -7.61 18.39 -67.55
C ALA N 118 -7.23 16.91 -67.44
N LEU N 119 -8.01 16.03 -68.07
CA LEU N 119 -7.64 14.62 -68.02
C LEU N 119 -6.38 14.39 -68.84
N VAL N 120 -6.27 15.10 -69.96
CA VAL N 120 -5.07 14.96 -70.79
C VAL N 120 -3.86 15.46 -70.00
N GLU N 121 -4.01 16.58 -69.31
CA GLU N 121 -2.93 17.12 -68.51
C GLU N 121 -2.58 16.16 -67.39
N HIS N 122 -3.57 15.50 -66.82
CA HIS N 122 -3.32 14.50 -65.77
C HIS N 122 -2.42 13.39 -66.31
N ASN N 123 -2.77 12.84 -67.48
CA ASN N 123 -1.95 11.75 -67.99
C ASN N 123 -0.56 12.24 -68.35
N ARG N 124 -0.45 13.49 -68.82
CA ARG N 124 0.88 14.02 -69.13
C ARG N 124 1.71 14.11 -67.85
N ALA N 125 1.11 14.61 -66.77
CA ALA N 125 1.81 14.73 -65.51
C ALA N 125 2.24 13.37 -64.99
N ILE N 126 1.40 12.35 -65.19
CA ILE N 126 1.77 11.01 -64.74
C ILE N 126 2.99 10.52 -65.51
N VAL N 127 3.01 10.76 -66.83
CA VAL N 127 4.16 10.32 -67.61
C VAL N 127 5.42 11.05 -67.17
N GLU N 128 5.32 12.36 -66.93
CA GLU N 128 6.51 13.09 -66.46
C GLU N 128 6.97 12.54 -65.13
N HIS N 129 6.04 12.22 -64.25
CA HIS N 129 6.41 11.70 -62.94
C HIS N 129 7.15 10.38 -63.09
N ASN N 130 6.67 9.50 -63.96
CA ASN N 130 7.38 8.23 -64.13
C ASN N 130 8.76 8.45 -64.73
N ALA N 131 8.90 9.41 -65.65
CA ALA N 131 10.23 9.69 -66.19
C ALA N 131 11.16 10.17 -65.09
N ILE N 132 10.62 10.95 -64.16
CA ILE N 132 11.44 11.45 -63.05
C ILE N 132 11.83 10.28 -62.16
N ILE N 133 10.89 9.38 -61.86
CA ILE N 133 11.24 8.23 -61.02
C ILE N 133 12.36 7.45 -61.67
N VAL N 134 12.28 7.25 -62.99
CA VAL N 134 13.30 6.47 -63.67
C VAL N 134 14.66 7.14 -63.55
N GLU N 135 14.72 8.45 -63.72
CA GLU N 135 16.00 9.12 -63.56
C GLU N 135 16.48 9.02 -62.13
N ASN N 136 15.57 9.16 -61.17
CA ASN N 136 15.94 9.08 -59.77
C ASN N 136 16.53 7.72 -59.44
N ASN N 137 15.90 6.65 -59.94
CA ASN N 137 16.41 5.32 -59.61
C ASN N 137 17.71 5.04 -60.31
N ARG N 138 17.91 5.59 -61.51
CA ARG N 138 19.21 5.43 -62.15
C ARG N 138 20.28 6.08 -61.30
N ILE N 139 20.01 7.28 -60.81
CA ILE N 139 20.96 8.02 -59.99
C ILE N 139 21.23 7.28 -58.70
N ILE N 140 20.17 6.76 -58.05
CA ILE N 140 20.38 6.02 -56.82
C ILE N 140 21.20 4.76 -57.08
N ALA N 141 20.92 4.04 -58.16
CA ALA N 141 21.71 2.84 -58.43
C ALA N 141 23.18 3.21 -58.59
N ALA N 142 23.45 4.34 -59.26
CA ALA N 142 24.82 4.78 -59.43
C ALA N 142 25.46 5.13 -58.10
N VAL N 143 24.72 5.80 -57.22
CA VAL N 143 25.30 6.17 -55.94
C VAL N 143 25.51 4.92 -55.10
N LEU N 144 24.62 3.93 -55.23
CA LEU N 144 24.80 2.70 -54.48
C LEU N 144 26.07 2.00 -54.93
N GLU N 145 26.33 1.99 -56.23
CA GLU N 145 27.56 1.37 -56.70
C GLU N 145 28.76 2.13 -56.15
N LEU N 146 28.66 3.47 -56.10
CA LEU N 146 29.76 4.26 -55.55
C LEU N 146 29.97 3.95 -54.07
N ILE N 147 28.88 3.76 -53.33
CA ILE N 147 28.99 3.45 -51.91
C ILE N 147 29.61 2.07 -51.73
N VAL N 148 29.15 1.09 -52.51
CA VAL N 148 29.66 -0.27 -52.37
C VAL N 148 31.14 -0.29 -52.69
N ARG N 149 31.55 0.44 -53.72
CA ARG N 149 32.97 0.51 -54.06
C ARG N 149 33.75 1.26 -52.98
N ALA N 150 33.21 2.38 -52.51
CA ALA N 150 33.89 3.19 -51.50
C ALA N 150 34.11 2.43 -50.21
N LEU N 151 33.17 1.55 -49.84
CA LEU N 151 33.31 0.81 -48.59
C LEU N 151 34.04 -0.51 -48.79
N ASN N 152 34.48 -0.80 -50.01
CA ASN N 152 35.20 -2.03 -50.33
C ASN N 152 34.46 -3.27 -49.86
N LEU N 153 33.16 -3.36 -50.14
CA LEU N 153 32.41 -4.52 -49.69
C LEU N 153 32.66 -5.68 -50.65
N THR N 154 32.76 -6.88 -50.08
CA THR N 154 32.93 -8.10 -50.83
C THR N 154 31.79 -9.09 -50.62
N ASP N 155 30.80 -8.74 -49.81
CA ASP N 155 29.74 -9.67 -49.46
C ASP N 155 29.04 -10.15 -50.73
N ALA N 156 29.00 -11.47 -50.91
CA ALA N 156 28.38 -12.00 -52.11
C ALA N 156 26.94 -11.53 -52.25
N GLU N 157 26.25 -11.33 -51.13
CA GLU N 157 24.86 -10.90 -51.20
C GLU N 157 24.74 -9.51 -51.79
N VAL N 158 25.69 -8.62 -51.50
CA VAL N 158 25.54 -7.26 -52.02
C VAL N 158 25.87 -7.25 -53.50
N ILE N 159 26.83 -8.08 -53.93
CA ILE N 159 27.20 -8.12 -55.34
C ILE N 159 26.02 -8.64 -56.13
N LYS N 160 25.38 -9.70 -55.63
CA LYS N 160 24.22 -10.25 -56.32
C LYS N 160 23.09 -9.23 -56.34
N ALA N 161 22.90 -8.51 -55.24
CA ALA N 161 21.83 -7.51 -55.20
C ALA N 161 22.10 -6.42 -56.23
N LEU N 162 23.36 -6.03 -56.40
CA LEU N 162 23.67 -5.01 -57.40
C LEU N 162 23.40 -5.54 -58.80
N ILE N 163 23.68 -6.83 -59.04
CA ILE N 163 23.40 -7.39 -60.36
C ILE N 163 21.90 -7.36 -60.61
N GLU N 164 21.12 -7.75 -59.60
CA GLU N 164 19.67 -7.75 -59.75
C GLU N 164 19.17 -6.33 -60.00
N LEU N 165 19.80 -5.36 -59.33
CA LEU N 165 19.41 -3.97 -59.53
C LEU N 165 19.67 -3.55 -60.96
N ARG N 166 20.86 -3.87 -61.48
CA ARG N 166 21.19 -3.46 -62.83
C ARG N 166 20.18 -4.04 -63.82
N LEU N 167 19.82 -5.31 -63.62
CA LEU N 167 18.86 -5.92 -64.54
C LEU N 167 17.49 -5.27 -64.40
N SER N 168 17.08 -4.94 -63.17
CA SER N 168 15.79 -4.32 -63.01
C SER N 168 15.79 -2.90 -63.56
N THR N 169 16.95 -2.24 -63.56
CA THR N 169 16.96 -0.90 -64.14
C THR N 169 16.88 -1.00 -65.66
N LEU N 170 17.38 -2.10 -66.23
CA LEU N 170 17.24 -2.25 -67.67
C LEU N 170 15.77 -2.46 -68.01
N GLU N 171 15.10 -3.27 -67.19
CA GLU N 171 13.68 -3.52 -67.43
C GLU N 171 12.89 -2.25 -67.24
N LEU N 172 13.25 -1.45 -66.23
CA LEU N 172 12.53 -0.22 -65.96
C LEU N 172 12.70 0.77 -67.09
N VAL N 173 13.91 0.92 -67.63
CA VAL N 173 14.09 1.85 -68.73
C VAL N 173 13.31 1.40 -69.96
N ALA N 174 13.38 0.10 -70.29
CA ALA N 174 12.63 -0.35 -71.46
C ALA N 174 11.14 -0.16 -71.25
N ALA N 175 10.64 -0.44 -70.05
CA ALA N 175 9.22 -0.26 -69.80
C ALA N 175 8.84 1.21 -69.89
N THR N 176 9.74 2.10 -69.45
CA THR N 176 9.44 3.52 -69.51
C THR N 176 9.31 3.97 -70.95
N ALA N 177 10.22 3.52 -71.81
CA ALA N 177 10.13 3.90 -73.22
C ALA N 177 8.83 3.38 -73.81
N SER N 178 8.44 2.16 -73.44
CA SER N 178 7.19 1.62 -73.96
C SER N 178 6.00 2.44 -73.49
N LEU N 179 6.03 2.87 -72.23
CA LEU N 179 4.94 3.67 -71.69
C LEU N 179 4.86 5.01 -72.42
N ARG N 180 6.01 5.62 -72.68
CA ARG N 180 5.97 6.90 -73.39
C ARG N 180 5.38 6.72 -74.78
N GLU N 181 5.75 5.63 -75.45
CA GLU N 181 5.21 5.42 -76.80
C GLU N 181 3.71 5.19 -76.74
N ILE N 182 3.24 4.46 -75.74
CA ILE N 182 1.81 4.20 -75.63
C ILE N 182 1.08 5.51 -75.37
N THR N 183 1.63 6.36 -74.50
CA THR N 183 1.01 7.64 -74.20
C THR N 183 0.94 8.50 -75.46
N GLU N 184 2.01 8.52 -76.25
CA GLU N 184 1.99 9.32 -77.47
C GLU N 184 0.93 8.80 -78.44
N GLU N 185 0.78 7.48 -78.52
CA GLU N 185 -0.23 6.94 -79.42
C GLU N 185 -1.62 7.32 -78.92
N LEU N 186 -1.81 7.29 -77.60
CA LEU N 186 -3.10 7.71 -77.05
C LEU N 186 -3.40 9.16 -77.37
N LYS N 187 -2.39 10.01 -77.18
CA LYS N 187 -2.56 11.44 -77.45
C LYS N 187 -2.93 11.69 -78.91
N LYS N 188 -2.27 11.00 -79.84
CA LYS N 188 -2.59 11.21 -81.25
C LYS N 188 -3.99 10.72 -81.62
N ASN N 189 -4.42 9.59 -81.08
CA ASN N 189 -5.73 9.01 -81.40
C ASN N 189 -6.48 8.62 -80.13
N PRO N 190 -6.92 9.60 -79.34
CA PRO N 190 -7.57 9.26 -78.06
C PRO N 190 -8.87 8.49 -78.29
N SER N 191 -9.09 7.49 -77.44
CA SER N 191 -10.28 6.66 -77.52
C SER N 191 -10.44 5.92 -76.20
N GLU N 192 -11.62 5.31 -76.02
CA GLU N 192 -11.85 4.52 -74.82
C GLU N 192 -10.96 3.29 -74.78
N ASP N 193 -10.73 2.66 -75.93
CA ASP N 193 -9.90 1.45 -75.92
C ASP N 193 -8.45 1.83 -75.73
N ALA N 194 -8.03 2.93 -76.34
CA ALA N 194 -6.65 3.38 -76.18
C ALA N 194 -6.44 3.82 -74.74
N LEU N 195 -7.46 4.44 -74.15
CA LEU N 195 -7.32 4.92 -72.77
C LEU N 195 -7.23 3.75 -71.80
N VAL N 196 -8.00 2.69 -72.01
CA VAL N 196 -7.91 1.56 -71.10
C VAL N 196 -6.58 0.85 -71.31
N GLU N 197 -6.08 0.80 -72.55
CA GLU N 197 -4.79 0.17 -72.78
C GLU N 197 -3.68 0.98 -72.12
N HIS N 198 -3.80 2.30 -72.16
CA HIS N 198 -2.82 3.17 -71.53
C HIS N 198 -2.84 2.96 -70.02
N ASN N 199 -4.03 2.87 -69.44
CA ASN N 199 -4.12 2.65 -67.99
C ASN N 199 -3.51 1.31 -67.62
N ARG N 200 -3.68 0.29 -68.47
CA ARG N 200 -3.04 -0.98 -68.18
C ARG N 200 -1.52 -0.84 -68.25
N ALA N 201 -1.04 -0.09 -69.24
CA ALA N 201 0.41 0.12 -69.36
C ALA N 201 0.94 0.79 -68.10
N ILE N 202 0.15 1.72 -67.55
CA ILE N 202 0.54 2.39 -66.31
C ILE N 202 0.59 1.40 -65.16
N VAL N 203 -0.40 0.52 -65.06
CA VAL N 203 -0.36 -0.43 -63.94
C VAL N 203 0.88 -1.31 -64.05
N GLU N 204 1.20 -1.78 -65.26
CA GLU N 204 2.38 -2.62 -65.42
C GLU N 204 3.65 -1.84 -65.08
N HIS N 205 3.70 -0.58 -65.50
CA HIS N 205 4.87 0.24 -65.22
C HIS N 205 5.02 0.45 -63.72
N ASN N 206 3.92 0.74 -63.02
CA ASN N 206 4.03 0.93 -61.58
C ASN N 206 4.49 -0.35 -60.91
N ALA N 207 4.04 -1.51 -61.39
CA ALA N 207 4.50 -2.77 -60.81
C ALA N 207 6.00 -2.91 -60.99
N ILE N 208 6.52 -2.47 -62.15
CA ILE N 208 7.95 -2.54 -62.38
C ILE N 208 8.68 -1.59 -61.45
N ILE N 209 8.14 -0.39 -61.25
CA ILE N 209 8.76 0.55 -60.32
C ILE N 209 8.80 -0.05 -58.94
N VAL N 210 7.72 -0.72 -58.53
CA VAL N 210 7.68 -1.33 -57.21
C VAL N 210 8.78 -2.38 -57.08
N GLU N 211 8.98 -3.20 -58.11
CA GLU N 211 10.05 -4.19 -58.05
C GLU N 211 11.42 -3.53 -58.00
N ASN N 212 11.61 -2.46 -58.76
CA ASN N 212 12.90 -1.77 -58.75
C ASN N 212 13.18 -1.19 -57.37
N ASN N 213 12.15 -0.64 -56.72
CA ASN N 213 12.34 -0.10 -55.39
C ASN N 213 12.58 -1.21 -54.39
N ARG N 214 11.98 -2.38 -54.60
CA ARG N 214 12.24 -3.49 -53.69
C ARG N 214 13.71 -3.86 -53.74
N ILE N 215 14.27 -3.92 -54.95
CA ILE N 215 15.68 -4.29 -55.07
C ILE N 215 16.55 -3.21 -54.45
N ILE N 216 16.24 -1.94 -54.70
CA ILE N 216 17.03 -0.86 -54.10
C ILE N 216 17.00 -0.98 -52.59
N ALA N 217 15.81 -1.23 -52.03
CA ALA N 217 15.70 -1.39 -50.59
C ALA N 217 16.55 -2.55 -50.09
N ALA N 218 16.58 -3.64 -50.84
CA ALA N 218 17.41 -4.78 -50.42
C ALA N 218 18.89 -4.40 -50.42
N VAL N 219 19.31 -3.61 -51.41
CA VAL N 219 20.71 -3.22 -51.45
C VAL N 219 21.04 -2.33 -50.28
N LEU N 220 20.16 -1.38 -49.96
CA LEU N 220 20.43 -0.50 -48.82
C LEU N 220 20.44 -1.30 -47.53
N GLU N 221 19.53 -2.26 -47.40
CA GLU N 221 19.52 -3.09 -46.20
C GLU N 221 20.85 -3.80 -46.03
N LEU N 222 21.39 -4.34 -47.13
CA LEU N 222 22.66 -5.04 -47.07
C LEU N 222 23.82 -4.10 -46.75
N ILE N 223 23.78 -2.87 -47.28
CA ILE N 223 24.84 -1.92 -46.98
C ILE N 223 24.79 -1.47 -45.53
N VAL N 224 23.61 -1.17 -45.02
CA VAL N 224 23.49 -0.66 -43.66
C VAL N 224 23.76 -1.77 -42.65
N GLY N 225 23.17 -2.94 -42.88
CA GLY N 225 23.32 -4.05 -41.96
C GLY N 225 24.47 -4.97 -42.32
N GLY O 2 37.33 19.11 -49.54
CA GLY O 2 36.80 17.71 -49.63
C GLY O 2 35.44 17.57 -48.98
N SER O 3 35.43 17.11 -47.73
CA SER O 3 34.18 16.87 -47.02
C SER O 3 33.41 18.15 -46.77
N GLU O 4 34.09 19.31 -46.85
CA GLU O 4 33.42 20.58 -46.60
C GLU O 4 32.28 20.79 -47.59
N VAL O 5 32.45 20.35 -48.84
CA VAL O 5 31.42 20.55 -49.84
C VAL O 5 30.48 19.35 -49.89
N GLU O 6 31.04 18.15 -49.80
CA GLU O 6 30.20 16.95 -49.83
C GLU O 6 29.11 17.02 -48.77
N ILE O 7 29.49 17.51 -47.57
CA ILE O 7 28.51 17.60 -46.49
C ILE O 7 27.50 18.70 -46.79
N LEU O 8 27.92 19.80 -47.42
CA LEU O 8 26.96 20.84 -47.77
C LEU O 8 25.95 20.30 -48.76
N LYS O 9 26.41 19.43 -49.67
CA LYS O 9 25.48 18.83 -50.63
C LYS O 9 24.54 17.88 -49.93
N ALA O 10 25.05 17.13 -48.95
CA ALA O 10 24.16 16.24 -48.20
C ALA O 10 23.08 17.06 -47.49
N LEU O 11 23.45 18.23 -46.95
CA LEU O 11 22.44 19.06 -46.30
C LEU O 11 21.43 19.58 -47.31
N LEU O 12 21.90 19.91 -48.50
CA LEU O 12 20.98 20.35 -49.55
C LEU O 12 20.02 19.23 -49.90
N GLU O 13 20.54 18.00 -49.98
CA GLU O 13 19.70 16.85 -50.26
C GLU O 13 18.64 16.69 -49.18
N LEU O 14 19.02 16.84 -47.92
CA LEU O 14 18.02 16.66 -46.87
C LEU O 14 16.93 17.72 -46.99
N LYS O 15 17.32 18.95 -47.32
CA LYS O 15 16.34 20.01 -47.51
C LYS O 15 15.39 19.68 -48.64
N LYS O 16 15.91 19.15 -49.75
CA LYS O 16 15.05 18.88 -50.89
C LYS O 16 14.18 17.65 -50.66
N SER O 17 14.69 16.63 -49.98
CA SER O 17 13.85 15.47 -49.77
C SER O 17 12.77 15.80 -48.75
N THR O 18 13.06 16.73 -47.83
CA THR O 18 12.05 17.16 -46.89
C THR O 18 10.94 17.90 -47.61
N ALA O 19 11.31 18.82 -48.52
CA ALA O 19 10.29 19.54 -49.26
C ALA O 19 9.46 18.56 -50.08
N GLU O 20 10.10 17.55 -50.65
CA GLU O 20 9.37 16.54 -51.39
C GLU O 20 8.38 15.83 -50.48
N LEU O 21 8.82 15.46 -49.28
CA LEU O 21 7.94 14.73 -48.39
C LEU O 21 6.72 15.57 -48.07
N LYS O 22 6.92 16.85 -47.78
CA LYS O 22 5.80 17.71 -47.44
C LYS O 22 4.83 17.82 -48.60
N ARG O 23 5.34 17.96 -49.83
CA ARG O 23 4.45 18.07 -50.98
C ARG O 23 3.75 16.75 -51.29
N ALA O 24 4.46 15.63 -51.16
CA ALA O 24 3.84 14.35 -51.43
C ALA O 24 2.73 14.09 -50.43
N THR O 25 2.95 14.50 -49.18
CA THR O 25 1.95 14.31 -48.14
C THR O 25 0.73 15.18 -48.46
N ALA O 26 0.99 16.41 -48.91
CA ALA O 26 -0.12 17.28 -49.27
C ALA O 26 -0.95 16.68 -50.38
N SER O 27 -0.31 16.04 -51.37
CA SER O 27 -1.14 15.44 -52.40
C SER O 27 -1.84 14.21 -51.85
N LEU O 28 -1.21 13.50 -50.91
CA LEU O 28 -1.86 12.32 -50.34
C LEU O 28 -3.22 12.71 -49.82
N ARG O 29 -3.25 13.81 -49.06
CA ARG O 29 -4.49 14.25 -48.45
C ARG O 29 -5.44 14.88 -49.46
N ALA O 30 -4.93 15.66 -50.40
CA ALA O 30 -5.82 16.27 -51.38
C ALA O 30 -6.51 15.17 -52.15
N ILE O 31 -5.78 14.07 -52.40
CA ILE O 31 -6.32 12.96 -53.14
C ILE O 31 -7.44 12.30 -52.34
N THR O 32 -7.18 12.01 -51.07
CA THR O 32 -8.20 11.33 -50.28
C THR O 32 -9.49 12.15 -50.21
N GLU O 33 -9.35 13.45 -49.91
CA GLU O 33 -10.52 14.32 -49.79
C GLU O 33 -11.24 14.56 -51.10
N GLU O 34 -10.52 14.72 -52.21
CA GLU O 34 -11.25 15.01 -53.44
C GLU O 34 -11.78 13.76 -54.09
N LEU O 35 -11.05 12.65 -54.02
CA LEU O 35 -11.52 11.48 -54.73
C LEU O 35 -12.65 10.80 -53.97
N LYS O 36 -12.69 10.88 -52.63
CA LYS O 36 -13.79 10.19 -51.96
C LYS O 36 -15.13 10.82 -52.36
N LYS O 37 -15.10 12.04 -52.90
CA LYS O 37 -16.30 12.71 -53.34
C LYS O 37 -16.98 11.95 -54.48
N ASN O 38 -16.19 11.28 -55.32
CA ASN O 38 -16.72 10.54 -56.47
C ASN O 38 -15.79 9.39 -56.79
N PRO O 39 -15.97 8.24 -56.14
CA PRO O 39 -15.08 7.09 -56.39
C PRO O 39 -15.07 6.59 -57.82
N SER O 40 -16.00 7.04 -58.69
CA SER O 40 -16.00 6.56 -60.06
C SER O 40 -14.81 7.08 -60.86
N GLU O 41 -14.08 8.07 -60.36
CA GLU O 41 -12.88 8.57 -61.02
C GLU O 41 -11.72 7.67 -60.60
N ASP O 42 -11.74 6.45 -61.13
CA ASP O 42 -10.84 5.40 -60.66
C ASP O 42 -9.41 5.67 -61.09
N ALA O 43 -9.21 6.08 -62.35
CA ALA O 43 -7.87 6.29 -62.85
C ALA O 43 -7.16 7.38 -62.06
N LEU O 44 -7.88 8.45 -61.72
CA LEU O 44 -7.24 9.55 -61.01
C LEU O 44 -6.82 9.14 -59.60
N VAL O 45 -7.67 8.42 -58.89
CA VAL O 45 -7.32 8.07 -57.52
C VAL O 45 -6.24 7.00 -57.50
N GLU O 46 -6.31 6.04 -58.41
CA GLU O 46 -5.31 4.97 -58.38
C GLU O 46 -3.96 5.51 -58.83
N HIS O 47 -3.95 6.42 -59.80
CA HIS O 47 -2.69 6.95 -60.27
C HIS O 47 -2.07 7.83 -59.20
N ASN O 48 -2.88 8.65 -58.54
CA ASN O 48 -2.31 9.52 -57.54
C ASN O 48 -1.84 8.73 -56.33
N ARG O 49 -2.54 7.64 -55.97
CA ARG O 49 -2.05 6.86 -54.85
C ARG O 49 -0.72 6.20 -55.19
N ALA O 50 -0.58 5.73 -56.43
CA ALA O 50 0.69 5.15 -56.81
C ALA O 50 1.78 6.19 -56.73
N ILE O 51 1.46 7.43 -57.13
CA ILE O 51 2.43 8.52 -57.10
C ILE O 51 2.88 8.76 -55.68
N VAL O 52 1.92 8.76 -54.75
CA VAL O 52 2.24 8.97 -53.34
C VAL O 52 3.13 7.87 -52.81
N GLU O 53 2.83 6.62 -53.14
CA GLU O 53 3.69 5.54 -52.65
C GLU O 53 5.09 5.66 -53.22
N HIS O 54 5.21 6.07 -54.49
CA HIS O 54 6.52 6.18 -55.08
C HIS O 54 7.33 7.25 -54.38
N ASN O 55 6.69 8.37 -54.07
CA ASN O 55 7.42 9.44 -53.40
C ASN O 55 7.80 9.03 -51.99
N ALA O 56 6.91 8.33 -51.28
CA ALA O 56 7.24 7.93 -49.92
C ALA O 56 8.47 7.03 -49.92
N ILE O 57 8.54 6.13 -50.90
CA ILE O 57 9.70 5.24 -50.99
C ILE O 57 10.95 6.04 -51.31
N ILE O 58 10.85 6.98 -52.25
CA ILE O 58 12.03 7.77 -52.61
C ILE O 58 12.54 8.55 -51.41
N VAL O 59 11.64 9.14 -50.63
CA VAL O 59 12.06 9.89 -49.46
C VAL O 59 12.76 8.99 -48.45
N GLU O 60 12.23 7.78 -48.22
CA GLU O 60 12.89 6.90 -47.28
C GLU O 60 14.27 6.48 -47.79
N ASN O 61 14.39 6.24 -49.10
CA ASN O 61 15.68 5.88 -49.64
C ASN O 61 16.67 7.03 -49.52
N ASN O 62 16.22 8.26 -49.73
CA ASN O 62 17.14 9.38 -49.61
C ASN O 62 17.63 9.49 -48.19
N ARG O 63 16.76 9.25 -47.22
CA ARG O 63 17.19 9.30 -45.83
C ARG O 63 18.27 8.26 -45.56
N ILE O 64 18.08 7.04 -46.05
CA ILE O 64 19.05 5.99 -45.78
C ILE O 64 20.37 6.28 -46.48
N ILE O 65 20.29 6.74 -47.73
CA ILE O 65 21.51 7.03 -48.48
C ILE O 65 22.31 8.11 -47.77
N ALA O 66 21.63 9.17 -47.33
CA ALA O 66 22.34 10.22 -46.62
C ALA O 66 22.95 9.66 -45.34
N ALA O 67 22.25 8.76 -44.66
CA ALA O 67 22.79 8.18 -43.44
C ALA O 67 24.09 7.43 -43.70
N VAL O 68 24.18 6.75 -44.85
CA VAL O 68 25.41 6.02 -45.18
C VAL O 68 26.51 6.99 -45.60
N LEU O 69 26.15 7.95 -46.43
CA LEU O 69 27.17 8.87 -46.90
C LEU O 69 27.75 9.66 -45.76
N MET O 70 26.97 9.92 -44.69
CA MET O 70 27.57 10.59 -43.55
C MET O 70 28.68 9.78 -42.93
N LEU O 71 28.65 8.45 -43.08
CA LEU O 71 29.72 7.63 -42.52
C LEU O 71 30.94 7.75 -43.41
N ILE O 72 30.70 7.87 -44.71
CA ILE O 72 31.87 8.04 -45.59
C ILE O 72 32.48 9.41 -45.31
N VAL O 73 31.63 10.42 -45.14
CA VAL O 73 32.09 11.79 -44.89
C VAL O 73 32.89 11.85 -43.60
N VAL O 74 32.42 11.17 -42.55
CA VAL O 74 33.17 11.23 -41.30
C VAL O 74 34.52 10.57 -41.47
N ALA O 75 34.58 9.49 -42.25
CA ALA O 75 35.89 8.89 -42.50
C ALA O 75 36.79 9.87 -43.26
N VAL O 76 36.22 10.60 -44.21
CA VAL O 76 36.98 11.55 -45.02
C VAL O 76 37.53 12.69 -44.19
N GLY O 77 36.72 13.21 -43.26
CA GLY O 77 37.14 14.35 -42.45
C GLY O 77 38.37 14.13 -41.58
N MET O 78 38.81 12.89 -41.42
CA MET O 78 39.97 12.58 -40.61
C MET O 78 41.25 12.49 -41.43
N THR O 79 41.19 12.88 -42.72
CA THR O 79 42.35 12.79 -43.58
C THR O 79 43.58 13.45 -42.98
N GLN O 80 43.44 14.66 -42.42
CA GLN O 80 44.62 15.33 -41.89
C GLN O 80 45.10 14.69 -40.59
N GLU O 81 44.20 14.14 -39.79
CA GLU O 81 44.62 13.51 -38.56
C GLU O 81 45.40 12.25 -38.88
N ILE O 82 44.96 11.53 -39.91
CA ILE O 82 45.64 10.32 -40.31
C ILE O 82 46.98 10.68 -40.93
N LYS O 83 47.00 11.67 -41.81
CA LYS O 83 48.24 12.10 -42.42
C LYS O 83 49.28 12.46 -41.37
N LYS O 84 48.88 13.19 -40.33
CA LYS O 84 49.85 13.55 -39.30
C LYS O 84 50.29 12.32 -38.51
N ALA O 85 49.37 11.40 -38.22
CA ALA O 85 49.77 10.19 -37.53
C ALA O 85 50.77 9.41 -38.36
N LEU O 86 50.57 9.36 -39.68
CA LEU O 86 51.51 8.67 -40.54
C LEU O 86 52.86 9.37 -40.56
N GLU O 87 52.86 10.70 -40.59
CA GLU O 87 54.15 11.38 -40.61
C GLU O 87 54.93 11.04 -39.34
N GLU O 88 54.23 10.96 -38.21
CA GLU O 88 54.89 10.59 -36.97
C GLU O 88 55.37 9.15 -37.02
N LEU O 89 54.57 8.26 -37.58
CA LEU O 89 54.94 6.85 -37.63
C LEU O 89 56.15 6.65 -38.52
N VAL O 90 56.21 7.41 -39.63
CA VAL O 90 57.34 7.30 -40.53
C VAL O 90 58.60 7.80 -39.84
N ALA O 91 58.51 8.93 -39.14
CA ALA O 91 59.68 9.42 -38.44
C ALA O 91 60.14 8.43 -37.39
N SER O 92 59.18 7.79 -36.70
CA SER O 92 59.53 6.80 -35.69
C SER O 92 60.23 5.61 -36.32
N THR O 93 59.72 5.13 -37.45
CA THR O 93 60.34 4.00 -38.13
C THR O 93 61.77 4.33 -38.54
N ALA O 94 61.97 5.53 -39.10
CA ALA O 94 63.32 5.92 -39.51
C ALA O 94 64.24 5.98 -38.29
N GLU O 95 63.74 6.49 -37.17
CA GLU O 95 64.60 6.56 -35.99
C GLU O 95 64.91 5.16 -35.49
N LEU O 96 63.95 4.26 -35.58
CA LEU O 96 64.17 2.90 -35.12
C LEU O 96 65.24 2.25 -35.99
N LYS O 97 65.18 2.49 -37.30
CA LYS O 97 66.19 1.96 -38.20
C LYS O 97 67.57 2.49 -37.84
N ARG O 98 67.68 3.78 -37.55
CA ARG O 98 68.98 4.33 -37.19
C ARG O 98 69.49 3.70 -35.92
N ALA O 99 68.60 3.50 -34.93
CA ALA O 99 69.02 2.86 -33.70
C ALA O 99 69.47 1.43 -33.95
N THR O 100 68.78 0.72 -34.84
CA THR O 100 69.15 -0.65 -35.14
C THR O 100 70.51 -0.71 -35.81
N ALA O 101 70.77 0.17 -36.78
CA ALA O 101 72.06 0.17 -37.44
C ALA O 101 73.16 0.50 -36.44
N SER O 102 72.87 1.44 -35.54
CA SER O 102 73.87 1.80 -34.54
C SER O 102 74.16 0.61 -33.64
N LEU O 103 73.11 -0.10 -33.22
CA LEU O 103 73.29 -1.24 -32.36
C LEU O 103 74.09 -2.33 -33.06
N ARG O 104 73.81 -2.56 -34.34
CA ARG O 104 74.55 -3.58 -35.08
C ARG O 104 76.04 -3.22 -35.10
N ALA O 105 76.34 -1.96 -35.40
CA ALA O 105 77.74 -1.56 -35.44
C ALA O 105 78.38 -1.71 -34.07
N ILE O 106 77.63 -1.39 -33.01
CA ILE O 106 78.16 -1.55 -31.66
C ILE O 106 78.42 -3.01 -31.38
N THR O 107 77.50 -3.89 -31.76
CA THR O 107 77.69 -5.32 -31.52
C THR O 107 78.97 -5.81 -32.20
N GLU O 108 79.18 -5.39 -33.44
CA GLU O 108 80.39 -5.81 -34.15
C GLU O 108 81.64 -5.27 -33.46
N GLU O 109 81.59 -4.01 -33.00
CA GLU O 109 82.76 -3.44 -32.34
C GLU O 109 83.02 -4.12 -31.01
N LEU O 110 81.95 -4.42 -30.27
CA LEU O 110 82.07 -5.05 -28.96
C LEU O 110 82.62 -6.45 -29.08
N LYS O 111 82.16 -7.21 -30.07
CA LYS O 111 82.69 -8.56 -30.22
C LYS O 111 84.13 -8.54 -30.72
N LYS O 112 84.43 -7.65 -31.67
CA LYS O 112 85.78 -7.60 -32.22
C LYS O 112 86.78 -7.07 -31.19
N ASN O 113 86.37 -6.08 -30.39
CA ASN O 113 87.23 -5.45 -29.39
C ASN O 113 86.44 -5.20 -28.11
N PRO O 114 86.33 -6.20 -27.24
CA PRO O 114 85.36 -6.10 -26.12
C PRO O 114 85.80 -5.17 -25.01
N SER O 115 85.99 -3.91 -25.36
CA SER O 115 86.33 -2.87 -24.39
C SER O 115 85.12 -2.56 -23.52
N GLU O 116 85.38 -2.19 -22.26
CA GLU O 116 84.28 -1.85 -21.36
C GLU O 116 83.43 -0.73 -21.96
N ASP O 117 84.07 0.22 -22.64
CA ASP O 117 83.32 1.31 -23.24
C ASP O 117 82.32 0.77 -24.24
N ALA O 118 82.67 -0.32 -24.93
CA ALA O 118 81.74 -0.89 -25.90
C ALA O 118 80.54 -1.50 -25.19
N LEU O 119 80.73 -2.04 -23.98
CA LEU O 119 79.59 -2.58 -23.25
C LEU O 119 78.69 -1.44 -22.81
N VAL O 120 79.30 -0.32 -22.42
CA VAL O 120 78.51 0.84 -22.00
C VAL O 120 77.70 1.33 -23.20
N GLU O 121 78.33 1.40 -24.37
CA GLU O 121 77.63 1.83 -25.57
C GLU O 121 76.52 0.86 -25.92
N HIS O 122 76.75 -0.44 -25.71
CA HIS O 122 75.70 -1.42 -25.95
C HIS O 122 74.48 -1.12 -25.08
N ASN O 123 74.69 -0.92 -23.78
CA ASN O 123 73.54 -0.69 -22.92
C ASN O 123 72.86 0.64 -23.27
N ARG O 124 73.64 1.63 -23.67
CA ARG O 124 73.05 2.91 -24.06
C ARG O 124 72.17 2.70 -25.29
N ALA O 125 72.68 1.96 -26.28
CA ALA O 125 71.92 1.70 -27.48
C ALA O 125 70.65 0.92 -27.18
N ILE O 126 70.71 -0.01 -26.24
CA ILE O 126 69.51 -0.77 -25.88
C ILE O 126 68.47 0.16 -25.27
N VAL O 127 68.90 1.06 -24.39
CA VAL O 127 67.93 1.98 -23.80
C VAL O 127 67.34 2.89 -24.86
N GLU O 128 68.16 3.39 -25.78
CA GLU O 128 67.61 4.24 -26.83
C GLU O 128 66.62 3.46 -27.68
N HIS O 129 66.92 2.19 -27.94
CA HIS O 129 66.01 1.38 -28.74
C HIS O 129 64.68 1.23 -28.04
N ASN O 130 64.70 0.98 -26.73
CA ASN O 130 63.43 0.83 -26.02
C ASN O 130 62.66 2.14 -26.01
N ALA O 131 63.36 3.27 -25.87
CA ALA O 131 62.65 4.54 -25.91
C ALA O 131 61.97 4.73 -27.27
N ILE O 132 62.65 4.28 -28.33
CA ILE O 132 62.06 4.38 -29.67
C ILE O 132 60.85 3.47 -29.78
N ILE O 133 60.94 2.25 -29.23
CA ILE O 133 59.79 1.36 -29.30
C ILE O 133 58.61 2.00 -28.60
N VAL O 134 58.86 2.64 -27.46
CA VAL O 134 57.77 3.24 -26.70
C VAL O 134 57.11 4.34 -27.52
N GLU O 135 57.91 5.17 -28.18
CA GLU O 135 57.31 6.22 -29.01
C GLU O 135 56.55 5.60 -30.19
N ASN O 136 57.11 4.56 -30.80
CA ASN O 136 56.45 3.92 -31.92
C ASN O 136 55.10 3.36 -31.51
N ASN O 137 55.04 2.67 -30.37
CA ASN O 137 53.77 2.08 -29.96
C ASN O 137 52.78 3.14 -29.52
N ARG O 138 53.25 4.24 -28.94
CA ARG O 138 52.32 5.32 -28.63
C ARG O 138 51.68 5.84 -29.90
N ILE O 139 52.50 6.06 -30.93
CA ILE O 139 52.00 6.57 -32.20
C ILE O 139 51.04 5.57 -32.82
N ILE O 140 51.38 4.28 -32.79
CA ILE O 140 50.48 3.29 -33.35
C ILE O 140 49.17 3.26 -32.58
N ALA O 141 49.21 3.32 -31.25
CA ALA O 141 47.95 3.31 -30.51
C ALA O 141 47.10 4.49 -30.92
N ALA O 142 47.73 5.65 -31.13
CA ALA O 142 46.98 6.83 -31.55
C ALA O 142 46.38 6.63 -32.94
N VAL O 143 47.14 6.02 -33.85
CA VAL O 143 46.61 5.83 -35.19
C VAL O 143 45.50 4.78 -35.15
N LEU O 144 45.60 3.81 -34.25
CA LEU O 144 44.54 2.81 -34.15
C LEU O 144 43.27 3.49 -33.69
N GLU O 145 43.37 4.41 -32.74
CA GLU O 145 42.19 5.12 -32.30
C GLU O 145 41.61 5.92 -33.46
N LEU O 146 42.47 6.51 -34.29
CA LEU O 146 42.00 7.26 -35.44
C LEU O 146 41.30 6.35 -36.44
N ILE O 147 41.82 5.14 -36.63
CA ILE O 147 41.19 4.20 -37.55
C ILE O 147 39.84 3.76 -37.02
N VAL O 148 39.78 3.43 -35.74
CA VAL O 148 38.53 2.97 -35.15
C VAL O 148 37.48 4.05 -35.25
N ARG O 149 37.87 5.30 -34.99
CA ARG O 149 36.92 6.39 -35.12
C ARG O 149 36.53 6.60 -36.57
N ALA O 150 37.52 6.59 -37.48
CA ALA O 150 37.25 6.80 -38.90
C ALA O 150 36.35 5.73 -39.48
N LEU O 151 36.46 4.49 -39.01
CA LEU O 151 35.63 3.42 -39.55
C LEU O 151 34.33 3.27 -38.79
N ASN O 152 34.09 4.09 -37.77
CA ASN O 152 32.87 4.05 -36.98
C ASN O 152 32.59 2.65 -36.45
N LEU O 153 33.59 2.00 -35.88
CA LEU O 153 33.38 0.66 -35.37
C LEU O 153 32.71 0.73 -34.00
N THR O 154 31.79 -0.20 -33.76
CA THR O 154 31.10 -0.32 -32.49
C THR O 154 31.34 -1.66 -31.81
N ASP O 155 32.12 -2.55 -32.42
CA ASP O 155 32.29 -3.89 -31.89
C ASP O 155 32.83 -3.83 -30.47
N ALA O 156 32.10 -4.44 -29.54
CA ALA O 156 32.52 -4.39 -28.15
C ALA O 156 33.94 -4.93 -27.98
N GLU O 157 34.31 -5.91 -28.80
CA GLU O 157 35.64 -6.48 -28.67
C GLU O 157 36.72 -5.48 -29.03
N VAL O 158 36.46 -4.60 -30.00
CA VAL O 158 37.52 -3.67 -30.38
C VAL O 158 37.61 -2.58 -29.34
N ILE O 159 36.47 -2.19 -28.75
CA ILE O 159 36.49 -1.15 -27.73
C ILE O 159 37.25 -1.65 -26.51
N LYS O 160 36.97 -2.89 -26.10
CA LYS O 160 37.67 -3.45 -24.95
C LYS O 160 39.16 -3.57 -25.27
N ALA O 161 39.49 -3.98 -26.49
CA ALA O 161 40.89 -4.11 -26.84
C ALA O 161 41.59 -2.76 -26.76
N LEU O 162 40.91 -1.70 -27.19
CA LEU O 162 41.50 -0.37 -27.09
C LEU O 162 41.71 0.03 -25.65
N ILE O 163 40.77 -0.35 -24.77
CA ILE O 163 40.96 -0.02 -23.36
C ILE O 163 42.19 -0.74 -22.82
N GLU O 164 42.32 -2.03 -23.16
CA GLU O 164 43.47 -2.80 -22.70
C GLU O 164 44.74 -2.20 -23.24
N LEU O 165 44.70 -1.71 -24.49
CA LEU O 165 45.87 -1.09 -25.09
C LEU O 165 46.25 0.15 -24.33
N ARG O 166 45.27 1.00 -24.01
CA ARG O 166 45.57 2.24 -23.30
C ARG O 166 46.23 1.92 -21.96
N LEU O 167 45.70 0.91 -21.26
CA LEU O 167 46.27 0.56 -19.96
C LEU O 167 47.69 0.02 -20.12
N SER O 168 47.91 -0.79 -21.17
CA SER O 168 49.24 -1.34 -21.35
C SER O 168 50.21 -0.25 -21.77
N THR O 169 49.73 0.80 -22.44
CA THR O 169 50.66 1.86 -22.79
C THR O 169 51.01 2.66 -21.55
N LEU O 170 50.10 2.72 -20.57
CA LEU O 170 50.47 3.42 -19.34
C LEU O 170 51.53 2.61 -18.60
N GLU O 171 51.36 1.29 -18.58
CA GLU O 171 52.34 0.45 -17.90
C GLU O 171 53.67 0.54 -18.61
N LEU O 172 53.65 0.56 -19.95
CA LEU O 172 54.87 0.63 -20.72
C LEU O 172 55.61 1.95 -20.49
N VAL O 173 54.89 3.06 -20.45
CA VAL O 173 55.56 4.33 -20.23
C VAL O 173 56.18 4.38 -18.83
N ALA O 174 55.44 3.93 -17.81
CA ALA O 174 56.03 3.95 -16.48
C ALA O 174 57.24 3.03 -16.40
N ALA O 175 57.15 1.86 -17.02
CA ALA O 175 58.28 0.95 -17.00
C ALA O 175 59.47 1.54 -17.74
N THR O 176 59.21 2.27 -18.82
CA THR O 176 60.28 2.87 -19.58
C THR O 176 61.01 3.91 -18.74
N ALA O 177 60.26 4.73 -18.03
CA ALA O 177 60.89 5.73 -17.18
C ALA O 177 61.74 5.04 -16.11
N SER O 178 61.23 3.94 -15.56
CA SER O 178 62.00 3.22 -14.55
C SER O 178 63.28 2.65 -15.15
N LEU O 179 63.20 2.13 -16.37
CA LEU O 179 64.39 1.58 -17.01
C LEU O 179 65.41 2.67 -17.26
N ARG O 180 64.96 3.85 -17.70
CA ARG O 180 65.91 4.93 -17.93
C ARG O 180 66.60 5.32 -16.64
N GLU O 181 65.84 5.39 -15.55
CA GLU O 181 66.46 5.77 -14.28
C GLU O 181 67.46 4.71 -13.83
N ILE O 182 67.13 3.44 -14.03
CA ILE O 182 68.05 2.38 -13.61
C ILE O 182 69.32 2.46 -14.44
N THR O 183 69.19 2.68 -15.75
CA THR O 183 70.36 2.77 -16.60
C THR O 183 71.25 3.94 -16.16
N GLU O 184 70.65 5.08 -15.85
CA GLU O 184 71.45 6.23 -15.40
C GLU O 184 72.16 5.91 -14.09
N GLU O 185 71.48 5.20 -13.18
CA GLU O 185 72.13 4.87 -11.92
C GLU O 185 73.29 3.90 -12.15
N LEU O 186 73.12 2.96 -13.09
CA LEU O 186 74.20 2.04 -13.42
C LEU O 186 75.38 2.80 -13.98
N LYS O 187 75.12 3.73 -14.90
CA LYS O 187 76.18 4.53 -15.50
C LYS O 187 76.95 5.31 -14.46
N LYS O 188 76.24 5.93 -13.50
CA LYS O 188 76.92 6.71 -12.48
C LYS O 188 77.76 5.83 -11.55
N ASN O 189 77.26 4.65 -11.17
CA ASN O 189 77.96 3.76 -10.24
C ASN O 189 77.99 2.34 -10.77
N PRO O 190 78.75 2.09 -11.84
CA PRO O 190 78.75 0.75 -12.44
C PRO O 190 79.29 -0.29 -11.48
N SER O 191 78.66 -1.46 -11.46
CA SER O 191 79.08 -2.56 -10.60
C SER O 191 78.44 -3.84 -11.11
N GLU O 192 78.92 -4.96 -10.57
CA GLU O 192 78.35 -6.25 -10.95
C GLU O 192 76.91 -6.37 -10.47
N ASP O 193 76.61 -5.86 -9.28
CA ASP O 193 75.25 -5.99 -8.76
C ASP O 193 74.33 -5.04 -9.50
N ALA O 194 74.83 -3.83 -9.79
CA ALA O 194 74.02 -2.87 -10.52
C ALA O 194 73.79 -3.37 -11.94
N LEU O 195 74.81 -4.02 -12.51
CA LEU O 195 74.69 -4.51 -13.88
C LEU O 195 73.69 -5.64 -13.96
N VAL O 196 73.69 -6.55 -12.97
CA VAL O 196 72.72 -7.64 -13.04
C VAL O 196 71.32 -7.10 -12.78
N GLU O 197 71.19 -6.08 -11.92
CA GLU O 197 69.88 -5.50 -11.69
C GLU O 197 69.38 -4.82 -12.95
N HIS O 198 70.28 -4.16 -13.68
CA HIS O 198 69.93 -3.50 -14.92
C HIS O 198 69.48 -4.52 -15.96
N ASN O 199 70.21 -5.63 -16.08
CA ASN O 199 69.82 -6.66 -17.03
C ASN O 199 68.46 -7.23 -16.68
N ARG O 200 68.17 -7.37 -15.39
CA ARG O 200 66.85 -7.85 -15.00
C ARG O 200 65.80 -6.82 -15.38
N ALA O 201 66.10 -5.54 -15.18
CA ALA O 201 65.16 -4.49 -15.53
C ALA O 201 64.85 -4.55 -17.01
N ILE O 202 65.87 -4.86 -17.82
CA ILE O 202 65.69 -5.00 -19.25
C ILE O 202 64.79 -6.17 -19.57
N VAL O 203 64.98 -7.31 -18.90
CA VAL O 203 64.13 -8.45 -19.20
C VAL O 203 62.67 -8.12 -18.87
N GLU O 204 62.44 -7.47 -17.72
CA GLU O 204 61.08 -7.12 -17.34
C GLU O 204 60.49 -6.13 -18.35
N HIS O 205 61.30 -5.18 -18.80
CA HIS O 205 60.84 -4.20 -19.77
C HIS O 205 60.47 -4.88 -21.07
N ASN O 206 61.29 -5.81 -21.53
CA ASN O 206 60.97 -6.49 -22.78
C ASN O 206 59.69 -7.28 -22.63
N ALA O 207 59.47 -7.89 -21.47
CA ALA O 207 58.21 -8.62 -21.26
C ALA O 207 57.02 -7.67 -21.37
N ILE O 208 57.18 -6.45 -20.86
CA ILE O 208 56.10 -5.48 -20.95
C ILE O 208 55.87 -5.09 -22.40
N ILE O 209 56.95 -4.88 -23.15
CA ILE O 209 56.82 -4.53 -24.56
C ILE O 209 56.11 -5.65 -25.30
N VAL O 210 56.44 -6.90 -24.99
CA VAL O 210 55.80 -8.03 -25.66
C VAL O 210 54.31 -8.01 -25.39
N GLU O 211 53.91 -7.73 -24.15
CA GLU O 211 52.47 -7.67 -23.86
C GLU O 211 51.81 -6.52 -24.61
N ASN O 212 52.49 -5.38 -24.70
CA ASN O 212 51.91 -4.25 -25.43
C ASN O 212 51.74 -4.59 -26.90
N ASN O 213 52.72 -5.30 -27.48
CA ASN O 213 52.60 -5.68 -28.89
C ASN O 213 51.52 -6.73 -29.07
N ARG O 214 51.33 -7.60 -28.09
CA ARG O 214 50.25 -8.58 -28.20
C ARG O 214 48.92 -7.87 -28.28
N ILE O 215 48.73 -6.84 -27.44
CA ILE O 215 47.45 -6.13 -27.45
C ILE O 215 47.29 -5.40 -28.77
N ILE O 216 48.35 -4.76 -29.27
CA ILE O 216 48.24 -4.06 -30.55
C ILE O 216 47.85 -5.05 -31.64
N ALA O 217 48.48 -6.23 -31.63
CA ALA O 217 48.16 -7.24 -32.63
C ALA O 217 46.69 -7.65 -32.53
N ALA O 218 46.17 -7.78 -31.31
CA ALA O 218 44.76 -8.16 -31.16
C ALA O 218 43.86 -7.08 -31.75
N VAL O 219 44.22 -5.81 -31.54
CA VAL O 219 43.39 -4.73 -32.07
C VAL O 219 43.42 -4.75 -33.59
N LEU O 220 44.61 -4.93 -34.17
CA LEU O 220 44.70 -4.97 -35.62
C LEU O 220 43.93 -6.15 -36.18
N GLU O 221 44.00 -7.30 -35.51
CA GLU O 221 43.26 -8.45 -35.99
C GLU O 221 41.77 -8.15 -36.01
N LEU O 222 41.28 -7.47 -34.97
CA LEU O 222 39.86 -7.14 -34.93
C LEU O 222 39.49 -6.13 -36.01
N ILE O 223 40.36 -5.16 -36.28
CA ILE O 223 40.08 -4.19 -37.33
C ILE O 223 40.06 -4.86 -38.71
N VAL O 224 41.05 -5.70 -38.99
CA VAL O 224 41.14 -6.31 -40.30
C VAL O 224 40.04 -7.33 -40.48
N GLY O 225 39.82 -8.17 -39.48
CA GLY O 225 38.83 -9.22 -39.56
C GLY O 225 37.48 -8.79 -39.02
N GLY P 2 7.91 -64.79 -21.74
CA GLY P 2 7.88 -63.36 -22.15
C GLY P 2 8.17 -63.17 -23.63
N SER P 3 9.44 -62.88 -23.94
CA SER P 3 9.83 -62.59 -25.32
C SER P 3 9.69 -63.81 -26.22
N GLU P 4 9.62 -65.01 -25.64
CA GLU P 4 9.50 -66.22 -26.44
C GLU P 4 8.25 -66.19 -27.31
N VAL P 5 7.16 -65.62 -26.81
CA VAL P 5 5.92 -65.60 -27.57
C VAL P 5 5.82 -64.30 -28.37
N GLU P 6 6.20 -63.18 -27.76
CA GLU P 6 6.14 -61.91 -28.44
C GLU P 6 6.92 -61.95 -29.75
N ILE P 7 8.09 -62.58 -29.73
CA ILE P 7 8.90 -62.67 -30.94
C ILE P 7 8.25 -63.59 -31.96
N LEU P 8 7.61 -64.67 -31.50
CA LEU P 8 6.93 -65.55 -32.44
C LEU P 8 5.80 -64.79 -33.12
N LYS P 9 5.14 -63.91 -32.39
CA LYS P 9 4.07 -63.13 -32.98
C LYS P 9 4.64 -62.13 -33.96
N ALA P 10 5.80 -61.53 -33.66
CA ALA P 10 6.40 -60.62 -34.61
C ALA P 10 6.74 -61.36 -35.90
N LEU P 11 7.20 -62.61 -35.80
CA LEU P 11 7.50 -63.38 -37.00
C LEU P 11 6.22 -63.68 -37.77
N LEU P 12 5.13 -63.95 -37.04
CA LEU P 12 3.86 -64.19 -37.72
C LEU P 12 3.43 -62.93 -38.46
N GLU P 13 3.62 -61.78 -37.82
CA GLU P 13 3.29 -60.52 -38.47
C GLU P 13 4.08 -60.35 -39.75
N LEU P 14 5.37 -60.66 -39.71
CA LEU P 14 6.16 -60.48 -40.92
C LEU P 14 5.66 -61.40 -42.03
N LYS P 15 5.30 -62.63 -41.67
CA LYS P 15 4.76 -63.56 -42.66
C LYS P 15 3.47 -63.03 -43.27
N LYS P 16 2.59 -62.45 -42.45
CA LYS P 16 1.31 -61.99 -42.96
C LYS P 16 1.46 -60.70 -43.74
N SER P 17 2.35 -59.81 -43.34
CA SER P 17 2.49 -58.58 -44.11
C SER P 17 3.17 -58.90 -45.43
N THR P 18 4.01 -59.93 -45.46
CA THR P 18 4.63 -60.35 -46.71
C THR P 18 3.58 -60.90 -47.65
N ALA P 19 2.68 -61.75 -47.13
CA ALA P 19 1.63 -62.29 -47.97
C ALA P 19 0.75 -61.15 -48.50
N GLU P 20 0.48 -60.16 -47.66
CA GLU P 20 -0.29 -59.00 -48.10
C GLU P 20 0.44 -58.30 -49.22
N LEU P 21 1.75 -58.11 -49.08
CA LEU P 21 2.51 -57.40 -50.10
C LEU P 21 2.42 -58.14 -51.41
N LYS P 22 2.56 -59.47 -51.36
CA LYS P 22 2.51 -60.26 -52.59
C LYS P 22 1.14 -60.12 -53.25
N ARG P 23 0.07 -60.13 -52.45
CA ARG P 23 -1.26 -60.00 -53.02
C ARG P 23 -1.52 -58.60 -53.54
N ALA P 24 -1.05 -57.57 -52.83
CA ALA P 24 -1.25 -56.21 -53.30
C ALA P 24 -0.52 -56.00 -54.61
N THR P 25 0.67 -56.58 -54.75
CA THR P 25 1.44 -56.44 -55.98
C THR P 25 0.71 -57.15 -57.11
N ALA P 26 0.19 -58.35 -56.83
CA ALA P 26 -0.53 -59.07 -57.86
C ALA P 26 -1.74 -58.26 -58.33
N SER P 27 -2.44 -57.60 -57.41
CA SER P 27 -3.57 -56.82 -57.89
C SER P 27 -3.08 -55.57 -58.60
N LEU P 28 -1.94 -55.00 -58.17
CA LEU P 28 -1.42 -53.81 -58.84
C LEU P 28 -1.27 -54.10 -60.32
N ARG P 29 -0.66 -55.25 -60.63
CA ARG P 29 -0.41 -55.60 -62.02
C ARG P 29 -1.68 -56.02 -62.73
N ALA P 30 -2.54 -56.79 -62.07
CA ALA P 30 -3.77 -57.20 -62.73
C ALA P 30 -4.58 -55.97 -63.09
N ILE P 31 -4.54 -54.96 -62.23
CA ILE P 31 -5.29 -53.73 -62.45
C ILE P 31 -4.72 -52.99 -63.64
N THR P 32 -3.40 -52.78 -63.67
CA THR P 32 -2.83 -52.02 -64.76
C THR P 32 -3.13 -52.68 -66.11
N GLU P 33 -2.90 -53.99 -66.19
CA GLU P 33 -3.09 -54.72 -67.44
C GLU P 33 -4.55 -54.81 -67.85
N GLU P 34 -5.47 -55.01 -66.91
CA GLU P 34 -6.87 -55.15 -67.32
C GLU P 34 -7.53 -53.81 -67.55
N LEU P 35 -7.20 -52.79 -66.75
CA LEU P 35 -7.89 -51.53 -66.88
C LEU P 35 -7.39 -50.76 -68.10
N LYS P 36 -6.13 -50.93 -68.51
CA LYS P 36 -5.69 -50.16 -69.66
C LYS P 36 -6.48 -50.54 -70.90
N LYS P 37 -7.14 -51.71 -70.87
CA LYS P 37 -7.96 -52.16 -71.99
C LYS P 37 -9.13 -51.21 -72.26
N ASN P 38 -9.66 -50.58 -71.22
CA ASN P 38 -10.80 -49.67 -71.37
C ASN P 38 -10.74 -48.62 -70.26
N PRO P 39 -10.01 -47.51 -70.51
CA PRO P 39 -9.90 -46.46 -69.48
C PRO P 39 -11.22 -45.83 -69.07
N SER P 40 -12.32 -46.07 -69.77
CA SER P 40 -13.59 -45.46 -69.39
C SER P 40 -14.14 -46.02 -68.08
N GLU P 41 -13.61 -47.14 -67.61
CA GLU P 41 -14.02 -47.72 -66.32
C GLU P 41 -13.22 -47.01 -65.23
N ASP P 42 -13.58 -45.75 -65.00
CA ASP P 42 -12.79 -44.87 -64.15
C ASP P 42 -12.89 -45.26 -62.68
N ALA P 43 -14.11 -45.58 -62.22
CA ALA P 43 -14.28 -45.90 -60.82
C ALA P 43 -13.47 -47.14 -60.44
N LEU P 44 -13.43 -48.14 -61.30
CA LEU P 44 -12.71 -49.36 -60.96
C LEU P 44 -11.21 -49.13 -60.87
N VAL P 45 -10.64 -48.38 -61.82
CA VAL P 45 -9.20 -48.20 -61.81
C VAL P 45 -8.79 -47.25 -60.69
N GLU P 46 -9.58 -46.20 -60.45
CA GLU P 46 -9.18 -45.25 -59.41
C GLU P 46 -9.35 -45.87 -58.04
N HIS P 47 -10.40 -46.68 -57.85
CA HIS P 47 -10.60 -47.28 -56.56
C HIS P 47 -9.52 -48.30 -56.28
N ASN P 48 -9.18 -49.11 -57.29
CA ASN P 48 -8.17 -50.12 -57.05
C ASN P 48 -6.80 -49.50 -56.85
N ARG P 49 -6.50 -48.38 -57.52
CA ARG P 49 -5.21 -47.76 -57.28
C ARG P 49 -5.14 -47.21 -55.87
N ALA P 50 -6.25 -46.64 -55.38
CA ALA P 50 -6.25 -46.16 -54.00
C ALA P 50 -6.03 -47.34 -53.05
N ILE P 51 -6.64 -48.48 -53.38
CA ILE P 51 -6.51 -49.67 -52.55
C ILE P 51 -5.07 -50.11 -52.49
N VAL P 52 -4.40 -50.09 -53.64
CA VAL P 52 -3.00 -50.47 -53.71
C VAL P 52 -2.14 -49.53 -52.88
N GLU P 53 -2.38 -48.22 -52.98
CA GLU P 53 -1.58 -47.30 -52.17
C GLU P 53 -1.81 -47.55 -50.68
N HIS P 54 -3.05 -47.84 -50.29
CA HIS P 54 -3.32 -48.05 -48.87
C HIS P 54 -2.57 -49.29 -48.39
N ASN P 55 -2.58 -50.35 -49.19
CA ASN P 55 -1.90 -51.56 -48.77
C ASN P 55 -0.39 -51.34 -48.71
N ALA P 56 0.16 -50.61 -49.68
CA ALA P 56 1.60 -50.38 -49.66
C ALA P 56 2.00 -49.64 -48.40
N ILE P 57 1.18 -48.68 -47.98
CA ILE P 57 1.48 -47.93 -46.77
C ILE P 57 1.39 -48.85 -45.56
N ILE P 58 0.35 -49.69 -45.51
CA ILE P 58 0.20 -50.57 -44.37
C ILE P 58 1.39 -51.51 -44.27
N VAL P 59 1.86 -52.05 -45.39
CA VAL P 59 3.01 -52.95 -45.37
C VAL P 59 4.26 -52.22 -44.86
N GLU P 60 4.47 -50.98 -45.31
CA GLU P 60 5.64 -50.25 -44.84
C GLU P 60 5.54 -49.95 -43.35
N ASN P 61 4.34 -49.62 -42.88
CA ASN P 61 4.17 -49.36 -41.45
C ASN P 61 4.38 -50.63 -40.64
N ASN P 62 3.93 -51.77 -41.15
CA ASN P 62 4.14 -53.00 -40.40
C ASN P 62 5.61 -53.29 -40.27
N ARG P 63 6.37 -53.02 -41.34
CA ARG P 63 7.80 -53.24 -41.27
C ARG P 63 8.44 -52.36 -40.20
N ILE P 64 8.06 -51.08 -40.16
CA ILE P 64 8.68 -50.18 -39.19
C ILE P 64 8.28 -50.57 -37.77
N ILE P 65 7.00 -50.90 -37.57
CA ILE P 65 6.55 -51.25 -36.24
C ILE P 65 7.30 -52.49 -35.75
N ALA P 66 7.42 -53.50 -36.61
CA ALA P 66 8.14 -54.69 -36.20
C ALA P 66 9.59 -54.35 -35.89
N ALA P 67 10.20 -53.45 -36.68
CA ALA P 67 11.58 -53.09 -36.41
C ALA P 67 11.75 -52.45 -35.04
N VAL P 68 10.77 -51.67 -34.59
CA VAL P 68 10.88 -51.05 -33.27
C VAL P 68 10.60 -52.10 -32.19
N LEU P 69 9.58 -52.90 -32.39
CA LEU P 69 9.25 -53.88 -31.37
C LEU P 69 10.40 -54.87 -31.19
N MET P 70 11.16 -55.16 -32.25
CA MET P 70 12.30 -56.04 -32.04
C MET P 70 13.30 -55.43 -31.07
N LEU P 71 13.33 -54.10 -30.95
CA LEU P 71 14.26 -53.48 -30.02
C LEU P 71 13.71 -53.61 -28.61
N ILE P 72 12.38 -53.53 -28.49
CA ILE P 72 11.81 -53.72 -27.16
C ILE P 72 12.02 -55.17 -26.73
N VAL P 73 11.80 -56.10 -27.68
CA VAL P 73 11.95 -57.52 -27.39
C VAL P 73 13.37 -57.85 -26.96
N VAL P 74 14.37 -57.27 -27.64
CA VAL P 74 15.74 -57.56 -27.25
C VAL P 74 16.01 -57.01 -25.86
N ALA P 75 15.45 -55.85 -25.52
CA ALA P 75 15.64 -55.35 -24.16
C ALA P 75 14.99 -56.29 -23.14
N VAL P 76 13.83 -56.83 -23.48
CA VAL P 76 13.10 -57.74 -22.58
C VAL P 76 13.86 -59.03 -22.36
N GLY P 77 14.48 -59.57 -23.41
CA GLY P 77 15.19 -60.83 -23.32
C GLY P 77 16.36 -60.86 -22.35
N MET P 78 16.80 -59.70 -21.87
CA MET P 78 17.91 -59.64 -20.94
C MET P 78 17.45 -59.62 -19.48
N THR P 79 16.16 -59.84 -19.24
CA THR P 79 15.61 -59.82 -17.89
C THR P 79 16.39 -60.69 -16.91
N GLN P 80 16.72 -61.93 -17.29
CA GLN P 80 17.40 -62.80 -16.33
C GLN P 80 18.84 -62.37 -16.11
N GLU P 81 19.49 -61.82 -17.13
CA GLU P 81 20.87 -61.39 -16.97
C GLU P 81 20.91 -60.19 -16.04
N ILE P 82 19.92 -59.31 -16.16
CA ILE P 82 19.86 -58.15 -15.31
C ILE P 82 19.53 -58.57 -13.88
N LYS P 83 18.55 -59.46 -13.73
CA LYS P 83 18.21 -59.95 -12.39
C LYS P 83 19.44 -60.52 -11.70
N LYS P 84 20.24 -61.32 -12.40
CA LYS P 84 21.43 -61.88 -11.77
C LYS P 84 22.46 -60.81 -11.46
N ALA P 85 22.62 -59.82 -12.34
CA ALA P 85 23.54 -58.74 -12.04
C ALA P 85 23.10 -57.99 -10.80
N LEU P 86 21.79 -57.81 -10.63
CA LEU P 86 21.28 -57.15 -9.45
C LEU P 86 21.51 -57.99 -8.21
N GLU P 87 21.31 -59.30 -8.30
CA GLU P 87 21.54 -60.11 -7.11
C GLU P 87 22.99 -59.96 -6.65
N GLU P 88 23.92 -59.92 -7.61
CA GLU P 88 25.32 -59.74 -7.25
C GLU P 88 25.56 -58.36 -6.66
N LEU P 89 24.92 -57.34 -7.22
CA LEU P 89 25.12 -55.98 -6.73
C LEU P 89 24.56 -55.83 -5.33
N VAL P 90 23.43 -56.48 -5.05
CA VAL P 90 22.84 -56.42 -3.73
C VAL P 90 23.75 -57.10 -2.72
N ALA P 91 24.26 -58.29 -3.07
CA ALA P 91 25.16 -58.97 -2.14
C ALA P 91 26.40 -58.12 -1.89
N SER P 92 26.91 -57.47 -2.94
CA SER P 92 28.08 -56.62 -2.77
C SER P 92 27.78 -55.45 -1.84
N THR P 93 26.62 -54.82 -2.03
CA THR P 93 26.23 -53.70 -1.18
C THR P 93 26.14 -54.13 0.28
N ALA P 94 25.51 -55.29 0.52
CA ALA P 94 25.39 -55.78 1.89
C ALA P 94 26.77 -56.06 2.49
N GLU P 95 27.68 -56.60 1.68
CA GLU P 95 29.01 -56.88 2.21
C GLU P 95 29.72 -55.57 2.52
N LEU P 96 29.50 -54.56 1.69
CA LEU P 96 30.15 -53.28 1.90
C LEU P 96 29.63 -52.67 3.20
N LYS P 97 28.33 -52.79 3.44
CA LYS P 97 27.75 -52.30 4.69
C LYS P 97 28.37 -52.99 5.89
N ARG P 98 28.53 -54.31 5.82
CA ARG P 98 29.12 -55.02 6.94
C ARG P 98 30.55 -54.55 7.18
N ALA P 99 31.30 -54.36 6.10
CA ALA P 99 32.67 -53.87 6.25
C ALA P 99 32.70 -52.49 6.87
N THR P 100 31.75 -51.63 6.49
CA THR P 100 31.72 -50.29 7.05
C THR P 100 31.41 -50.32 8.53
N ALA P 101 30.43 -51.13 8.94
CA ALA P 101 30.11 -51.22 10.36
C ALA P 101 31.29 -51.77 11.14
N SER P 102 31.99 -52.74 10.56
CA SER P 102 33.15 -53.31 11.23
C SER P 102 34.21 -52.26 11.39
N LEU P 103 34.45 -51.47 10.34
CA LEU P 103 35.48 -50.44 10.42
C LEU P 103 35.12 -49.41 11.48
N ARG P 104 33.84 -49.01 11.54
CA ARG P 104 33.44 -48.04 12.55
C ARG P 104 33.72 -48.57 13.95
N ALA P 105 33.36 -49.83 14.19
CA ALA P 105 33.61 -50.41 15.51
C ALA P 105 35.10 -50.46 15.81
N ILE P 106 35.91 -50.76 14.79
CA ILE P 106 37.35 -50.78 14.98
C ILE P 106 37.86 -49.39 15.31
N THR P 107 37.36 -48.37 14.60
CA THR P 107 37.78 -47.00 14.87
C THR P 107 37.51 -46.62 16.31
N GLU P 108 36.32 -46.95 16.80
CA GLU P 108 35.99 -46.63 18.18
C GLU P 108 36.88 -47.38 19.16
N GLU P 109 37.17 -48.65 18.88
CA GLU P 109 38.01 -49.44 19.77
C GLU P 109 39.44 -48.93 19.75
N LEU P 110 39.94 -48.57 18.57
CA LEU P 110 41.30 -48.10 18.41
C LEU P 110 41.50 -46.76 19.11
N LYS P 111 40.53 -45.86 19.00
CA LYS P 111 40.69 -44.58 19.68
C LYS P 111 40.55 -44.76 21.20
N LYS P 112 39.59 -45.58 21.65
CA LYS P 112 39.39 -45.75 23.08
C LYS P 112 40.56 -46.50 23.73
N ASN P 113 41.10 -47.49 23.03
CA ASN P 113 42.21 -48.31 23.56
C ASN P 113 43.21 -48.58 22.45
N PRO P 114 44.14 -47.66 22.22
CA PRO P 114 44.96 -47.72 20.99
C PRO P 114 46.05 -48.80 21.04
N SER P 115 45.61 -50.05 21.18
CA SER P 115 46.51 -51.19 21.15
C SER P 115 47.03 -51.42 19.73
N GLU P 116 48.27 -51.90 19.64
CA GLU P 116 48.85 -52.18 18.32
C GLU P 116 47.97 -53.15 17.54
N ASP P 117 47.37 -54.11 18.24
CA ASP P 117 46.49 -55.06 17.58
C ASP P 117 45.33 -54.35 16.90
N ALA P 118 44.86 -53.26 17.51
CA ALA P 118 43.77 -52.52 16.90
C ALA P 118 44.23 -51.83 15.62
N LEU P 119 45.48 -51.40 15.55
CA LEU P 119 45.98 -50.78 14.33
C LEU P 119 46.08 -51.84 13.23
N VAL P 120 46.49 -53.06 13.62
CA VAL P 120 46.58 -54.14 12.64
C VAL P 120 45.19 -54.46 12.12
N GLU P 121 44.21 -54.51 13.01
CA GLU P 121 42.83 -54.79 12.61
C GLU P 121 42.32 -53.67 11.71
N HIS P 122 42.70 -52.43 11.99
CA HIS P 122 42.33 -51.31 11.15
C HIS P 122 42.82 -51.52 9.72
N ASN P 123 44.10 -51.85 9.58
CA ASN P 123 44.62 -52.02 8.22
C ASN P 123 43.97 -53.20 7.54
N ARG P 124 43.65 -54.26 8.30
CA ARG P 124 42.98 -55.40 7.70
C ARG P 124 41.61 -54.98 7.18
N ALA P 125 40.86 -54.21 7.98
CA ALA P 125 39.54 -53.76 7.58
C ALA P 125 39.63 -52.88 6.34
N ILE P 126 40.68 -52.06 6.24
CA ILE P 126 40.83 -51.21 5.07
C ILE P 126 41.05 -52.08 3.84
N VAL P 127 41.87 -53.12 3.96
CA VAL P 127 42.11 -53.99 2.80
C VAL P 127 40.82 -54.69 2.40
N GLU P 128 40.05 -55.18 3.38
CA GLU P 128 38.78 -55.83 3.02
C GLU P 128 37.86 -54.85 2.33
N HIS P 129 37.83 -53.61 2.81
CA HIS P 129 36.96 -52.62 2.20
C HIS P 129 37.35 -52.38 0.75
N ASN P 130 38.65 -52.27 0.48
CA ASN P 130 39.05 -52.05 -0.91
C ASN P 130 38.70 -53.26 -1.77
N ALA P 131 38.85 -54.47 -1.23
CA ALA P 131 38.47 -55.64 -2.01
C ALA P 131 36.98 -55.60 -2.34
N ILE P 132 36.18 -55.12 -1.39
CA ILE P 132 34.74 -55.02 -1.63
C ILE P 132 34.47 -53.98 -2.70
N ILE P 133 35.15 -52.83 -2.64
CA ILE P 133 34.93 -51.81 -3.66
C ILE P 133 35.25 -52.38 -5.02
N VAL P 134 36.34 -53.14 -5.12
CA VAL P 134 36.74 -53.69 -6.41
C VAL P 134 35.67 -54.63 -6.94
N GLU P 135 35.13 -55.48 -6.07
CA GLU P 135 34.07 -56.36 -6.55
C GLU P 135 32.83 -55.56 -6.95
N ASN P 136 32.51 -54.54 -6.17
CA ASN P 136 31.35 -53.71 -6.47
C ASN P 136 31.50 -53.04 -7.82
N ASN P 137 32.68 -52.49 -8.12
CA ASN P 137 32.85 -51.80 -9.38
C ASN P 137 32.87 -52.78 -10.53
N ARG P 138 33.38 -53.99 -10.33
CA ARG P 138 33.30 -54.98 -11.38
C ARG P 138 31.84 -55.27 -11.71
N ILE P 139 31.03 -55.46 -10.67
CA ILE P 139 29.62 -55.75 -10.85
C ILE P 139 28.91 -54.59 -11.53
N ILE P 140 29.20 -53.37 -11.11
CA ILE P 140 28.57 -52.22 -11.74
C ILE P 140 28.97 -52.13 -13.20
N ALA P 141 30.25 -52.33 -13.51
CA ALA P 141 30.65 -52.26 -14.92
C ALA P 141 29.88 -53.29 -15.74
N ALA P 142 29.69 -54.49 -15.17
CA ALA P 142 28.94 -55.52 -15.87
C ALA P 142 27.49 -55.11 -16.07
N VAL P 143 26.88 -54.49 -15.05
CA VAL P 143 25.49 -54.11 -15.21
C VAL P 143 25.39 -52.96 -16.18
N LEU P 144 26.40 -52.08 -16.23
CA LEU P 144 26.37 -50.99 -17.19
C LEU P 144 26.43 -51.54 -18.60
N GLU P 145 27.26 -52.56 -18.82
CA GLU P 145 27.31 -53.15 -20.15
C GLU P 145 25.96 -53.77 -20.49
N LEU P 146 25.31 -54.40 -19.50
CA LEU P 146 23.99 -54.99 -19.75
C LEU P 146 22.97 -53.92 -20.08
N ILE P 147 23.05 -52.77 -19.41
CA ILE P 147 22.12 -51.68 -19.68
C ILE P 147 22.36 -51.12 -21.07
N VAL P 148 23.63 -50.90 -21.42
CA VAL P 148 23.95 -50.33 -22.73
C VAL P 148 23.48 -51.26 -23.82
N ARG P 149 23.67 -52.56 -23.63
CA ARG P 149 23.20 -53.52 -24.62
C ARG P 149 21.68 -53.57 -24.66
N ALA P 150 21.04 -53.58 -23.49
CA ALA P 150 19.58 -53.67 -23.41
C ALA P 150 18.92 -52.47 -24.06
N LEU P 151 19.52 -51.29 -23.98
CA LEU P 151 18.92 -50.10 -24.56
C LEU P 151 19.35 -49.90 -26.01
N ASN P 152 20.18 -50.78 -26.54
CA ASN P 152 20.67 -50.69 -27.92
C ASN P 152 21.29 -49.33 -28.23
N LEU P 153 22.15 -48.85 -27.35
CA LEU P 153 22.76 -47.55 -27.59
C LEU P 153 23.91 -47.70 -28.59
N THR P 154 24.03 -46.72 -29.47
CA THR P 154 25.10 -46.66 -30.45
C THR P 154 25.98 -45.42 -30.29
N ASP P 155 25.68 -44.57 -29.32
CA ASP P 155 26.41 -43.31 -29.17
C ASP P 155 27.90 -43.57 -29.03
N ALA P 156 28.69 -42.97 -29.90
CA ALA P 156 30.12 -43.21 -29.84
C ALA P 156 30.69 -42.85 -28.47
N GLU P 157 30.10 -41.86 -27.81
CA GLU P 157 30.62 -41.46 -26.51
C GLU P 157 30.42 -42.54 -25.47
N VAL P 158 29.32 -43.29 -25.55
CA VAL P 158 29.10 -44.31 -24.52
C VAL P 158 30.02 -45.49 -24.78
N ILE P 159 30.26 -45.80 -26.05
CA ILE P 159 31.14 -46.93 -26.37
C ILE P 159 32.54 -46.62 -25.89
N LYS P 160 33.00 -45.39 -26.15
CA LYS P 160 34.32 -45.01 -25.68
C LYS P 160 34.38 -45.02 -24.17
N ALA P 161 33.32 -44.55 -23.51
CA ALA P 161 33.32 -44.54 -22.06
C ALA P 161 33.41 -45.95 -21.51
N LEU P 162 32.73 -46.91 -22.16
CA LEU P 162 32.81 -48.29 -21.71
C LEU P 162 34.22 -48.84 -21.91
N ILE P 163 34.88 -48.44 -23.00
CA ILE P 163 36.25 -48.91 -23.20
C ILE P 163 37.15 -48.36 -22.10
N GLU P 164 36.98 -47.08 -21.78
CA GLU P 164 37.78 -46.47 -20.73
C GLU P 164 37.51 -47.16 -19.40
N LEU P 165 36.25 -47.53 -19.18
CA LEU P 165 35.90 -48.22 -17.94
C LEU P 165 36.61 -49.56 -17.87
N ARG P 166 36.57 -50.32 -18.96
CA ARG P 166 37.19 -51.64 -18.94
C ARG P 166 38.68 -51.51 -18.63
N LEU P 167 39.33 -50.51 -19.23
CA LEU P 167 40.76 -50.34 -18.97
C LEU P 167 41.00 -49.93 -17.52
N SER P 168 40.13 -49.07 -16.98
CA SER P 168 40.35 -48.65 -15.61
C SER P 168 40.04 -49.79 -14.65
N THR P 169 39.17 -50.72 -15.03
CA THR P 169 38.92 -51.84 -14.14
C THR P 169 40.11 -52.78 -14.19
N LEU P 170 40.83 -52.84 -15.31
CA LEU P 170 42.03 -53.68 -15.33
C LEU P 170 43.07 -53.07 -14.41
N GLU P 171 43.20 -51.75 -14.46
CA GLU P 171 44.17 -51.07 -13.62
C GLU P 171 43.80 -51.24 -12.16
N LEU P 172 42.50 -51.15 -11.86
CA LEU P 172 42.04 -51.28 -10.49
C LEU P 172 42.30 -52.68 -9.94
N VAL P 173 42.05 -53.71 -10.74
CA VAL P 173 42.30 -55.06 -10.25
C VAL P 173 43.79 -55.28 -10.02
N ALA P 174 44.63 -54.84 -10.95
CA ALA P 174 46.06 -55.03 -10.75
C ALA P 174 46.53 -54.27 -9.52
N ALA P 175 46.04 -53.04 -9.33
CA ALA P 175 46.45 -52.27 -8.17
C ALA P 175 45.97 -52.94 -6.89
N THR P 176 44.80 -53.56 -6.92
CA THR P 176 44.28 -54.22 -5.74
C THR P 176 45.18 -55.38 -5.36
N ALA P 177 45.58 -56.18 -6.34
CA ALA P 177 46.46 -57.30 -6.05
C ALA P 177 47.77 -56.79 -5.47
N SER P 178 48.29 -55.69 -6.01
CA SER P 178 49.53 -55.15 -5.49
C SER P 178 49.36 -54.68 -4.05
N LEU P 179 48.22 -54.06 -3.75
CA LEU P 179 47.96 -53.59 -2.40
C LEU P 179 47.87 -54.76 -1.44
N ARG P 180 47.21 -55.84 -1.86
CA ARG P 180 47.11 -56.99 -0.97
C ARG P 180 48.50 -57.57 -0.69
N GLU P 181 49.35 -57.63 -1.72
CA GLU P 181 50.68 -58.17 -1.50
C GLU P 181 51.47 -57.27 -0.56
N ILE P 182 51.33 -55.96 -0.70
CA ILE P 182 52.07 -55.04 0.18
C ILE P 182 51.58 -55.21 1.60
N THR P 183 50.26 -55.34 1.79
CA THR P 183 49.73 -55.52 3.13
C THR P 183 50.25 -56.81 3.75
N GLU P 184 50.29 -57.90 2.98
CA GLU P 184 50.81 -59.15 3.51
C GLU P 184 52.27 -59.02 3.91
N GLU P 185 53.06 -58.29 3.10
CA GLU P 185 54.46 -58.12 3.46
C GLU P 185 54.59 -57.29 4.74
N LEU P 186 53.73 -56.29 4.89
CA LEU P 186 53.75 -55.49 6.12
C LEU P 186 53.40 -56.35 7.32
N LYS P 187 52.37 -57.17 7.18
CA LYS P 187 51.94 -58.05 8.27
C LYS P 187 53.06 -59.00 8.69
N LYS P 188 53.76 -59.58 7.72
CA LYS P 188 54.84 -60.51 8.06
C LYS P 188 56.01 -59.82 8.74
N ASN P 189 56.38 -58.62 8.30
CA ASN P 189 57.53 -57.90 8.84
C ASN P 189 57.16 -56.45 9.14
N PRO P 190 56.33 -56.21 10.15
CA PRO P 190 55.87 -54.84 10.42
C PRO P 190 57.03 -53.93 10.82
N SER P 191 57.01 -52.71 10.32
CA SER P 191 58.05 -51.73 10.61
C SER P 191 57.53 -50.35 10.24
N GLU P 192 58.27 -49.32 10.68
CA GLU P 192 57.89 -47.95 10.34
C GLU P 192 58.03 -47.71 8.85
N ASP P 193 59.07 -48.27 8.22
CA ASP P 193 59.26 -48.03 6.79
C ASP P 193 58.23 -48.81 5.99
N ALA P 194 57.94 -50.03 6.44
CA ALA P 194 56.94 -50.82 5.74
C ALA P 194 55.58 -50.18 5.92
N LEU P 195 55.33 -49.61 7.10
CA LEU P 195 54.03 -48.99 7.35
C LEU P 195 53.85 -47.75 6.50
N VAL P 196 54.90 -46.94 6.33
CA VAL P 196 54.74 -45.75 5.51
C VAL P 196 54.60 -46.17 4.05
N GLU P 197 55.28 -47.23 3.63
CA GLU P 197 55.14 -47.69 2.25
C GLU P 197 53.73 -48.21 2.01
N HIS P 198 53.17 -48.89 3.01
CA HIS P 198 51.81 -49.40 2.90
C HIS P 198 50.83 -48.25 2.80
N ASN P 199 51.03 -47.21 3.61
CA ASN P 199 50.12 -46.07 3.55
C ASN P 199 50.21 -45.39 2.20
N ARG P 200 51.41 -45.34 1.61
CA ARG P 200 51.52 -44.77 0.27
C ARG P 200 50.77 -45.64 -0.74
N ALA P 201 50.89 -46.96 -0.59
CA ALA P 201 50.18 -47.86 -1.50
C ALA P 201 48.69 -47.61 -1.40
N ILE P 202 48.20 -47.35 -0.18
CA ILE P 202 46.79 -47.05 0.02
C ILE P 202 46.41 -45.76 -0.68
N VAL P 203 47.24 -44.73 -0.56
CA VAL P 203 46.88 -43.47 -1.22
C VAL P 203 46.79 -43.68 -2.73
N GLU P 204 47.75 -44.42 -3.30
CA GLU P 204 47.71 -44.65 -4.74
C GLU P 204 46.47 -45.46 -5.12
N HIS P 205 46.13 -46.45 -4.31
CA HIS P 205 44.97 -47.27 -4.58
C HIS P 205 43.70 -46.43 -4.52
N ASN P 206 43.58 -45.56 -3.52
CA ASN P 206 42.38 -44.73 -3.43
C ASN P 206 42.31 -43.81 -4.64
N ALA P 207 43.44 -43.29 -5.11
CA ALA P 207 43.41 -42.45 -6.30
C ALA P 207 42.89 -43.24 -7.49
N ILE P 208 43.27 -44.51 -7.59
CA ILE P 208 42.78 -45.34 -8.68
C ILE P 208 41.29 -45.56 -8.54
N ILE P 209 40.82 -45.81 -7.32
CA ILE P 209 39.38 -45.99 -7.11
C ILE P 209 38.64 -44.72 -7.53
N VAL P 210 39.20 -43.56 -7.19
CA VAL P 210 38.55 -42.31 -7.56
C VAL P 210 38.44 -42.19 -9.07
N GLU P 211 39.50 -42.55 -9.80
CA GLU P 211 39.43 -42.50 -11.26
C GLU P 211 38.41 -43.50 -11.81
N ASN P 212 38.35 -44.69 -11.22
CA ASN P 212 37.38 -45.68 -11.68
C ASN P 212 35.96 -45.19 -11.46
N ASN P 213 35.71 -44.53 -10.33
CA ASN P 213 34.39 -44.00 -10.06
C ASN P 213 34.09 -42.84 -10.99
N ARG P 214 35.11 -42.06 -11.35
CA ARG P 214 34.86 -40.97 -12.29
C ARG P 214 34.38 -41.52 -13.61
N ILE P 215 35.02 -42.59 -14.08
CA ILE P 215 34.61 -43.17 -15.36
C ILE P 215 33.20 -43.75 -15.24
N ILE P 216 32.91 -44.45 -14.15
CA ILE P 216 31.57 -45.00 -13.98
C ILE P 216 30.55 -43.89 -14.00
N ALA P 217 30.84 -42.78 -13.31
CA ALA P 217 29.91 -41.65 -13.30
C ALA P 217 29.71 -41.11 -14.71
N ALA P 218 30.78 -41.05 -15.50
CA ALA P 218 30.64 -40.56 -16.87
C ALA P 218 29.74 -41.49 -17.69
N VAL P 219 29.87 -42.79 -17.47
CA VAL P 219 29.03 -43.73 -18.22
C VAL P 219 27.58 -43.55 -17.83
N LEU P 220 27.31 -43.43 -16.52
CA LEU P 220 25.93 -43.24 -16.10
C LEU P 220 25.37 -41.94 -16.63
N GLU P 221 26.18 -40.88 -16.64
CA GLU P 221 25.72 -39.61 -17.17
C GLU P 221 25.30 -39.76 -18.62
N LEU P 222 26.11 -40.48 -19.40
CA LEU P 222 25.80 -40.69 -20.81
C LEU P 222 24.55 -41.54 -20.99
N ILE P 223 24.36 -42.55 -20.14
CA ILE P 223 23.16 -43.38 -20.25
C ILE P 223 21.90 -42.59 -19.88
N VAL P 224 21.96 -41.83 -18.80
CA VAL P 224 20.77 -41.11 -18.34
C VAL P 224 20.46 -39.95 -19.27
N GLY P 225 21.48 -39.20 -19.67
CA GLY P 225 21.28 -38.04 -20.52
C GLY P 225 21.44 -38.36 -21.99
N GLY Q 2 51.15 13.02 -9.70
CA GLY Q 2 49.95 12.18 -9.35
C GLY Q 2 50.11 10.74 -9.80
N SER Q 3 49.55 10.43 -10.98
CA SER Q 3 49.57 9.06 -11.47
C SER Q 3 50.98 8.58 -11.81
N GLU Q 4 51.93 9.50 -11.97
CA GLU Q 4 53.29 9.13 -12.30
C GLU Q 4 53.88 8.21 -11.23
N VAL Q 5 53.54 8.45 -9.97
CA VAL Q 5 54.10 7.65 -8.87
C VAL Q 5 53.19 6.47 -8.57
N GLU Q 6 51.88 6.69 -8.55
CA GLU Q 6 50.96 5.62 -8.26
C GLU Q 6 51.18 4.44 -9.22
N ILE Q 7 51.42 4.75 -10.50
CA ILE Q 7 51.64 3.68 -11.48
C ILE Q 7 52.98 3.00 -11.24
N LEU Q 8 54.00 3.75 -10.82
CA LEU Q 8 55.28 3.12 -10.52
C LEU Q 8 55.11 2.16 -9.35
N LYS Q 9 54.27 2.52 -8.40
CA LYS Q 9 54.03 1.63 -7.27
C LYS Q 9 53.27 0.40 -7.72
N ALA Q 10 52.32 0.55 -8.63
CA ALA Q 10 51.62 -0.62 -9.13
C ALA Q 10 52.60 -1.57 -9.83
N LEU Q 11 53.57 -1.02 -10.56
CA LEU Q 11 54.56 -1.87 -11.19
C LEU Q 11 55.42 -2.58 -10.16
N LEU Q 12 55.76 -1.86 -9.08
CA LEU Q 12 56.55 -2.49 -8.03
C LEU Q 12 55.76 -3.63 -7.41
N GLU Q 13 54.46 -3.41 -7.21
CA GLU Q 13 53.60 -4.46 -6.67
C GLU Q 13 53.61 -5.67 -7.57
N LEU Q 14 53.53 -5.47 -8.88
CA LEU Q 14 53.51 -6.62 -9.77
C LEU Q 14 54.82 -7.38 -9.67
N LYS Q 15 55.94 -6.65 -9.57
CA LYS Q 15 57.24 -7.30 -9.42
C LYS Q 15 57.29 -8.13 -8.14
N LYS Q 16 56.77 -7.59 -7.04
CA LYS Q 16 56.85 -8.30 -5.77
C LYS Q 16 55.88 -9.46 -5.72
N SER Q 17 54.70 -9.32 -6.31
CA SER Q 17 53.77 -10.44 -6.25
C SER Q 17 54.26 -11.53 -7.17
N THR Q 18 54.99 -11.17 -8.23
CA THR Q 18 55.57 -12.17 -9.10
C THR Q 18 56.64 -12.95 -8.38
N ALA Q 19 57.51 -12.24 -7.64
CA ALA Q 19 58.55 -12.94 -6.89
C ALA Q 19 57.90 -13.86 -5.86
N GLU Q 20 56.82 -13.39 -5.23
CA GLU Q 20 56.12 -14.24 -4.27
C GLU Q 20 55.60 -15.49 -4.97
N LEU Q 21 55.02 -15.33 -6.15
CA LEU Q 21 54.45 -16.47 -6.86
C LEU Q 21 55.54 -17.48 -7.16
N LYS Q 22 56.70 -17.00 -7.61
CA LYS Q 22 57.79 -17.90 -7.94
C LYS Q 22 58.24 -18.67 -6.71
N ARG Q 23 58.33 -18.00 -5.57
CA ARG Q 23 58.76 -18.69 -4.36
C ARG Q 23 57.69 -19.63 -3.85
N ALA Q 24 56.42 -19.25 -3.94
CA ALA Q 24 55.37 -20.13 -3.49
C ALA Q 24 55.36 -21.39 -4.33
N THR Q 25 55.61 -21.24 -5.63
CA THR Q 25 55.64 -22.41 -6.51
C THR Q 25 56.81 -23.30 -6.16
N ALA Q 26 57.97 -22.69 -5.89
CA ALA Q 26 59.12 -23.50 -5.52
C ALA Q 26 58.84 -24.28 -4.27
N SER Q 27 58.17 -23.68 -3.28
CA SER Q 27 57.89 -24.48 -2.10
C SER Q 27 56.81 -25.51 -2.38
N LEU Q 28 55.85 -25.21 -3.27
CA LEU Q 28 54.81 -26.17 -3.58
C LEU Q 28 55.46 -27.48 -4.03
N ARG Q 29 56.42 -27.35 -4.95
CA ARG Q 29 57.08 -28.53 -5.50
C ARG Q 29 58.04 -29.16 -4.51
N ALA Q 30 58.79 -28.35 -3.77
CA ALA Q 30 59.72 -28.94 -2.81
C ALA Q 30 58.94 -29.75 -1.79
N ILE Q 31 57.76 -29.26 -1.42
CA ILE Q 31 56.93 -29.93 -0.45
C ILE Q 31 56.43 -31.26 -1.00
N THR Q 32 55.86 -31.24 -2.19
CA THR Q 32 55.31 -32.49 -2.73
C THR Q 32 56.40 -33.57 -2.85
N GLU Q 33 57.54 -33.19 -3.44
CA GLU Q 33 58.63 -34.16 -3.67
C GLU Q 33 59.28 -34.62 -2.37
N GLU Q 34 59.47 -33.73 -1.39
CA GLU Q 34 60.14 -34.16 -0.17
C GLU Q 34 59.21 -34.87 0.79
N LEU Q 35 57.96 -34.43 0.86
CA LEU Q 35 57.05 -35.02 1.83
C LEU Q 35 56.58 -36.39 1.37
N LYS Q 36 56.50 -36.64 0.05
CA LYS Q 36 56.03 -37.96 -0.34
C LYS Q 36 56.98 -39.03 0.14
N LYS Q 37 58.22 -38.66 0.49
CA LYS Q 37 59.19 -39.62 1.00
C LYS Q 37 58.73 -40.25 2.31
N ASN Q 38 57.99 -39.50 3.12
CA ASN Q 38 57.51 -40.00 4.42
C ASN Q 38 56.21 -39.29 4.79
N PRO Q 39 55.08 -39.83 4.34
CA PRO Q 39 53.78 -39.19 4.63
C PRO Q 39 53.44 -39.10 6.11
N SER Q 40 54.19 -39.76 7.01
CA SER Q 40 53.86 -39.68 8.42
C SER Q 40 54.12 -38.31 9.02
N GLU Q 41 54.87 -37.44 8.32
CA GLU Q 41 55.10 -36.08 8.80
C GLU Q 41 53.90 -35.24 8.36
N ASP Q 42 52.77 -35.50 9.02
CA ASP Q 42 51.49 -34.95 8.58
C ASP Q 42 51.42 -33.45 8.82
N ALA Q 43 51.86 -33.00 9.99
CA ALA Q 43 51.77 -31.58 10.32
C ALA Q 43 52.57 -30.75 9.33
N LEU Q 44 53.75 -31.23 8.96
CA LEU Q 44 54.59 -30.44 8.06
C LEU Q 44 53.97 -30.31 6.68
N VAL Q 45 53.43 -31.41 6.13
CA VAL Q 45 52.89 -31.34 4.79
C VAL Q 45 51.58 -30.58 4.78
N GLU Q 46 50.75 -30.75 5.82
CA GLU Q 46 49.47 -30.06 5.81
C GLU Q 46 49.67 -28.57 6.05
N HIS Q 47 50.63 -28.19 6.89
CA HIS Q 47 50.83 -26.77 7.14
C HIS Q 47 51.41 -26.13 5.89
N ASN Q 48 52.35 -26.80 5.24
CA ASN Q 48 52.94 -26.17 4.06
C ASN Q 48 51.94 -26.11 2.91
N ARG Q 49 51.04 -27.09 2.80
CA ARG Q 49 50.04 -27.00 1.74
C ARG Q 49 49.11 -25.83 2.01
N ALA Q 50 48.76 -25.61 3.27
CA ALA Q 50 47.90 -24.46 3.59
C ALA Q 50 48.64 -23.18 3.22
N ILE Q 51 49.95 -23.16 3.47
CA ILE Q 51 50.76 -21.97 3.18
C ILE Q 51 50.72 -21.69 1.68
N VAL Q 52 50.84 -22.74 0.88
CA VAL Q 52 50.81 -22.60 -0.57
C VAL Q 52 49.46 -22.07 -1.03
N GLU Q 53 48.36 -22.62 -0.48
CA GLU Q 53 47.06 -22.12 -0.89
C GLU Q 53 46.90 -20.65 -0.53
N HIS Q 54 47.40 -20.26 0.65
CA HIS Q 54 47.24 -18.87 1.07
C HIS Q 54 48.00 -17.96 0.11
N ASN Q 55 49.20 -18.36 -0.29
CA ASN Q 55 49.96 -17.51 -1.18
C ASN Q 55 49.30 -17.44 -2.55
N ALA Q 56 48.78 -18.56 -3.04
CA ALA Q 56 48.15 -18.53 -4.36
C ALA Q 56 46.97 -17.58 -4.37
N ILE Q 57 46.20 -17.57 -3.27
CA ILE Q 57 45.06 -16.66 -3.19
C ILE Q 57 45.55 -15.23 -3.14
N ILE Q 58 46.58 -14.96 -2.35
CA ILE Q 58 47.07 -13.59 -2.24
C ILE Q 58 47.56 -13.09 -3.59
N VAL Q 59 48.26 -13.94 -4.34
CA VAL Q 59 48.74 -13.53 -5.67
C VAL Q 59 47.58 -13.20 -6.59
N GLU Q 60 46.53 -14.03 -6.58
CA GLU Q 60 45.41 -13.72 -7.45
C GLU Q 60 44.72 -12.42 -7.03
N ASN Q 61 44.61 -12.19 -5.72
CA ASN Q 61 43.99 -10.95 -5.27
C ASN Q 61 44.85 -9.75 -5.64
N ASN Q 62 46.17 -9.87 -5.56
CA ASN Q 62 47.00 -8.74 -5.91
C ASN Q 62 46.82 -8.40 -7.38
N ARG Q 63 46.69 -9.43 -8.22
CA ARG Q 63 46.48 -9.19 -9.64
C ARG Q 63 45.18 -8.43 -9.86
N ILE Q 64 44.11 -8.85 -9.18
CA ILE Q 64 42.82 -8.20 -9.39
C ILE Q 64 42.86 -6.76 -8.89
N ILE Q 65 43.46 -6.55 -7.72
CA ILE Q 65 43.51 -5.20 -7.16
C ILE Q 65 44.27 -4.30 -8.11
N ALA Q 66 45.41 -4.76 -8.61
CA ALA Q 66 46.16 -3.95 -9.54
C ALA Q 66 45.34 -3.65 -10.78
N ALA Q 67 44.57 -4.64 -11.26
CA ALA Q 67 43.74 -4.41 -12.43
C ALA Q 67 42.73 -3.30 -12.21
N VAL Q 68 42.18 -3.20 -11.00
CA VAL Q 68 41.22 -2.13 -10.73
C VAL Q 68 41.93 -0.79 -10.57
N LEU Q 69 43.04 -0.81 -9.84
CA LEU Q 69 43.74 0.44 -9.63
C LEU Q 69 44.25 1.00 -10.95
N MET Q 70 44.56 0.15 -11.93
CA MET Q 70 44.96 0.71 -13.21
C MET Q 70 43.83 1.52 -13.84
N LEU Q 71 42.58 1.22 -13.50
CA LEU Q 71 41.48 1.99 -14.05
C LEU Q 71 41.41 3.33 -13.34
N ILE Q 72 41.71 3.32 -12.06
CA ILE Q 72 41.71 4.59 -11.34
C ILE Q 72 42.86 5.44 -11.86
N VAL Q 73 44.02 4.83 -12.08
CA VAL Q 73 45.20 5.54 -12.56
C VAL Q 73 44.93 6.16 -13.93
N VAL Q 74 44.26 5.41 -14.82
CA VAL Q 74 43.99 5.98 -16.14
C VAL Q 74 43.04 7.14 -16.01
N ALA Q 75 42.06 7.06 -15.10
CA ALA Q 75 41.17 8.21 -14.92
C ALA Q 75 41.95 9.42 -14.41
N VAL Q 76 42.91 9.17 -13.49
CA VAL Q 76 43.70 10.26 -12.91
C VAL Q 76 44.57 10.93 -13.96
N GLY Q 77 45.17 10.15 -14.86
CA GLY Q 77 46.07 10.69 -15.86
C GLY Q 77 45.43 11.67 -16.83
N MET Q 78 44.11 11.75 -16.87
CA MET Q 78 43.42 12.67 -17.77
C MET Q 78 43.07 14.00 -17.11
N THR Q 79 43.60 14.24 -15.91
CA THR Q 79 43.30 15.46 -15.18
C THR Q 79 43.55 16.72 -16.02
N GLN Q 80 44.68 16.80 -16.72
CA GLN Q 80 44.96 18.02 -17.47
C GLN Q 80 44.08 18.13 -18.71
N GLU Q 81 43.70 17.01 -19.31
CA GLU Q 81 42.85 17.08 -20.49
C GLU Q 81 41.46 17.55 -20.09
N ILE Q 82 40.99 17.09 -18.93
CA ILE Q 82 39.69 17.50 -18.44
C ILE Q 82 39.74 18.96 -18.03
N LYS Q 83 40.78 19.35 -17.30
CA LYS Q 83 40.93 20.75 -16.90
C LYS Q 83 40.89 21.68 -18.10
N LYS Q 84 41.59 21.32 -19.18
CA LYS Q 84 41.57 22.19 -20.36
C LYS Q 84 40.19 22.19 -21.01
N ALA Q 85 39.52 21.04 -21.05
CA ALA Q 85 38.18 21.04 -21.60
C ALA Q 85 37.26 21.94 -20.78
N LEU Q 86 37.42 21.93 -19.46
CA LEU Q 86 36.61 22.80 -18.63
C LEU Q 86 36.94 24.26 -18.86
N GLU Q 87 38.22 24.59 -19.01
CA GLU Q 87 38.55 25.98 -19.25
C GLU Q 87 37.88 26.47 -20.52
N GLU Q 88 37.86 25.61 -21.55
CA GLU Q 88 37.20 25.99 -22.80
C GLU Q 88 35.71 26.13 -22.60
N LEU Q 89 35.11 25.23 -21.82
CA LEU Q 89 33.67 25.28 -21.62
C LEU Q 89 33.28 26.52 -20.84
N VAL Q 90 34.11 26.91 -19.88
CA VAL Q 90 33.83 28.11 -19.10
C VAL Q 90 33.92 29.35 -19.98
N ALA Q 91 34.96 29.42 -20.81
CA ALA Q 91 35.06 30.57 -21.70
C ALA Q 91 33.88 30.62 -22.64
N SER Q 92 33.45 29.45 -23.13
CA SER Q 92 32.30 29.40 -24.03
C SER Q 92 31.03 29.88 -23.32
N THR Q 93 30.83 29.43 -22.09
CA THR Q 93 29.67 29.85 -21.32
C THR Q 93 29.66 31.36 -21.14
N ALA Q 94 30.81 31.93 -20.78
CA ALA Q 94 30.87 33.37 -20.60
C ALA Q 94 30.57 34.11 -21.89
N GLU Q 95 31.05 33.59 -23.02
CA GLU Q 95 30.78 34.27 -24.29
C GLU Q 95 29.31 34.17 -24.61
N LEU Q 96 28.69 33.03 -24.29
CA LEU Q 96 27.28 32.85 -24.57
C LEU Q 96 26.47 33.83 -23.74
N LYS Q 97 26.86 34.02 -22.48
CA LYS Q 97 26.19 34.99 -21.62
C LYS Q 97 26.29 36.38 -22.21
N ARG Q 98 27.48 36.76 -22.67
CA ARG Q 98 27.61 38.10 -23.23
C ARG Q 98 26.73 38.25 -24.45
N ALA Q 99 26.66 37.22 -25.31
CA ALA Q 99 25.81 37.30 -26.48
C ALA Q 99 24.35 37.42 -26.07
N THR Q 100 23.94 36.71 -25.02
CA THR Q 100 22.56 36.78 -24.57
C THR Q 100 22.22 38.17 -24.04
N ALA Q 101 23.12 38.75 -23.24
CA ALA Q 101 22.85 40.09 -22.71
C ALA Q 101 22.79 41.08 -23.86
N SER Q 102 23.67 40.92 -24.85
CA SER Q 102 23.65 41.82 -26.00
C SER Q 102 22.34 41.69 -26.74
N LEU Q 103 21.88 40.46 -26.93
CA LEU Q 103 20.62 40.26 -27.65
C LEU Q 103 19.47 40.88 -26.88
N ARG Q 104 19.46 40.75 -25.56
CA ARG Q 104 18.38 41.35 -24.77
C ARG Q 104 18.36 42.86 -24.95
N ALA Q 105 19.54 43.49 -24.87
CA ALA Q 105 19.60 44.93 -25.05
C ALA Q 105 19.14 45.33 -26.45
N ILE Q 106 19.50 44.54 -27.45
CA ILE Q 106 19.07 44.83 -28.81
C ILE Q 106 17.55 44.71 -28.90
N THR Q 107 16.99 43.66 -28.30
CA THR Q 107 15.54 43.48 -28.34
C THR Q 107 14.83 44.67 -27.75
N GLU Q 108 15.31 45.17 -26.60
CA GLU Q 108 14.68 46.33 -25.98
C GLU Q 108 14.80 47.56 -26.88
N GLU Q 109 15.96 47.74 -27.51
CA GLU Q 109 16.16 48.90 -28.38
C GLU Q 109 15.29 48.81 -29.63
N LEU Q 110 15.19 47.61 -30.19
CA LEU Q 110 14.43 47.40 -31.41
C LEU Q 110 12.94 47.60 -31.15
N LYS Q 111 12.44 47.12 -30.03
CA LYS Q 111 11.02 47.34 -29.76
C LYS Q 111 10.75 48.80 -29.42
N LYS Q 112 11.63 49.42 -28.62
CA LYS Q 112 11.41 50.81 -28.24
C LYS Q 112 11.57 51.75 -29.42
N ASN Q 113 12.53 51.48 -30.30
CA ASN Q 113 12.84 52.31 -31.46
C ASN Q 113 13.14 51.43 -32.67
N PRO Q 114 12.10 50.98 -33.38
CA PRO Q 114 12.31 49.91 -34.38
C PRO Q 114 12.98 50.40 -35.66
N SER Q 115 14.20 50.92 -35.51
CA SER Q 115 15.02 51.35 -36.62
C SER Q 115 15.53 50.13 -37.40
N GLU Q 116 15.67 50.30 -38.72
CA GLU Q 116 16.17 49.19 -39.53
C GLU Q 116 17.52 48.72 -39.02
N ASP Q 117 18.35 49.65 -38.54
CA ASP Q 117 19.66 49.27 -38.02
C ASP Q 117 19.51 48.31 -36.85
N ALA Q 118 18.45 48.48 -36.05
CA ALA Q 118 18.24 47.58 -34.93
C ALA Q 118 17.88 46.19 -35.42
N LEU Q 119 17.16 46.09 -36.54
CA LEU Q 119 16.84 44.76 -37.06
C LEU Q 119 18.11 44.10 -37.59
N VAL Q 120 18.99 44.90 -38.20
CA VAL Q 120 20.25 44.35 -38.70
C VAL Q 120 21.07 43.83 -37.52
N GLU Q 121 21.11 44.62 -36.44
CA GLU Q 121 21.84 44.20 -35.26
C GLU Q 121 21.22 42.95 -34.66
N HIS Q 122 19.89 42.85 -34.70
CA HIS Q 122 19.23 41.64 -34.22
C HIS Q 122 19.71 40.42 -34.98
N ASN Q 123 19.70 40.49 -36.31
CA ASN Q 123 20.12 39.31 -37.06
C ASN Q 123 21.59 39.01 -36.84
N ARG Q 124 22.41 40.06 -36.66
CA ARG Q 124 23.82 39.84 -36.40
C ARG Q 124 24.00 39.12 -35.07
N ALA Q 125 23.27 39.56 -34.04
CA ALA Q 125 23.37 38.94 -32.73
C ALA Q 125 22.91 37.50 -32.79
N ILE Q 126 21.89 37.20 -33.59
CA ILE Q 126 21.43 35.82 -33.71
C ILE Q 126 22.51 34.96 -34.34
N VAL Q 127 23.17 35.48 -35.37
CA VAL Q 127 24.24 34.69 -36.00
C VAL Q 127 25.38 34.46 -35.01
N GLU Q 128 25.75 35.48 -34.25
CA GLU Q 128 26.82 35.28 -33.26
C GLU Q 128 26.39 34.25 -32.23
N HIS Q 129 25.13 34.30 -31.83
CA HIS Q 129 24.64 33.35 -30.84
C HIS Q 129 24.75 31.94 -31.36
N ASN Q 130 24.36 31.72 -32.62
CA ASN Q 130 24.45 30.36 -33.15
C ASN Q 130 25.90 29.92 -33.24
N ALA Q 131 26.81 30.83 -33.60
CA ALA Q 131 28.22 30.45 -33.64
C ALA Q 131 28.70 30.04 -32.26
N ILE Q 132 28.21 30.72 -31.24
CA ILE Q 132 28.59 30.39 -29.87
C ILE Q 132 28.04 29.03 -29.50
N ILE Q 133 26.78 28.75 -29.87
CA ILE Q 133 26.22 27.43 -29.55
C ILE Q 133 27.07 26.36 -30.20
N VAL Q 134 27.49 26.59 -31.44
CA VAL Q 134 28.26 25.57 -32.14
C VAL Q 134 29.57 25.31 -31.42
N GLU Q 135 30.24 26.37 -30.97
CA GLU Q 135 31.49 26.15 -30.24
C GLU Q 135 31.21 25.43 -28.92
N ASN Q 136 30.12 25.81 -28.24
CA ASN Q 136 29.78 25.18 -26.97
C ASN Q 136 29.54 23.68 -27.16
N ASN Q 137 28.81 23.31 -28.20
CA ASN Q 137 28.51 21.89 -28.39
C ASN Q 137 29.75 21.14 -28.84
N ARG Q 138 30.65 21.78 -29.59
CA ARG Q 138 31.90 21.12 -29.92
C ARG Q 138 32.67 20.79 -28.64
N ILE Q 139 32.75 21.78 -27.74
CA ILE Q 139 33.47 21.60 -26.48
C ILE Q 139 32.82 20.52 -25.65
N ILE Q 140 31.49 20.53 -25.57
CA ILE Q 140 30.81 19.50 -24.79
C ILE Q 140 31.07 18.13 -25.39
N ALA Q 141 30.99 18.00 -26.71
CA ALA Q 141 31.26 16.69 -27.29
C ALA Q 141 32.66 16.22 -26.93
N ALA Q 142 33.62 17.14 -26.93
CA ALA Q 142 34.99 16.78 -26.56
C ALA Q 142 35.07 16.36 -25.09
N VAL Q 143 34.37 17.06 -24.20
CA VAL Q 143 34.45 16.69 -22.80
C VAL Q 143 33.72 15.37 -22.60
N LEU Q 144 32.67 15.10 -23.37
CA LEU Q 144 31.99 13.80 -23.24
C LEU Q 144 32.94 12.70 -23.65
N GLU Q 145 33.71 12.92 -24.71
CA GLU Q 145 34.65 11.89 -25.11
C GLU Q 145 35.68 11.68 -24.01
N LEU Q 146 36.12 12.77 -23.37
CA LEU Q 146 37.08 12.65 -22.27
C LEU Q 146 36.47 11.91 -21.09
N ILE Q 147 35.20 12.14 -20.80
CA ILE Q 147 34.54 11.44 -19.69
C ILE Q 147 34.41 9.96 -19.99
N VAL Q 148 33.98 9.64 -21.22
CA VAL Q 148 33.78 8.25 -21.58
C VAL Q 148 35.10 7.51 -21.53
N ARG Q 149 36.18 8.14 -22.00
CA ARG Q 149 37.49 7.50 -21.93
C ARG Q 149 37.97 7.39 -20.48
N ALA Q 150 37.81 8.46 -19.71
CA ALA Q 150 38.25 8.47 -18.32
C ALA Q 150 37.55 7.41 -17.48
N LEU Q 151 36.28 7.14 -17.75
CA LEU Q 151 35.53 6.17 -16.98
C LEU Q 151 35.66 4.76 -17.56
N ASN Q 152 36.41 4.60 -18.65
CA ASN Q 152 36.60 3.30 -19.29
C ASN Q 152 35.27 2.61 -19.59
N LEU Q 153 34.34 3.34 -20.18
CA LEU Q 153 33.04 2.74 -20.47
C LEU Q 153 33.13 1.91 -21.75
N THR Q 154 32.44 0.78 -21.74
CA THR Q 154 32.34 -0.11 -22.88
C THR Q 154 30.92 -0.30 -23.38
N ASP Q 155 29.94 0.34 -22.75
CA ASP Q 155 28.55 0.13 -23.10
C ASP Q 155 28.32 0.43 -24.57
N ALA Q 156 27.80 -0.55 -25.31
CA ALA Q 156 27.58 -0.34 -26.74
C ALA Q 156 26.69 0.87 -26.98
N GLU Q 157 25.76 1.14 -26.08
CA GLU Q 157 24.86 2.26 -26.29
C GLU Q 157 25.59 3.58 -26.21
N VAL Q 158 26.62 3.68 -25.36
CA VAL Q 158 27.30 4.97 -25.25
C VAL Q 158 28.21 5.15 -26.46
N ILE Q 159 28.79 4.07 -26.96
CA ILE Q 159 29.66 4.17 -28.13
C ILE Q 159 28.83 4.61 -29.32
N LYS Q 160 27.65 4.00 -29.50
CA LYS Q 160 26.79 4.39 -30.60
C LYS Q 160 26.34 5.84 -30.45
N ALA Q 161 26.02 6.25 -29.22
CA ALA Q 161 25.58 7.62 -29.02
C ALA Q 161 26.70 8.59 -29.38
N LEU Q 162 27.94 8.23 -29.05
CA LEU Q 162 29.06 9.10 -29.40
C LEU Q 162 29.23 9.17 -30.91
N ILE Q 163 28.99 8.07 -31.61
CA ILE Q 163 29.10 8.10 -33.07
C ILE Q 163 28.04 9.02 -33.63
N GLU Q 164 26.80 8.91 -33.12
CA GLU Q 164 25.72 9.75 -33.60
C GLU Q 164 26.05 11.20 -33.31
N LEU Q 165 26.68 11.46 -32.16
CA LEU Q 165 27.03 12.82 -31.81
C LEU Q 165 28.04 13.36 -32.80
N ARG Q 166 29.07 12.58 -33.11
CA ARG Q 166 30.09 13.06 -34.03
C ARG Q 166 29.46 13.41 -35.39
N LEU Q 167 28.55 12.56 -35.86
CA LEU Q 167 27.92 12.84 -37.14
C LEU Q 167 27.05 14.08 -37.06
N SER Q 168 26.34 14.25 -35.95
CA SER Q 168 25.49 15.43 -35.82
C SER Q 168 26.31 16.69 -35.66
N THR Q 169 27.53 16.59 -35.10
CA THR Q 169 28.35 17.78 -34.99
C THR Q 169 28.89 18.15 -36.37
N LEU Q 170 29.07 17.16 -37.24
CA LEU Q 170 29.49 17.49 -38.60
C LEU Q 170 28.36 18.22 -39.30
N GLU Q 171 27.13 17.75 -39.10
CA GLU Q 171 25.99 18.39 -39.74
C GLU Q 171 25.83 19.81 -39.20
N LEU Q 172 26.03 19.98 -37.89
CA LEU Q 172 25.89 21.28 -37.28
C LEU Q 172 26.93 22.25 -37.79
N VAL Q 173 28.18 21.82 -37.92
CA VAL Q 173 29.20 22.73 -38.42
C VAL Q 173 28.91 23.13 -39.87
N ALA Q 174 28.54 22.16 -40.71
CA ALA Q 174 28.25 22.53 -42.09
C ALA Q 174 27.06 23.48 -42.18
N ALA Q 175 26.02 23.22 -41.38
CA ALA Q 175 24.86 24.11 -41.40
C ALA Q 175 25.23 25.49 -40.90
N THR Q 176 26.14 25.56 -39.92
CA THR Q 176 26.54 26.85 -39.40
C THR Q 176 27.26 27.66 -40.45
N ALA Q 177 28.16 27.01 -41.20
CA ALA Q 177 28.86 27.73 -42.24
C ALA Q 177 27.88 28.22 -43.29
N SER Q 178 26.87 27.39 -43.61
CA SER Q 178 25.88 27.81 -44.59
C SER Q 178 25.09 29.01 -44.08
N LEU Q 179 24.74 29.01 -42.79
CA LEU Q 179 23.99 30.11 -42.23
C LEU Q 179 24.83 31.40 -42.27
N ARG Q 180 26.11 31.30 -41.96
CA ARG Q 180 26.96 32.50 -42.01
C ARG Q 180 27.01 33.04 -43.43
N GLU Q 181 27.15 32.16 -44.42
CA GLU Q 181 27.22 32.65 -45.79
C GLU Q 181 25.91 33.31 -46.18
N ILE Q 182 24.78 32.74 -45.76
CA ILE Q 182 23.50 33.34 -46.10
C ILE Q 182 23.38 34.70 -45.45
N THR Q 183 23.81 34.81 -44.19
CA THR Q 183 23.75 36.09 -43.50
C THR Q 183 24.58 37.14 -44.21
N GLU Q 184 25.78 36.78 -44.66
CA GLU Q 184 26.60 37.74 -45.38
C GLU Q 184 25.93 38.16 -46.67
N GLU Q 185 25.29 37.22 -47.38
CA GLU Q 185 24.63 37.59 -48.61
C GLU Q 185 23.44 38.50 -48.34
N LEU Q 186 22.72 38.26 -47.25
CA LEU Q 186 21.60 39.12 -46.89
C LEU Q 186 22.10 40.53 -46.59
N LYS Q 187 23.18 40.62 -45.82
CA LYS Q 187 23.75 41.91 -45.46
C LYS Q 187 24.16 42.70 -46.70
N LYS Q 188 24.81 42.01 -47.66
CA LYS Q 188 25.24 42.71 -48.87
C LYS Q 188 24.06 43.18 -49.72
N ASN Q 189 23.02 42.37 -49.85
CA ASN Q 189 21.86 42.69 -50.69
C ASN Q 189 20.55 42.46 -49.94
N PRO Q 190 20.26 43.28 -48.94
CA PRO Q 190 19.04 43.04 -48.14
C PRO Q 190 17.79 43.20 -48.98
N SER Q 191 16.82 42.32 -48.74
CA SER Q 191 15.55 42.35 -49.47
C SER Q 191 14.54 41.51 -48.71
N GLU Q 192 13.28 41.64 -49.11
CA GLU Q 192 12.22 40.83 -48.49
C GLU Q 192 12.40 39.36 -48.80
N ASP Q 193 12.82 39.03 -50.03
CA ASP Q 193 12.96 37.62 -50.38
C ASP Q 193 14.19 37.04 -49.70
N ALA Q 194 15.26 37.83 -49.64
CA ALA Q 194 16.47 37.37 -48.99
C ALA Q 194 16.20 37.23 -47.49
N LEU Q 195 15.40 38.13 -46.94
CA LEU Q 195 15.11 38.09 -45.51
C LEU Q 195 14.26 36.86 -45.17
N VAL Q 196 13.29 36.52 -46.01
CA VAL Q 196 12.49 35.33 -45.71
C VAL Q 196 13.34 34.08 -45.89
N GLU Q 197 14.26 34.08 -46.86
CA GLU Q 197 15.13 32.92 -47.03
C GLU Q 197 16.05 32.78 -45.82
N HIS Q 198 16.52 33.91 -45.30
CA HIS Q 198 17.37 33.90 -44.12
C HIS Q 198 16.61 33.35 -42.92
N ASN Q 199 15.35 33.79 -42.75
CA ASN Q 199 14.57 33.29 -41.64
C ASN Q 199 14.35 31.79 -41.75
N ARG Q 200 14.16 31.29 -42.98
CA ARG Q 200 14.03 29.85 -43.14
C ARG Q 200 15.34 29.16 -42.78
N ALA Q 201 16.46 29.74 -43.20
CA ALA Q 201 17.76 29.16 -42.88
C ALA Q 201 17.93 29.06 -41.37
N ILE Q 202 17.46 30.08 -40.65
CA ILE Q 202 17.53 30.08 -39.20
C ILE Q 202 16.66 28.98 -38.63
N VAL Q 203 15.44 28.81 -39.15
CA VAL Q 203 14.60 27.75 -38.61
C VAL Q 203 15.26 26.39 -38.81
N GLU Q 204 15.83 26.15 -39.99
CA GLU Q 204 16.49 24.87 -40.23
C GLU Q 204 17.68 24.71 -39.30
N HIS Q 205 18.44 25.78 -39.09
CA HIS Q 205 19.60 25.73 -38.21
C HIS Q 205 19.18 25.41 -36.79
N ASN Q 206 18.11 26.04 -36.31
CA ASN Q 206 17.66 25.76 -34.96
C ASN Q 206 17.21 24.31 -34.85
N ALA Q 207 16.57 23.77 -35.89
CA ALA Q 207 16.17 22.37 -35.84
C ALA Q 207 17.40 21.48 -35.72
N ILE Q 208 18.49 21.84 -36.39
CA ILE Q 208 19.71 21.06 -36.29
C ILE Q 208 20.29 21.17 -34.89
N ILE Q 209 20.28 22.37 -34.32
CA ILE Q 209 20.79 22.54 -32.96
C ILE Q 209 19.98 21.68 -32.00
N VAL Q 210 18.65 21.66 -32.18
CA VAL Q 210 17.81 20.86 -31.31
C VAL Q 210 18.17 19.39 -31.40
N GLU Q 211 18.43 18.89 -32.62
CA GLU Q 211 18.83 17.49 -32.75
C GLU Q 211 20.18 17.23 -32.09
N ASN Q 212 21.11 18.18 -32.23
CA ASN Q 212 22.42 18.00 -31.61
C ASN Q 212 22.29 17.95 -30.09
N ASN Q 213 21.42 18.80 -29.54
CA ASN Q 213 21.23 18.80 -28.10
C ASN Q 213 20.53 17.52 -27.66
N ARG Q 214 19.65 16.98 -28.49
CA ARG Q 214 19.00 15.73 -28.14
C ARG Q 214 20.04 14.63 -28.00
N ILE Q 215 20.98 14.59 -28.95
CA ILE Q 215 22.01 13.55 -28.89
C ILE Q 215 22.89 13.76 -27.67
N ILE Q 216 23.29 15.01 -27.40
CA ILE Q 216 24.11 15.26 -26.22
C ILE Q 216 23.38 14.79 -24.97
N ALA Q 217 22.09 15.10 -24.88
CA ALA Q 217 21.32 14.66 -23.72
C ALA Q 217 21.29 13.16 -23.61
N ALA Q 218 21.17 12.46 -24.74
CA ALA Q 218 21.16 11.00 -24.69
C ALA Q 218 22.50 10.48 -24.18
N VAL Q 219 23.59 11.12 -24.60
CA VAL Q 219 24.90 10.68 -24.15
C VAL Q 219 25.04 10.90 -22.66
N LEU Q 220 24.60 12.06 -22.16
CA LEU Q 220 24.69 12.32 -20.73
C LEU Q 220 23.82 11.33 -19.96
N GLU Q 221 22.63 11.03 -20.48
CA GLU Q 221 21.77 10.07 -19.80
C GLU Q 221 22.48 8.73 -19.67
N LEU Q 222 23.14 8.29 -20.74
CA LEU Q 222 23.85 7.02 -20.71
C LEU Q 222 25.04 7.06 -19.75
N ILE Q 223 25.74 8.19 -19.68
CA ILE Q 223 26.87 8.30 -18.76
C ILE Q 223 26.40 8.28 -17.31
N VAL Q 224 25.35 9.04 -17.00
CA VAL Q 224 24.90 9.14 -15.62
C VAL Q 224 24.24 7.83 -15.18
N GLY Q 225 23.39 7.26 -16.03
CA GLY Q 225 22.67 6.06 -15.70
C GLY Q 225 23.39 4.81 -16.17
N GLY R 2 8.72 -62.55 -14.95
CA GLY R 2 9.72 -61.61 -15.52
C GLY R 2 9.97 -60.42 -14.62
N SER R 3 9.28 -59.32 -14.90
CA SER R 3 9.49 -58.09 -14.14
C SER R 3 9.05 -58.22 -12.70
N GLU R 4 8.22 -59.23 -12.41
CA GLU R 4 7.74 -59.42 -11.05
C GLU R 4 8.90 -59.65 -10.08
N VAL R 5 9.94 -60.35 -10.54
CA VAL R 5 11.06 -60.65 -9.67
C VAL R 5 12.14 -59.58 -9.81
N GLU R 6 12.40 -59.14 -11.04
CA GLU R 6 13.41 -58.11 -11.25
C GLU R 6 13.12 -56.88 -10.39
N ILE R 7 11.84 -56.51 -10.31
CA ILE R 7 11.47 -55.33 -9.51
C ILE R 7 11.64 -55.63 -8.03
N LEU R 8 11.36 -56.87 -7.60
CA LEU R 8 11.56 -57.19 -6.19
C LEU R 8 13.04 -57.09 -5.84
N LYS R 9 13.90 -57.47 -6.78
CA LYS R 9 15.33 -57.36 -6.54
C LYS R 9 15.75 -55.90 -6.50
N ALA R 10 15.16 -55.07 -7.37
CA ALA R 10 15.48 -53.64 -7.32
C ALA R 10 15.07 -53.07 -5.96
N LEU R 11 13.94 -53.51 -5.41
CA LEU R 11 13.54 -53.01 -4.10
C LEU R 11 14.51 -53.48 -3.03
N LEU R 12 14.99 -54.72 -3.16
CA LEU R 12 15.97 -55.22 -2.20
C LEU R 12 17.24 -54.39 -2.29
N GLU R 13 17.65 -54.04 -3.51
CA GLU R 13 18.82 -53.20 -3.69
C GLU R 13 18.62 -51.85 -3.01
N LEU R 14 17.45 -51.25 -3.16
CA LEU R 14 17.24 -49.95 -2.53
C LEU R 14 17.34 -50.07 -1.02
N LYS R 15 16.79 -51.14 -0.47
CA LYS R 15 16.88 -51.37 0.97
C LYS R 15 18.33 -51.50 1.41
N LYS R 16 19.14 -52.22 0.65
CA LYS R 16 20.52 -52.44 1.07
C LYS R 16 21.37 -51.20 0.86
N SER R 17 21.13 -50.44 -0.20
CA SER R 17 21.95 -49.26 -0.38
C SER R 17 21.56 -48.20 0.65
N THR R 18 20.31 -48.22 1.09
CA THR R 18 19.90 -47.30 2.15
C THR R 18 20.58 -47.66 3.45
N ALA R 19 20.62 -48.95 3.79
CA ALA R 19 21.30 -49.34 5.01
C ALA R 19 22.77 -48.98 4.93
N GLU R 20 23.38 -49.15 3.76
CA GLU R 20 24.77 -48.75 3.59
C GLU R 20 24.92 -47.26 3.83
N LEU R 21 24.02 -46.45 3.28
CA LEU R 21 24.15 -45.01 3.44
C LEU R 21 24.09 -44.65 4.91
N LYS R 22 23.16 -45.24 5.65
CA LYS R 22 23.03 -44.92 7.06
C LYS R 22 24.29 -45.30 7.82
N ARG R 23 24.87 -46.47 7.52
CA ARG R 23 26.08 -46.88 8.23
C ARG R 23 27.28 -46.04 7.82
N ALA R 24 27.40 -45.70 6.54
CA ALA R 24 28.52 -44.89 6.10
C ALA R 24 28.45 -43.53 6.75
N THR R 25 27.24 -42.99 6.90
CA THR R 25 27.06 -41.69 7.51
C THR R 25 27.45 -41.77 8.98
N ALA R 26 27.05 -42.87 9.64
CA ALA R 26 27.42 -43.03 11.03
C ALA R 26 28.92 -43.07 11.21
N SER R 27 29.64 -43.73 10.28
CA SER R 27 31.08 -43.70 10.45
C SER R 27 31.62 -42.32 10.13
N LEU R 28 30.99 -41.60 9.20
CA LEU R 28 31.46 -40.26 8.87
C LEU R 28 31.55 -39.44 10.14
N ARG R 29 30.48 -39.50 10.92
CA ARG R 29 30.41 -38.72 12.15
C ARG R 29 31.30 -39.27 13.26
N ALA R 30 31.34 -40.60 13.40
CA ALA R 30 32.19 -41.16 14.44
C ALA R 30 33.62 -40.75 14.18
N ILE R 31 33.99 -40.69 12.90
CA ILE R 31 35.34 -40.34 12.50
C ILE R 31 35.61 -38.89 12.88
N THR R 32 34.71 -37.99 12.51
CA THR R 32 34.96 -36.58 12.81
C THR R 32 35.12 -36.34 14.31
N GLU R 33 34.21 -36.89 15.10
CA GLU R 33 34.25 -36.71 16.55
C GLU R 33 35.43 -37.38 17.22
N GLU R 34 35.81 -38.59 16.79
CA GLU R 34 36.91 -39.24 17.49
C GLU R 34 38.25 -38.74 17.01
N LEU R 35 38.40 -38.46 15.72
CA LEU R 35 39.71 -38.08 15.24
C LEU R 35 40.04 -36.64 15.61
N LYS R 36 39.04 -35.75 15.73
CA LYS R 36 39.42 -34.38 16.06
C LYS R 36 40.04 -34.33 17.45
N LYS R 37 39.83 -35.38 18.26
CA LYS R 37 40.41 -35.45 19.59
C LYS R 37 41.93 -35.49 19.54
N ASN R 38 42.48 -36.10 18.49
CA ASN R 38 43.94 -36.22 18.35
C ASN R 38 44.28 -36.28 16.87
N PRO R 39 44.46 -35.13 16.22
CA PRO R 39 44.78 -35.12 14.79
C PRO R 39 46.07 -35.84 14.41
N SER R 40 46.92 -36.22 15.37
CA SER R 40 48.15 -36.90 15.02
C SER R 40 47.91 -38.32 14.50
N GLU R 41 46.70 -38.86 14.66
CA GLU R 41 46.36 -40.17 14.12
C GLU R 41 45.94 -39.97 12.66
N ASP R 42 46.94 -39.67 11.84
CA ASP R 42 46.67 -39.22 10.47
C ASP R 42 46.17 -40.37 9.60
N ALA R 43 46.79 -41.53 9.71
CA ALA R 43 46.40 -42.66 8.87
C ALA R 43 44.95 -43.04 9.12
N LEU R 44 44.52 -43.04 10.39
CA LEU R 44 43.17 -43.46 10.69
C LEU R 44 42.14 -42.49 10.12
N VAL R 45 42.38 -41.18 10.27
CA VAL R 45 41.39 -40.22 9.79
C VAL R 45 41.38 -40.17 8.28
N GLU R 46 42.55 -40.25 7.64
CA GLU R 46 42.57 -40.14 6.19
C GLU R 46 41.98 -41.40 5.57
N HIS R 47 42.25 -42.56 6.16
CA HIS R 47 41.71 -43.78 5.61
C HIS R 47 40.21 -43.82 5.78
N ASN R 48 39.72 -43.41 6.94
CA ASN R 48 38.29 -43.47 7.15
C ASN R 48 37.56 -42.44 6.29
N ARG R 49 38.18 -41.28 6.05
CA ARG R 49 37.51 -40.32 5.18
C ARG R 49 37.44 -40.85 3.77
N ALA R 50 38.51 -41.52 3.31
CA ALA R 50 38.45 -42.09 1.98
C ALA R 50 37.36 -43.14 1.90
N ILE R 51 37.20 -43.91 2.98
CA ILE R 51 36.18 -44.95 3.02
C ILE R 51 34.81 -44.33 2.88
N VAL R 52 34.59 -43.22 3.60
CA VAL R 52 33.31 -42.52 3.54
C VAL R 52 33.03 -42.00 2.15
N GLU R 53 34.04 -41.41 1.50
CA GLU R 53 33.80 -40.91 0.14
C GLU R 53 33.48 -42.06 -0.80
N HIS R 54 34.15 -43.21 -0.62
CA HIS R 54 33.89 -44.31 -1.52
C HIS R 54 32.46 -44.80 -1.37
N ASN R 55 32.00 -44.88 -0.12
CA ASN R 55 30.64 -45.35 0.09
C ASN R 55 29.63 -44.35 -0.44
N ALA R 56 29.88 -43.05 -0.26
CA ALA R 56 28.93 -42.07 -0.75
C ALA R 56 28.78 -42.18 -2.26
N ILE R 57 29.90 -42.41 -2.95
CA ILE R 57 29.84 -42.56 -4.40
C ILE R 57 29.09 -43.82 -4.77
N ILE R 58 29.35 -44.92 -4.07
CA ILE R 58 28.67 -46.17 -4.39
C ILE R 58 27.16 -46.02 -4.20
N VAL R 59 26.74 -45.37 -3.12
CA VAL R 59 25.32 -45.16 -2.89
C VAL R 59 24.69 -44.33 -4.01
N GLU R 60 25.37 -43.27 -4.44
CA GLU R 60 24.80 -42.47 -5.51
C GLU R 60 24.71 -43.28 -6.81
N ASN R 61 25.73 -44.09 -7.09
CA ASN R 61 25.67 -44.91 -8.29
C ASN R 61 24.55 -45.93 -8.21
N ASN R 62 24.32 -46.51 -7.04
CA ASN R 62 23.23 -47.48 -6.94
C ASN R 62 21.90 -46.82 -7.20
N ARG R 63 21.75 -45.59 -6.71
CA ARG R 63 20.50 -44.87 -6.97
C ARG R 63 20.29 -44.66 -8.46
N ILE R 64 21.34 -44.24 -9.17
CA ILE R 64 21.19 -43.97 -10.60
C ILE R 64 20.93 -45.26 -11.35
N ILE R 65 21.65 -46.32 -11.01
CA ILE R 65 21.47 -47.59 -11.71
C ILE R 65 20.04 -48.07 -11.54
N ALA R 66 19.52 -48.00 -10.31
CA ALA R 66 18.15 -48.43 -10.09
C ALA R 66 17.20 -47.56 -10.90
N ALA R 67 17.48 -46.26 -11.00
CA ALA R 67 16.62 -45.38 -11.76
C ALA R 67 16.56 -45.78 -13.23
N VAL R 68 17.68 -46.25 -13.78
CA VAL R 68 17.68 -46.69 -15.18
C VAL R 68 16.99 -48.04 -15.32
N LEU R 69 17.29 -48.95 -14.42
CA LEU R 69 16.70 -50.27 -14.53
C LEU R 69 15.20 -50.19 -14.40
N MET R 70 14.67 -49.22 -13.64
CA MET R 70 13.22 -49.09 -13.58
C MET R 70 12.63 -48.77 -14.94
N LEU R 71 13.41 -48.15 -15.83
CA LEU R 71 12.89 -47.85 -17.16
C LEU R 71 12.89 -49.11 -17.99
N ILE R 72 13.90 -49.95 -17.76
CA ILE R 72 13.88 -51.22 -18.49
C ILE R 72 12.72 -52.07 -18.00
N VAL R 73 12.51 -52.08 -16.68
CA VAL R 73 11.43 -52.86 -16.08
C VAL R 73 10.07 -52.39 -16.59
N VAL R 74 9.86 -51.08 -16.69
CA VAL R 74 8.57 -50.62 -17.17
C VAL R 74 8.38 -51.05 -18.61
N ALA R 75 9.45 -51.04 -19.41
CA ALA R 75 9.28 -51.53 -20.78
C ALA R 75 8.92 -53.02 -20.78
N VAL R 76 9.54 -53.78 -19.88
CA VAL R 76 9.30 -55.23 -19.80
C VAL R 76 7.87 -55.53 -19.39
N GLY R 77 7.32 -54.78 -18.44
CA GLY R 77 5.98 -55.04 -17.95
C GLY R 77 4.87 -54.93 -18.98
N MET R 78 5.14 -54.37 -20.14
CA MET R 78 4.15 -54.22 -21.18
C MET R 78 4.17 -55.36 -22.19
N THR R 79 4.95 -56.41 -21.91
CA THR R 79 5.06 -57.54 -22.83
C THR R 79 3.70 -58.07 -23.26
N GLN R 80 2.78 -58.27 -22.31
CA GLN R 80 1.49 -58.85 -22.70
C GLN R 80 0.64 -57.85 -23.47
N GLU R 81 0.76 -56.56 -23.17
CA GLU R 81 -0.04 -55.58 -23.90
C GLU R 81 0.44 -55.51 -25.33
N ILE R 82 1.75 -55.61 -25.52
CA ILE R 82 2.32 -55.57 -26.86
C ILE R 82 1.94 -56.85 -27.60
N LYS R 83 2.08 -57.99 -26.94
CA LYS R 83 1.72 -59.25 -27.56
C LYS R 83 0.28 -59.23 -28.05
N LYS R 84 -0.65 -58.71 -27.24
CA LYS R 84 -2.03 -58.68 -27.69
C LYS R 84 -2.22 -57.69 -28.83
N ALA R 85 -1.53 -56.55 -28.77
CA ALA R 85 -1.63 -55.62 -29.89
C ALA R 85 -1.13 -56.25 -31.17
N LEU R 86 -0.05 -57.04 -31.08
CA LEU R 86 0.46 -57.72 -32.26
C LEU R 86 -0.52 -58.77 -32.76
N GLU R 87 -1.14 -59.51 -31.85
CA GLU R 87 -2.09 -60.52 -32.32
C GLU R 87 -3.21 -59.84 -33.10
N GLU R 88 -3.66 -58.68 -32.62
CA GLU R 88 -4.70 -57.96 -33.33
C GLU R 88 -4.20 -57.44 -34.67
N LEU R 89 -2.96 -56.96 -34.71
CA LEU R 89 -2.41 -56.42 -35.94
C LEU R 89 -2.25 -57.52 -36.98
N VAL R 90 -1.84 -58.71 -36.53
CA VAL R 90 -1.67 -59.83 -37.44
C VAL R 90 -3.03 -60.24 -38.00
N ALA R 91 -4.05 -60.33 -37.14
CA ALA R 91 -5.36 -60.69 -37.64
C ALA R 91 -5.85 -59.64 -38.64
N SER R 92 -5.58 -58.37 -38.37
CA SER R 92 -6.00 -57.31 -39.28
C SER R 92 -5.30 -57.45 -40.62
N THR R 93 -3.99 -57.71 -40.60
CA THR R 93 -3.25 -57.88 -41.83
C THR R 93 -3.80 -59.03 -42.65
N ALA R 94 -4.07 -60.16 -41.99
CA ALA R 94 -4.62 -61.31 -42.71
C ALA R 94 -5.98 -60.97 -43.32
N GLU R 95 -6.80 -60.22 -42.59
CA GLU R 95 -8.11 -59.87 -43.13
C GLU R 95 -7.94 -58.94 -44.32
N LEU R 96 -6.97 -58.04 -44.23
CA LEU R 96 -6.74 -57.10 -45.33
C LEU R 96 -6.30 -57.86 -46.56
N LYS R 97 -5.44 -58.86 -46.38
CA LYS R 97 -5.02 -59.69 -47.50
C LYS R 97 -6.20 -60.40 -48.12
N ARG R 98 -7.10 -60.95 -47.30
CA ARG R 98 -8.25 -61.64 -47.87
C ARG R 98 -9.11 -60.68 -48.66
N ALA R 99 -9.31 -59.47 -48.13
CA ALA R 99 -10.09 -58.47 -48.84
C ALA R 99 -9.42 -58.10 -50.16
N THR R 100 -8.09 -58.00 -50.16
CA THR R 100 -7.38 -57.64 -51.38
C THR R 100 -7.52 -58.73 -52.42
N ALA R 101 -7.37 -60.00 -52.02
CA ALA R 101 -7.51 -61.08 -52.98
C ALA R 101 -8.93 -61.12 -53.53
N SER R 102 -9.92 -60.87 -52.67
CA SER R 102 -11.29 -60.86 -53.12
C SER R 102 -11.49 -59.74 -54.13
N LEU R 103 -10.95 -58.56 -53.84
CA LEU R 103 -11.11 -57.44 -54.75
C LEU R 103 -10.44 -57.73 -56.08
N ARG R 104 -9.26 -58.34 -56.06
CA ARG R 104 -8.59 -58.67 -57.32
C ARG R 104 -9.46 -59.61 -58.15
N ALA R 105 -10.01 -60.64 -57.51
CA ALA R 105 -10.85 -61.57 -58.25
C ALA R 105 -12.08 -60.86 -58.80
N ILE R 106 -12.64 -59.94 -58.01
CA ILE R 106 -13.80 -59.18 -58.48
C ILE R 106 -13.41 -58.33 -59.68
N THR R 107 -12.27 -57.67 -59.61
CA THR R 107 -11.83 -56.83 -60.73
C THR R 107 -11.71 -57.66 -61.99
N GLU R 108 -11.12 -58.84 -61.89
CA GLU R 108 -10.98 -59.70 -63.07
C GLU R 108 -12.34 -60.12 -63.60
N GLU R 109 -13.27 -60.46 -62.70
CA GLU R 109 -14.60 -60.89 -63.14
C GLU R 109 -15.35 -59.73 -63.77
N LEU R 110 -15.24 -58.54 -63.19
CA LEU R 110 -15.94 -57.37 -63.68
C LEU R 110 -15.42 -56.96 -65.04
N LYS R 111 -14.11 -57.01 -65.25
CA LYS R 111 -13.59 -56.65 -66.56
C LYS R 111 -13.94 -57.71 -67.60
N LYS R 112 -13.82 -58.99 -67.23
CA LYS R 112 -14.10 -60.05 -68.19
C LYS R 112 -15.59 -60.12 -68.53
N ASN R 113 -16.45 -59.90 -67.54
CA ASN R 113 -17.91 -59.98 -67.71
C ASN R 113 -18.58 -58.86 -66.94
N PRO R 114 -18.67 -57.66 -67.54
CA PRO R 114 -19.06 -56.47 -66.75
C PRO R 114 -20.55 -56.42 -66.40
N SER R 115 -21.00 -57.44 -65.68
CA SER R 115 -22.37 -57.50 -65.19
C SER R 115 -22.58 -56.47 -64.08
N GLU R 116 -23.80 -55.92 -64.00
CA GLU R 116 -24.09 -54.96 -62.94
C GLU R 116 -23.79 -55.55 -61.58
N ASP R 117 -24.07 -56.84 -61.40
CA ASP R 117 -23.81 -57.48 -60.12
C ASP R 117 -22.34 -57.38 -59.78
N ALA R 118 -21.47 -57.45 -60.79
CA ALA R 118 -20.04 -57.35 -60.52
C ALA R 118 -19.68 -55.94 -60.05
N LEU R 119 -20.38 -54.91 -60.55
CA LEU R 119 -20.10 -53.56 -60.08
C LEU R 119 -20.55 -53.43 -58.63
N VAL R 120 -21.68 -54.06 -58.29
CA VAL R 120 -22.16 -54.02 -56.91
C VAL R 120 -21.15 -54.70 -56.01
N GLU R 121 -20.64 -55.85 -56.44
CA GLU R 121 -19.64 -56.57 -55.67
C GLU R 121 -18.37 -55.73 -55.53
N HIS R 122 -17.99 -55.01 -56.58
CA HIS R 122 -16.84 -54.13 -56.50
C HIS R 122 -17.03 -53.10 -55.40
N ASN R 123 -18.17 -52.41 -55.38
CA ASN R 123 -18.35 -51.40 -54.37
C ASN R 123 -18.43 -52.01 -52.97
N ARG R 124 -19.00 -53.20 -52.87
CA ARG R 124 -19.05 -53.86 -51.57
C ARG R 124 -17.65 -54.16 -51.09
N ALA R 125 -16.81 -54.69 -51.98
CA ALA R 125 -15.43 -55.01 -51.64
C ALA R 125 -14.67 -53.76 -51.24
N ILE R 126 -14.93 -52.64 -51.91
CA ILE R 126 -14.23 -51.40 -51.55
C ILE R 126 -14.63 -50.97 -50.15
N VAL R 127 -15.92 -51.07 -49.82
CA VAL R 127 -16.34 -50.68 -48.48
C VAL R 127 -15.72 -51.60 -47.44
N GLU R 128 -15.69 -52.90 -47.71
CA GLU R 128 -15.08 -53.81 -46.76
C GLU R 128 -13.60 -53.49 -46.58
N HIS R 129 -12.94 -53.13 -47.67
CA HIS R 129 -11.52 -52.81 -47.59
C HIS R 129 -11.32 -51.59 -46.70
N ASN R 130 -12.15 -50.56 -46.87
CA ASN R 130 -11.99 -49.38 -46.04
C ASN R 130 -12.28 -49.70 -44.58
N ALA R 131 -13.26 -50.55 -44.30
CA ALA R 131 -13.51 -50.93 -42.92
C ALA R 131 -12.29 -51.61 -42.32
N ILE R 132 -11.61 -52.43 -43.14
CA ILE R 132 -10.42 -53.12 -42.68
C ILE R 132 -9.31 -52.11 -42.42
N ILE R 133 -9.15 -51.13 -43.31
CA ILE R 133 -8.12 -50.13 -43.09
C ILE R 133 -8.37 -49.42 -41.78
N VAL R 134 -9.63 -49.10 -41.50
CA VAL R 134 -9.95 -48.37 -40.28
C VAL R 134 -9.58 -49.20 -39.06
N GLU R 135 -9.90 -50.50 -39.08
CA GLU R 135 -9.51 -51.32 -37.94
C GLU R 135 -8.00 -51.44 -37.83
N ASN R 136 -7.31 -51.56 -38.97
CA ASN R 136 -5.86 -51.67 -38.94
C ASN R 136 -5.23 -50.43 -38.35
N ASN R 137 -5.70 -49.24 -38.75
CA ASN R 137 -5.09 -48.02 -38.23
C ASN R 137 -5.45 -47.80 -36.77
N ARG R 138 -6.64 -48.23 -36.35
CA ARG R 138 -6.95 -48.13 -34.93
C ARG R 138 -5.97 -48.97 -34.13
N ILE R 139 -5.73 -50.20 -34.59
CA ILE R 139 -4.81 -51.10 -33.90
C ILE R 139 -3.40 -50.52 -33.89
N ILE R 140 -2.96 -49.99 -35.02
CA ILE R 140 -1.64 -49.38 -35.07
C ILE R 140 -1.55 -48.20 -34.12
N ALA R 141 -2.57 -47.34 -34.09
CA ALA R 141 -2.49 -46.21 -33.17
C ALA R 141 -2.37 -46.71 -31.73
N ALA R 142 -3.08 -47.78 -31.40
CA ALA R 142 -2.99 -48.34 -30.06
C ALA R 142 -1.60 -48.89 -29.78
N VAL R 143 -1.00 -49.56 -30.77
CA VAL R 143 0.32 -50.12 -30.54
C VAL R 143 1.33 -48.98 -30.45
N LEU R 144 1.12 -47.88 -31.18
CA LEU R 144 2.04 -46.76 -31.09
C LEU R 144 1.98 -46.18 -29.69
N GLU R 145 0.77 -46.09 -29.12
CA GLU R 145 0.69 -45.59 -27.75
C GLU R 145 1.42 -46.52 -26.81
N LEU R 146 1.32 -47.84 -27.05
CA LEU R 146 2.01 -48.80 -26.21
C LEU R 146 3.52 -48.65 -26.35
N ILE R 147 4.00 -48.38 -27.55
CA ILE R 147 5.43 -48.21 -27.77
C ILE R 147 5.92 -46.95 -27.07
N VAL R 148 5.18 -45.86 -27.23
CA VAL R 148 5.58 -44.59 -26.63
C VAL R 148 5.62 -44.73 -25.12
N ARG R 149 4.64 -45.41 -24.55
CA ARG R 149 4.65 -45.62 -23.11
C ARG R 149 5.79 -46.56 -22.72
N ALA R 150 5.98 -47.65 -23.46
CA ALA R 150 7.04 -48.60 -23.14
C ALA R 150 8.42 -47.98 -23.23
N LEU R 151 8.63 -47.05 -24.15
CA LEU R 151 9.95 -46.44 -24.30
C LEU R 151 10.10 -45.19 -23.43
N ASN R 152 9.07 -44.82 -22.68
CA ASN R 152 9.11 -43.66 -21.81
C ASN R 152 9.54 -42.40 -22.55
N LEU R 153 8.96 -42.16 -23.72
CA LEU R 153 9.35 -40.97 -24.47
C LEU R 153 8.64 -39.75 -23.91
N THR R 154 9.37 -38.64 -23.87
CA THR R 154 8.83 -37.36 -23.44
C THR R 154 8.88 -36.29 -24.52
N ASP R 155 9.38 -36.62 -25.70
CA ASP R 155 9.56 -35.61 -26.74
C ASP R 155 8.24 -34.93 -27.06
N ALA R 156 8.22 -33.61 -26.93
CA ALA R 156 6.98 -32.89 -27.17
C ALA R 156 6.45 -33.18 -28.57
N GLU R 157 7.34 -33.40 -29.54
CA GLU R 157 6.89 -33.64 -30.89
C GLU R 157 6.14 -34.96 -31.00
N VAL R 158 6.54 -35.98 -30.22
CA VAL R 158 5.85 -37.25 -30.36
C VAL R 158 4.51 -37.16 -29.66
N ILE R 159 4.43 -36.42 -28.56
CA ILE R 159 3.18 -36.29 -27.83
C ILE R 159 2.17 -35.55 -28.70
N LYS R 160 2.62 -34.47 -29.34
CA LYS R 160 1.72 -33.73 -30.21
C LYS R 160 1.29 -34.60 -31.39
N ALA R 161 2.23 -35.39 -31.93
CA ALA R 161 1.88 -36.25 -33.06
C ALA R 161 0.82 -37.26 -32.64
N LEU R 162 0.93 -37.78 -31.41
CA LEU R 162 -0.07 -38.73 -30.93
C LEU R 162 -1.42 -38.05 -30.78
N ILE R 163 -1.43 -36.78 -30.35
CA ILE R 163 -2.70 -36.09 -30.23
C ILE R 163 -3.33 -35.92 -31.62
N GLU R 164 -2.51 -35.53 -32.60
CA GLU R 164 -3.02 -35.37 -33.95
C GLU R 164 -3.54 -36.69 -34.47
N LEU R 165 -2.85 -37.78 -34.13
CA LEU R 165 -3.28 -39.10 -34.56
C LEU R 165 -4.62 -39.43 -33.97
N ARG R 166 -4.79 -39.19 -32.67
CA ARG R 166 -6.07 -39.52 -32.03
C ARG R 166 -7.20 -38.75 -32.70
N LEU R 167 -6.96 -37.47 -33.00
CA LEU R 167 -8.01 -36.67 -33.64
C LEU R 167 -8.30 -37.19 -35.04
N SER R 168 -7.25 -37.57 -35.78
CA SER R 168 -7.50 -38.06 -37.12
C SER R 168 -8.19 -39.41 -37.08
N THR R 169 -7.99 -40.19 -36.03
CA THR R 169 -8.70 -41.46 -35.98
C THR R 169 -10.16 -41.21 -35.66
N LEU R 170 -10.47 -40.13 -34.95
CA LEU R 170 -11.88 -39.82 -34.71
C LEU R 170 -12.53 -39.41 -36.03
N GLU R 171 -11.82 -38.60 -36.81
CA GLU R 171 -12.37 -38.17 -38.08
C GLU R 171 -12.54 -39.36 -39.00
N LEU R 172 -11.57 -40.27 -38.99
CA LEU R 172 -11.63 -41.44 -39.85
C LEU R 172 -12.79 -42.35 -39.48
N VAL R 173 -13.02 -42.57 -38.19
CA VAL R 173 -14.13 -43.43 -37.80
C VAL R 173 -15.47 -42.80 -38.20
N ALA R 174 -15.64 -41.50 -37.95
CA ALA R 174 -16.90 -40.88 -38.33
C ALA R 174 -17.09 -40.93 -39.85
N ALA R 175 -16.02 -40.68 -40.60
CA ALA R 175 -16.13 -40.73 -42.04
C ALA R 175 -16.45 -42.14 -42.51
N THR R 176 -15.90 -43.14 -41.84
CA THR R 176 -16.16 -44.51 -42.23
C THR R 176 -17.62 -44.84 -42.03
N ALA R 177 -18.19 -44.44 -40.90
CA ALA R 177 -19.60 -44.70 -40.67
C ALA R 177 -20.44 -44.01 -41.73
N SER R 178 -20.06 -42.79 -42.11
CA SER R 178 -20.81 -42.09 -43.15
C SER R 178 -20.71 -42.82 -44.47
N LEU R 179 -19.53 -43.34 -44.80
CA LEU R 179 -19.36 -44.06 -46.05
C LEU R 179 -20.21 -45.32 -46.05
N ARG R 180 -20.25 -46.04 -44.92
CA ARG R 180 -21.06 -47.25 -44.88
C ARG R 180 -22.53 -46.91 -45.09
N GLU R 181 -22.99 -45.82 -44.47
CA GLU R 181 -24.40 -45.46 -44.63
C GLU R 181 -24.69 -45.07 -46.08
N ILE R 182 -23.76 -44.36 -46.71
CA ILE R 182 -23.99 -43.96 -48.10
C ILE R 182 -24.04 -45.19 -48.99
N THR R 183 -23.13 -46.14 -48.76
CA THR R 183 -23.14 -47.36 -49.57
C THR R 183 -24.44 -48.11 -49.40
N GLU R 184 -24.94 -48.22 -48.17
CA GLU R 184 -26.20 -48.92 -47.97
C GLU R 184 -27.35 -48.20 -48.67
N GLU R 185 -27.34 -46.86 -48.65
CA GLU R 185 -28.41 -46.14 -49.33
C GLU R 185 -28.32 -46.34 -50.84
N LEU R 186 -27.10 -46.39 -51.37
CA LEU R 186 -26.93 -46.65 -52.79
C LEU R 186 -27.45 -48.04 -53.15
N LYS R 187 -27.13 -49.03 -52.33
CA LYS R 187 -27.58 -50.39 -52.57
C LYS R 187 -29.09 -50.48 -52.58
N LYS R 188 -29.75 -49.80 -51.62
CA LYS R 188 -31.20 -49.85 -51.56
C LYS R 188 -31.85 -49.16 -52.76
N ASN R 189 -31.31 -48.02 -53.20
CA ASN R 189 -31.89 -47.26 -54.29
C ASN R 189 -30.82 -46.86 -55.30
N PRO R 190 -30.28 -47.83 -56.05
CA PRO R 190 -29.19 -47.53 -56.97
C PRO R 190 -29.64 -46.57 -58.07
N SER R 191 -28.77 -45.62 -58.41
CA SER R 191 -29.07 -44.65 -59.45
C SER R 191 -27.76 -43.99 -59.88
N GLU R 192 -27.83 -43.26 -61.00
CA GLU R 192 -26.65 -42.54 -61.46
C GLU R 192 -26.24 -41.45 -60.48
N ASP R 193 -27.22 -40.74 -59.90
CA ASP R 193 -26.87 -39.66 -58.99
C ASP R 193 -26.37 -40.22 -57.68
N ALA R 194 -26.99 -41.31 -57.22
CA ALA R 194 -26.54 -41.94 -55.99
C ALA R 194 -25.15 -42.53 -56.19
N LEU R 195 -24.90 -43.08 -57.38
CA LEU R 195 -23.61 -43.69 -57.67
C LEU R 195 -22.52 -42.65 -57.71
N VAL R 196 -22.79 -41.49 -58.32
CA VAL R 196 -21.75 -40.47 -58.36
C VAL R 196 -21.53 -39.90 -56.96
N GLU R 197 -22.59 -39.80 -56.16
CA GLU R 197 -22.41 -39.30 -54.81
C GLU R 197 -21.58 -40.29 -54.00
N HIS R 198 -21.81 -41.58 -54.21
CA HIS R 198 -21.07 -42.62 -53.53
C HIS R 198 -19.60 -42.56 -53.92
N ASN R 199 -19.31 -42.40 -55.21
CA ASN R 199 -17.93 -42.32 -55.65
C ASN R 199 -17.24 -41.10 -55.05
N ARG R 200 -17.98 -39.99 -54.92
CA ARG R 200 -17.39 -38.83 -54.27
C ARG R 200 -17.11 -39.12 -52.81
N ALA R 201 -18.03 -39.82 -52.15
CA ALA R 201 -17.84 -40.17 -50.75
C ALA R 201 -16.58 -41.00 -50.59
N ILE R 202 -16.34 -41.89 -51.56
CA ILE R 202 -15.14 -42.72 -51.55
C ILE R 202 -13.90 -41.85 -51.70
N VAL R 203 -13.93 -40.88 -52.62
CA VAL R 203 -12.74 -40.05 -52.79
C VAL R 203 -12.44 -39.29 -51.50
N GLU R 204 -13.48 -38.73 -50.86
CA GLU R 204 -13.27 -38.00 -49.61
C GLU R 204 -12.74 -38.93 -48.53
N HIS R 205 -13.27 -40.15 -48.48
CA HIS R 205 -12.82 -41.11 -47.49
C HIS R 205 -11.36 -41.46 -47.70
N ASN R 206 -10.96 -41.68 -48.95
CA ASN R 206 -9.58 -42.01 -49.21
C ASN R 206 -8.68 -40.85 -48.82
N ALA R 207 -9.12 -39.63 -49.05
CA ALA R 207 -8.31 -38.48 -48.64
C ALA R 207 -8.12 -38.48 -47.13
N ILE R 208 -9.17 -38.86 -46.39
CA ILE R 208 -9.05 -38.91 -44.94
C ILE R 208 -8.08 -40.01 -44.53
N ILE R 209 -8.16 -41.17 -45.19
CA ILE R 209 -7.24 -42.26 -44.88
C ILE R 209 -5.81 -41.81 -45.15
N VAL R 210 -5.59 -41.09 -46.24
CA VAL R 210 -4.24 -40.63 -46.56
C VAL R 210 -3.73 -39.73 -45.45
N GLU R 211 -4.57 -38.83 -44.95
CA GLU R 211 -4.13 -37.96 -43.86
C GLU R 211 -3.82 -38.77 -42.61
N ASN R 212 -4.64 -39.77 -42.32
CA ASN R 212 -4.39 -40.60 -41.14
C ASN R 212 -3.07 -41.34 -41.27
N ASN R 213 -2.77 -41.83 -42.48
CA ASN R 213 -1.51 -42.53 -42.69
C ASN R 213 -0.35 -41.58 -42.62
N ARG R 214 -0.53 -40.33 -43.06
CA ARG R 214 0.54 -39.36 -42.95
C ARG R 214 0.89 -39.15 -41.50
N ILE R 215 -0.13 -39.02 -40.64
CA ILE R 215 0.15 -38.79 -39.23
C ILE R 215 0.83 -40.01 -38.62
N ILE R 216 0.36 -41.22 -38.97
CA ILE R 216 1.01 -42.41 -38.43
C ILE R 216 2.47 -42.44 -38.85
N ALA R 217 2.74 -42.11 -40.11
CA ALA R 217 4.12 -42.09 -40.58
C ALA R 217 4.95 -41.08 -39.80
N ALA R 218 4.38 -39.92 -39.49
CA ALA R 218 5.13 -38.94 -38.72
C ALA R 218 5.46 -39.47 -37.34
N VAL R 219 4.52 -40.18 -36.72
CA VAL R 219 4.77 -40.72 -35.39
C VAL R 219 5.87 -41.77 -35.46
N LEU R 220 5.81 -42.65 -36.46
CA LEU R 220 6.85 -43.68 -36.57
C LEU R 220 8.20 -43.04 -36.83
N GLU R 221 8.23 -42.00 -37.67
CA GLU R 221 9.51 -41.33 -37.92
C GLU R 221 10.09 -40.80 -36.63
N LEU R 222 9.24 -40.20 -35.79
CA LEU R 222 9.73 -39.66 -34.53
C LEU R 222 10.20 -40.76 -33.58
N ILE R 223 9.50 -41.90 -33.56
CA ILE R 223 9.93 -43.00 -32.70
C ILE R 223 11.25 -43.58 -33.18
N VAL R 224 11.40 -43.80 -34.49
CA VAL R 224 12.61 -44.43 -34.99
C VAL R 224 13.78 -43.46 -34.90
N GLY R 225 13.56 -42.21 -35.29
CA GLY R 225 14.62 -41.21 -35.29
C GLY R 225 14.66 -40.42 -34.00
N GLY S 2 46.84 18.59 -8.81
CA GLY S 2 45.86 17.80 -9.60
C GLY S 2 44.43 18.29 -9.44
N SER S 3 43.70 17.65 -8.54
CA SER S 3 42.30 17.98 -8.33
C SER S 3 42.10 19.38 -7.75
N GLU S 4 43.16 19.95 -7.18
CA GLU S 4 43.05 21.28 -6.59
C GLU S 4 42.63 22.31 -7.63
N VAL S 5 43.11 22.17 -8.87
CA VAL S 5 42.77 23.15 -9.90
C VAL S 5 41.54 22.72 -10.67
N GLU S 6 41.43 21.44 -10.99
CA GLU S 6 40.26 20.97 -11.73
C GLU S 6 38.98 21.35 -10.99
N ILE S 7 38.98 21.21 -9.66
CA ILE S 7 37.79 21.55 -8.89
C ILE S 7 37.56 23.06 -8.88
N LEU S 8 38.64 23.85 -8.85
CA LEU S 8 38.46 25.29 -8.91
C LEU S 8 37.84 25.69 -10.24
N LYS S 9 38.21 24.99 -11.30
CA LYS S 9 37.62 25.27 -12.60
C LYS S 9 36.16 24.86 -12.63
N ALA S 10 35.83 23.73 -12.00
CA ALA S 10 34.43 23.33 -11.94
C ALA S 10 33.61 24.39 -11.21
N LEU S 11 34.17 24.98 -10.15
CA LEU S 11 33.44 26.04 -9.45
C LEU S 11 33.28 27.26 -10.33
N LEU S 12 34.30 27.58 -11.12
CA LEU S 12 34.19 28.71 -12.03
C LEU S 12 33.10 28.44 -13.05
N GLU S 13 33.05 27.19 -13.54
CA GLU S 13 32.01 26.82 -14.48
C GLU S 13 30.63 26.99 -13.87
N LEU S 14 30.46 26.59 -12.62
CA LEU S 14 29.14 26.74 -12.01
C LEU S 14 28.77 28.21 -11.92
N LYS S 15 29.75 29.05 -11.58
CA LYS S 15 29.50 30.49 -11.53
C LYS S 15 29.07 31.04 -12.88
N LYS S 16 29.73 30.60 -13.95
CA LYS S 16 29.41 31.13 -15.25
C LYS S 16 28.10 30.58 -15.79
N SER S 17 27.78 29.32 -15.51
CA SER S 17 26.53 28.81 -16.02
C SER S 17 25.38 29.43 -15.24
N THR S 18 25.62 29.78 -13.97
CA THR S 18 24.59 30.44 -13.19
C THR S 18 24.34 31.83 -13.75
N ALA S 19 25.41 32.58 -14.05
CA ALA S 19 25.22 33.91 -14.62
C ALA S 19 24.50 33.81 -15.95
N GLU S 20 24.83 32.79 -16.75
CA GLU S 20 24.15 32.59 -18.01
C GLU S 20 22.67 32.34 -17.78
N LEU S 21 22.35 31.50 -16.80
CA LEU S 21 20.95 31.18 -16.55
C LEU S 21 20.20 32.44 -16.17
N LYS S 22 20.79 33.26 -15.32
CA LYS S 22 20.12 34.47 -14.88
C LYS S 22 19.88 35.40 -16.06
N ARG S 23 20.87 35.53 -16.96
CA ARG S 23 20.69 36.40 -18.12
C ARG S 23 19.72 35.83 -19.13
N ALA S 24 19.75 34.51 -19.34
CA ALA S 24 18.82 33.90 -20.28
C ALA S 24 17.40 34.08 -19.78
N THR S 25 17.22 33.99 -18.46
CA THR S 25 15.90 34.16 -17.89
C THR S 25 15.45 35.60 -18.07
N ALA S 26 16.36 36.55 -17.86
CA ALA S 26 16.02 37.94 -18.05
C ALA S 26 15.58 38.21 -19.48
N SER S 27 16.26 37.60 -20.46
CA SER S 27 15.78 37.85 -21.81
C SER S 27 14.47 37.12 -22.05
N LEU S 28 14.26 35.96 -21.41
CA LEU S 28 13.01 35.24 -21.60
C LEU S 28 11.85 36.17 -21.29
N ARG S 29 11.97 36.86 -20.15
CA ARG S 29 10.90 37.74 -19.69
C ARG S 29 10.83 39.02 -20.50
N ALA S 30 11.98 39.59 -20.85
CA ALA S 30 11.94 40.81 -21.64
C ALA S 30 11.24 40.52 -22.96
N ILE S 31 11.45 39.31 -23.48
CA ILE S 31 10.85 38.90 -24.74
C ILE S 31 9.35 38.81 -24.58
N THR S 32 8.89 38.11 -23.55
CA THR S 32 7.44 37.95 -23.39
C THR S 32 6.75 39.31 -23.28
N GLU S 33 7.28 40.18 -22.42
CA GLU S 33 6.67 41.50 -22.20
C GLU S 33 6.77 42.41 -23.41
N GLU S 34 7.89 42.41 -24.14
CA GLU S 34 7.98 43.36 -25.24
C GLU S 34 7.28 42.82 -26.47
N LEU S 35 7.34 41.51 -26.72
CA LEU S 35 6.75 41.02 -27.94
C LEU S 35 5.24 40.93 -27.83
N LYS S 36 4.67 40.71 -26.64
CA LYS S 36 3.21 40.61 -26.62
C LYS S 36 2.60 41.94 -27.01
N LYS S 37 3.38 43.02 -26.94
CA LYS S 37 2.90 44.34 -27.33
C LYS S 37 2.52 44.40 -28.79
N ASN S 38 3.21 43.63 -29.64
CA ASN S 38 2.94 43.62 -31.07
C ASN S 38 3.33 42.26 -31.62
N PRO S 39 2.42 41.29 -31.59
CA PRO S 39 2.73 39.94 -32.09
C PRO S 39 3.11 39.89 -33.56
N SER S 40 2.92 40.96 -34.33
CA SER S 40 3.29 40.89 -35.74
C SER S 40 4.80 40.84 -35.96
N GLU S 41 5.59 41.12 -34.94
CA GLU S 41 7.05 41.02 -35.04
C GLU S 41 7.42 39.55 -34.77
N ASP S 42 7.08 38.71 -35.75
CA ASP S 42 7.17 37.27 -35.58
C ASP S 42 8.60 36.79 -35.52
N ALA S 43 9.45 37.30 -36.41
CA ALA S 43 10.84 36.83 -36.46
C ALA S 43 11.56 37.13 -35.15
N LEU S 44 11.32 38.29 -34.56
CA LEU S 44 12.02 38.65 -33.34
C LEU S 44 11.60 37.76 -32.18
N VAL S 45 10.30 37.49 -32.04
CA VAL S 45 9.86 36.68 -30.90
C VAL S 45 10.25 35.23 -31.10
N GLU S 46 10.18 34.73 -32.33
CA GLU S 46 10.50 33.32 -32.53
C GLU S 46 12.00 33.09 -32.39
N HIS S 47 12.81 34.05 -32.85
CA HIS S 47 14.24 33.87 -32.74
C HIS S 47 14.65 33.94 -31.28
N ASN S 48 14.08 34.88 -30.53
CA ASN S 48 14.49 35.00 -29.15
C ASN S 48 14.00 33.81 -28.34
N ARG S 49 12.84 33.25 -28.67
CA ARG S 49 12.40 32.07 -27.93
C ARG S 49 13.32 30.90 -28.20
N ALA S 50 13.77 30.75 -29.45
CA ALA S 50 14.71 29.67 -29.74
C ALA S 50 15.99 29.88 -28.96
N ILE S 51 16.42 31.14 -28.84
CA ILE S 51 17.65 31.46 -28.12
C ILE S 51 17.51 31.05 -26.67
N VAL S 52 16.36 31.35 -26.08
CA VAL S 52 16.11 31.00 -24.69
C VAL S 52 16.12 29.50 -24.48
N GLU S 53 15.46 28.75 -25.37
CA GLU S 53 15.48 27.30 -25.19
C GLU S 53 16.90 26.76 -25.31
N HIS S 54 17.68 27.31 -26.24
CA HIS S 54 19.02 26.80 -26.43
C HIS S 54 19.85 27.04 -25.18
N ASN S 55 19.69 28.23 -24.58
CA ASN S 55 20.46 28.52 -23.38
C ASN S 55 20.02 27.64 -22.23
N ALA S 56 18.71 27.40 -22.10
CA ALA S 56 18.24 26.56 -20.99
C ALA S 56 18.84 25.17 -21.10
N ILE S 57 18.94 24.66 -22.33
CA ILE S 57 19.52 23.33 -22.52
C ILE S 57 20.99 23.36 -22.16
N ILE S 58 21.70 24.41 -22.60
CA ILE S 58 23.13 24.48 -22.31
C ILE S 58 23.37 24.54 -20.81
N VAL S 59 22.55 25.30 -20.08
CA VAL S 59 22.71 25.36 -18.63
C VAL S 59 22.48 24.01 -17.99
N GLU S 60 21.47 23.28 -18.45
CA GLU S 60 21.22 21.96 -17.87
C GLU S 60 22.37 21.01 -18.18
N ASN S 61 22.92 21.09 -19.40
CA ASN S 61 24.04 20.23 -19.74
C ASN S 61 25.26 20.57 -18.90
N ASN S 62 25.50 21.86 -18.65
CA ASN S 62 26.66 22.21 -17.84
C ASN S 62 26.51 21.64 -16.45
N ARG S 63 25.29 21.68 -15.91
CA ARG S 63 25.07 21.12 -14.59
C ARG S 63 25.39 19.63 -14.56
N ILE S 64 24.93 18.89 -15.57
CA ILE S 64 25.15 17.45 -15.58
C ILE S 64 26.64 17.15 -15.76
N ILE S 65 27.30 17.88 -16.65
CA ILE S 65 28.72 17.63 -16.89
C ILE S 65 29.49 17.86 -15.61
N ALA S 66 29.21 18.96 -14.91
CA ALA S 66 29.91 19.21 -13.67
C ALA S 66 29.63 18.09 -12.67
N ALA S 67 28.39 17.60 -12.64
CA ALA S 67 28.05 16.53 -11.71
C ALA S 67 28.86 15.27 -11.97
N VAL S 68 29.14 14.95 -13.24
CA VAL S 68 29.94 13.77 -13.56
C VAL S 68 31.40 14.02 -13.24
N LEU S 69 31.90 15.19 -13.63
CA LEU S 69 33.30 15.46 -13.40
C LEU S 69 33.60 15.50 -11.91
N MET S 70 32.63 15.87 -11.08
CA MET S 70 32.90 15.81 -9.65
C MET S 70 33.17 14.39 -9.19
N LEU S 71 32.64 13.39 -9.91
CA LEU S 71 32.90 12.01 -9.50
C LEU S 71 34.30 11.63 -9.94
N ILE S 72 34.72 12.17 -11.08
CA ILE S 72 36.09 11.87 -11.49
C ILE S 72 37.05 12.55 -10.52
N VAL S 73 36.73 13.79 -10.13
CA VAL S 73 37.58 14.56 -9.22
C VAL S 73 37.69 13.85 -7.88
N VAL S 74 36.58 13.32 -7.36
CA VAL S 74 36.67 12.65 -6.08
C VAL S 74 37.54 11.41 -6.20
N ALA S 75 37.45 10.70 -7.33
CA ALA S 75 38.34 9.55 -7.49
C ALA S 75 39.80 10.00 -7.52
N VAL S 76 40.07 11.12 -8.18
CA VAL S 76 41.43 11.64 -8.31
C VAL S 76 42.00 12.05 -6.96
N GLY S 77 41.19 12.68 -6.12
CA GLY S 77 41.66 13.16 -4.82
C GLY S 77 42.17 12.11 -3.87
N MET S 78 41.95 10.84 -4.15
CA MET S 78 42.41 9.76 -3.29
C MET S 78 43.76 9.20 -3.73
N THR S 79 44.42 9.86 -4.68
CA THR S 79 45.69 9.38 -5.20
C THR S 79 46.71 9.10 -4.10
N GLN S 80 46.85 10.00 -3.12
CA GLN S 80 47.87 9.77 -2.09
C GLN S 80 47.46 8.67 -1.14
N GLU S 81 46.16 8.53 -0.88
CA GLU S 81 45.72 7.47 0.03
C GLU S 81 45.94 6.12 -0.62
N ILE S 82 45.70 6.05 -1.92
CA ILE S 82 45.91 4.81 -2.64
C ILE S 82 47.40 4.51 -2.73
N LYS S 83 48.21 5.51 -3.05
CA LYS S 83 49.65 5.29 -3.11
C LYS S 83 50.17 4.73 -1.80
N LYS S 84 49.72 5.27 -0.66
CA LYS S 84 50.21 4.74 0.61
C LYS S 84 49.69 3.33 0.86
N ALA S 85 48.44 3.06 0.49
CA ALA S 85 47.94 1.70 0.64
C ALA S 85 48.75 0.73 -0.20
N LEU S 86 49.13 1.14 -1.41
CA LEU S 86 49.95 0.29 -2.25
C LEU S 86 51.33 0.08 -1.66
N GLU S 87 51.93 1.13 -1.11
CA GLU S 87 53.25 0.94 -0.53
C GLU S 87 53.18 -0.10 0.57
N GLU S 88 52.10 -0.06 1.37
CA GLU S 88 51.94 -1.04 2.43
C GLU S 88 51.74 -2.43 1.85
N LEU S 89 50.97 -2.52 0.77
CA LEU S 89 50.70 -3.83 0.18
C LEU S 89 51.97 -4.42 -0.41
N VAL S 90 52.80 -3.58 -1.02
CA VAL S 90 54.06 -4.04 -1.59
C VAL S 90 54.99 -4.53 -0.49
N ALA S 91 55.10 -3.76 0.59
CA ALA S 91 55.96 -4.22 1.68
C ALA S 91 55.46 -5.53 2.25
N SER S 92 54.13 -5.67 2.36
CA SER S 92 53.55 -6.91 2.87
C SER S 92 53.85 -8.08 1.94
N THR S 93 53.71 -7.87 0.63
CA THR S 93 54.00 -8.93 -0.32
C THR S 93 55.45 -9.38 -0.21
N ALA S 94 56.37 -8.41 -0.12
CA ALA S 94 57.78 -8.76 0.00
C ALA S 94 58.04 -9.53 1.29
N GLU S 95 57.37 -9.14 2.39
CA GLU S 95 57.58 -9.86 3.64
C GLU S 95 57.03 -11.26 3.54
N LEU S 96 55.91 -11.42 2.84
CA LEU S 96 55.31 -12.74 2.70
C LEU S 96 56.26 -13.61 1.90
N LYS S 97 56.87 -13.05 0.86
CA LYS S 97 57.84 -13.80 0.08
C LYS S 97 59.01 -14.25 0.95
N ARG S 98 59.52 -13.35 1.79
CA ARG S 98 60.64 -13.75 2.65
C ARG S 98 60.22 -14.87 3.59
N ALA S 99 59.01 -14.78 4.15
CA ALA S 99 58.55 -15.83 5.03
C ALA S 99 58.41 -17.15 4.28
N THR S 100 57.94 -17.09 3.04
CA THR S 100 57.79 -18.32 2.25
C THR S 100 59.14 -18.95 1.96
N ALA S 101 60.12 -18.14 1.56
CA ALA S 101 61.44 -18.69 1.29
C ALA S 101 62.03 -19.29 2.55
N SER S 102 61.83 -18.63 3.70
CA SER S 102 62.34 -19.16 4.95
C SER S 102 61.68 -20.49 5.25
N LEU S 103 60.37 -20.57 5.07
CA LEU S 103 59.67 -21.80 5.36
C LEU S 103 60.14 -22.92 4.44
N ARG S 104 60.36 -22.62 3.16
CA ARG S 104 60.85 -23.65 2.25
C ARG S 104 62.21 -24.18 2.72
N ALA S 105 63.11 -23.27 3.09
CA ALA S 105 64.42 -23.70 3.56
C ALA S 105 64.29 -24.54 4.83
N ILE S 106 63.37 -24.15 5.70
CA ILE S 106 63.16 -24.91 6.93
C ILE S 106 62.64 -26.29 6.58
N THR S 107 61.70 -26.37 5.64
CA THR S 107 61.15 -27.67 5.26
C THR S 107 62.26 -28.59 4.76
N GLU S 108 63.15 -28.06 3.92
CA GLU S 108 64.25 -28.88 3.42
C GLU S 108 65.17 -29.31 4.55
N GLU S 109 65.45 -28.41 5.49
CA GLU S 109 66.34 -28.76 6.60
C GLU S 109 65.70 -29.77 7.52
N LEU S 110 64.41 -29.61 7.78
CA LEU S 110 63.66 -30.50 8.66
C LEU S 110 63.56 -31.89 8.07
N LYS S 111 63.32 -32.00 6.76
CA LYS S 111 63.24 -33.32 6.17
C LYS S 111 64.63 -33.96 6.11
N LYS S 112 65.65 -33.19 5.74
CA LYS S 112 66.99 -33.76 5.64
C LYS S 112 67.55 -34.15 7.00
N ASN S 113 67.29 -33.34 8.02
CA ASN S 113 67.80 -33.57 9.37
C ASN S 113 66.73 -33.27 10.40
N PRO S 114 65.84 -34.22 10.69
CA PRO S 114 64.63 -33.90 11.46
C PRO S 114 64.88 -33.71 12.95
N SER S 115 65.72 -32.72 13.26
CA SER S 115 66.00 -32.33 14.63
C SER S 115 64.79 -31.64 15.25
N GLU S 116 64.60 -31.83 16.56
CA GLU S 116 63.48 -31.18 17.25
C GLU S 116 63.53 -29.67 17.04
N ASP S 117 64.75 -29.11 17.01
CA ASP S 117 64.88 -27.68 16.81
C ASP S 117 64.28 -27.28 15.47
N ALA S 118 64.38 -28.16 14.46
CA ALA S 118 63.81 -27.84 13.17
C ALA S 118 62.29 -27.83 13.24
N LEU S 119 61.70 -28.68 14.08
CA LEU S 119 60.25 -28.66 14.21
C LEU S 119 59.82 -27.36 14.90
N VAL S 120 60.61 -26.92 15.87
CA VAL S 120 60.31 -25.68 16.57
C VAL S 120 60.37 -24.53 15.57
N GLU S 121 61.41 -24.53 14.73
CA GLU S 121 61.55 -23.50 13.72
C GLU S 121 60.40 -23.55 12.73
N HIS S 122 59.92 -24.75 12.40
CA HIS S 122 58.76 -24.87 11.52
C HIS S 122 57.56 -24.17 12.12
N ASN S 123 57.25 -24.45 13.39
CA ASN S 123 56.08 -23.82 13.98
C ASN S 123 56.27 -22.30 14.09
N ARG S 124 57.50 -21.85 14.35
CA ARG S 124 57.72 -20.42 14.42
C ARG S 124 57.46 -19.79 13.06
N ALA S 125 57.96 -20.42 11.99
CA ALA S 125 57.77 -19.91 10.65
C ALA S 125 56.29 -19.88 10.29
N ILE S 126 55.53 -20.89 10.73
CA ILE S 126 54.10 -20.91 10.44
C ILE S 126 53.42 -19.74 11.13
N VAL S 127 53.80 -19.46 12.38
CA VAL S 127 53.18 -18.34 13.08
C VAL S 127 53.53 -17.02 12.39
N GLU S 128 54.79 -16.86 11.97
CA GLU S 128 55.13 -15.63 11.26
C GLU S 128 54.34 -15.51 9.98
N HIS S 129 54.15 -16.62 9.28
CA HIS S 129 53.40 -16.58 8.04
C HIS S 129 51.96 -16.14 8.29
N ASN S 130 51.33 -16.67 9.33
CA ASN S 130 49.96 -16.26 9.61
C ASN S 130 49.90 -14.80 9.99
N ALA S 131 50.90 -14.31 10.74
CA ALA S 131 50.89 -12.89 11.08
C ALA S 131 50.99 -12.05 9.81
N ILE S 132 51.77 -12.52 8.84
CA ILE S 132 51.90 -11.80 7.59
C ILE S 132 50.59 -11.82 6.82
N ILE S 133 49.92 -12.97 6.78
CA ILE S 133 48.63 -13.01 6.09
C ILE S 133 47.68 -12.02 6.71
N VAL S 134 47.66 -11.95 8.04
CA VAL S 134 46.74 -11.05 8.71
C VAL S 134 47.03 -9.60 8.33
N GLU S 135 48.31 -9.23 8.30
CA GLU S 135 48.63 -7.86 7.89
C GLU S 135 48.24 -7.64 6.43
N ASN S 136 48.48 -8.63 5.58
CA ASN S 136 48.14 -8.51 4.17
C ASN S 136 46.64 -8.27 4.00
N ASN S 137 45.82 -9.04 4.72
CA ASN S 137 44.38 -8.89 4.55
C ASN S 137 43.89 -7.60 5.15
N ARG S 138 44.52 -7.11 6.23
CA ARG S 138 44.13 -5.82 6.75
C ARG S 138 44.37 -4.74 5.69
N ILE S 139 45.55 -4.80 5.06
CA ILE S 139 45.90 -3.82 4.03
C ILE S 139 44.96 -3.92 2.85
N ILE S 140 44.66 -5.14 2.41
CA ILE S 140 43.74 -5.29 1.29
C ILE S 140 42.35 -4.76 1.65
N ALA S 141 41.86 -5.06 2.85
CA ALA S 141 40.55 -4.55 3.22
C ALA S 141 40.56 -3.03 3.17
N ALA S 142 41.65 -2.41 3.62
CA ALA S 142 41.74 -0.95 3.57
C ALA S 142 41.76 -0.45 2.14
N VAL S 143 42.48 -1.14 1.25
CA VAL S 143 42.53 -0.67 -0.13
C VAL S 143 41.18 -0.89 -0.78
N LEU S 144 40.47 -1.96 -0.40
CA LEU S 144 39.15 -2.17 -0.98
C LEU S 144 38.22 -1.05 -0.57
N GLU S 145 38.30 -0.63 0.68
CA GLU S 145 37.46 0.49 1.10
C GLU S 145 37.83 1.74 0.30
N LEU S 146 39.13 1.93 0.05
CA LEU S 146 39.56 3.09 -0.72
C LEU S 146 39.05 3.02 -2.15
N ILE S 147 39.03 1.82 -2.73
CA ILE S 147 38.53 1.64 -4.09
C ILE S 147 37.04 1.90 -4.15
N VAL S 148 36.30 1.33 -3.19
CA VAL S 148 34.85 1.49 -3.19
C VAL S 148 34.49 2.95 -3.03
N ARG S 149 35.21 3.66 -2.16
CA ARG S 149 34.95 5.08 -2.00
C ARG S 149 35.36 5.85 -3.24
N ALA S 150 36.53 5.54 -3.81
CA ALA S 150 37.01 6.23 -5.00
C ALA S 150 36.08 6.04 -6.18
N LEU S 151 35.44 4.88 -6.29
CA LEU S 151 34.54 4.63 -7.41
C LEU S 151 33.11 5.04 -7.12
N ASN S 152 32.85 5.57 -5.93
CA ASN S 152 31.51 6.01 -5.55
C ASN S 152 30.47 4.91 -5.75
N LEU S 153 30.77 3.71 -5.29
CA LEU S 153 29.83 2.61 -5.48
C LEU S 153 28.72 2.70 -4.43
N THR S 154 27.50 2.41 -4.87
CA THR S 154 26.34 2.35 -3.99
C THR S 154 25.67 0.99 -3.95
N ASP S 155 26.18 0.01 -4.68
CA ASP S 155 25.53 -1.29 -4.77
C ASP S 155 25.36 -1.90 -3.38
N ALA S 156 24.12 -2.22 -3.03
CA ALA S 156 23.88 -2.77 -1.70
C ALA S 156 24.72 -4.01 -1.47
N GLU S 157 24.97 -4.79 -2.53
CA GLU S 157 25.74 -6.01 -2.36
C GLU S 157 27.18 -5.71 -1.98
N VAL S 158 27.75 -4.62 -2.49
CA VAL S 158 29.15 -4.35 -2.17
C VAL S 158 29.23 -3.80 -0.75
N ILE S 159 28.23 -3.02 -0.34
CA ILE S 159 28.24 -2.47 1.01
C ILE S 159 28.15 -3.61 2.01
N LYS S 160 27.24 -4.55 1.75
CA LYS S 160 27.11 -5.70 2.64
C LYS S 160 28.38 -6.52 2.66
N ALA S 161 29.01 -6.70 1.49
CA ALA S 161 30.23 -7.48 1.45
C ALA S 161 31.32 -6.80 2.27
N LEU S 162 31.38 -5.47 2.22
CA LEU S 162 32.38 -4.77 3.00
C LEU S 162 32.11 -4.91 4.49
N ILE S 163 30.83 -4.93 4.88
CA ILE S 163 30.52 -5.12 6.30
C ILE S 163 30.97 -6.51 6.73
N GLU S 164 30.68 -7.51 5.90
CA GLU S 164 31.08 -8.87 6.23
C GLU S 164 32.60 -8.95 6.32
N LEU S 165 33.28 -8.22 5.45
CA LEU S 165 34.74 -8.21 5.46
C LEU S 165 35.24 -7.63 6.77
N ARG S 166 34.67 -6.50 7.19
CA ARG S 166 35.13 -5.89 8.43
C ARG S 166 34.95 -6.85 9.60
N LEU S 167 33.81 -7.54 9.63
CA LEU S 167 33.56 -8.47 10.73
C LEU S 167 34.54 -9.64 10.66
N SER S 168 34.83 -10.13 9.46
CA SER S 168 35.74 -11.25 9.35
C SER S 168 37.15 -10.82 9.69
N THR S 169 37.50 -9.54 9.47
CA THR S 169 38.84 -9.12 9.86
C THR S 169 38.91 -9.02 11.37
N LEU S 170 37.80 -8.73 12.03
CA LEU S 170 37.85 -8.71 13.50
C LEU S 170 38.05 -10.12 14.01
N GLU S 171 37.36 -11.07 13.39
CA GLU S 171 37.50 -12.46 13.81
C GLU S 171 38.91 -12.94 13.55
N LEU S 172 39.48 -12.55 12.41
CA LEU S 172 40.81 -12.97 12.04
C LEU S 172 41.86 -12.41 13.00
N VAL S 173 41.73 -11.14 13.38
CA VAL S 173 42.71 -10.57 14.30
C VAL S 173 42.62 -11.26 15.66
N ALA S 174 41.40 -11.47 16.16
CA ALA S 174 41.30 -12.13 17.46
C ALA S 174 41.85 -13.55 17.40
N ALA S 175 41.56 -14.28 16.31
CA ALA S 175 42.09 -15.63 16.20
C ALA S 175 43.60 -15.62 16.11
N THR S 176 44.17 -14.61 15.44
CA THR S 176 45.61 -14.54 15.30
C THR S 176 46.26 -14.34 16.67
N ALA S 177 45.69 -13.43 17.47
CA ALA S 177 46.24 -13.20 18.79
C ALA S 177 46.17 -14.48 19.62
N SER S 178 45.06 -15.20 19.49
CA SER S 178 44.92 -16.45 20.24
C SER S 178 45.96 -17.46 19.78
N LEU S 179 46.21 -17.53 18.48
CA LEU S 179 47.19 -18.47 17.96
C LEU S 179 48.58 -18.13 18.47
N ARG S 180 48.92 -16.83 18.49
CA ARG S 180 50.24 -16.46 18.98
C ARG S 180 50.39 -16.85 20.44
N GLU S 181 49.33 -16.64 21.24
CA GLU S 181 49.43 -16.99 22.65
C GLU S 181 49.58 -18.50 22.82
N ILE S 182 48.87 -19.28 22.00
CA ILE S 182 48.97 -20.73 22.12
C ILE S 182 50.38 -21.17 21.74
N THR S 183 50.94 -20.57 20.69
CA THR S 183 52.29 -20.93 20.28
C THR S 183 53.29 -20.62 21.39
N GLU S 184 53.14 -19.46 22.04
CA GLU S 184 54.05 -19.14 23.14
C GLU S 184 53.91 -20.13 24.28
N GLU S 185 52.68 -20.57 24.56
CA GLU S 185 52.50 -21.53 25.64
C GLU S 185 53.13 -22.87 25.25
N LEU S 186 53.03 -23.25 23.98
CA LEU S 186 53.67 -24.48 23.52
C LEU S 186 55.18 -24.39 23.68
N LYS S 187 55.74 -23.26 23.27
CA LYS S 187 57.18 -23.06 23.37
C LYS S 187 57.66 -23.16 24.82
N LYS S 188 56.93 -22.55 25.75
CA LYS S 188 57.35 -22.59 27.15
C LYS S 188 57.26 -24.00 27.74
N ASN S 189 56.22 -24.75 27.40
CA ASN S 189 56.02 -26.10 27.96
C ASN S 189 55.69 -27.11 26.86
N PRO S 190 56.66 -27.42 26.00
CA PRO S 190 56.37 -28.31 24.88
C PRO S 190 55.98 -29.70 25.36
N SER S 191 54.98 -30.28 24.70
CA SER S 191 54.50 -31.62 25.03
C SER S 191 53.68 -32.13 23.85
N GLU S 192 53.37 -33.43 23.90
CA GLU S 192 52.54 -34.02 22.85
C GLU S 192 51.13 -33.45 22.89
N ASP S 193 50.59 -33.22 24.09
CA ASP S 193 49.22 -32.72 24.18
C ASP S 193 49.17 -31.25 23.78
N ALA S 194 50.18 -30.50 24.19
CA ALA S 194 50.23 -29.09 23.83
C ALA S 194 50.43 -28.96 22.34
N LEU S 195 51.25 -29.86 21.76
CA LEU S 195 51.52 -29.79 20.33
C LEU S 195 50.27 -30.12 19.53
N VAL S 196 49.49 -31.11 19.96
CA VAL S 196 48.28 -31.43 19.20
C VAL S 196 47.27 -30.32 19.37
N GLU S 197 47.22 -29.68 20.54
CA GLU S 197 46.28 -28.58 20.71
C GLU S 197 46.69 -27.41 19.82
N HIS S 198 48.00 -27.19 19.70
CA HIS S 198 48.51 -26.13 18.85
C HIS S 198 48.16 -26.40 17.39
N ASN S 199 48.34 -27.65 16.95
CA ASN S 199 48.01 -28.00 15.57
C ASN S 199 46.52 -27.80 15.32
N ARG S 200 45.68 -28.10 16.31
CA ARG S 200 44.26 -27.84 16.13
C ARG S 200 44.00 -26.35 16.01
N ALA S 201 44.69 -25.56 16.84
CA ALA S 201 44.53 -24.11 16.77
C ALA S 201 44.90 -23.60 15.39
N ILE S 202 45.93 -24.19 14.80
CA ILE S 202 46.36 -23.83 13.45
C ILE S 202 45.28 -24.18 12.44
N VAL S 203 44.70 -25.37 12.56
CA VAL S 203 43.67 -25.73 11.59
C VAL S 203 42.49 -24.75 11.68
N GLU S 204 42.08 -24.40 12.90
CA GLU S 204 40.97 -23.46 13.03
C GLU S 204 41.34 -22.10 12.46
N HIS S 205 42.59 -21.68 12.69
CA HIS S 205 43.05 -20.41 12.16
C HIS S 205 43.04 -20.41 10.64
N ASN S 206 43.51 -21.50 10.05
CA ASN S 206 43.52 -21.57 8.60
C ASN S 206 42.09 -21.53 8.06
N ALA S 207 41.15 -22.17 8.76
CA ALA S 207 39.77 -22.11 8.31
C ALA S 207 39.26 -20.67 8.33
N ILE S 208 39.67 -19.92 9.35
CA ILE S 208 39.27 -18.52 9.42
C ILE S 208 39.90 -17.72 8.28
N ILE S 209 41.17 -17.98 7.99
CA ILE S 209 41.82 -17.29 6.88
C ILE S 209 41.09 -17.59 5.59
N VAL S 210 40.70 -18.85 5.39
CA VAL S 210 40.00 -19.21 4.17
C VAL S 210 38.70 -18.43 4.06
N GLU S 211 37.96 -18.29 5.17
CA GLU S 211 36.73 -17.52 5.11
C GLU S 211 37.01 -16.04 4.82
N ASN S 212 38.06 -15.48 5.42
CA ASN S 212 38.39 -14.09 5.17
C ASN S 212 38.76 -13.87 3.70
N ASN S 213 39.49 -14.81 3.12
CA ASN S 213 39.85 -14.70 1.72
C ASN S 213 38.63 -14.86 0.84
N ARG S 214 37.69 -15.70 1.25
CA ARG S 214 36.47 -15.85 0.47
C ARG S 214 35.74 -14.52 0.39
N ILE S 215 35.65 -13.83 1.54
CA ILE S 215 34.95 -12.55 1.55
C ILE S 215 35.70 -11.54 0.70
N ILE S 216 37.04 -11.50 0.81
CA ILE S 216 37.81 -10.56 0.00
C ILE S 216 37.56 -10.84 -1.47
N ALA S 217 37.55 -12.11 -1.86
CA ALA S 217 37.29 -12.47 -3.24
C ALA S 217 35.92 -11.99 -3.68
N ALA S 218 34.91 -12.13 -2.80
CA ALA S 218 33.58 -11.66 -3.16
C ALA S 218 33.56 -10.16 -3.39
N VAL S 219 34.29 -9.41 -2.56
CA VAL S 219 34.31 -7.97 -2.73
C VAL S 219 34.97 -7.60 -4.04
N LEU S 220 36.10 -8.26 -4.36
CA LEU S 220 36.76 -7.96 -5.62
C LEU S 220 35.87 -8.33 -6.79
N GLU S 221 35.16 -9.46 -6.69
CA GLU S 221 34.26 -9.85 -7.77
C GLU S 221 33.21 -8.78 -7.99
N LEU S 222 32.67 -8.23 -6.91
CA LEU S 222 31.64 -7.20 -7.04
C LEU S 222 32.22 -5.93 -7.64
N ILE S 223 33.45 -5.58 -7.29
CA ILE S 223 34.05 -4.38 -7.87
C ILE S 223 34.32 -4.57 -9.36
N VAL S 224 34.88 -5.72 -9.73
CA VAL S 224 35.24 -5.93 -11.15
C VAL S 224 33.98 -6.13 -11.98
N GLY S 225 33.04 -6.93 -11.50
CA GLY S 225 31.84 -7.23 -12.25
C GLY S 225 30.69 -6.30 -11.91
N GLY T 2 -10.03 62.56 14.08
CA GLY T 2 -10.28 61.58 15.17
C GLY T 2 -9.35 60.38 15.11
N SER T 3 -9.83 59.30 14.51
CA SER T 3 -9.06 58.06 14.46
C SER T 3 -7.80 58.19 13.62
N GLU T 4 -7.73 59.22 12.77
CA GLU T 4 -6.55 59.41 11.92
C GLU T 4 -5.30 59.57 12.76
N VAL T 5 -5.39 60.24 13.90
CA VAL T 5 -4.22 60.48 14.72
C VAL T 5 -4.05 59.36 15.76
N GLU T 6 -5.15 58.93 16.37
CA GLU T 6 -5.06 57.88 17.37
C GLU T 6 -4.38 56.64 16.78
N ILE T 7 -4.71 56.31 15.54
CA ILE T 7 -4.11 55.14 14.90
C ILE T 7 -2.64 55.40 14.60
N LEU T 8 -2.29 56.63 14.22
CA LEU T 8 -0.88 56.92 13.98
C LEU T 8 -0.09 56.76 15.27
N LYS T 9 -0.70 57.13 16.39
CA LYS T 9 -0.03 56.97 17.67
C LYS T 9 0.10 55.50 18.02
N ALA T 10 -0.92 54.70 17.71
CA ALA T 10 -0.81 53.27 17.97
C ALA T 10 0.34 52.68 17.16
N LEU T 11 0.53 53.15 15.91
CA LEU T 11 1.64 52.65 15.12
C LEU T 11 2.97 53.06 15.72
N LEU T 12 3.03 54.28 16.25
CA LEU T 12 4.26 54.74 16.89
C LEU T 12 4.55 53.88 18.11
N GLU T 13 3.50 53.55 18.87
CA GLU T 13 3.66 52.68 20.02
C GLU T 13 4.20 51.33 19.61
N LEU T 14 3.69 50.77 18.52
CA LEU T 14 4.19 49.46 18.10
C LEU T 14 5.67 49.55 17.75
N LYS T 15 6.05 50.65 17.08
CA LYS T 15 7.46 50.85 16.75
C LYS T 15 8.33 50.92 17.99
N LYS T 16 7.85 51.63 19.01
CA LYS T 16 8.67 51.80 20.21
C LYS T 16 8.70 50.53 21.05
N SER T 17 7.60 49.79 21.12
CA SER T 17 7.65 48.58 21.92
C SER T 17 8.50 47.54 21.21
N THR T 18 8.54 47.60 19.87
CA THR T 18 9.39 46.67 19.13
C THR T 18 10.85 47.00 19.40
N ALA T 19 11.21 48.28 19.35
CA ALA T 19 12.59 48.65 19.63
C ALA T 19 12.97 48.25 21.05
N GLU T 20 12.03 48.43 22.00
CA GLU T 20 12.29 48.01 23.36
C GLU T 20 12.52 46.52 23.43
N LEU T 21 11.72 45.73 22.72
CA LEU T 21 11.87 44.29 22.77
C LEU T 21 13.24 43.90 22.25
N LYS T 22 13.65 44.51 21.15
CA LYS T 22 14.94 44.17 20.56
C LYS T 22 16.07 44.50 21.53
N ARG T 23 15.98 45.65 22.20
CA ARG T 23 17.04 46.03 23.14
C ARG T 23 17.00 45.17 24.40
N ALA T 24 15.81 44.84 24.90
CA ALA T 24 15.71 44.01 26.08
C ALA T 24 16.29 42.65 25.78
N THR T 25 16.07 42.14 24.57
CA THR T 25 16.60 40.85 24.19
C THR T 25 18.12 40.92 24.11
N ALA T 26 18.63 42.02 23.56
CA ALA T 26 20.08 42.17 23.48
C ALA T 26 20.70 42.17 24.86
N SER T 27 20.05 42.82 25.84
CA SER T 27 20.67 42.76 27.16
C SER T 27 20.48 41.38 27.75
N LEU T 28 19.39 40.69 27.44
CA LEU T 28 19.18 39.34 27.97
C LEU T 28 20.40 38.49 27.64
N ARG T 29 20.82 38.56 26.38
CA ARG T 29 21.93 37.74 25.91
C ARG T 29 23.26 38.27 26.42
N ALA T 30 23.45 39.58 26.44
CA ALA T 30 24.72 40.10 26.94
C ALA T 30 24.90 39.66 28.38
N ILE T 31 23.79 39.59 29.12
CA ILE T 31 23.82 39.19 30.51
C ILE T 31 24.23 37.74 30.62
N THR T 32 23.59 36.87 29.85
CA THR T 32 23.92 35.44 29.97
C THR T 32 25.39 35.20 29.66
N GLU T 33 25.88 35.77 28.56
CA GLU T 33 27.27 35.57 28.15
C GLU T 33 28.28 36.21 29.09
N GLU T 34 28.00 37.41 29.61
CA GLU T 34 29.01 38.03 30.46
C GLU T 34 28.96 37.49 31.87
N LEU T 35 27.77 37.21 32.39
CA LEU T 35 27.71 36.78 33.76
C LEU T 35 28.14 35.33 33.91
N LYS T 36 27.93 34.46 32.91
CA LYS T 36 28.36 33.09 33.15
C LYS T 36 29.87 33.02 33.31
N LYS T 37 30.58 34.06 32.88
CA LYS T 37 32.03 34.11 33.03
C LYS T 37 32.44 34.10 34.49
N ASN T 38 31.62 34.69 35.37
CA ASN T 38 31.93 34.76 36.79
C ASN T 38 30.61 34.82 37.56
N PRO T 39 30.04 33.66 37.89
CA PRO T 39 28.76 33.65 38.63
C PRO T 39 28.81 34.31 40.00
N SER T 40 29.99 34.65 40.53
CA SER T 40 30.03 35.28 41.84
C SER T 40 29.49 36.70 41.82
N GLU T 41 29.31 37.30 40.65
CA GLU T 41 28.73 38.63 40.55
C GLU T 41 27.20 38.46 40.55
N ASP T 42 26.70 38.11 41.74
CA ASP T 42 25.30 37.70 41.87
C ASP T 42 24.35 38.87 41.70
N ALA T 43 24.67 40.01 42.32
CA ALA T 43 23.77 41.15 42.25
C ALA T 43 23.57 41.61 40.81
N LEU T 44 24.64 41.63 40.02
CA LEU T 44 24.54 42.11 38.65
C LEU T 44 23.67 41.19 37.80
N VAL T 45 23.85 39.88 37.94
CA VAL T 45 23.09 38.96 37.10
C VAL T 45 21.64 38.92 37.55
N GLU T 46 21.39 38.96 38.85
CA GLU T 46 20.01 38.88 39.32
C GLU T 46 19.26 40.16 38.99
N HIS T 47 19.93 41.30 39.09
CA HIS T 47 19.25 42.55 38.80
C HIS T 47 18.95 42.62 37.32
N ASN T 48 19.90 42.22 36.48
CA ASN T 48 19.64 42.33 35.05
C ASN T 48 18.58 41.32 34.62
N ARG T 49 18.52 40.15 35.25
CA ARG T 49 17.47 39.22 34.86
C ARG T 49 16.11 39.76 35.24
N ALA T 50 16.01 40.41 36.41
CA ALA T 50 14.73 41.00 36.78
C ALA T 50 14.36 42.07 35.77
N ILE T 51 15.35 42.84 35.32
CA ILE T 51 15.10 43.91 34.36
C ILE T 51 14.54 43.34 33.08
N VAL T 52 15.14 42.23 32.62
CA VAL T 52 14.68 41.58 31.40
C VAL T 52 13.26 41.07 31.54
N GLU T 53 12.93 40.44 32.66
CA GLU T 53 11.55 39.96 32.81
C GLU T 53 10.58 41.13 32.83
N HIS T 54 10.96 42.23 33.48
CA HIS T 54 10.05 43.36 33.56
C HIS T 54 9.79 43.92 32.17
N ASN T 55 10.85 44.00 31.35
CA ASN T 55 10.66 44.54 30.01
C ASN T 55 9.82 43.60 29.17
N ALA T 56 10.03 42.29 29.31
CA ALA T 56 9.25 41.35 28.51
C ALA T 56 7.77 41.49 28.83
N ILE T 57 7.46 41.69 30.11
CA ILE T 57 6.06 41.87 30.49
C ILE T 57 5.52 43.15 29.92
N ILE T 58 6.30 44.23 29.99
CA ILE T 58 5.83 45.51 29.47
C ILE T 58 5.56 45.41 27.97
N VAL T 59 6.43 44.73 27.23
CA VAL T 59 6.22 44.56 25.79
C VAL T 59 4.94 43.80 25.52
N GLU T 60 4.69 42.73 26.27
CA GLU T 60 3.46 41.97 26.06
C GLU T 60 2.24 42.80 26.39
N ASN T 61 2.32 43.60 27.45
CA ASN T 61 1.18 44.45 27.81
C ASN T 61 0.94 45.49 26.73
N ASN T 62 2.00 46.06 26.16
CA ASN T 62 1.80 47.07 25.12
C ASN T 62 1.11 46.44 23.93
N ARG T 63 1.48 45.20 23.60
CA ARG T 63 0.83 44.53 22.48
C ARG T 63 -0.66 44.35 22.74
N ILE T 64 -1.02 43.93 23.95
CA ILE T 64 -2.43 43.68 24.25
C ILE T 64 -3.20 45.00 24.25
N ILE T 65 -2.62 46.04 24.84
CA ILE T 65 -3.30 47.33 24.91
C ILE T 65 -3.56 47.83 23.50
N ALA T 66 -2.56 47.75 22.63
CA ALA T 66 -2.77 48.20 21.27
C ALA T 66 -3.86 47.37 20.60
N ALA T 67 -3.89 46.06 20.87
CA ALA T 67 -4.90 45.21 20.27
C ALA T 67 -6.31 45.63 20.68
N VAL T 68 -6.50 46.07 21.93
CA VAL T 68 -7.82 46.51 22.37
C VAL T 68 -8.15 47.87 21.78
N LEU T 69 -7.18 48.78 21.82
CA LEU T 69 -7.46 50.11 21.31
C LEU T 69 -7.76 50.06 19.83
N MET T 70 -7.21 49.10 19.09
CA MET T 70 -7.59 49.01 17.68
C MET T 70 -9.07 48.71 17.52
N LEU T 71 -9.69 48.07 18.52
CA LEU T 71 -11.12 47.79 18.40
C LEU T 71 -11.89 49.07 18.68
N ILE T 72 -11.37 49.87 19.59
CA ILE T 72 -12.05 51.14 19.84
C ILE T 72 -11.91 52.02 18.60
N VAL T 73 -10.72 52.03 18.01
CA VAL T 73 -10.45 52.85 16.83
C VAL T 73 -11.34 52.43 15.67
N VAL T 74 -11.53 51.12 15.47
CA VAL T 74 -12.39 50.71 14.36
C VAL T 74 -13.82 51.15 14.63
N ALA T 75 -14.26 51.10 15.88
CA ALA T 75 -15.61 51.60 16.15
C ALA T 75 -15.71 53.10 15.86
N VAL T 76 -14.66 53.84 16.20
CA VAL T 76 -14.62 55.29 15.99
C VAL T 76 -14.66 55.65 14.51
N GLY T 77 -13.93 54.90 13.69
CA GLY T 77 -13.85 55.20 12.26
C GLY T 77 -15.15 55.13 11.50
N MET T 78 -16.20 54.59 12.08
CA MET T 78 -17.49 54.48 11.43
C MET T 78 -18.41 55.65 11.75
N THR T 79 -17.88 56.68 12.43
CA THR T 79 -18.69 57.83 12.83
C THR T 79 -19.48 58.43 11.67
N GLN T 80 -18.85 58.64 10.52
CA GLN T 80 -19.58 59.27 9.43
C GLN T 80 -20.61 58.33 8.81
N GLU T 81 -20.33 57.03 8.79
CA GLU T 81 -21.28 56.09 8.23
C GLU T 81 -22.52 56.02 9.11
N ILE T 82 -22.29 56.08 10.42
CA ILE T 82 -23.40 56.04 11.36
C ILE T 82 -24.18 57.34 11.27
N LYS T 83 -23.48 58.47 11.23
CA LYS T 83 -24.17 59.74 11.11
C LYS T 83 -25.09 59.76 9.89
N LYS T 84 -24.61 59.26 8.75
CA LYS T 84 -25.47 59.26 7.57
C LYS T 84 -26.63 58.29 7.73
N ALA T 85 -26.39 57.14 8.34
CA ALA T 85 -27.49 56.21 8.57
C ALA T 85 -28.54 56.85 9.47
N LEU T 86 -28.10 57.60 10.49
CA LEU T 86 -29.04 58.28 11.36
C LEU T 86 -29.80 59.35 10.62
N GLU T 87 -29.14 60.11 9.76
CA GLU T 87 -29.86 61.15 9.04
C GLU T 87 -30.97 60.51 8.22
N GLU T 88 -30.68 59.36 7.61
CA GLU T 88 -31.70 58.67 6.84
C GLU T 88 -32.82 58.17 7.74
N LEU T 89 -32.47 57.67 8.92
CA LEU T 89 -33.49 57.15 9.83
C LEU T 89 -34.38 58.27 10.33
N VAL T 90 -33.80 59.44 10.58
CA VAL T 90 -34.58 60.58 11.04
C VAL T 90 -35.53 61.04 9.96
N ALA T 91 -35.03 61.15 8.72
CA ALA T 91 -35.92 61.55 7.64
C ALA T 91 -37.05 60.55 7.46
N SER T 92 -36.72 59.25 7.60
CA SER T 92 -37.75 58.22 7.48
C SER T 92 -38.80 58.35 8.58
N THR T 93 -38.35 58.57 9.81
CA THR T 93 -39.28 58.72 10.93
C THR T 93 -40.21 59.89 10.69
N ALA T 94 -39.65 61.03 10.24
CA ALA T 94 -40.49 62.19 9.98
C ALA T 94 -41.49 61.90 8.87
N GLU T 95 -41.07 61.16 7.84
CA GLU T 95 -42.00 60.86 6.76
C GLU T 95 -43.10 59.93 7.26
N LEU T 96 -42.74 59.00 8.14
CA LEU T 96 -43.72 58.07 8.67
C LEU T 96 -44.74 58.85 9.48
N LYS T 97 -44.27 59.83 10.26
CA LYS T 97 -45.17 60.67 11.02
C LYS T 97 -46.13 61.41 10.10
N ARG T 98 -45.62 61.98 9.01
CA ARG T 98 -46.51 62.69 8.10
C ARG T 98 -47.54 61.75 7.51
N ALA T 99 -47.13 60.53 7.14
CA ALA T 99 -48.09 59.58 6.60
C ALA T 99 -49.13 59.21 7.64
N THR T 100 -48.71 59.07 8.90
CA THR T 100 -49.67 58.73 9.95
C THR T 100 -50.68 59.84 10.16
N ALA T 101 -50.22 61.09 10.21
CA ALA T 101 -51.14 62.20 10.38
C ALA T 101 -52.10 62.28 9.21
N SER T 102 -51.60 62.04 7.99
CA SER T 102 -52.47 62.07 6.83
C SER T 102 -53.51 60.98 6.94
N LEU T 103 -53.09 59.77 7.33
CA LEU T 103 -54.04 58.67 7.45
C LEU T 103 -55.09 58.98 8.50
N ARG T 104 -54.69 59.56 9.63
CA ARG T 104 -55.66 59.90 10.67
C ARG T 104 -56.70 60.87 10.12
N ALA T 105 -56.23 61.91 9.42
CA ALA T 105 -57.16 62.88 8.86
C ALA T 105 -58.09 62.22 7.85
N ILE T 106 -57.55 61.29 7.07
CA ILE T 106 -58.37 60.59 6.09
C ILE T 106 -59.42 59.76 6.82
N THR T 107 -59.02 59.07 7.88
CA THR T 107 -59.96 58.25 8.62
C THR T 107 -61.11 59.09 9.14
N GLU T 108 -60.80 60.28 9.69
CA GLU T 108 -61.86 61.15 10.18
C GLU T 108 -62.78 61.61 9.05
N GLU T 109 -62.18 61.94 7.90
CA GLU T 109 -62.98 62.42 6.77
C GLU T 109 -63.84 61.30 6.21
N LEU T 110 -63.29 60.09 6.13
CA LEU T 110 -63.99 58.93 5.60
C LEU T 110 -65.15 58.53 6.49
N LYS T 111 -64.94 58.56 7.81
CA LYS T 111 -66.05 58.21 8.69
C LYS T 111 -67.11 59.30 8.70
N LYS T 112 -66.71 60.58 8.70
CA LYS T 112 -67.67 61.66 8.73
C LYS T 112 -68.45 61.76 7.42
N ASN T 113 -67.77 61.53 6.29
CA ASN T 113 -68.39 61.64 4.97
C ASN T 113 -67.89 60.52 4.07
N PRO T 114 -68.51 59.33 4.15
CA PRO T 114 -67.91 58.14 3.53
C PRO T 114 -68.05 58.11 2.00
N SER T 115 -67.48 59.11 1.36
CA SER T 115 -67.44 59.19 -0.09
C SER T 115 -66.48 58.15 -0.65
N GLU T 116 -66.79 57.64 -1.84
CA GLU T 116 -65.92 56.66 -2.47
C GLU T 116 -64.52 57.21 -2.61
N ASP T 117 -64.40 58.52 -2.91
CA ASP T 117 -63.09 59.12 -3.05
C ASP T 117 -62.31 58.99 -1.76
N ALA T 118 -62.99 59.04 -0.61
CA ALA T 118 -62.29 58.90 0.66
C ALA T 118 -61.77 57.48 0.82
N LEU T 119 -62.47 56.48 0.29
CA LEU T 119 -61.97 55.11 0.38
C LEU T 119 -60.73 54.97 -0.50
N VAL T 120 -60.76 55.62 -1.66
CA VAL T 120 -59.61 55.57 -2.56
C VAL T 120 -58.42 56.20 -1.87
N GLU T 121 -58.65 57.35 -1.22
CA GLU T 121 -57.58 58.03 -0.50
C GLU T 121 -57.06 57.17 0.64
N HIS T 122 -57.96 56.43 1.31
CA HIS T 122 -57.53 55.52 2.35
C HIS T 122 -56.55 54.49 1.81
N ASN T 123 -56.91 53.85 0.70
CA ASN T 123 -56.00 52.81 0.18
C ASN T 123 -54.70 53.44 -0.31
N ARG T 124 -54.75 54.66 -0.84
CA ARG T 124 -53.52 55.30 -1.28
C ARG T 124 -52.62 55.55 -0.07
N ALA T 125 -53.21 56.05 1.02
CA ALA T 125 -52.46 56.34 2.24
C ALA T 125 -51.86 55.06 2.81
N ILE T 126 -52.59 53.95 2.73
CA ILE T 126 -52.07 52.69 3.24
C ILE T 126 -50.86 52.27 2.42
N VAL T 127 -50.92 52.42 1.10
CA VAL T 127 -49.79 52.04 0.27
C VAL T 127 -48.59 52.93 0.59
N GLU T 128 -48.81 54.24 0.75
CA GLU T 128 -47.69 55.10 1.10
C GLU T 128 -47.09 54.69 2.43
N HIS T 129 -47.94 54.32 3.39
CA HIS T 129 -47.45 53.92 4.70
C HIS T 129 -46.58 52.68 4.58
N ASN T 130 -47.03 51.69 3.79
CA ASN T 130 -46.21 50.50 3.66
C ASN T 130 -44.89 50.81 2.97
N ALA T 131 -44.90 51.71 1.98
CA ALA T 131 -43.64 52.07 1.35
C ALA T 131 -42.70 52.70 2.36
N ILE T 132 -43.25 53.50 3.27
CA ILE T 132 -42.44 54.12 4.30
C ILE T 132 -41.88 53.08 5.25
N ILE T 133 -42.71 52.11 5.65
CA ILE T 133 -42.19 51.06 6.53
C ILE T 133 -41.03 50.34 5.85
N VAL T 134 -41.17 50.06 4.56
CA VAL T 134 -40.12 49.34 3.86
C VAL T 134 -38.83 50.14 3.86
N GLU T 135 -38.93 51.44 3.61
CA GLU T 135 -37.71 52.25 3.65
C GLU T 135 -37.14 52.29 5.06
N ASN T 136 -38.01 52.40 6.06
CA ASN T 136 -37.55 52.44 7.44
C ASN T 136 -36.80 51.16 7.80
N ASN T 137 -37.33 50.01 7.41
CA ASN T 137 -36.67 48.76 7.76
C ASN T 137 -35.39 48.57 6.96
N ARG T 138 -35.34 49.06 5.73
CA ARG T 138 -34.08 48.99 5.01
C ARG T 138 -33.01 49.78 5.73
N ILE T 139 -33.36 51.00 6.18
CA ILE T 139 -32.42 51.85 6.88
C ILE T 139 -31.99 51.22 8.19
N ILE T 140 -32.94 50.65 8.93
CA ILE T 140 -32.58 50.00 10.19
C ILE T 140 -31.67 48.82 9.93
N ALA T 141 -31.97 48.00 8.92
CA ALA T 141 -31.09 46.87 8.66
C ALA T 141 -29.68 47.36 8.37
N ALA T 142 -29.57 48.46 7.62
CA ALA T 142 -28.24 49.01 7.33
C ALA T 142 -27.55 49.50 8.59
N VAL T 143 -28.31 50.15 9.48
CA VAL T 143 -27.67 50.65 10.70
C VAL T 143 -27.30 49.48 11.59
N LEU T 144 -28.10 48.41 11.58
CA LEU T 144 -27.74 47.25 12.39
C LEU T 144 -26.45 46.65 11.89
N GLU T 145 -26.28 46.58 10.58
CA GLU T 145 -25.02 46.06 10.06
C GLU T 145 -23.88 46.96 10.48
N LEU T 146 -24.11 48.28 10.48
CA LEU T 146 -23.07 49.20 10.89
C LEU T 146 -22.73 49.03 12.37
N ILE T 147 -23.74 48.77 13.20
CA ILE T 147 -23.51 48.56 14.62
C ILE T 147 -22.75 47.27 14.86
N VAL T 148 -23.16 46.20 14.18
CA VAL T 148 -22.52 44.91 14.37
C VAL T 148 -21.06 45.00 13.95
N ARG T 149 -20.79 45.69 12.84
CA ARG T 149 -19.42 45.85 12.41
C ARG T 149 -18.65 46.75 13.37
N ALA T 150 -19.27 47.85 13.80
CA ALA T 150 -18.60 48.78 14.70
C ALA T 150 -18.26 48.13 16.04
N LEU T 151 -19.09 47.20 16.51
CA LEU T 151 -18.84 46.55 17.78
C LEU T 151 -18.00 45.29 17.63
N ASN T 152 -17.61 44.94 16.40
CA ASN T 152 -16.79 43.76 16.15
C ASN T 152 -17.42 42.50 16.76
N LEU T 153 -18.71 42.31 16.54
CA LEU T 153 -19.36 41.13 17.11
C LEU T 153 -19.06 39.90 16.27
N THR T 154 -18.84 38.77 16.94
CA THR T 154 -18.61 37.50 16.29
C THR T 154 -19.65 36.44 16.66
N ASP T 155 -20.62 36.78 17.50
CA ASP T 155 -21.58 35.79 17.98
C ASP T 155 -22.30 35.14 16.81
N ALA T 156 -22.22 33.81 16.74
CA ALA T 156 -22.85 33.12 15.62
C ALA T 156 -24.32 33.46 15.54
N GLU T 157 -24.97 33.69 16.70
CA GLU T 157 -26.39 33.98 16.69
C GLU T 157 -26.68 35.32 16.03
N VAL T 158 -25.79 36.30 16.19
CA VAL T 158 -26.08 37.60 15.59
C VAL T 158 -25.83 37.53 14.09
N ILE T 159 -24.82 36.76 13.68
CA ILE T 159 -24.53 36.64 12.26
C ILE T 159 -25.71 35.98 11.57
N LYS T 160 -26.22 34.90 12.18
CA LYS T 160 -27.37 34.22 11.60
C LYS T 160 -28.57 35.14 11.56
N ALA T 161 -28.78 35.92 12.62
CA ALA T 161 -29.92 36.82 12.65
C ALA T 161 -29.80 37.86 11.53
N LEU T 162 -28.60 38.34 11.28
CA LEU T 162 -28.40 39.31 10.20
C LEU T 162 -28.68 38.67 8.85
N ILE T 163 -28.32 37.41 8.67
CA ILE T 163 -28.60 36.74 7.41
C ILE T 163 -30.11 36.62 7.24
N GLU T 164 -30.81 36.24 8.30
CA GLU T 164 -32.26 36.11 8.22
C GLU T 164 -32.87 37.46 7.91
N LEU T 165 -32.30 38.51 8.48
CA LEU T 165 -32.80 39.85 8.24
C LEU T 165 -32.65 40.21 6.77
N ARG T 166 -31.47 39.94 6.20
CA ARG T 166 -31.25 40.27 4.80
C ARG T 166 -32.26 39.55 3.92
N LEU T 167 -32.51 38.27 4.22
CA LEU T 167 -33.47 37.52 3.41
C LEU T 167 -34.87 38.07 3.59
N SER T 168 -35.23 38.45 4.81
CA SER T 168 -36.57 38.97 5.02
C SER T 168 -36.72 40.33 4.38
N THR T 169 -35.62 41.10 4.25
CA THR T 169 -35.77 42.38 3.57
C THR T 169 -35.93 42.16 2.08
N LEU T 170 -35.38 41.06 1.55
CA LEU T 170 -35.61 40.78 0.13
C LEU T 170 -37.07 40.41 -0.08
N GLU T 171 -37.61 39.61 0.84
CA GLU T 171 -39.00 39.22 0.72
C GLU T 171 -39.90 40.43 0.86
N LEU T 172 -39.55 41.33 1.77
CA LEU T 172 -40.36 42.52 2.02
C LEU T 172 -40.35 43.45 0.81
N VAL T 173 -39.19 43.64 0.17
CA VAL T 173 -39.16 44.51 -0.98
C VAL T 173 -39.97 43.92 -2.13
N ALA T 174 -39.82 42.61 -2.37
CA ALA T 174 -40.60 42.02 -3.46
C ALA T 174 -42.10 42.10 -3.16
N ALA T 175 -42.50 41.85 -1.92
CA ALA T 175 -43.91 41.94 -1.59
C ALA T 175 -44.41 43.37 -1.74
N THR T 176 -43.57 44.35 -1.41
CA THR T 176 -44.00 45.73 -1.53
C THR T 176 -44.25 46.09 -2.98
N ALA T 177 -43.34 45.67 -3.86
CA ALA T 177 -43.54 45.96 -5.28
C ALA T 177 -44.81 45.31 -5.78
N SER T 178 -45.07 44.08 -5.32
CA SER T 178 -46.30 43.41 -5.74
C SER T 178 -47.53 44.15 -5.23
N LEU T 179 -47.47 44.65 -4.00
CA LEU T 179 -48.60 45.38 -3.44
C LEU T 179 -48.84 46.66 -4.23
N ARG T 180 -47.77 47.37 -4.59
CA ARG T 180 -47.96 48.60 -5.35
C ARG T 180 -48.61 48.28 -6.70
N GLU T 181 -48.18 47.20 -7.34
CA GLU T 181 -48.76 46.87 -8.64
C GLU T 181 -50.23 46.50 -8.48
N ILE T 182 -50.58 45.78 -7.42
CA ILE T 182 -51.97 45.40 -7.22
C ILE T 182 -52.80 46.64 -6.98
N THR T 183 -52.29 47.58 -6.18
CA THR T 183 -53.02 48.81 -5.92
C THR T 183 -53.26 49.57 -7.21
N GLU T 184 -52.24 49.66 -8.07
CA GLU T 184 -52.44 50.37 -9.33
C GLU T 184 -53.49 49.67 -10.19
N GLU T 185 -53.50 48.33 -10.18
CA GLU T 185 -54.51 47.63 -10.97
C GLU T 185 -55.90 47.88 -10.40
N LEU T 186 -56.01 47.94 -9.08
CA LEU T 186 -57.30 48.25 -8.45
C LEU T 186 -57.77 49.64 -8.85
N LYS T 187 -56.86 50.61 -8.80
CA LYS T 187 -57.19 51.98 -9.16
C LYS T 187 -57.68 52.07 -10.60
N LYS T 188 -57.00 51.38 -11.53
CA LYS T 188 -57.42 51.45 -12.92
C LYS T 188 -58.79 50.81 -13.15
N ASN T 189 -59.07 49.67 -12.51
CA ASN T 189 -60.34 48.95 -12.71
C ASN T 189 -60.96 48.58 -11.39
N PRO T 190 -61.46 49.56 -10.63
CA PRO T 190 -62.00 49.26 -9.31
C PRO T 190 -63.23 48.37 -9.40
N SER T 191 -63.32 47.41 -8.47
CA SER T 191 -64.43 46.48 -8.42
C SER T 191 -64.44 45.83 -7.05
N GLU T 192 -65.54 45.12 -6.74
CA GLU T 192 -65.61 44.40 -5.48
C GLU T 192 -64.61 43.27 -5.42
N ASP T 193 -64.40 42.57 -6.54
CA ASP T 193 -63.48 41.44 -6.52
C ASP T 193 -62.05 41.95 -6.47
N ALA T 194 -61.77 43.02 -7.19
CA ALA T 194 -60.42 43.57 -7.17
C ALA T 194 -60.14 44.13 -5.80
N LEU T 195 -61.14 44.74 -5.17
CA LEU T 195 -60.95 45.33 -3.85
C LEU T 195 -60.70 44.25 -2.81
N VAL T 196 -61.42 43.12 -2.88
CA VAL T 196 -61.16 42.09 -1.89
C VAL T 196 -59.81 41.45 -2.14
N GLU T 197 -59.40 41.33 -3.41
CA GLU T 197 -58.08 40.77 -3.67
C GLU T 197 -56.99 41.70 -3.15
N HIS T 198 -57.22 43.01 -3.28
CA HIS T 198 -56.28 44.01 -2.79
C HIS T 198 -56.18 43.94 -1.27
N ASN T 199 -57.33 43.81 -0.60
CA ASN T 199 -57.32 43.71 0.86
C ASN T 199 -56.57 42.46 1.30
N ARG T 200 -56.71 41.37 0.56
CA ARG T 200 -55.95 40.17 0.90
C ARG T 200 -54.46 40.42 0.70
N ALA T 201 -54.11 41.12 -0.38
CA ALA T 201 -52.70 41.42 -0.62
C ALA T 201 -52.13 42.23 0.53
N ILE T 202 -52.95 43.14 1.06
CA ILE T 202 -52.54 43.95 2.21
C ILE T 202 -52.33 43.07 3.43
N VAL T 203 -53.24 42.14 3.68
CA VAL T 203 -53.06 41.29 4.86
C VAL T 203 -51.77 40.49 4.74
N GLU T 204 -51.49 39.94 3.55
CA GLU T 204 -50.27 39.18 3.38
C GLU T 204 -49.04 40.07 3.57
N HIS T 205 -49.12 41.31 3.06
CA HIS T 205 -48.03 42.25 3.20
C HIS T 205 -47.80 42.57 4.67
N ASN T 206 -48.86 42.81 5.42
CA ASN T 206 -48.70 43.12 6.83
C ASN T 206 -48.08 41.93 7.56
N ALA T 207 -48.45 40.71 7.18
CA ALA T 207 -47.84 39.55 7.83
C ALA T 207 -46.34 39.52 7.56
N ILE T 208 -45.95 39.91 6.34
CA ILE T 208 -44.53 39.95 6.02
C ILE T 208 -43.83 41.04 6.84
N ILE T 209 -44.47 42.20 6.97
CA ILE T 209 -43.88 43.26 7.78
C ILE T 209 -43.70 42.78 9.22
N VAL T 210 -44.69 42.08 9.74
CA VAL T 210 -44.59 41.59 11.11
C VAL T 210 -43.40 40.65 11.25
N GLU T 211 -43.19 39.77 10.27
CA GLU T 211 -42.03 38.88 10.33
C GLU T 211 -40.72 39.66 10.24
N ASN T 212 -40.67 40.67 9.38
CA ASN T 212 -39.46 41.48 9.26
C ASN T 212 -39.16 42.21 10.56
N ASN T 213 -40.19 42.72 11.22
CA ASN T 213 -39.99 43.40 12.49
C ASN T 213 -39.58 42.42 13.55
N ARG T 214 -40.09 41.19 13.50
CA ARG T 214 -39.67 40.20 14.48
C ARG T 214 -38.18 39.96 14.36
N ILE T 215 -37.69 39.83 13.13
CA ILE T 215 -36.27 39.58 12.94
C ILE T 215 -35.46 40.78 13.41
N ILE T 216 -35.91 42.00 13.08
CA ILE T 216 -35.18 43.18 13.53
C ILE T 216 -35.11 43.20 15.05
N ALA T 217 -36.23 42.88 15.71
CA ALA T 217 -36.24 42.85 17.16
C ALA T 217 -35.26 41.81 17.69
N ALA T 218 -35.17 40.65 17.03
CA ALA T 218 -34.23 39.64 17.48
C ALA T 218 -32.79 40.14 17.37
N VAL T 219 -32.49 40.87 16.30
CA VAL T 219 -31.13 41.38 16.13
C VAL T 219 -30.82 42.39 17.21
N LEU T 220 -31.77 43.29 17.48
CA LEU T 220 -31.52 44.29 18.52
C LEU T 220 -31.37 43.61 19.87
N GLU T 221 -32.18 42.58 20.14
CA GLU T 221 -32.07 41.87 21.40
C GLU T 221 -30.67 41.28 21.55
N LEU T 222 -30.14 40.71 20.46
CA LEU T 222 -28.81 40.11 20.53
C LEU T 222 -27.74 41.17 20.73
N ILE T 223 -27.91 42.34 20.12
CA ILE T 223 -26.91 43.39 20.31
C ILE T 223 -26.96 43.92 21.75
N VAL T 224 -28.15 44.17 22.27
CA VAL T 224 -28.24 44.74 23.62
C VAL T 224 -27.86 43.71 24.66
N GLY T 225 -28.35 42.48 24.53
CA GLY T 225 -28.09 41.44 25.51
C GLY T 225 -26.88 40.59 25.17
#